data_6MZC
#
_entry.id   6MZC
#
_cell.length_a   1
_cell.length_b   1
_cell.length_c   1
_cell.angle_alpha   90.00
_cell.angle_beta   90.00
_cell.angle_gamma   90.00
#
_symmetry.space_group_name_H-M   'P 1'
#
loop_
_entity.id
_entity.type
_entity.pdbx_description
1 polymer 'Transcription initiation factor TFIID subunit 2'
2 polymer 'Transcription initiation factor TFIID subunit 4'
3 polymer 'Transcription initiation factor TFIID subunit 5'
4 polymer 'Transcription initiation factor TFIID subunit 6'
5 polymer 'Transcription initiation factor TFIID subunit 6'
6 polymer 'Transcription initiation factor TFIID subunit 8'
7 polymer 'Transcription initiation factor TFIID subunit 9'
8 polymer 'Transcription initiation factor TFIID subunit 10'
9 polymer 'Transcription initiation factor TFIID subunit 12'
10 polymer poly(UNK)
#
loop_
_entity_poly.entity_id
_entity_poly.type
_entity_poly.pdbx_seq_one_letter_code
_entity_poly.pdbx_strand_id
1 'polypeptide(L)'
;MPLTGVEPARMNRKKGDKGFESPRPYKLTHQVVCINNINFQRKSVVGFVELTIFPTVANLNRIKLNSKQCRIYRVRINDL
EAAFIYNDPTLEVCHSESKQRNLNYFSNAYAAAVSAVDPDAGNGELCIKVPSELWKHVDELKVLKIHINFSLDQPKGGLH
FVVPSVEGSMAERGAHVFSCGYQNSTRFWFPCVDSYSELCTWKLEFTVDAAMVAVSNGDLVETVYTHDMRKKTFHYMLTI
PTAASNISLAIGPFEILVDPYMHEVTHFCLPQLLPLLKHTTSYLHEVFEFYEEILTCRYPYSCFKTVFIDEAYVEVAAYA
SMSIFSTNLLHSAMIIDETPLTRRCLAQSLAQQFFGCFISRMSWSDEWVLKGISGYIYGLWMKKTFGVNEYRHWIKEELD
KIVAYELKTGGVLLHPIFGGGKEKDNPASHLHFSIKHPHTLSWEYYSMFQCKAHLVMRLIENRISMEFMLQVFNKLLSLA
STASSQKFQSHMWSQMLVSTSGFLKSISNVSGKDIQPLIKQWVDQSGVVKFYGSFAFNRKRNVLELEIKQDYTSPGTQKY
VGPLKVTVQELDGSFNHTLQIEENSLKHDIPCHSKSRRNKKKKIPLMNGEEVDMDLSAMDADSPLLWIRIDPDMSVLRKV
EFEQADFMWQYQLRYERDVVAQQESILALEKFPTPASRLALTDILEQEQCFYRVRMSACFCLAKIANSMVSTWTGPPAMK
SLFTRMFCCKSCPNIVKTNNFMSFQSYFLQKTMPVAMALLRDVHNLCPKEVLTFILDLIKYNDNRKNKFSDNYYRAEMID
ALANSVTPAVSVNNEVRTLDNLNPDVRLILEEITRFLNMEKLLPSYRHTITVSCLRAIRVLQKNGHVPSDPALFKSYAEY
GHFVDIRIAALEAVVDYTKVDRSYEELQWLLNMIQNDPVPYVRHKILNMLTKNPPFTKNMESPLCNEALVDQLWKLMNSG
TSHDWRLRCGAVDLYFTLFGLSRPSCLPLPELGLVLNLKEKKAVLNPTIIPESVAGNQEAANNPSSHPQLVGFQNPFSSS
QDEEEIDMDTVHDSQAFISHHLNMLERPSTPGLSKYRPASSRSALIPQHSAGCDSTPTTKPQWSLELARKGTGKEQAPLE
MSMHPAASAPLSVFTKESTASKHSDHHHHHHHEHKKKKKKHKHKHKHKHKHDSKEKDKEPFTFSSPASGRSIRSPSLSD
;
B
2 'polypeptide(L)'
;MAAGSDLLDEVFFNSEVDEKVVSDLVGSLESQLAASAAHHHHLAPRTPEVRAAAAGALGNHVVSGSPAGAAGAGPAAPAE
GAPGAAPEPPPAGRARPGGGGPQRPGPPSPRRPLVPAGPAPPAAKLRPPPEGSAGSCAPVPAAAAVAAGPEPAPAGPAKP
AGPAALAARAGPGPGPGPGPGPGPGPGKPAGPGAAQTLNGSAALLNSHHAAAPAVSLVNNGPAALLPLPKPAAPGTVIQT
PPFVGAAAPPAPAAPSPPAAPAPAAPAAAPPPPPPAPATLARPPGHPAGPPTAAPAVPPPAAAQNGGSAGAAPAPAPAAG
GPAGVSGQPGPGAAAAAPAPGVKAESPKRVVQAAPPAAQTLAASGPASTAASMVIGPTMQGALPSPAAVPPPAPGTPTGL
PKGAAGAVTQSLSRTPTATTSGIRATLTPTVLAPRLPQPPQNPTNIQNFQLPPGMVLVRSENGQLLMIPQQALAQMQAQA
HAQPQTTMAPRPATPTSAPPVQISTVQAPGTPIIARQVTPTTIIKQVSQAQTTVQPSATLQRSPGVQPQLVLGGAAQTAS
LGTATAVQTGTPQRTVPGATTTSSAATETMENVKKCKNFLSTLIKLASSGKQSTETAANVKELVQNLLDGKIEAEDFTSR
LYRELNSSPQPYLVPFLKRSLPALRQLTPDSAAFIQQSQQQPPPPTSQATTALTAVVLSSSVQRTAGKTAATVTSALQPP
VLSLTQPTQVGVGKQGQPTPLVIQQPPKPGALIRPPQVTLTQTPMVALRQPHNRIMLTTPQQIQLNPLQPVPVVKPAVLP
GTKALSAVSAQAAAAQKNKLKEPGGGSFRDDDDINDVASMAGVNLSEESARILATNSELVGTLTRSCKDETFLLQAPLQR
RILEIGKKHGITELHPDVVSYVSHATQQRLQNLVEKISETAQQKNFSYKDDDRYEQASDVRAQLKFFEQLDQIEKQRKDE
QEREILMRAAKSRSRQEDPEQLRLKQKAKEMQQQELAQMRQRDANLTALAAIGPRKKRKVDCPGPGSGAEGSGPGSVVPG
SSGVGTPRQFTRQRITRVNLRDLIFCLENERETSHSLLLYKAFLK
;
E
3 'polypeptide(L)'
;MAALAEEQTEVAVKLEPEGPPTLLPPQAGDGAGEGSGGTTNNGPNGGGGNVAASSSTGGDGGTPKPTVAVSAAAPAGAAP
VPAAAPDAGAPHDRQTLLAVLQFLRQSKLREAEEALRREAGLLEEAVAGSGAPGEVDSAGAEVTSALLSRVTASAPGPAA
PDPPGTGASGATVVSGSASGPAAPGKVGSVAVEDQPDVSAVLSAYNQQGDPTMYEEYYSGLKHFIECSLDCHRAELSQLF
YPLFVHMYLELVYNQHENEAKSFFEKFHGDQECYYQDDLRVLSSLTKKEHMKGNETMLDFRTSKFVLRISRDSYQLLKRH
LQEKQNNQIWNIVQEHLYIDIFDGMPRSKQQIDAMVGSLAGEAKREANKSKVFFGLLKEPEIEVPLDDEDEEGENEEGKP
KKKKPKKDSIGSKSKKQDPNAPPQNRIPLPELKDSDKLDKIMNMKETTKRVRLGPDCLPSICFYTFLNAYQGLTAVDVTD
DSSLIAGGFADSTVRV(UNK)(UNK)(UNK)(UNK)(UNK)(UNK)(UNK)(UNK)(UNK)(UNK)(UNK)(UNK)
(UNK)(UNK)(UNK)(UNK)(UNK)(UNK)(UNK)(UNK)(UNK)(UNK)(UNK)(UNK)(UNK)(UNK)(UNK)(UNK)
(UNK)(UNK)(UNK)(UNK)(UNK)(UNK)(UNK)(UNK)(UNK)(UNK)(UNK)(UNK)KILYGHSGPVYGASFSPDRN
YLLSSSEDGTVRLWSLQTFTCLVGYKGHNYPVWDTQFSPYGYYFVSGGHDRVARLWATDHYQPLRIFAGHLADVNCTRFH
PNSNYVATGSADRTVRLWDVLNGNCVRIFTGHKGPIHSLTFSPNGRFLATGATDGRVLLWDIGHGLMVGELKGHTDTVCS
LRFSRDGEILASGSMDNTVRLWDAIKAFEDLETDDFTTATGHINLPENSQELLLGTYMTKSTPVVHLHFTRRNLVLAAGA
YSPQ
;
G
4 'polypeptide(L)'
;MAEEKKLKLSNTVLPSESMKVVAESMGIAQIQEETCQLLTDEVSYRIKEIAQDALKFMHMGKRQKLTTSDIDYALKLKNV
EPLYGFHAQEFIPFRFASGGGRELYFYEEKEVDLSDIINTPLPRVPLDVCLKAHWLSIEGCQPAIPENPPPAPKEQQKAE
ATEPLKSAKPGQEEDGPLKGKGQGATTADGKGKEKKAPPLLEGAPLRLKPRSIHELSVEQQLYYKEITEACVGSCEAKRA
EALQSIATDPGLYQMLPRFSTFISEGVRVNVVQNNLALLIYLMRMVKALMDNPTLYLEKYVHELIPAVMTCIVSRQLCLR
PDVDNHWALRDFAARLVAQICKHFSTTTNNIQSRITKTFTKSWVDEKTPWTTRYGSIAGLAELGHDVIKTLILPRLQQEG
ERIRSVLDGPVLSNIDRIGADHVQSLLLKHCAPVLAKLRPPPDNQDAYRAEFGSLGPLLCSQVVKARAQAALQAQQVNRT
TLTITQPRPTLTLSQAPQPGPRTPGLLKVPGSIALPVQTLVSARAAAPPQPSPPPTKFIVMSSSSSAPSTQQVLSLSTSA
PGSGSTTTSPVTTTVPSVQPIVKLVSTATTAPPSTAPSGPGSVQKYIVVSLPPTGEGKGGPTSHPSPVPPPASSPSPLSG
SALCGGKQEAGDSPPPAPGTPKANGSQPNSGSPQPAP
;
H
5 'polypeptide(L)'
;MAEEKKLKLSNTVLPSESMKVVAESMGIAQIQEETCQLLTDEVSYRIKEIAQDALKFMHMGKRQKLTTSDIDYALKLKNV
EPLYGFHAQEFIPFRFASGGGRELYFYEEKEVDLSDIINTPLPRVPLDVCLKAHWLSIEGCQPAIPENPPPAPKEQQKAE
ATEPLKSAKPGQEEDGPLKGKGQGATTADGKGKEKKAPPLLEGAPL(UNK)(UNK)(UNK)(UNK)(UNK)(UNK)
(UNK)(UNK)(UNK)(UNK)SVEQQLYYKEITEACVGSCEAKRAEALQSIATDPGLYQMLPRFSTFISEGVRVNVVQNNL
ALLIYLMRMVKALMDNPTLYLEKYVHELIPAVMTCIVSRQLCLRPDVDNHWALRDFAARLVAQICKHFSTTTNNIQSRIT
KTFTKSWVDEKTPWTTRYGSIAGLAELGHDVIKTLILPRLQQEGERIRSVLDGPVLSNIDRIGADHVQSLLLKHCAPVLA
KLRPPPDNQDAYRAEFGSLGPLLCSQVVKARAQAALQAQQVNRTTLTITQPRPTLTLSQAPQPGPRTPGLLKVPGSIALP
VQTLVSARAAAPPQPSPPPTKFIVMSSSSSAPSTQQVLSLSTSAPGSGSTTTSPVTTTVPSVQPIVKLVSTATTAPPSTA
PSGPGSVQKYIVVSLPPTGEGKGGPTSHPSPVPPPASSPSPLSGSALCGGKQEAGDSPPPAPGTPKANGSQPNSGSPQPA
P
;
I
6 'polypeptide(L)'
;MADAAATAGAGGSGTRSGSKQSTNPADNYHLARRRTLQVVVSSLLTEAGFESAEKASVETLTEMLQSYISEIGRSAKSYC
EHTARTQPTLSDIVVTLVEMGFNVDTLPAYAKRSQRMVIT(UNK)(UNK)(UNK)(UNK)(UNK)(UNK)(UNK)(UNK)
(UNK)(UNK)(UNK)(UNK)(UNK)(UNK)(UNK)(UNK)(UNK)(UNK)(UNK)(UNK)(UNK)(UNK)(UNK)(UNK)
(UNK)(UNK)(UNK)(UNK)(UNK)(UNK)(UNK)(UNK)(UNK)(UNK)(UNK)(UNK)(UNK)(UNK)(UNK)(UNK)
(UNK)(UNK)(UNK)(UNK)(UNK)(UNK)(UNK)(UNK)(UNK)(UNK)(UNK)YQVLREKAASQRRDVERALTRFMAK
TGETQSLFKDDVSTFPLIAARPFTIPYLTALLPSELEMQQMEETDSSEQDEQTDTENLALHISMEDSGAEKENTSVLQQN
PSLSGSRNGEENIIDNPYLRPVKKPKIRRKKSLS
;
K
7 'polypeptide(L)'
;MESGKTASPKSMPKDAQMMAQILKDMGITEYEPRVINQMLEFAFRYVTTILDDAKIYSSHAKKATVDADDVRLAIQCRAD
QSFTSPPPRDFLLDIARQRNQTPLPLIKP(UNK)(UNK)(UNK)(UNK)(UNK)(UNK)(UNK)PDRYCLTAPNYRLKSL
QKKASTSAGRITVPRLSVGSVTSRPSTPTLGTPTPQTMSVSTKVGTPMSLTGQRFTVQMPTSQSPAVKASIPATSAVQNV
LINPSLIGSKNILITTNMMSSQNTANESSNALKRKREDDDDDDDDDDDYDNL
;
M
8 'polypeptide(L)'
;MSCSGSGADPEAAPASAASAPGPAPPVSAPAALPSSTAAENKASPAGTAGGPGAGAAAGGTGPLAARAGEPAERRGAAPV
SAGGAAPPEGAISNGVYVLPSAANGDVKPVVSSTPLVDFLMQLEDYTPTIPDAVTGYYLNRAGFEASDPRIIRLISLAAQ
KFISDIANDALQHCKMKGTASGSSRSKSKDRKYTLTMEDLTPALSEYGINVKKPHYFT
;
O
9 'polypeptide(L)'
;MNQFGPSALINLSNFSSIKPEPASTPPQGSMANSTAVVKIPGTPGAGGRLSPENNQVLTKKKLQDLVREVDPNEQLDEDV
EEMLLQIADDFIESVVTAACQLARHRKSSTLEVKDVQLHLERQWNMWIPGFGSEEIRPYKKACTTEAHKQRMALIRKTTK
K
;
R
10 'polypeptide(L)'
;(UNK)(UNK)(UNK)(UNK)(UNK)(UNK)(UNK)(UNK)(UNK)(UNK)(UNK)(UNK)(UNK)(UNK)(UNK)(UNK)
(UNK)(UNK)(UNK)(UNK)(UNK)(UNK)(UNK)(UNK)(UNK)(UNK)(UNK)(UNK)(UNK)(UNK)(UNK)(UNK)
(UNK)(UNK)(UNK)(UNK)(UNK)(UNK)(UNK)(UNK)(UNK)(UNK)(UNK)(UNK)(UNK)(UNK)(UNK)(UNK)
(UNK)(UNK)(UNK)(UNK)(UNK)(UNK)(UNK)(UNK)(UNK)(UNK)(UNK)(UNK)(UNK)(UNK)(UNK)(UNK)
(UNK)(UNK)(UNK)(UNK)(UNK)(UNK)(UNK)(UNK)(UNK)(UNK)(UNK)(UNK)(UNK)(UNK)(UNK)(UNK)
(UNK)(UNK)(UNK)(UNK)(UNK)(UNK)(UNK)(UNK)(UNK)(UNK)(UNK)(UNK)(UNK)(UNK)(UNK)(UNK)
(UNK)(UNK)(UNK)(UNK)(UNK)(UNK)(UNK)(UNK)(UNK)(UNK)(UNK)(UNK)(UNK)(UNK)(UNK)(UNK)
(UNK)(UNK)(UNK)(UNK)(UNK)(UNK)(UNK)(UNK)(UNK)(UNK)(UNK)(UNK)(UNK)(UNK)(UNK)(UNK)
(UNK)(UNK)(UNK)(UNK)(UNK)(UNK)(UNK)(UNK)(UNK)(UNK)(UNK)(UNK)(UNK)(UNK)(UNK)(UNK)
(UNK)(UNK)(UNK)(UNK)(UNK)(UNK)(UNK)(UNK)(UNK)(UNK)(UNK)(UNK)(UNK)(UNK)(UNK)(UNK)
(UNK)(UNK)(UNK)(UNK)(UNK)(UNK)(UNK)(UNK)(UNK)(UNK)(UNK)(UNK)(UNK)(UNK)(UNK)(UNK)
(UNK)(UNK)(UNK)(UNK)(UNK)(UNK)(UNK)(UNK)(UNK)(UNK)(UNK)(UNK)(UNK)(UNK)(UNK)(UNK)
(UNK)(UNK)(UNK)(UNK)(UNK)(UNK)(UNK)(UNK)(UNK)(UNK)(UNK)(UNK)(UNK)(UNK)(UNK)(UNK)
(UNK)(UNK)(UNK)(UNK)(UNK)(UNK)(UNK)(UNK)(UNK)(UNK)(UNK)(UNK)(UNK)(UNK)(UNK)(UNK)
(UNK)(UNK)(UNK)(UNK)(UNK)(UNK)(UNK)(UNK)(UNK)(UNK)(UNK)(UNK)(UNK)(UNK)
;
Z
#
# COMPACT_ATOMS: atom_id res chain seq x y z
N PHE A 20 -24.11 11.11 94.84
CA PHE A 20 -24.10 9.65 94.80
C PHE A 20 -25.34 9.13 94.11
N GLU A 21 -26.49 9.46 94.69
CA GLU A 21 -27.76 9.00 94.17
C GLU A 21 -28.42 10.10 93.36
N SER A 22 -29.44 9.72 92.64
CA SER A 22 -30.22 10.70 91.93
C SER A 22 -31.09 11.46 92.92
N PRO A 23 -31.24 12.78 92.76
CA PRO A 23 -32.33 13.52 93.40
C PRO A 23 -33.60 13.49 92.56
N ARG A 24 -33.95 12.30 92.09
CA ARG A 24 -35.05 12.08 91.20
C ARG A 24 -35.88 10.91 91.72
N PRO A 25 -37.14 11.12 92.01
CA PRO A 25 -37.94 10.04 92.62
C PRO A 25 -38.37 9.01 91.60
N TYR A 26 -39.23 8.09 92.05
CA TYR A 26 -39.97 7.12 91.23
C TYR A 26 -39.06 6.35 90.29
N LYS A 27 -38.29 5.46 90.91
CA LYS A 27 -37.44 4.52 90.20
C LYS A 27 -38.24 3.68 89.20
N LEU A 28 -37.56 3.28 88.12
CA LEU A 28 -38.24 2.72 86.96
C LEU A 28 -37.50 1.48 86.50
N THR A 29 -38.24 0.50 85.99
CA THR A 29 -37.59 -0.73 85.55
C THR A 29 -37.74 -1.00 84.06
N HIS A 30 -38.96 -1.05 83.54
CA HIS A 30 -39.17 -1.61 82.22
C HIS A 30 -40.15 -0.75 81.45
N GLN A 31 -40.02 -0.79 80.13
CA GLN A 31 -40.91 -0.05 79.26
C GLN A 31 -41.08 -0.81 77.95
N VAL A 32 -42.25 -0.66 77.35
CA VAL A 32 -42.60 -1.35 76.11
C VAL A 32 -43.11 -0.32 75.12
N VAL A 33 -42.59 -0.37 73.90
CA VAL A 33 -43.16 0.41 72.82
C VAL A 33 -43.93 -0.52 71.90
N CYS A 34 -44.88 0.05 71.15
CA CYS A 34 -45.54 -0.68 70.06
C CYS A 34 -45.94 0.33 69.00
N ILE A 35 -45.07 0.50 68.01
CA ILE A 35 -45.44 1.32 66.87
C ILE A 35 -46.40 0.56 65.98
N ASN A 36 -47.53 1.20 65.68
CA ASN A 36 -48.52 0.66 64.78
C ASN A 36 -48.88 1.73 63.77
N ASN A 37 -49.39 1.26 62.61
CA ASN A 37 -50.07 2.07 61.60
C ASN A 37 -49.19 3.20 61.08
N ILE A 38 -47.92 2.90 60.88
CA ILE A 38 -46.97 3.90 60.41
C ILE A 38 -47.31 4.30 58.98
N ASN A 39 -47.57 5.59 58.80
CA ASN A 39 -48.15 6.08 57.55
C ASN A 39 -47.07 6.69 56.67
N PHE A 40 -47.29 6.56 55.38
CA PHE A 40 -46.46 7.19 54.37
C PHE A 40 -47.22 8.22 53.57
N GLN A 41 -48.51 8.39 53.82
CA GLN A 41 -49.33 9.27 53.01
C GLN A 41 -49.75 10.51 53.79
N ARG A 42 -50.44 10.34 54.91
CA ARG A 42 -50.55 11.41 55.87
C ARG A 42 -49.38 11.40 56.83
N LYS A 43 -48.56 10.34 56.77
CA LYS A 43 -47.22 10.30 57.35
C LYS A 43 -47.24 10.50 58.86
N SER A 44 -47.85 9.54 59.54
CA SER A 44 -47.99 9.60 60.98
C SER A 44 -47.74 8.23 61.57
N VAL A 45 -47.70 8.18 62.89
CA VAL A 45 -47.40 6.97 63.64
C VAL A 45 -48.30 6.93 64.87
N VAL A 46 -48.89 5.78 65.15
CA VAL A 46 -49.62 5.63 66.39
C VAL A 46 -48.94 4.59 67.25
N GLY A 47 -49.17 4.66 68.55
CA GLY A 47 -48.57 3.69 69.46
C GLY A 47 -49.04 3.85 70.88
N PHE A 48 -48.90 2.75 71.62
CA PHE A 48 -49.14 2.75 73.06
C PHE A 48 -47.86 2.34 73.79
N VAL A 49 -47.64 2.98 74.91
CA VAL A 49 -46.48 2.72 75.74
C VAL A 49 -46.98 2.21 77.09
N GLU A 50 -46.18 1.36 77.71
CA GLU A 50 -46.44 0.93 79.07
C GLU A 50 -45.16 1.04 79.87
N LEU A 51 -45.31 1.42 81.12
CA LEU A 51 -44.22 1.82 81.99
C LEU A 51 -44.32 1.08 83.31
N THR A 52 -43.18 0.72 83.86
CA THR A 52 -43.12 -0.09 85.07
C THR A 52 -42.39 0.72 86.13
N ILE A 53 -43.13 1.17 87.14
CA ILE A 53 -42.67 2.21 88.03
C ILE A 53 -42.74 1.73 89.49
N PHE A 54 -41.65 1.93 90.22
CA PHE A 54 -41.66 1.90 91.67
C PHE A 54 -41.57 3.34 92.12
N PRO A 55 -42.66 3.95 92.57
CA PRO A 55 -42.59 5.29 93.13
C PRO A 55 -41.76 5.33 94.41
N THR A 56 -41.35 6.54 94.77
CA THR A 56 -40.43 6.75 95.87
C THR A 56 -41.10 7.19 97.15
N VAL A 57 -41.98 8.20 97.09
CA VAL A 57 -42.64 8.73 98.27
C VAL A 57 -44.13 8.78 97.97
N ALA A 58 -44.94 8.79 99.02
CA ALA A 58 -46.37 8.98 98.84
C ALA A 58 -46.66 10.43 98.48
N ASN A 59 -47.92 10.68 98.12
CA ASN A 59 -48.39 11.92 97.51
C ASN A 59 -47.59 12.27 96.26
N LEU A 60 -47.14 11.24 95.54
CA LEU A 60 -46.45 11.44 94.28
C LEU A 60 -47.50 11.47 93.18
N ASN A 61 -48.27 12.56 93.20
CA ASN A 61 -49.56 12.60 92.54
C ASN A 61 -49.40 13.09 91.10
N ARG A 62 -48.88 14.30 90.93
CA ARG A 62 -48.68 14.89 89.61
C ARG A 62 -47.43 14.28 89.00
N ILE A 63 -47.57 13.02 88.55
CA ILE A 63 -46.44 12.33 87.93
C ILE A 63 -46.15 12.96 86.59
N LYS A 64 -44.89 13.31 86.37
CA LYS A 64 -44.45 14.00 85.17
C LYS A 64 -43.62 13.06 84.30
N LEU A 65 -44.03 12.92 83.06
CA LEU A 65 -43.17 12.58 81.96
C LEU A 65 -43.08 13.75 81.00
N ASN A 66 -42.40 13.55 79.89
CA ASN A 66 -42.12 14.67 79.02
C ASN A 66 -41.94 14.21 77.59
N SER A 67 -42.46 15.02 76.67
CA SER A 67 -42.33 14.84 75.23
C SER A 67 -42.67 16.16 74.57
N LYS A 68 -42.42 16.23 73.27
CA LYS A 68 -43.02 17.28 72.47
C LYS A 68 -43.51 16.73 71.14
N GLN A 69 -44.40 17.50 70.52
CA GLN A 69 -45.09 17.19 69.27
C GLN A 69 -45.81 15.86 69.36
N CYS A 70 -46.46 15.61 70.50
CA CYS A 70 -47.13 14.35 70.77
C CYS A 70 -48.56 14.63 71.21
N ARG A 71 -49.52 14.42 70.32
CA ARG A 71 -50.90 14.40 70.79
C ARG A 71 -51.19 13.06 71.42
N ILE A 72 -51.42 13.08 72.73
CA ILE A 72 -51.77 11.86 73.45
C ILE A 72 -53.19 11.48 73.09
N TYR A 73 -53.44 10.19 72.90
CA TYR A 73 -54.83 9.81 72.71
C TYR A 73 -55.53 9.50 74.02
N ARG A 74 -54.97 8.62 74.83
CA ARG A 74 -55.47 8.50 76.19
C ARG A 74 -54.34 8.10 77.10
N VAL A 75 -54.57 8.29 78.38
CA VAL A 75 -53.65 7.89 79.42
C VAL A 75 -54.41 6.88 80.28
N ARG A 76 -53.69 5.97 80.93
CA ARG A 76 -54.36 4.97 81.75
C ARG A 76 -53.38 4.39 82.75
N ILE A 77 -53.82 4.19 83.98
CA ILE A 77 -53.11 3.39 84.96
C ILE A 77 -54.09 2.36 85.49
N ASN A 78 -53.94 1.12 85.02
CA ASN A 78 -54.67 -0.05 85.52
C ASN A 78 -56.18 0.14 85.36
N ASP A 79 -56.57 0.37 84.10
CA ASP A 79 -57.94 0.63 83.67
C ASP A 79 -58.53 1.85 84.34
N LEU A 80 -57.68 2.79 84.73
CA LEU A 80 -58.12 4.06 85.29
C LEU A 80 -57.41 5.15 84.52
N GLU A 81 -58.14 5.78 83.61
CA GLU A 81 -57.66 7.00 82.99
C GLU A 81 -57.64 8.09 84.05
N ALA A 82 -56.44 8.43 84.52
CA ALA A 82 -56.26 9.49 85.51
C ALA A 82 -56.04 10.81 84.77
N ALA A 83 -55.57 11.83 85.46
CA ALA A 83 -55.63 13.19 84.93
C ALA A 83 -54.54 13.43 83.88
N PHE A 84 -54.44 14.69 83.44
CA PHE A 84 -53.76 15.01 82.20
C PHE A 84 -53.34 16.47 82.25
N ILE A 85 -52.04 16.71 82.16
CA ILE A 85 -51.49 18.06 82.10
C ILE A 85 -50.50 18.10 80.94
N TYR A 86 -50.62 19.11 80.08
CA TYR A 86 -49.84 19.16 78.85
C TYR A 86 -49.49 20.60 78.54
N ASN A 87 -48.28 21.01 78.89
CA ASN A 87 -47.80 22.34 78.55
C ASN A 87 -46.71 22.23 77.51
N ASP A 88 -46.46 23.34 76.82
CA ASP A 88 -45.27 23.51 75.98
C ASP A 88 -44.64 24.86 76.24
N PRO A 89 -43.94 25.03 77.35
CA PRO A 89 -43.16 26.25 77.55
C PRO A 89 -41.85 26.24 76.80
N THR A 90 -41.54 25.16 76.09
CA THR A 90 -40.44 25.11 75.14
C THR A 90 -40.71 26.04 73.97
N LEU A 91 -41.96 26.42 73.77
CA LEU A 91 -42.33 27.48 72.85
C LEU A 91 -42.02 28.85 73.45
N GLU A 92 -42.63 29.89 72.91
CA GLU A 92 -42.14 31.25 73.04
C GLU A 92 -42.34 31.81 74.45
N VAL A 93 -42.01 33.09 74.58
CA VAL A 93 -42.28 33.84 75.79
C VAL A 93 -43.78 33.88 76.03
N CYS A 94 -44.17 33.86 77.31
CA CYS A 94 -45.57 33.87 77.74
C CYS A 94 -46.34 35.06 77.21
N HIS A 95 -45.67 36.18 76.90
CA HIS A 95 -46.23 37.21 76.06
C HIS A 95 -45.42 37.27 74.78
N SER A 96 -46.12 37.24 73.64
CA SER A 96 -45.44 37.13 72.36
C SER A 96 -44.72 38.41 71.98
N GLU A 97 -45.13 39.54 72.56
CA GLU A 97 -44.51 40.83 72.28
C GLU A 97 -43.74 41.36 73.49
N SER A 98 -43.03 40.49 74.19
CA SER A 98 -42.12 40.95 75.23
C SER A 98 -40.99 41.72 74.57
N LYS A 99 -41.06 43.04 74.69
CA LYS A 99 -40.21 43.94 73.91
C LYS A 99 -38.73 43.86 74.28
N GLN A 100 -38.38 43.19 75.38
CA GLN A 100 -37.00 43.00 75.78
C GLN A 100 -36.38 41.98 74.81
N ARG A 101 -36.03 42.47 73.63
CA ARG A 101 -35.68 41.63 72.50
C ARG A 101 -34.18 41.54 72.31
N ASN A 102 -33.45 41.48 73.40
CA ASN A 102 -32.02 41.41 73.34
C ASN A 102 -31.59 40.00 73.65
N LEU A 103 -30.28 39.82 73.78
CA LEU A 103 -29.76 38.52 74.18
C LEU A 103 -30.18 38.17 75.59
N ASN A 104 -29.77 39.00 76.56
CA ASN A 104 -29.51 38.55 77.92
C ASN A 104 -30.76 38.06 78.59
N TYR A 105 -31.83 38.84 78.47
CA TYR A 105 -33.15 38.43 78.93
C TYR A 105 -33.62 37.16 78.27
N PHE A 106 -33.40 37.03 76.96
CA PHE A 106 -33.89 35.84 76.26
C PHE A 106 -33.12 34.61 76.66
N SER A 107 -31.80 34.73 76.72
CA SER A 107 -30.93 33.65 77.15
C SER A 107 -31.31 33.17 78.53
N ASN A 108 -31.44 34.10 79.47
CA ASN A 108 -31.75 33.73 80.84
C ASN A 108 -33.16 33.15 80.95
N ALA A 109 -34.11 33.75 80.25
CA ALA A 109 -35.49 33.31 80.31
C ALA A 109 -35.64 31.94 79.67
N TYR A 110 -34.98 31.74 78.54
CA TYR A 110 -35.04 30.46 77.87
C TYR A 110 -34.32 29.39 78.67
N ALA A 111 -33.25 29.78 79.36
CA ALA A 111 -32.51 28.85 80.19
C ALA A 111 -33.36 28.39 81.36
N ALA A 112 -34.01 29.34 82.03
CA ALA A 112 -34.89 29.00 83.14
C ALA A 112 -36.09 28.21 82.64
N ALA A 113 -36.56 28.54 81.43
CA ALA A 113 -37.71 27.89 80.85
C ALA A 113 -37.44 26.43 80.62
N VAL A 114 -36.37 26.12 79.91
CA VAL A 114 -36.14 24.74 79.57
C VAL A 114 -35.56 23.97 80.75
N SER A 115 -34.97 24.66 81.73
CA SER A 115 -34.68 24.01 82.99
C SER A 115 -35.96 23.60 83.70
N ALA A 116 -36.99 24.43 83.61
CA ALA A 116 -38.29 24.05 84.16
C ALA A 116 -38.94 22.95 83.35
N VAL A 117 -38.65 22.91 82.05
CA VAL A 117 -39.16 21.81 81.21
C VAL A 117 -38.57 20.50 81.65
N ASP A 118 -37.33 20.53 82.11
CA ASP A 118 -36.70 19.35 82.66
C ASP A 118 -37.40 18.93 83.93
N PRO A 119 -37.75 17.65 84.08
CA PRO A 119 -38.23 17.16 85.37
C PRO A 119 -37.17 16.99 86.44
N ASP A 120 -35.95 17.54 86.31
CA ASP A 120 -34.98 17.43 87.39
C ASP A 120 -35.25 18.43 88.51
N ALA A 121 -36.52 18.49 88.94
CA ALA A 121 -37.13 19.30 89.99
C ALA A 121 -38.61 18.98 89.94
N GLY A 122 -39.39 19.48 90.90
CA GLY A 122 -40.83 19.38 90.81
C GLY A 122 -41.36 20.29 89.74
N ASN A 123 -41.79 19.72 88.62
CA ASN A 123 -42.02 20.47 87.39
C ASN A 123 -43.31 19.98 86.76
N GLY A 124 -43.53 20.38 85.50
CA GLY A 124 -44.60 19.80 84.73
C GLY A 124 -44.56 20.01 83.24
N GLU A 125 -44.58 18.90 82.50
CA GLU A 125 -44.91 18.84 81.09
C GLU A 125 -46.00 17.82 80.83
N LEU A 126 -45.91 16.65 81.47
CA LEU A 126 -46.92 15.62 81.39
C LEU A 126 -47.16 15.19 82.83
N CYS A 127 -47.99 15.93 83.55
CA CYS A 127 -48.32 15.58 84.93
C CYS A 127 -49.70 14.95 84.97
N ILE A 128 -49.73 13.64 84.78
CA ILE A 128 -50.90 12.88 85.16
C ILE A 128 -51.05 12.92 86.68
N LYS A 129 -52.21 13.34 87.15
CA LYS A 129 -52.43 13.37 88.59
C LYS A 129 -52.97 12.02 89.03
N VAL A 130 -52.40 11.49 90.10
CA VAL A 130 -52.87 10.23 90.68
C VAL A 130 -54.20 10.48 91.39
N PRO A 131 -55.24 9.70 91.13
CA PRO A 131 -56.48 9.86 91.89
C PRO A 131 -56.32 9.33 93.30
N SER A 132 -57.25 9.76 94.17
CA SER A 132 -57.17 9.44 95.59
C SER A 132 -57.33 7.94 95.84
N GLU A 133 -58.08 7.26 94.96
CA GLU A 133 -58.10 5.81 94.95
C GLU A 133 -56.70 5.25 94.77
N LEU A 134 -56.09 5.59 93.64
CA LEU A 134 -54.73 5.16 93.37
C LEU A 134 -53.73 5.80 94.32
N TRP A 135 -54.06 6.93 94.94
CA TRP A 135 -53.18 7.45 95.99
C TRP A 135 -53.20 6.57 97.23
N LYS A 136 -54.37 6.06 97.61
CA LYS A 136 -54.42 5.11 98.70
C LYS A 136 -53.73 3.81 98.32
N HIS A 137 -53.75 3.47 97.03
CA HIS A 137 -52.93 2.34 96.58
C HIS A 137 -51.44 2.64 96.71
N VAL A 138 -51.03 3.88 96.46
CA VAL A 138 -49.64 4.30 96.68
C VAL A 138 -49.28 4.14 98.15
N ASP A 139 -50.22 4.53 99.03
CA ASP A 139 -50.07 4.30 100.45
C ASP A 139 -49.94 2.82 100.75
N GLU A 140 -50.60 1.97 99.97
CA GLU A 140 -50.44 0.54 100.08
C GLU A 140 -49.20 0.06 99.33
N LEU A 141 -49.20 0.20 98.01
CA LEU A 141 -48.19 -0.41 97.15
C LEU A 141 -47.65 0.61 96.17
N LYS A 142 -46.35 0.82 96.19
CA LYS A 142 -45.71 1.69 95.22
C LYS A 142 -45.11 0.87 94.08
N VAL A 143 -46.00 0.20 93.34
CA VAL A 143 -45.67 -0.57 92.15
C VAL A 143 -46.80 -0.35 91.16
N LEU A 144 -46.50 0.23 90.00
CA LEU A 144 -47.56 0.45 89.02
C LEU A 144 -47.11 0.23 87.59
N LYS A 145 -48.12 0.17 86.73
CA LYS A 145 -47.98 0.07 85.30
C LYS A 145 -48.71 1.25 84.66
N ILE A 146 -48.19 1.74 83.54
CA ILE A 146 -48.75 2.92 82.88
C ILE A 146 -48.95 2.61 81.41
N HIS A 147 -50.18 2.75 80.93
CA HIS A 147 -50.54 2.45 79.55
C HIS A 147 -51.06 3.71 78.89
N ILE A 148 -50.39 4.17 77.85
CA ILE A 148 -50.70 5.43 77.20
C ILE A 148 -50.86 5.20 75.72
N ASN A 149 -52.03 5.54 75.19
CA ASN A 149 -52.22 5.65 73.77
C ASN A 149 -51.87 7.06 73.33
N PHE A 150 -51.18 7.16 72.19
CA PHE A 150 -50.72 8.44 71.69
C PHE A 150 -50.34 8.27 70.22
N SER A 151 -50.20 9.40 69.54
CA SER A 151 -49.97 9.37 68.11
C SER A 151 -49.04 10.50 67.75
N LEU A 152 -47.88 10.14 67.20
CA LEU A 152 -47.06 11.11 66.52
C LEU A 152 -47.72 11.51 65.22
N ASP A 153 -47.75 12.81 64.96
CA ASP A 153 -48.29 13.40 63.74
C ASP A 153 -47.29 13.27 62.62
N GLN A 154 -47.39 14.10 61.60
CA GLN A 154 -46.19 14.36 60.82
C GLN A 154 -45.13 14.88 61.77
N PRO A 155 -44.01 14.19 61.93
CA PRO A 155 -43.02 14.59 62.94
C PRO A 155 -42.27 15.82 62.45
N LYS A 156 -42.29 16.85 63.27
CA LYS A 156 -41.84 18.14 62.79
C LYS A 156 -40.66 18.52 63.66
N GLY A 157 -39.73 17.60 63.81
CA GLY A 157 -38.57 17.85 64.63
C GLY A 157 -38.16 16.68 65.49
N GLY A 158 -38.80 15.53 65.33
CA GLY A 158 -38.34 14.38 66.06
C GLY A 158 -37.84 13.25 65.19
N LEU A 159 -38.46 13.05 64.03
CA LEU A 159 -38.15 11.86 63.27
C LEU A 159 -37.80 12.20 61.83
N HIS A 160 -37.72 11.19 60.98
CA HIS A 160 -37.56 11.42 59.56
C HIS A 160 -38.28 10.36 58.78
N PHE A 161 -38.97 10.83 57.74
CA PHE A 161 -39.62 10.01 56.73
C PHE A 161 -38.92 10.39 55.43
N VAL A 162 -37.80 9.75 55.13
CA VAL A 162 -37.13 10.04 53.88
C VAL A 162 -37.93 9.42 52.75
N VAL A 163 -38.43 10.28 51.85
CA VAL A 163 -39.36 9.89 50.81
C VAL A 163 -38.81 10.33 49.46
N PRO A 164 -38.54 9.41 48.54
CA PRO A 164 -38.29 9.84 47.16
C PRO A 164 -39.56 10.36 46.53
N SER A 165 -39.44 11.51 45.88
CA SER A 165 -40.62 12.26 45.43
C SER A 165 -41.24 11.58 44.22
N VAL A 166 -41.84 10.42 44.46
CA VAL A 166 -42.51 9.62 43.44
C VAL A 166 -43.93 9.31 43.83
N GLU A 167 -44.12 8.76 45.04
CA GLU A 167 -45.38 8.58 45.76
C GLU A 167 -46.34 7.56 45.16
N GLY A 168 -46.03 7.02 43.99
CA GLY A 168 -46.90 6.01 43.42
C GLY A 168 -46.48 4.60 43.74
N SER A 169 -45.27 4.27 43.40
CA SER A 169 -44.74 2.93 43.59
C SER A 169 -43.40 2.94 44.29
N MET A 170 -42.57 3.91 43.99
CA MET A 170 -41.26 4.03 44.62
C MET A 170 -41.36 4.53 46.06
N ALA A 171 -42.54 4.99 46.48
CA ALA A 171 -42.80 5.19 47.90
C ALA A 171 -42.79 3.88 48.66
N GLU A 172 -43.01 2.75 47.98
CA GLU A 172 -42.86 1.45 48.63
C GLU A 172 -41.39 1.06 48.68
N ARG A 173 -40.79 0.92 47.52
CA ARG A 173 -39.37 0.59 47.40
C ARG A 173 -38.63 1.88 47.10
N GLY A 174 -37.98 2.43 48.10
CA GLY A 174 -37.19 3.62 47.88
C GLY A 174 -37.21 4.59 49.03
N ALA A 175 -38.14 4.40 49.94
CA ALA A 175 -38.23 5.27 51.09
C ALA A 175 -37.63 4.59 52.30
N HIS A 176 -37.30 5.40 53.30
CA HIS A 176 -37.00 4.81 54.60
C HIS A 176 -37.42 5.77 55.68
N VAL A 177 -37.41 5.28 56.92
CA VAL A 177 -37.97 5.98 58.06
C VAL A 177 -37.10 5.70 59.27
N PHE A 178 -36.72 6.74 60.00
CA PHE A 178 -35.85 6.57 61.15
C PHE A 178 -36.02 7.75 62.09
N SER A 179 -35.19 7.77 63.14
CA SER A 179 -35.12 8.89 64.05
C SER A 179 -33.70 9.45 64.11
N CYS A 180 -33.52 10.64 63.55
CA CYS A 180 -32.37 11.45 63.88
C CYS A 180 -32.76 12.44 64.96
N GLY A 181 -31.73 12.88 65.66
CA GLY A 181 -31.91 13.79 66.78
C GLY A 181 -30.64 13.85 67.59
N TYR A 182 -30.66 14.78 68.52
CA TYR A 182 -29.58 15.08 69.43
C TYR A 182 -29.66 14.11 70.61
N GLN A 183 -28.99 14.42 71.72
CA GLN A 183 -28.98 13.59 72.91
C GLN A 183 -30.38 13.32 73.43
N ASN A 184 -31.03 14.34 73.94
CA ASN A 184 -32.37 14.20 74.48
C ASN A 184 -33.33 14.61 73.39
N SER A 185 -33.43 13.78 72.36
CA SER A 185 -34.50 13.87 71.39
C SER A 185 -35.47 12.72 71.50
N THR A 186 -35.27 11.84 72.48
CA THR A 186 -36.24 10.78 72.75
C THR A 186 -37.56 11.38 73.22
N ARG A 187 -37.48 12.53 73.90
CA ARG A 187 -38.64 13.38 74.16
C ARG A 187 -39.44 13.62 72.90
N PHE A 188 -38.74 14.02 71.84
CA PHE A 188 -39.41 14.38 70.60
C PHE A 188 -39.93 13.16 69.87
N TRP A 189 -39.56 11.96 70.29
CA TRP A 189 -40.06 10.75 69.68
C TRP A 189 -41.14 10.08 70.50
N PHE A 190 -40.90 9.77 71.79
CA PHE A 190 -42.00 9.19 72.57
C PHE A 190 -41.77 9.51 74.04
N PRO A 191 -42.84 9.77 74.79
CA PRO A 191 -42.69 10.45 76.09
C PRO A 191 -41.99 9.60 77.14
N CYS A 192 -41.04 10.23 77.83
CA CYS A 192 -40.21 9.61 78.83
C CYS A 192 -39.84 10.65 79.86
N VAL A 193 -38.77 10.37 80.60
CA VAL A 193 -38.17 11.17 81.67
C VAL A 193 -37.31 12.24 80.99
N ASP A 194 -36.69 13.14 81.79
CA ASP A 194 -35.37 13.62 81.39
C ASP A 194 -34.63 12.36 80.97
N SER A 195 -34.36 12.27 79.67
CA SER A 195 -34.27 10.96 79.04
C SER A 195 -32.99 10.24 79.40
N TYR A 196 -32.00 10.94 79.92
CA TYR A 196 -30.79 10.28 80.32
C TYR A 196 -30.92 9.90 81.79
N SER A 197 -30.07 8.97 82.21
CA SER A 197 -29.84 8.62 83.62
C SER A 197 -31.09 8.01 84.26
N GLU A 198 -31.76 7.11 83.55
CA GLU A 198 -32.85 6.32 84.11
C GLU A 198 -32.66 4.90 83.58
N LEU A 199 -32.14 4.01 84.42
CA LEU A 199 -31.76 2.68 83.99
C LEU A 199 -33.01 1.83 83.82
N CYS A 200 -33.29 1.43 82.60
CA CYS A 200 -34.46 0.60 82.33
C CYS A 200 -34.11 -0.47 81.33
N THR A 201 -35.11 -1.28 81.02
CA THR A 201 -35.01 -2.32 80.02
C THR A 201 -36.31 -2.34 79.23
N TRP A 202 -36.23 -2.81 78.00
CA TRP A 202 -37.29 -2.51 77.04
C TRP A 202 -37.72 -3.72 76.25
N LYS A 203 -39.03 -3.80 76.01
CA LYS A 203 -39.57 -4.68 74.99
C LYS A 203 -40.25 -3.80 73.95
N LEU A 204 -39.98 -4.08 72.68
CA LEU A 204 -40.23 -3.11 71.63
C LEU A 204 -40.93 -3.81 70.49
N GLU A 205 -42.13 -3.36 70.17
CA GLU A 205 -43.00 -4.00 69.19
C GLU A 205 -43.15 -3.09 67.99
N PHE A 206 -42.91 -3.64 66.81
CA PHE A 206 -42.63 -2.87 65.60
C PHE A 206 -43.54 -3.34 64.48
N THR A 207 -44.49 -2.49 64.07
CA THR A 207 -45.40 -2.82 62.97
C THR A 207 -44.73 -2.42 61.68
N VAL A 208 -44.17 -3.40 60.96
CA VAL A 208 -43.33 -3.12 59.80
C VAL A 208 -43.94 -3.75 58.57
N ASP A 209 -43.52 -3.24 57.41
CA ASP A 209 -43.74 -3.98 56.19
C ASP A 209 -42.92 -5.26 56.22
N ALA A 210 -43.40 -6.26 55.48
CA ALA A 210 -42.70 -7.54 55.39
C ALA A 210 -41.36 -7.36 54.70
N ALA A 211 -41.26 -6.40 53.79
CA ALA A 211 -39.97 -6.08 53.20
C ALA A 211 -39.17 -5.14 54.10
N MET A 212 -39.82 -4.11 54.64
CA MET A 212 -39.09 -3.04 55.29
C MET A 212 -38.69 -3.45 56.70
N VAL A 213 -37.38 -3.47 56.92
CA VAL A 213 -36.79 -4.02 58.13
C VAL A 213 -36.46 -2.88 59.07
N ALA A 214 -36.85 -3.02 60.33
CA ALA A 214 -36.69 -1.98 61.34
C ALA A 214 -35.69 -2.43 62.38
N VAL A 215 -34.77 -1.54 62.73
CA VAL A 215 -33.64 -1.90 63.58
C VAL A 215 -33.55 -0.94 64.74
N SER A 216 -33.55 -1.49 65.95
CA SER A 216 -33.37 -0.67 67.14
C SER A 216 -32.39 -1.36 68.08
N ASN A 217 -32.39 -0.94 69.34
CA ASN A 217 -31.52 -1.58 70.30
C ASN A 217 -31.98 -3.01 70.58
N GLY A 218 -31.16 -3.71 71.35
CA GLY A 218 -31.60 -4.99 71.87
C GLY A 218 -31.50 -6.08 70.84
N ASP A 219 -32.46 -7.00 70.89
CA ASP A 219 -32.29 -8.29 70.27
C ASP A 219 -33.57 -8.72 69.54
N LEU A 220 -33.36 -9.53 68.50
CA LEU A 220 -34.36 -10.14 67.64
C LEU A 220 -35.13 -11.20 68.39
N VAL A 221 -35.89 -10.85 69.42
CA VAL A 221 -36.30 -11.88 70.35
C VAL A 221 -37.53 -12.66 69.89
N GLU A 222 -38.39 -12.07 69.06
CA GLU A 222 -39.64 -12.75 68.71
C GLU A 222 -40.09 -12.21 67.35
N THR A 223 -39.80 -12.97 66.29
CA THR A 223 -40.23 -12.62 64.94
C THR A 223 -40.23 -13.85 64.06
N VAL A 224 -41.41 -14.20 63.54
CA VAL A 224 -41.60 -15.14 62.44
C VAL A 224 -42.25 -14.27 61.39
N TYR A 225 -42.78 -14.87 60.31
CA TYR A 225 -43.76 -14.08 59.58
C TYR A 225 -44.90 -13.79 60.53
N THR A 226 -44.93 -12.55 61.01
CA THR A 226 -45.61 -12.21 62.24
C THR A 226 -47.00 -11.68 61.92
N HIS A 227 -47.97 -12.04 62.77
CA HIS A 227 -49.40 -11.74 62.78
C HIS A 227 -50.15 -12.24 61.54
N ASP A 228 -49.45 -12.87 60.59
CA ASP A 228 -49.99 -13.76 59.55
C ASP A 228 -51.05 -13.09 58.67
N MET A 229 -51.06 -11.76 58.55
CA MET A 229 -52.17 -11.09 57.88
C MET A 229 -51.72 -10.42 56.59
N ARG A 230 -50.90 -9.37 56.68
CA ARG A 230 -50.24 -8.81 55.50
C ARG A 230 -48.84 -8.30 55.74
N LYS A 231 -48.46 -8.02 56.99
CA LYS A 231 -47.24 -7.32 57.31
C LYS A 231 -46.41 -8.13 58.27
N LYS A 232 -45.37 -7.54 58.84
CA LYS A 232 -44.61 -8.20 59.89
C LYS A 232 -44.58 -7.32 61.14
N THR A 233 -44.09 -7.91 62.22
CA THR A 233 -44.04 -7.20 63.49
C THR A 233 -42.86 -7.74 64.28
N PHE A 234 -42.00 -6.85 64.72
CA PHE A 234 -40.72 -7.21 65.29
C PHE A 234 -40.74 -7.00 66.79
N HIS A 235 -40.16 -7.93 67.51
CA HIS A 235 -39.89 -7.78 68.93
C HIS A 235 -38.39 -7.60 69.09
N TYR A 236 -37.99 -6.40 69.46
CA TYR A 236 -36.63 -6.17 69.95
C TYR A 236 -36.73 -6.00 71.44
N MET A 237 -36.09 -6.90 72.16
CA MET A 237 -35.98 -6.74 73.60
C MET A 237 -34.56 -6.39 73.96
N LEU A 238 -34.40 -5.29 74.67
CA LEU A 238 -33.13 -4.95 75.28
C LEU A 238 -33.25 -5.34 76.74
N THR A 239 -32.59 -6.43 77.08
CA THR A 239 -32.47 -6.90 78.44
C THR A 239 -31.40 -6.12 79.19
N ILE A 240 -30.38 -5.68 78.48
CA ILE A 240 -29.25 -4.97 79.08
C ILE A 240 -29.72 -3.61 79.58
N PRO A 241 -29.53 -3.29 80.85
CA PRO A 241 -30.18 -2.12 81.43
C PRO A 241 -29.62 -0.79 80.96
N THR A 242 -30.37 -0.08 80.11
CA THR A 242 -29.89 1.19 79.58
C THR A 242 -30.88 2.32 79.85
N ALA A 243 -30.64 3.47 79.23
CA ALA A 243 -31.48 4.65 79.38
C ALA A 243 -32.19 4.94 78.07
N ALA A 244 -33.07 5.94 78.13
CA ALA A 244 -33.97 6.17 77.01
C ALA A 244 -33.29 6.79 75.82
N SER A 245 -32.29 7.65 76.01
CA SER A 245 -31.59 8.23 74.88
C SER A 245 -30.57 7.29 74.29
N ASN A 246 -31.00 6.12 73.88
CA ASN A 246 -30.21 5.24 73.05
C ASN A 246 -31.06 4.54 72.00
N ILE A 247 -32.33 4.90 71.91
CA ILE A 247 -33.31 4.07 71.25
C ILE A 247 -33.70 4.78 69.97
N SER A 248 -33.75 4.04 68.86
CA SER A 248 -33.94 4.62 67.54
C SER A 248 -34.19 3.51 66.54
N LEU A 249 -35.03 3.79 65.55
CA LEU A 249 -35.59 2.73 64.73
C LEU A 249 -35.55 3.09 63.26
N ALA A 250 -34.70 2.41 62.50
CA ALA A 250 -34.55 2.71 61.08
C ALA A 250 -35.25 1.66 60.24
N ILE A 251 -36.21 2.10 59.44
CA ILE A 251 -37.20 1.21 58.83
C ILE A 251 -37.07 1.30 57.32
N GLY A 252 -37.01 0.16 56.64
CA GLY A 252 -36.81 0.18 55.20
C GLY A 252 -35.58 -0.44 54.51
N PRO A 253 -34.35 -0.49 55.15
CA PRO A 253 -33.20 -0.94 54.37
C PRO A 253 -33.14 -2.44 54.11
N PHE A 254 -31.97 -2.85 53.67
CA PHE A 254 -31.68 -4.22 53.29
C PHE A 254 -30.61 -4.78 54.22
N GLU A 255 -30.74 -6.07 54.55
CA GLU A 255 -29.82 -6.76 55.43
C GLU A 255 -28.55 -7.16 54.69
N ILE A 256 -27.40 -6.82 55.25
CA ILE A 256 -26.18 -7.59 55.00
C ILE A 256 -25.51 -7.85 56.33
N LEU A 257 -25.44 -9.11 56.71
CA LEU A 257 -24.43 -9.52 57.67
C LEU A 257 -23.08 -9.48 56.98
N VAL A 258 -22.18 -8.72 57.55
CA VAL A 258 -20.86 -8.51 56.99
C VAL A 258 -19.96 -9.21 57.97
N ASP A 259 -20.34 -10.43 58.30
CA ASP A 259 -19.76 -11.11 59.46
C ASP A 259 -18.31 -11.54 59.37
N PRO A 260 -17.70 -11.87 58.17
CA PRO A 260 -16.90 -13.11 58.05
C PRO A 260 -15.89 -13.42 59.14
N TYR A 261 -15.43 -12.41 59.87
CA TYR A 261 -14.46 -12.69 60.90
C TYR A 261 -15.07 -12.76 62.29
N MET A 262 -16.16 -12.03 62.58
CA MET A 262 -16.67 -12.01 63.94
C MET A 262 -18.17 -12.31 64.06
N HIS A 263 -18.79 -12.81 63.00
CA HIS A 263 -19.95 -13.70 63.04
C HIS A 263 -21.27 -13.07 63.45
N GLU A 264 -21.28 -11.85 63.97
CA GLU A 264 -22.53 -11.27 64.48
C GLU A 264 -22.65 -9.78 64.22
N VAL A 265 -22.02 -9.30 63.15
CA VAL A 265 -21.90 -7.88 62.91
C VAL A 265 -22.86 -7.51 61.80
N THR A 266 -23.76 -6.57 62.06
CA THR A 266 -25.01 -6.52 61.33
C THR A 266 -25.21 -5.16 60.67
N HIS A 267 -25.55 -5.15 59.37
CA HIS A 267 -25.47 -3.92 58.61
C HIS A 267 -26.69 -3.78 57.72
N PHE A 268 -27.12 -2.54 57.55
CA PHE A 268 -28.41 -2.26 56.94
C PHE A 268 -28.26 -1.07 56.03
N CYS A 269 -28.49 -1.29 54.74
CA CYS A 269 -28.31 -0.22 53.77
C CYS A 269 -29.38 -0.30 52.70
N LEU A 270 -29.60 0.84 52.07
CA LEU A 270 -30.62 0.97 51.05
C LEU A 270 -30.25 0.12 49.83
N PRO A 271 -31.23 -0.31 49.05
CA PRO A 271 -30.91 -1.15 47.90
C PRO A 271 -30.15 -0.38 46.84
N GLN A 272 -29.45 -1.14 46.01
CA GLN A 272 -28.47 -0.67 45.03
C GLN A 272 -27.34 0.12 45.68
N LEU A 273 -27.06 -0.14 46.95
CA LEU A 273 -25.91 0.41 47.63
C LEU A 273 -25.09 -0.67 48.28
N LEU A 274 -25.41 -1.91 48.01
CA LEU A 274 -25.01 -2.99 48.89
C LEU A 274 -23.54 -3.41 48.76
N PRO A 275 -22.98 -3.72 47.56
CA PRO A 275 -21.60 -4.25 47.53
C PRO A 275 -20.55 -3.25 47.97
N LEU A 276 -20.92 -1.98 48.05
CA LEU A 276 -20.04 -0.96 48.58
C LEU A 276 -19.69 -1.25 50.02
N LEU A 277 -20.67 -1.73 50.79
CA LEU A 277 -20.43 -2.20 52.14
C LEU A 277 -19.40 -3.29 52.17
N LYS A 278 -19.41 -4.14 51.15
CA LYS A 278 -18.44 -5.23 51.05
C LYS A 278 -17.02 -4.69 50.99
N HIS A 279 -16.84 -3.48 50.47
CA HIS A 279 -15.54 -2.88 50.69
C HIS A 279 -15.50 -2.11 52.00
N THR A 280 -16.60 -1.44 52.32
CA THR A 280 -16.59 -0.43 53.36
C THR A 280 -16.41 -1.04 54.73
N THR A 281 -17.23 -2.04 55.03
CA THR A 281 -17.52 -2.41 56.40
C THR A 281 -16.32 -3.02 57.09
N SER A 282 -15.57 -3.82 56.36
CA SER A 282 -14.37 -4.46 56.87
C SER A 282 -13.33 -3.42 57.30
N TYR A 283 -12.35 -3.92 58.06
CA TYR A 283 -11.40 -3.32 59.01
C TYR A 283 -12.08 -3.13 60.35
N LEU A 284 -13.38 -3.40 60.42
CA LEU A 284 -14.14 -3.29 61.64
C LEU A 284 -13.71 -4.33 62.67
N HIS A 285 -13.40 -5.52 62.18
CA HIS A 285 -12.94 -6.60 63.03
C HIS A 285 -11.66 -6.21 63.74
N GLU A 286 -10.77 -5.55 63.01
CA GLU A 286 -9.54 -5.03 63.57
C GLU A 286 -9.81 -4.02 64.66
N VAL A 287 -10.89 -3.25 64.51
CA VAL A 287 -11.22 -2.26 65.51
C VAL A 287 -11.70 -2.92 66.78
N PHE A 288 -12.50 -3.97 66.64
CA PHE A 288 -13.00 -4.66 67.84
C PHE A 288 -11.87 -5.36 68.55
N GLU A 289 -10.95 -5.93 67.77
CA GLU A 289 -9.70 -6.46 68.30
C GLU A 289 -8.94 -5.41 69.08
N PHE A 290 -8.88 -4.18 68.54
CA PHE A 290 -8.16 -3.12 69.23
C PHE A 290 -8.86 -2.76 70.53
N TYR A 291 -10.17 -2.64 70.48
CA TYR A 291 -10.90 -2.17 71.65
C TYR A 291 -10.86 -3.18 72.77
N GLU A 292 -10.85 -4.46 72.46
CA GLU A 292 -10.73 -5.35 73.59
C GLU A 292 -9.30 -5.64 73.96
N GLU A 293 -8.33 -5.27 73.11
CA GLU A 293 -6.98 -5.16 73.64
C GLU A 293 -6.89 -4.06 74.67
N ILE A 294 -7.67 -2.99 74.48
CA ILE A 294 -7.75 -1.98 75.51
C ILE A 294 -8.44 -2.52 76.75
N LEU A 295 -9.69 -2.92 76.59
CA LEU A 295 -10.61 -2.95 77.70
C LEU A 295 -10.60 -4.25 78.46
N THR A 296 -10.14 -5.33 77.83
CA THR A 296 -10.10 -6.68 78.37
C THR A 296 -11.49 -7.12 78.82
N CYS A 297 -12.39 -7.15 77.85
CA CYS A 297 -13.74 -7.67 77.97
C CYS A 297 -14.06 -8.29 76.63
N ARG A 298 -15.32 -8.53 76.36
CA ARG A 298 -15.78 -8.63 74.99
C ARG A 298 -16.53 -7.36 74.65
N TYR A 299 -16.96 -7.27 73.40
CA TYR A 299 -17.92 -6.26 73.01
C TYR A 299 -19.18 -6.48 73.82
N PRO A 300 -19.44 -5.62 74.75
CA PRO A 300 -20.29 -5.98 75.88
C PRO A 300 -21.76 -5.89 75.53
N TYR A 301 -22.20 -6.84 74.72
CA TYR A 301 -23.53 -6.88 74.11
C TYR A 301 -23.78 -8.23 73.51
N SER A 302 -24.89 -8.30 72.78
CA SER A 302 -25.13 -9.38 71.84
C SER A 302 -24.49 -9.09 70.49
N CYS A 303 -24.96 -8.05 69.82
CA CYS A 303 -24.53 -7.75 68.47
C CYS A 303 -24.37 -6.25 68.31
N PHE A 304 -23.88 -5.89 67.13
CA PHE A 304 -23.66 -4.51 66.75
C PHE A 304 -24.31 -4.22 65.42
N LYS A 305 -25.06 -3.14 65.36
CA LYS A 305 -25.96 -2.85 64.28
C LYS A 305 -25.61 -1.50 63.69
N THR A 306 -25.64 -1.41 62.37
CA THR A 306 -25.18 -0.19 61.70
C THR A 306 -26.06 0.12 60.52
N VAL A 307 -26.58 1.34 60.48
CA VAL A 307 -27.55 1.74 59.48
C VAL A 307 -26.99 2.90 58.68
N PHE A 308 -27.05 2.82 57.36
CA PHE A 308 -26.64 3.97 56.58
C PHE A 308 -27.87 4.63 55.99
N ILE A 309 -27.84 5.95 55.88
CA ILE A 309 -29.03 6.74 55.60
C ILE A 309 -28.66 7.97 54.80
N ASP A 310 -29.45 8.31 53.78
CA ASP A 310 -29.34 9.63 53.18
C ASP A 310 -30.11 10.64 54.03
N GLU A 311 -29.49 10.99 55.14
CA GLU A 311 -29.53 12.24 55.91
C GLU A 311 -28.72 12.00 57.15
N ALA A 312 -28.46 13.08 57.87
CA ALA A 312 -27.99 12.98 59.24
C ALA A 312 -28.36 14.29 59.89
N TYR A 313 -29.01 14.23 61.04
CA TYR A 313 -28.95 15.37 61.92
C TYR A 313 -27.52 15.58 62.35
N VAL A 314 -26.82 14.49 62.69
CA VAL A 314 -25.41 14.52 63.05
C VAL A 314 -24.74 13.36 62.32
N GLU A 315 -23.60 13.61 61.71
CA GLU A 315 -22.89 12.54 61.00
C GLU A 315 -22.39 11.44 61.91
N VAL A 316 -22.12 11.72 63.16
CA VAL A 316 -21.44 10.75 64.00
C VAL A 316 -22.38 9.62 64.40
N ALA A 317 -23.67 9.93 64.57
CA ALA A 317 -24.61 9.43 65.58
C ALA A 317 -24.43 7.98 65.98
N ALA A 318 -24.35 7.74 67.29
CA ALA A 318 -24.02 6.42 67.82
C ALA A 318 -24.88 6.14 69.04
N TYR A 319 -25.63 5.04 68.98
CA TYR A 319 -26.57 4.64 70.02
C TYR A 319 -26.19 3.26 70.53
N ALA A 320 -27.11 2.66 71.31
CA ALA A 320 -26.86 1.36 71.93
C ALA A 320 -26.85 0.26 70.89
N SER A 321 -25.74 -0.49 70.85
CA SER A 321 -25.49 -1.60 69.93
C SER A 321 -25.66 -1.24 68.47
N MET A 322 -25.58 0.05 68.14
CA MET A 322 -26.12 0.53 66.89
C MET A 322 -25.64 1.94 66.61
N SER A 323 -25.12 2.13 65.42
CA SER A 323 -24.68 3.43 64.95
C SER A 323 -25.38 3.71 63.64
N ILE A 324 -26.01 4.86 63.58
CA ILE A 324 -26.94 5.17 62.50
C ILE A 324 -26.49 6.46 61.89
N PHE A 325 -26.03 6.40 60.65
CA PHE A 325 -25.32 7.54 60.11
C PHE A 325 -25.27 7.45 58.60
N SER A 326 -24.51 8.37 58.02
CA SER A 326 -24.91 8.82 56.71
C SER A 326 -24.41 7.89 55.65
N THR A 327 -25.07 7.98 54.50
CA THR A 327 -24.60 7.31 53.30
C THR A 327 -23.74 8.29 52.50
N ASN A 328 -22.74 8.81 53.18
CA ASN A 328 -21.68 9.46 52.47
C ASN A 328 -20.38 8.78 52.74
N LEU A 329 -20.36 7.81 53.64
CA LEU A 329 -19.13 7.26 54.14
C LEU A 329 -18.94 5.84 53.65
N LEU A 330 -19.27 5.59 52.39
CA LEU A 330 -19.09 4.25 51.87
C LEU A 330 -17.66 4.00 51.37
N HIS A 331 -17.13 4.90 50.53
CA HIS A 331 -15.72 4.89 50.11
C HIS A 331 -15.40 3.58 49.39
N SER A 332 -16.18 3.34 48.36
CA SER A 332 -16.29 2.01 47.78
C SER A 332 -15.09 1.70 46.88
N ALA A 333 -13.97 1.39 47.53
CA ALA A 333 -12.83 0.64 47.01
C ALA A 333 -11.94 1.36 46.00
N MET A 334 -12.35 2.52 45.51
CA MET A 334 -11.60 3.18 44.47
C MET A 334 -11.41 4.66 44.76
N ILE A 335 -11.79 5.11 45.95
CA ILE A 335 -12.16 6.49 46.20
C ILE A 335 -11.26 7.06 47.30
N ILE A 336 -9.97 6.86 47.12
CA ILE A 336 -8.89 6.89 48.12
C ILE A 336 -8.97 7.89 49.25
N ASP A 337 -9.49 9.10 49.02
CA ASP A 337 -9.43 10.13 50.06
C ASP A 337 -10.32 9.89 51.26
N GLU A 338 -11.23 8.95 51.22
CA GLU A 338 -11.89 8.58 52.46
C GLU A 338 -11.27 7.35 53.07
N THR A 339 -10.02 7.09 52.74
CA THR A 339 -9.24 6.09 53.43
C THR A 339 -9.11 6.39 54.92
N PRO A 340 -8.86 7.64 55.40
CA PRO A 340 -9.09 7.85 56.82
C PRO A 340 -10.56 7.84 57.16
N LEU A 341 -11.30 8.73 56.47
CA LEU A 341 -12.48 9.38 57.03
C LEU A 341 -13.49 8.37 57.48
N THR A 342 -13.76 7.41 56.60
CA THR A 342 -14.74 6.37 56.83
C THR A 342 -14.49 5.63 58.12
N ARG A 343 -13.33 4.97 58.21
CA ARG A 343 -13.09 4.22 59.43
C ARG A 343 -12.79 5.16 60.58
N ARG A 344 -12.28 6.37 60.25
CA ARG A 344 -12.15 7.43 61.23
C ARG A 344 -13.46 7.66 61.95
N CYS A 345 -14.53 7.86 61.18
CA CYS A 345 -15.79 8.11 61.85
C CYS A 345 -16.35 6.84 62.42
N LEU A 346 -15.98 5.69 61.84
CA LEU A 346 -16.40 4.42 62.43
C LEU A 346 -15.84 4.27 63.82
N ALA A 347 -14.63 4.78 64.03
CA ALA A 347 -14.01 4.71 65.33
C ALA A 347 -14.82 5.45 66.37
N GLN A 348 -15.32 6.64 66.02
CA GLN A 348 -16.17 7.36 66.95
C GLN A 348 -17.45 6.59 67.18
N SER A 349 -17.98 6.02 66.11
CA SER A 349 -19.23 5.30 66.26
C SER A 349 -19.03 3.96 66.93
N LEU A 350 -17.83 3.62 67.39
CA LEU A 350 -17.75 2.55 68.35
C LEU A 350 -17.48 3.04 69.74
N ALA A 351 -16.60 4.04 69.89
CA ALA A 351 -16.06 4.35 71.22
C ALA A 351 -17.12 5.02 72.07
N GLN A 352 -17.71 6.09 71.55
CA GLN A 352 -18.89 6.69 72.17
C GLN A 352 -20.00 5.71 72.37
N GLN A 353 -20.10 4.69 71.49
CA GLN A 353 -21.05 3.60 71.65
C GLN A 353 -20.99 3.04 73.04
N PHE A 354 -19.78 2.67 73.48
CA PHE A 354 -19.59 2.06 74.79
C PHE A 354 -19.96 3.03 75.88
N PHE A 355 -19.69 4.30 75.67
CA PHE A 355 -19.95 5.25 76.72
C PHE A 355 -21.22 6.01 76.44
N GLY A 356 -21.91 5.64 75.37
CA GLY A 356 -23.32 5.89 75.26
C GLY A 356 -24.00 4.60 75.64
N CYS A 357 -23.20 3.55 75.86
CA CYS A 357 -23.77 2.34 76.44
C CYS A 357 -23.92 2.48 77.95
N PHE A 358 -22.80 2.45 78.64
CA PHE A 358 -22.79 1.95 80.00
C PHE A 358 -22.38 3.02 80.99
N ILE A 359 -21.19 3.57 80.83
CA ILE A 359 -20.84 4.74 81.59
C ILE A 359 -21.73 5.88 81.10
N SER A 360 -22.15 6.71 82.02
CA SER A 360 -23.32 7.53 81.80
C SER A 360 -23.30 8.69 82.77
N ARG A 361 -23.65 9.87 82.27
CA ARG A 361 -23.50 11.09 83.06
C ARG A 361 -24.61 11.23 84.09
N MET A 362 -24.22 11.58 85.30
CA MET A 362 -25.22 11.86 86.32
C MET A 362 -25.93 13.19 86.07
N SER A 363 -25.29 14.08 85.33
CA SER A 363 -25.95 15.28 84.85
C SER A 363 -25.23 15.71 83.60
N TRP A 364 -25.85 16.68 82.91
CA TRP A 364 -25.18 17.38 81.83
C TRP A 364 -23.87 18.00 82.29
N SER A 365 -23.85 18.50 83.52
CA SER A 365 -22.66 18.99 84.17
C SER A 365 -21.76 17.87 84.69
N ASP A 366 -21.93 16.64 84.23
CA ASP A 366 -21.07 15.56 84.64
C ASP A 366 -20.45 14.83 83.45
N GLU A 367 -20.68 15.31 82.23
CA GLU A 367 -20.47 14.42 81.10
C GLU A 367 -19.01 14.24 80.78
N TRP A 368 -18.26 15.35 80.76
CA TRP A 368 -17.01 15.52 80.02
C TRP A 368 -16.02 14.37 80.06
N VAL A 369 -16.06 13.61 81.16
CA VAL A 369 -15.32 12.37 81.28
C VAL A 369 -15.73 11.39 80.19
N LEU A 370 -17.03 11.35 79.88
CA LEU A 370 -17.54 10.43 78.86
C LEU A 370 -16.91 10.68 77.52
N LYS A 371 -17.06 11.91 77.01
CA LYS A 371 -16.51 12.22 75.71
C LYS A 371 -15.00 12.28 75.75
N GLY A 372 -14.44 12.60 76.91
CA GLY A 372 -13.03 12.45 77.18
C GLY A 372 -12.49 11.10 76.84
N ILE A 373 -13.01 10.10 77.55
CA ILE A 373 -12.44 8.79 77.42
C ILE A 373 -12.80 8.19 76.09
N SER A 374 -13.99 8.52 75.55
CA SER A 374 -14.39 7.96 74.26
C SER A 374 -13.51 8.46 73.13
N GLY A 375 -13.40 9.79 73.00
CA GLY A 375 -12.56 10.32 71.97
C GLY A 375 -11.10 10.00 72.15
N TYR A 376 -10.63 9.95 73.40
CA TYR A 376 -9.25 9.59 73.65
C TYR A 376 -8.97 8.15 73.27
N ILE A 377 -9.94 7.27 73.51
CA ILE A 377 -9.78 5.89 73.12
C ILE A 377 -9.69 5.76 71.62
N TYR A 378 -10.47 6.53 70.88
CA TYR A 378 -10.26 6.34 69.46
C TYR A 378 -9.05 7.13 68.97
N GLY A 379 -8.55 8.05 69.79
CA GLY A 379 -7.21 8.55 69.54
C GLY A 379 -6.17 7.46 69.69
N LEU A 380 -6.33 6.62 70.70
CA LEU A 380 -5.43 5.49 70.91
C LEU A 380 -5.54 4.53 69.75
N TRP A 381 -6.72 4.42 69.19
CA TRP A 381 -6.89 3.66 67.97
C TRP A 381 -6.10 4.27 66.83
N MET A 382 -6.19 5.59 66.70
CA MET A 382 -5.46 6.26 65.63
C MET A 382 -3.96 6.15 65.78
N LYS A 383 -3.45 5.95 67.00
CA LYS A 383 -2.05 5.58 67.15
C LYS A 383 -1.77 4.29 66.40
N LYS A 384 -2.39 3.22 66.86
CA LYS A 384 -2.00 1.90 66.42
C LYS A 384 -2.84 1.41 65.27
N THR A 385 -3.28 2.32 64.42
CA THR A 385 -3.87 1.88 63.18
C THR A 385 -3.13 2.46 61.99
N PHE A 386 -2.81 3.75 62.06
CA PHE A 386 -2.14 4.42 60.96
C PHE A 386 -1.64 5.76 61.45
N GLY A 387 -0.37 6.05 61.16
CA GLY A 387 0.12 7.40 61.33
C GLY A 387 0.22 7.89 62.74
N VAL A 388 1.20 7.37 63.49
CA VAL A 388 1.54 7.95 64.78
C VAL A 388 1.99 9.38 64.61
N ASN A 389 2.66 9.67 63.50
CA ASN A 389 2.92 11.05 63.17
C ASN A 389 1.64 11.76 62.74
N GLU A 390 0.73 11.06 62.02
CA GLU A 390 -0.55 11.69 61.75
C GLU A 390 -1.42 11.76 62.99
N TYR A 391 -1.19 10.88 63.95
CA TYR A 391 -1.78 11.04 65.27
C TYR A 391 -1.38 12.35 65.91
N ARG A 392 -0.07 12.63 65.95
CA ARG A 392 0.41 13.88 66.51
C ARG A 392 -0.08 15.08 65.70
N HIS A 393 -0.16 14.93 64.37
CA HIS A 393 -0.74 15.94 63.51
C HIS A 393 -2.18 16.22 63.89
N TRP A 394 -2.93 15.17 64.21
CA TRP A 394 -4.31 15.33 64.61
C TRP A 394 -4.39 16.09 65.92
N ILE A 395 -3.45 15.83 66.82
CA ILE A 395 -3.44 16.56 68.08
C ILE A 395 -3.17 18.04 67.83
N LYS A 396 -2.29 18.33 66.89
CA LYS A 396 -2.01 19.73 66.58
C LYS A 396 -3.24 20.42 66.01
N GLU A 397 -4.00 19.73 65.18
CA GLU A 397 -5.24 20.33 64.71
C GLU A 397 -6.26 20.51 65.82
N GLU A 398 -6.23 19.64 66.82
CA GLU A 398 -7.09 19.83 67.97
C GLU A 398 -6.75 21.14 68.66
N LEU A 399 -5.46 21.36 68.91
CA LEU A 399 -5.04 22.63 69.49
C LEU A 399 -5.37 23.80 68.60
N ASP A 400 -5.36 23.59 67.29
CA ASP A 400 -5.76 24.65 66.37
C ASP A 400 -7.20 25.05 66.61
N LYS A 401 -8.09 24.06 66.65
CA LYS A 401 -9.49 24.32 66.92
C LYS A 401 -9.70 24.99 68.26
N ILE A 402 -9.04 24.49 69.30
CA ILE A 402 -9.31 24.96 70.66
C ILE A 402 -8.77 26.37 70.86
N VAL A 403 -7.52 26.61 70.46
CA VAL A 403 -6.90 27.91 70.62
C VAL A 403 -7.67 28.95 69.82
N ALA A 404 -8.05 28.59 68.58
CA ALA A 404 -8.80 29.53 67.76
C ALA A 404 -10.16 29.83 68.35
N TYR A 405 -10.79 28.83 68.95
CA TYR A 405 -12.14 29.11 69.43
C TYR A 405 -12.11 29.87 70.74
N GLU A 406 -11.26 29.49 71.67
CA GLU A 406 -11.26 30.25 72.91
C GLU A 406 -10.46 31.53 72.82
N LEU A 407 -9.94 31.87 71.64
CA LEU A 407 -9.58 33.26 71.44
C LEU A 407 -10.60 34.01 70.61
N LYS A 408 -11.43 33.32 69.84
CA LYS A 408 -12.66 33.94 69.38
C LYS A 408 -13.55 34.29 70.54
N THR A 409 -13.72 33.35 71.45
CA THR A 409 -14.82 33.33 72.38
C THR A 409 -14.23 33.09 73.76
N GLY A 410 -15.08 32.99 74.76
CA GLY A 410 -14.64 32.63 76.09
C GLY A 410 -14.31 31.15 76.19
N GLY A 411 -14.22 30.69 77.43
CA GLY A 411 -13.73 29.36 77.68
C GLY A 411 -14.74 28.28 77.35
N VAL A 412 -14.26 27.04 77.38
CA VAL A 412 -15.13 25.87 77.33
C VAL A 412 -14.92 25.14 78.64
N LEU A 413 -15.84 25.31 79.57
CA LEU A 413 -15.59 24.91 80.93
C LEU A 413 -16.30 23.61 81.24
N LEU A 414 -15.74 22.83 82.16
CA LEU A 414 -16.30 21.53 82.52
C LEU A 414 -16.74 21.63 83.97
N HIS A 415 -17.96 22.12 84.18
CA HIS A 415 -18.48 22.33 85.51
C HIS A 415 -18.59 21.03 86.29
N PRO A 416 -18.27 21.03 87.57
CA PRO A 416 -19.10 20.30 88.53
C PRO A 416 -20.07 21.25 89.22
N ILE A 417 -19.85 22.55 89.01
CA ILE A 417 -20.42 23.58 89.86
C ILE A 417 -21.73 24.07 89.27
N PHE A 418 -22.74 24.19 90.12
CA PHE A 418 -24.01 24.78 89.77
C PHE A 418 -24.05 26.27 90.07
N GLY A 419 -25.08 26.92 89.54
CA GLY A 419 -25.53 28.20 90.03
C GLY A 419 -26.81 28.00 90.82
N GLY A 420 -26.79 26.96 91.66
CA GLY A 420 -28.01 26.52 92.33
C GLY A 420 -28.52 27.55 93.32
N GLY A 421 -29.83 27.75 93.33
CA GLY A 421 -30.42 28.86 94.04
C GLY A 421 -30.55 30.12 93.23
N LYS A 422 -30.82 30.01 91.92
CA LYS A 422 -31.00 31.12 90.98
C LYS A 422 -29.74 31.99 90.88
N GLU A 423 -28.57 31.36 91.00
CA GLU A 423 -27.29 32.02 90.95
C GLU A 423 -26.67 31.81 89.59
N LYS A 424 -25.74 32.68 89.21
CA LYS A 424 -25.19 32.57 87.87
C LYS A 424 -23.83 31.89 87.89
N ASP A 425 -22.85 32.54 88.51
CA ASP A 425 -21.44 32.11 88.55
C ASP A 425 -20.91 31.70 87.17
N ASN A 426 -21.13 32.59 86.20
CA ASN A 426 -20.82 32.27 84.81
C ASN A 426 -20.03 33.40 84.16
N PRO A 427 -18.71 33.39 84.30
CA PRO A 427 -17.89 34.24 83.42
C PRO A 427 -17.96 33.77 81.99
N ALA A 428 -18.16 32.47 81.78
CA ALA A 428 -18.30 31.83 80.48
C ALA A 428 -19.69 32.00 79.89
N SER A 429 -20.43 32.97 80.38
CA SER A 429 -21.69 33.39 79.81
C SER A 429 -21.42 34.51 78.83
N HIS A 430 -20.30 34.40 78.12
CA HIS A 430 -19.96 35.35 77.08
C HIS A 430 -20.98 35.34 75.96
N LEU A 431 -21.64 34.20 75.76
CA LEU A 431 -22.93 34.23 75.08
C LEU A 431 -24.05 33.68 75.96
N HIS A 432 -23.89 32.50 76.54
CA HIS A 432 -25.09 31.75 76.88
C HIS A 432 -24.84 30.82 78.05
N PHE A 433 -25.94 30.19 78.48
CA PHE A 433 -25.94 29.28 79.62
C PHE A 433 -25.19 28.02 79.28
N SER A 434 -24.62 27.38 80.29
CA SER A 434 -24.04 26.08 80.05
C SER A 434 -24.33 25.06 81.13
N ILE A 435 -24.67 25.49 82.36
CA ILE A 435 -24.35 24.73 83.57
C ILE A 435 -25.09 23.41 83.60
N LYS A 436 -26.40 23.47 83.50
CA LYS A 436 -27.25 22.31 83.63
C LYS A 436 -27.81 21.85 82.31
N HIS A 437 -27.28 22.32 81.19
CA HIS A 437 -28.09 22.09 80.05
C HIS A 437 -27.35 21.82 78.75
N PRO A 438 -27.78 20.83 78.00
CA PRO A 438 -27.20 20.60 76.68
C PRO A 438 -27.63 21.65 75.71
N HIS A 439 -28.91 21.98 75.74
CA HIS A 439 -29.57 22.64 74.63
C HIS A 439 -29.42 24.14 74.70
N THR A 440 -28.36 24.63 75.29
CA THR A 440 -28.03 26.03 75.16
C THR A 440 -26.87 26.23 74.22
N LEU A 441 -26.09 25.20 73.97
CA LEU A 441 -24.74 25.41 73.48
C LEU A 441 -24.67 25.52 71.97
N SER A 442 -23.54 25.98 71.48
CA SER A 442 -23.28 26.01 70.05
C SER A 442 -22.53 24.77 69.63
N TRP A 443 -22.61 24.48 68.35
CA TRP A 443 -21.80 23.40 67.79
C TRP A 443 -20.34 23.73 67.80
N GLU A 444 -20.02 25.02 67.71
CA GLU A 444 -18.68 25.43 68.00
C GLU A 444 -18.33 25.09 69.44
N TYR A 445 -19.24 25.37 70.36
CA TYR A 445 -18.97 25.08 71.77
C TYR A 445 -18.95 23.58 72.01
N TYR A 446 -19.88 22.86 71.42
CA TYR A 446 -19.98 21.43 71.72
C TYR A 446 -18.84 20.67 71.09
N SER A 447 -18.43 21.09 69.90
CA SER A 447 -17.25 20.53 69.26
C SER A 447 -16.01 20.77 70.12
N MET A 448 -15.81 22.01 70.57
CA MET A 448 -14.63 22.29 71.37
C MET A 448 -14.68 21.62 72.72
N PHE A 449 -15.88 21.38 73.23
CA PHE A 449 -16.06 20.55 74.40
C PHE A 449 -15.44 19.18 74.20
N GLN A 450 -15.76 18.55 73.07
CA GLN A 450 -15.15 17.26 72.77
C GLN A 450 -13.64 17.37 72.55
N CYS A 451 -13.20 18.49 72.02
CA CYS A 451 -11.77 18.64 71.75
C CYS A 451 -10.97 18.79 73.04
N LYS A 452 -11.47 19.61 73.96
CA LYS A 452 -10.87 19.70 75.28
C LYS A 452 -10.97 18.38 76.01
N ALA A 453 -11.99 17.59 75.69
CA ALA A 453 -12.11 16.28 76.30
C ALA A 453 -10.93 15.38 75.91
N HIS A 454 -10.58 15.37 74.61
CA HIS A 454 -9.39 14.67 74.15
C HIS A 454 -8.15 15.12 74.88
N LEU A 455 -7.98 16.42 74.96
CA LEU A 455 -6.67 16.87 75.39
C LEU A 455 -6.52 16.82 76.90
N VAL A 456 -7.62 16.86 77.63
CA VAL A 456 -7.49 16.69 79.07
C VAL A 456 -7.24 15.22 79.40
N MET A 457 -7.75 14.30 78.59
CA MET A 457 -7.31 12.92 78.81
C MET A 457 -5.84 12.72 78.46
N ARG A 458 -5.33 13.51 77.52
CA ARG A 458 -3.88 13.49 77.30
C ARG A 458 -3.12 14.02 78.49
N LEU A 459 -3.69 15.00 79.20
CA LEU A 459 -3.03 15.43 80.43
C LEU A 459 -3.08 14.35 81.50
N ILE A 460 -4.12 13.53 81.49
CA ILE A 460 -4.14 12.45 82.45
C ILE A 460 -3.13 11.35 82.08
N GLU A 461 -2.86 11.17 80.78
CA GLU A 461 -1.64 10.47 80.41
C GLU A 461 -0.40 11.13 80.98
N ASN A 462 -0.36 12.46 80.93
CA ASN A 462 0.84 13.17 81.30
C ASN A 462 1.12 13.11 82.78
N ARG A 463 0.12 12.84 83.60
CA ARG A 463 0.42 12.58 84.99
C ARG A 463 0.39 11.12 85.37
N ILE A 464 -0.23 10.26 84.57
CA ILE A 464 -0.52 8.90 84.99
C ILE A 464 -0.29 7.93 83.83
N SER A 465 0.32 6.78 84.15
CA SER A 465 0.55 5.66 83.25
C SER A 465 -0.66 5.24 82.45
N MET A 466 -0.41 4.99 81.16
CA MET A 466 -1.36 4.33 80.26
C MET A 466 -1.83 3.00 80.80
N GLU A 467 -0.92 2.24 81.41
CA GLU A 467 -1.29 0.98 82.05
C GLU A 467 -2.28 1.24 83.16
N PHE A 468 -2.08 2.32 83.90
CA PHE A 468 -3.05 2.66 84.92
C PHE A 468 -4.36 3.12 84.31
N MET A 469 -4.31 3.65 83.09
CA MET A 469 -5.55 4.02 82.41
C MET A 469 -6.33 2.78 82.04
N LEU A 470 -5.62 1.76 81.58
CA LEU A 470 -6.23 0.45 81.36
C LEU A 470 -6.82 -0.10 82.63
N GLN A 471 -6.10 0.09 83.74
CA GLN A 471 -6.57 -0.38 85.04
C GLN A 471 -7.86 0.31 85.45
N VAL A 472 -7.89 1.65 85.31
CA VAL A 472 -9.07 2.43 85.66
C VAL A 472 -10.26 1.99 84.84
N PHE A 473 -10.07 1.89 83.52
CA PHE A 473 -11.21 1.65 82.64
C PHE A 473 -11.72 0.23 82.81
N ASN A 474 -10.82 -0.71 83.09
CA ASN A 474 -11.24 -2.06 83.36
C ASN A 474 -12.02 -2.14 84.66
N LYS A 475 -11.61 -1.37 85.67
CA LYS A 475 -12.39 -1.34 86.90
C LYS A 475 -13.75 -0.73 86.67
N LEU A 476 -13.80 0.31 85.83
CA LEU A 476 -15.07 0.95 85.45
C LEU A 476 -16.02 -0.05 84.84
N LEU A 477 -15.56 -0.72 83.81
CA LEU A 477 -16.44 -1.56 83.04
C LEU A 477 -16.71 -2.86 83.77
N SER A 478 -15.81 -3.27 84.65
CA SER A 478 -16.07 -4.42 85.51
C SER A 478 -17.23 -4.13 86.44
N LEU A 479 -17.16 -2.98 87.12
CA LEU A 479 -18.24 -2.61 88.04
C LEU A 479 -19.55 -2.39 87.30
N ALA A 480 -19.49 -1.87 86.07
CA ALA A 480 -20.70 -1.62 85.32
C ALA A 480 -21.33 -2.90 84.82
N SER A 481 -20.56 -3.75 84.13
CA SER A 481 -21.07 -5.00 83.62
C SER A 481 -21.44 -5.97 84.71
N THR A 482 -20.82 -5.83 85.88
CA THR A 482 -21.31 -6.53 87.06
C THR A 482 -22.67 -5.99 87.46
N ALA A 483 -22.79 -4.67 87.54
CA ALA A 483 -24.03 -4.02 87.95
C ALA A 483 -25.14 -4.15 86.92
N SER A 484 -24.81 -4.58 85.70
CA SER A 484 -25.81 -4.84 84.69
C SER A 484 -26.23 -6.29 84.73
N SER A 485 -27.23 -6.61 83.90
CA SER A 485 -27.59 -7.98 83.50
C SER A 485 -28.00 -8.85 84.68
N GLN A 486 -28.81 -8.30 85.58
CA GLN A 486 -29.24 -9.03 86.77
C GLN A 486 -30.73 -8.83 86.94
N LYS A 487 -31.24 -9.23 88.10
CA LYS A 487 -32.67 -9.24 88.38
C LYS A 487 -33.18 -7.88 88.84
N PHE A 488 -32.44 -6.80 88.51
CA PHE A 488 -32.59 -5.48 89.10
C PHE A 488 -32.46 -5.57 90.60
N GLN A 489 -31.22 -5.66 91.05
CA GLN A 489 -30.92 -5.31 92.43
C GLN A 489 -31.62 -4.00 92.77
N SER A 490 -32.61 -4.10 93.63
CA SER A 490 -33.40 -2.95 94.02
C SER A 490 -32.58 -2.10 94.96
N HIS A 491 -32.63 -0.78 94.74
CA HIS A 491 -31.92 0.26 95.50
C HIS A 491 -30.40 0.17 95.34
N MET A 492 -29.90 -0.73 94.49
CA MET A 492 -28.49 -1.09 94.44
C MET A 492 -28.04 -1.24 92.99
N TRP A 493 -28.42 -0.30 92.13
CA TRP A 493 -28.35 -0.54 90.70
C TRP A 493 -27.70 0.57 89.88
N SER A 494 -27.58 1.78 90.42
CA SER A 494 -27.18 2.94 89.63
C SER A 494 -25.68 3.10 89.54
N GLN A 495 -24.94 2.00 89.64
CA GLN A 495 -23.50 2.04 89.51
C GLN A 495 -23.04 2.32 88.10
N MET A 496 -23.94 2.27 87.12
CA MET A 496 -23.62 2.64 85.75
C MET A 496 -23.69 4.13 85.51
N LEU A 497 -24.11 4.91 86.49
CA LEU A 497 -23.84 6.34 86.47
C LEU A 497 -22.48 6.56 87.07
N VAL A 498 -21.47 6.74 86.22
CA VAL A 498 -20.09 6.60 86.64
C VAL A 498 -19.46 7.99 86.49
N SER A 499 -20.17 9.01 86.94
CA SER A 499 -19.81 10.39 86.64
C SER A 499 -18.55 10.84 87.40
N THR A 500 -18.31 12.16 87.32
CA THR A 500 -16.99 12.76 87.48
C THR A 500 -16.38 12.48 88.85
N SER A 501 -17.18 12.60 89.90
CA SER A 501 -16.66 12.61 91.26
C SER A 501 -16.09 11.26 91.66
N GLY A 502 -16.92 10.21 91.62
CA GLY A 502 -16.45 8.89 91.97
C GLY A 502 -15.44 8.35 90.98
N PHE A 503 -15.49 8.81 89.74
CA PHE A 503 -14.48 8.47 88.77
C PHE A 503 -13.12 9.00 89.17
N LEU A 504 -13.07 10.29 89.47
CA LEU A 504 -11.91 10.92 90.08
C LEU A 504 -11.40 10.15 91.30
N LYS A 505 -12.34 9.76 92.17
CA LYS A 505 -12.00 8.96 93.34
C LYS A 505 -11.32 7.66 92.94
N SER A 506 -11.84 7.00 91.90
CA SER A 506 -11.25 5.75 91.45
C SER A 506 -9.89 5.95 90.82
N ILE A 507 -9.68 7.09 90.15
CA ILE A 507 -8.37 7.44 89.65
C ILE A 507 -7.37 7.50 90.77
N SER A 508 -7.68 8.31 91.79
CA SER A 508 -6.77 8.47 92.91
C SER A 508 -6.63 7.19 93.70
N ASN A 509 -7.64 6.32 93.66
CA ASN A 509 -7.50 5.00 94.24
C ASN A 509 -6.49 4.18 93.47
N VAL A 510 -6.44 4.35 92.15
CA VAL A 510 -5.40 3.67 91.39
C VAL A 510 -4.06 4.34 91.64
N SER A 511 -4.01 5.65 91.50
CA SER A 511 -2.80 6.38 91.89
C SER A 511 -3.24 7.76 92.35
N GLY A 512 -3.10 8.02 93.64
CA GLY A 512 -3.42 9.32 94.16
C GLY A 512 -2.26 10.27 93.96
N LYS A 513 -2.37 11.10 92.94
CA LYS A 513 -1.39 12.13 92.71
C LYS A 513 -2.11 13.47 92.78
N ASP A 514 -1.40 14.55 92.48
CA ASP A 514 -1.94 15.89 92.65
C ASP A 514 -2.77 16.33 91.44
N ILE A 515 -3.74 15.50 91.08
CA ILE A 515 -4.54 15.71 89.89
C ILE A 515 -5.73 16.61 90.14
N GLN A 516 -5.97 16.97 91.36
CA GLN A 516 -6.99 17.97 91.61
C GLN A 516 -6.46 19.36 91.25
N PRO A 517 -5.17 19.67 91.42
CA PRO A 517 -4.60 20.78 90.61
C PRO A 517 -4.78 20.63 89.11
N LEU A 518 -4.69 19.42 88.55
CA LEU A 518 -4.95 19.26 87.12
C LEU A 518 -6.39 19.63 86.77
N ILE A 519 -7.32 19.24 87.63
CA ILE A 519 -8.71 19.61 87.48
C ILE A 519 -8.86 21.12 87.51
N LYS A 520 -8.43 21.74 88.60
CA LYS A 520 -8.71 23.15 88.80
C LYS A 520 -7.91 24.02 87.85
N GLN A 521 -6.84 23.49 87.27
CA GLN A 521 -6.29 24.14 86.10
C GLN A 521 -7.21 23.95 84.91
N TRP A 522 -7.36 22.73 84.44
CA TRP A 522 -7.89 22.59 83.09
C TRP A 522 -9.36 22.24 83.05
N VAL A 523 -9.82 21.38 83.95
CA VAL A 523 -11.24 21.08 84.01
C VAL A 523 -12.00 22.30 84.52
N ASP A 524 -11.42 23.04 85.45
CA ASP A 524 -12.16 24.11 86.12
C ASP A 524 -11.49 25.46 86.04
N GLN A 525 -10.71 25.72 85.00
CA GLN A 525 -10.41 27.08 84.59
C GLN A 525 -10.21 27.02 83.08
N SER A 526 -11.28 27.31 82.35
CA SER A 526 -11.27 27.16 80.89
C SER A 526 -10.50 28.30 80.27
N GLY A 527 -9.17 28.19 80.31
CA GLY A 527 -8.32 29.21 79.75
C GLY A 527 -7.18 28.61 78.96
N VAL A 528 -6.90 29.19 77.82
CA VAL A 528 -5.77 28.79 77.01
C VAL A 528 -4.59 29.67 77.41
N VAL A 529 -3.40 29.11 77.37
CA VAL A 529 -2.21 29.78 77.90
C VAL A 529 -1.25 30.01 76.75
N LYS A 530 -1.01 31.28 76.42
CA LYS A 530 0.12 31.59 75.56
C LYS A 530 1.40 31.62 76.40
N PHE A 531 2.53 31.80 75.72
CA PHE A 531 3.83 31.65 76.38
C PHE A 531 4.81 32.61 75.77
N TYR A 532 5.29 33.56 76.56
CA TYR A 532 6.39 34.40 76.15
C TYR A 532 7.64 33.89 76.86
N GLY A 533 8.01 32.66 76.48
CA GLY A 533 9.24 32.13 76.99
C GLY A 533 10.32 32.75 76.14
N SER A 534 10.97 33.76 76.69
CA SER A 534 11.86 34.62 75.92
C SER A 534 13.25 34.00 75.88
N PHE A 535 13.70 33.69 74.66
CA PHE A 535 15.03 33.17 74.42
C PHE A 535 16.10 34.17 74.82
N ALA A 536 16.98 33.76 75.72
CA ALA A 536 18.24 34.43 75.94
C ALA A 536 19.38 33.48 75.62
N PHE A 537 20.59 34.03 75.57
CA PHE A 537 21.74 33.27 75.06
C PHE A 537 22.91 33.46 76.02
N ASN A 538 22.96 32.63 77.04
CA ASN A 538 24.15 32.54 77.87
C ASN A 538 24.95 31.31 77.49
N ARG A 539 26.19 31.27 78.00
CA ARG A 539 27.30 30.64 77.28
C ARG A 539 27.29 31.05 75.82
N LYS A 540 27.17 32.35 75.56
CA LYS A 540 27.57 32.94 74.30
C LYS A 540 29.01 33.44 74.48
N ARG A 541 29.85 32.47 74.86
CA ARG A 541 31.00 32.68 75.73
C ARG A 541 30.64 33.60 76.90
N ASN A 542 29.52 33.27 77.55
CA ASN A 542 29.04 34.07 78.66
C ASN A 542 29.39 33.39 79.98
N VAL A 543 29.62 34.23 80.99
CA VAL A 543 29.90 33.73 82.33
C VAL A 543 28.69 33.00 82.89
N LEU A 544 27.53 33.62 82.77
CA LEU A 544 26.29 32.90 82.98
C LEU A 544 26.13 31.87 81.88
N GLU A 545 25.48 30.76 82.19
CA GLU A 545 25.60 29.57 81.35
C GLU A 545 24.24 29.04 80.96
N LEU A 546 23.88 29.24 79.68
CA LEU A 546 22.75 28.61 79.02
C LEU A 546 21.43 28.93 79.73
N GLU A 547 21.03 30.18 79.59
CA GLU A 547 19.90 30.71 80.33
C GLU A 547 18.88 31.34 79.37
N ILE A 548 17.60 31.20 79.72
CA ILE A 548 16.45 31.68 78.96
C ILE A 548 15.40 32.12 79.97
N LYS A 549 14.70 33.22 79.69
CA LYS A 549 13.74 33.72 80.64
C LYS A 549 12.35 33.20 80.35
N GLN A 550 11.58 32.99 81.39
CA GLN A 550 10.18 32.63 81.32
C GLN A 550 9.35 33.89 81.48
N ASP A 551 8.34 34.04 80.60
CA ASP A 551 7.48 35.21 80.59
C ASP A 551 6.09 34.80 80.13
N TYR A 552 5.07 35.47 80.68
CA TYR A 552 3.71 35.51 80.13
C TYR A 552 2.80 36.55 80.80
N THR A 553 2.05 37.33 80.00
CA THR A 553 0.79 37.98 80.39
C THR A 553 0.06 38.39 79.13
N SER A 554 -1.18 37.88 78.92
CA SER A 554 -1.98 38.38 77.80
C SER A 554 -3.47 38.21 78.03
N PRO A 555 -4.11 39.13 78.75
CA PRO A 555 -5.53 38.96 79.08
C PRO A 555 -6.49 39.17 77.91
N GLY A 556 -7.77 39.25 78.26
CA GLY A 556 -8.83 39.01 77.31
C GLY A 556 -9.26 37.57 77.48
N THR A 557 -8.32 36.65 77.26
CA THR A 557 -8.50 35.27 77.72
C THR A 557 -7.11 34.77 78.06
N GLN A 558 -6.72 34.91 79.31
CA GLN A 558 -5.43 34.42 79.75
C GLN A 558 -5.60 33.45 80.91
N LYS A 559 -4.47 32.89 81.31
CA LYS A 559 -4.38 31.91 82.38
C LYS A 559 -2.92 31.72 82.69
N TYR A 560 -2.59 31.55 83.96
CA TYR A 560 -1.19 31.50 84.39
C TYR A 560 -0.92 30.10 84.93
N VAL A 561 -0.15 29.33 84.19
CA VAL A 561 0.24 27.99 84.62
C VAL A 561 1.74 27.99 84.85
N GLY A 562 2.15 27.56 86.02
CA GLY A 562 3.51 27.67 86.44
C GLY A 562 4.26 26.39 86.23
N PRO A 563 4.32 25.57 87.27
CA PRO A 563 5.35 24.52 87.34
C PRO A 563 5.16 23.38 86.36
N LEU A 564 6.00 23.44 85.32
CA LEU A 564 6.02 22.49 84.22
C LEU A 564 7.50 22.34 83.88
N LYS A 565 7.83 21.79 82.71
CA LYS A 565 9.22 21.72 82.30
C LYS A 565 9.37 22.04 80.81
N VAL A 566 10.63 22.04 80.38
CA VAL A 566 11.11 22.66 79.14
C VAL A 566 12.03 21.68 78.46
N THR A 567 11.85 21.48 77.15
CA THR A 567 12.60 20.51 76.36
C THR A 567 13.45 21.20 75.31
N VAL A 568 14.77 21.03 75.39
CA VAL A 568 15.73 21.72 74.54
C VAL A 568 16.62 20.68 73.88
N GLN A 569 16.88 20.82 72.58
CA GLN A 569 17.93 20.02 71.97
C GLN A 569 19.23 20.81 71.85
N GLU A 570 20.32 20.18 72.30
CA GLU A 570 21.68 20.67 72.16
C GLU A 570 22.14 20.50 70.71
N LEU A 571 23.43 20.71 70.48
CA LEU A 571 23.96 20.40 69.16
C LEU A 571 23.86 18.92 68.87
N ASP A 572 24.69 18.14 69.53
CA ASP A 572 24.62 16.69 69.47
C ASP A 572 24.64 16.26 70.92
N GLY A 573 23.49 16.30 71.56
CA GLY A 573 23.48 16.06 72.98
C GLY A 573 22.14 15.98 73.64
N SER A 574 22.11 16.35 74.91
CA SER A 574 21.04 15.95 75.80
C SER A 574 19.76 16.73 75.55
N PHE A 575 18.64 16.03 75.65
CA PHE A 575 17.33 16.66 75.67
C PHE A 575 17.21 17.34 77.03
N ASN A 576 17.58 18.60 77.10
CA ASN A 576 17.63 19.30 78.37
C ASN A 576 16.24 19.72 78.79
N HIS A 577 15.87 19.38 80.01
CA HIS A 577 14.53 19.66 80.49
C HIS A 577 14.63 20.43 81.79
N THR A 578 13.83 21.48 81.90
CA THR A 578 14.04 22.45 82.96
C THR A 578 12.70 22.84 83.56
N LEU A 579 12.66 22.94 84.89
CA LEU A 579 11.48 23.20 85.67
C LEU A 579 10.91 24.58 85.37
N GLN A 580 9.66 24.78 85.79
CA GLN A 580 9.01 26.06 85.69
C GLN A 580 8.40 26.39 87.04
N ILE A 581 8.01 27.66 87.21
CA ILE A 581 7.45 28.17 88.46
C ILE A 581 6.29 29.09 88.06
N GLU A 582 5.41 29.36 89.01
CA GLU A 582 4.54 30.53 88.99
C GLU A 582 5.34 31.79 89.33
N GLU A 583 4.64 32.92 89.48
CA GLU A 583 5.22 34.26 89.66
C GLU A 583 6.21 34.57 88.54
N ASN A 584 5.62 34.69 87.37
CA ASN A 584 6.21 34.30 86.10
C ASN A 584 7.20 35.29 85.53
N SER A 585 7.69 36.24 86.32
CA SER A 585 8.77 37.12 85.85
C SER A 585 10.08 36.39 86.08
N LEU A 586 10.35 35.38 85.25
CA LEU A 586 11.32 34.38 85.65
C LEU A 586 12.50 34.32 84.68
N LYS A 587 13.63 33.90 85.22
CA LYS A 587 14.86 33.68 84.47
C LYS A 587 15.35 32.30 84.86
N HIS A 588 15.77 31.50 83.88
CA HIS A 588 16.09 30.11 84.18
C HIS A 588 17.27 29.65 83.36
N ASP A 589 17.82 28.52 83.76
CA ASP A 589 19.07 28.02 83.22
C ASP A 589 18.78 26.78 82.37
N ILE A 590 19.85 26.16 81.87
CA ILE A 590 19.74 24.92 81.11
C ILE A 590 20.77 23.95 81.69
N PRO A 591 20.45 22.66 81.82
CA PRO A 591 21.47 21.68 82.24
C PRO A 591 22.53 21.51 81.18
N CYS A 592 23.57 22.32 81.33
CA CYS A 592 24.45 22.77 80.26
C CYS A 592 25.11 21.64 79.46
N HIS A 593 25.24 21.88 78.16
CA HIS A 593 26.01 21.05 77.25
C HIS A 593 27.50 21.19 77.57
N SER A 594 28.30 20.29 77.01
CA SER A 594 29.74 20.37 77.10
C SER A 594 30.27 21.55 76.29
N LYS A 595 31.57 21.78 76.40
CA LYS A 595 32.24 22.77 75.55
C LYS A 595 32.35 22.15 74.16
N SER A 596 31.28 22.31 73.38
CA SER A 596 31.23 21.78 72.02
C SER A 596 32.13 22.64 71.15
N ARG A 597 33.42 22.36 71.20
CA ARG A 597 34.42 23.11 70.47
C ARG A 597 35.24 22.15 69.63
N ARG A 598 35.98 22.71 68.67
CA ARG A 598 36.61 21.98 67.57
C ARG A 598 35.59 21.08 66.88
N ASN A 599 34.49 21.70 66.49
CA ASN A 599 33.36 20.94 65.98
C ASN A 599 33.51 20.58 64.52
N LYS A 600 34.57 21.04 63.87
CA LYS A 600 35.01 20.40 62.64
C LYS A 600 35.47 18.98 62.92
N LYS A 601 36.08 18.76 64.09
CA LYS A 601 36.43 17.42 64.53
C LYS A 601 35.23 16.74 65.19
N LYS A 602 34.50 17.46 66.04
CA LYS A 602 33.25 16.95 66.60
C LYS A 602 32.18 17.02 65.52
N LYS A 603 32.28 16.07 64.57
CA LYS A 603 31.38 16.10 63.42
C LYS A 603 29.98 15.67 63.83
N ILE A 604 29.84 14.44 64.27
CA ILE A 604 28.60 13.99 64.90
C ILE A 604 29.00 13.31 66.22
N PRO A 605 29.06 14.04 67.33
CA PRO A 605 29.01 13.35 68.63
C PRO A 605 27.58 13.04 69.07
N LEU A 606 26.90 12.19 68.28
CA LEU A 606 25.63 11.53 68.61
C LEU A 606 24.51 12.55 68.83
N MET A 607 24.02 13.09 67.71
CA MET A 607 22.84 13.95 67.75
C MET A 607 21.60 13.29 68.34
N ASN A 608 21.01 12.30 67.67
CA ASN A 608 19.89 11.53 68.24
C ASN A 608 19.93 10.14 67.62
N GLY A 609 20.57 9.21 68.30
CA GLY A 609 20.86 7.94 67.67
C GLY A 609 21.88 8.18 66.58
N GLU A 610 21.77 7.44 65.49
CA GLU A 610 22.75 7.47 64.41
C GLU A 610 22.32 8.41 63.29
N GLU A 611 21.68 9.52 63.64
CA GLU A 611 21.39 10.55 62.65
C GLU A 611 22.69 11.20 62.19
N VAL A 612 22.71 11.56 60.91
CA VAL A 612 23.93 12.02 60.27
C VAL A 612 23.68 13.40 59.70
N ASP A 613 24.35 14.40 60.26
CA ASP A 613 24.19 15.78 59.83
C ASP A 613 25.44 16.57 60.17
N MET A 614 25.83 17.48 59.27
CA MET A 614 26.95 18.41 59.46
C MET A 614 26.59 19.74 58.80
N ASP A 615 26.47 20.79 59.61
CA ASP A 615 26.52 22.16 59.11
C ASP A 615 27.19 23.06 60.13
N LEU A 616 28.24 23.73 59.69
CA LEU A 616 28.73 24.92 60.37
C LEU A 616 28.03 26.16 59.85
N SER A 617 26.91 25.98 59.14
CA SER A 617 26.23 27.06 58.45
C SER A 617 25.58 28.04 59.40
N ALA A 618 25.28 27.65 60.64
CA ALA A 618 24.61 28.53 61.57
C ALA A 618 25.61 29.50 62.20
N MET A 619 25.16 30.30 63.16
CA MET A 619 26.04 31.25 63.87
C MET A 619 26.92 30.53 64.87
N ASP A 620 27.79 29.69 64.32
CA ASP A 620 28.39 28.60 65.06
C ASP A 620 29.73 28.96 65.65
N ALA A 621 30.02 30.25 65.79
CA ALA A 621 31.13 30.65 66.64
C ALA A 621 30.86 30.23 68.07
N ASP A 622 29.71 30.62 68.61
CA ASP A 622 29.36 30.32 69.99
C ASP A 622 27.91 29.88 70.12
N SER A 623 27.42 29.03 69.22
CA SER A 623 26.06 28.52 69.31
C SER A 623 26.09 27.03 69.62
N PRO A 624 26.08 26.64 70.90
CA PRO A 624 26.02 25.22 71.23
C PRO A 624 24.58 24.73 71.35
N LEU A 625 23.65 25.59 71.01
CA LEU A 625 22.23 25.31 71.11
C LEU A 625 21.71 24.89 69.75
N LEU A 626 20.69 24.05 69.75
CA LEU A 626 19.90 23.93 68.55
C LEU A 626 18.44 24.34 68.70
N TRP A 627 17.64 23.69 69.55
CA TRP A 627 16.23 24.04 69.47
C TRP A 627 15.57 24.16 70.82
N ILE A 628 14.72 25.18 70.92
CA ILE A 628 13.87 25.44 72.07
C ILE A 628 12.62 24.61 71.91
N ARG A 629 12.06 24.17 73.04
CA ARG A 629 10.79 23.50 73.06
C ARG A 629 10.22 23.63 74.46
N ILE A 630 8.92 23.79 74.57
CA ILE A 630 8.26 23.50 75.82
C ILE A 630 7.25 22.40 75.56
N ASP A 631 7.50 21.24 76.18
CA ASP A 631 6.61 20.09 76.22
C ASP A 631 6.22 19.63 74.83
N PRO A 632 7.14 18.97 74.12
CA PRO A 632 6.86 18.56 72.74
C PRO A 632 5.74 17.57 72.61
N ASP A 633 5.43 16.83 73.69
CA ASP A 633 4.26 15.97 73.75
C ASP A 633 2.98 16.74 74.02
N MET A 634 3.05 18.07 73.97
CA MET A 634 1.90 18.95 73.83
C MET A 634 1.01 18.88 75.05
N SER A 635 1.64 18.96 76.22
CA SER A 635 0.90 18.81 77.46
C SER A 635 -0.04 19.98 77.68
N VAL A 636 0.51 21.15 77.83
CA VAL A 636 -0.31 22.30 78.17
C VAL A 636 -0.89 22.90 76.90
N LEU A 637 -2.17 23.26 76.97
CA LEU A 637 -2.86 23.98 75.92
C LEU A 637 -2.11 25.27 75.65
N ARG A 638 -1.51 25.39 74.46
CA ARG A 638 -0.43 26.34 74.30
C ARG A 638 -0.55 27.11 73.00
N LYS A 639 0.08 28.27 73.01
CA LYS A 639 0.32 29.05 71.79
C LYS A 639 1.62 29.79 72.05
N VAL A 640 2.73 29.18 71.66
CA VAL A 640 4.04 29.56 72.14
C VAL A 640 4.64 30.60 71.22
N GLU A 641 5.11 31.70 71.79
CA GLU A 641 5.70 32.78 71.00
C GLU A 641 7.08 33.10 71.55
N PHE A 642 8.06 33.06 70.66
CA PHE A 642 9.46 33.27 71.00
C PHE A 642 10.22 33.48 69.69
N GLU A 643 11.53 33.66 69.79
CA GLU A 643 12.37 33.90 68.63
C GLU A 643 13.69 33.16 68.79
N GLN A 644 14.13 32.52 67.71
CA GLN A 644 15.46 31.93 67.62
C GLN A 644 16.23 32.58 66.49
N ALA A 645 17.44 32.08 66.26
CA ALA A 645 18.10 32.35 65.00
C ALA A 645 17.43 31.55 63.91
N ASP A 646 17.33 32.16 62.73
CA ASP A 646 16.56 31.57 61.64
C ASP A 646 17.23 30.32 61.12
N PHE A 647 18.55 30.27 61.29
CA PHE A 647 19.35 29.08 61.04
C PHE A 647 18.81 27.89 61.81
N MET A 648 18.41 28.12 63.05
CA MET A 648 17.97 27.02 63.91
C MET A 648 16.63 26.49 63.44
N TRP A 649 15.75 27.40 62.99
CA TRP A 649 14.46 27.00 62.43
C TRP A 649 14.65 26.20 61.16
N GLN A 650 15.49 26.70 60.25
CA GLN A 650 15.72 26.03 58.98
C GLN A 650 16.41 24.70 59.19
N TYR A 651 17.28 24.61 60.19
CA TYR A 651 18.00 23.38 60.41
C TYR A 651 17.10 22.36 61.11
N GLN A 652 16.16 22.85 61.90
CA GLN A 652 15.11 21.99 62.40
C GLN A 652 14.29 21.45 61.26
N LEU A 653 14.13 22.26 60.23
CA LEU A 653 13.48 21.76 59.05
C LEU A 653 14.42 20.90 58.22
N ARG A 654 15.72 20.88 58.53
CA ARG A 654 16.55 19.88 57.86
C ARG A 654 16.25 18.51 58.42
N TYR A 655 16.22 18.37 59.75
CA TYR A 655 15.45 17.29 60.37
C TYR A 655 15.09 17.62 61.80
N GLU A 656 13.93 17.13 62.23
CA GLU A 656 13.59 16.99 63.63
C GLU A 656 12.70 15.76 63.75
N ARG A 657 12.69 15.15 64.93
CA ARG A 657 11.84 13.99 65.19
C ARG A 657 10.44 14.38 65.65
N ASP A 658 9.96 15.58 65.33
CA ASP A 658 8.58 15.97 65.59
C ASP A 658 7.97 16.66 64.39
N VAL A 659 6.85 16.10 63.95
CA VAL A 659 5.95 16.78 63.02
C VAL A 659 5.49 18.11 63.60
N VAL A 660 5.34 18.15 64.92
CA VAL A 660 5.02 19.38 65.65
C VAL A 660 6.03 20.45 65.35
N ALA A 661 7.30 20.13 65.58
CA ALA A 661 8.37 21.07 65.34
C ALA A 661 8.45 21.45 63.88
N GLN A 662 8.19 20.49 62.99
CA GLN A 662 8.37 20.74 61.57
C GLN A 662 7.32 21.71 61.06
N GLN A 663 6.05 21.50 61.40
CA GLN A 663 5.09 22.46 60.92
C GLN A 663 5.09 23.76 61.70
N GLU A 664 5.64 23.79 62.90
CA GLU A 664 5.66 25.11 63.53
C GLU A 664 6.82 25.95 63.04
N SER A 665 7.93 25.33 62.68
CA SER A 665 8.95 26.09 61.98
C SER A 665 8.49 26.43 60.57
N ILE A 666 7.62 25.60 59.99
CA ILE A 666 6.94 25.96 58.75
C ILE A 666 6.16 27.25 58.91
N LEU A 667 5.47 27.42 60.04
CA LEU A 667 4.72 28.66 60.22
C LEU A 667 5.64 29.84 60.49
N ALA A 668 6.64 29.63 61.34
CA ALA A 668 7.56 30.70 61.72
C ALA A 668 8.37 31.18 60.53
N LEU A 669 8.71 30.27 59.63
CA LEU A 669 9.40 30.67 58.42
C LEU A 669 8.42 31.01 57.31
N GLU A 670 7.14 30.76 57.50
CA GLU A 670 6.18 31.43 56.64
C GLU A 670 6.03 32.89 56.98
N LYS A 671 6.39 33.31 58.19
CA LYS A 671 6.22 34.73 58.43
C LYS A 671 7.23 35.60 57.70
N PHE A 672 8.45 35.61 58.18
CA PHE A 672 9.39 36.65 57.78
C PHE A 672 10.29 36.42 56.56
N PRO A 673 11.05 35.33 56.44
CA PRO A 673 12.31 35.42 55.69
C PRO A 673 12.15 35.25 54.19
N THR A 674 13.19 35.66 53.48
CA THR A 674 13.44 35.20 52.11
C THR A 674 14.96 35.21 51.86
N PRO A 675 15.66 34.16 52.27
CA PRO A 675 16.86 33.79 51.53
C PRO A 675 16.50 32.71 50.55
N ALA A 676 17.33 32.51 49.52
CA ALA A 676 17.11 31.38 48.65
C ALA A 676 17.52 30.08 49.33
N SER A 677 18.35 30.16 50.37
CA SER A 677 18.67 29.00 51.17
C SER A 677 17.44 28.45 51.86
N ARG A 678 16.52 29.34 52.23
CA ARG A 678 15.24 28.93 52.76
C ARG A 678 14.49 28.08 51.75
N LEU A 679 14.46 28.54 50.50
CA LEU A 679 13.84 27.80 49.41
C LEU A 679 14.51 26.46 49.22
N ALA A 680 15.84 26.45 49.31
CA ALA A 680 16.62 25.24 49.12
C ALA A 680 16.29 24.21 50.19
N LEU A 681 16.32 24.61 51.45
CA LEU A 681 16.00 23.71 52.53
C LEU A 681 14.56 23.27 52.51
N THR A 682 13.67 24.12 52.01
CA THR A 682 12.28 23.75 51.84
C THR A 682 12.15 22.60 50.85
N ASP A 683 12.81 22.75 49.70
CA ASP A 683 12.70 21.74 48.64
C ASP A 683 13.36 20.44 49.07
N ILE A 684 14.50 20.56 49.76
CA ILE A 684 15.19 19.43 50.35
C ILE A 684 14.28 18.68 51.30
N LEU A 685 13.52 19.42 52.10
CA LEU A 685 12.55 18.80 52.99
C LEU A 685 11.44 18.11 52.22
N GLU A 686 11.15 18.58 51.02
CA GLU A 686 10.05 18.01 50.27
C GLU A 686 10.43 16.72 49.57
N GLN A 687 11.72 16.44 49.48
CA GLN A 687 12.09 15.29 48.66
C GLN A 687 12.84 14.24 49.47
N GLU A 688 12.09 13.45 50.23
CA GLU A 688 12.57 12.31 51.01
C GLU A 688 11.38 11.44 51.39
N GLN A 689 11.59 10.60 52.38
CA GLN A 689 10.50 10.06 53.19
C GLN A 689 10.55 10.80 54.54
N CYS A 690 9.77 11.85 54.67
CA CYS A 690 9.58 12.49 55.96
C CYS A 690 8.14 12.40 56.45
N PHE A 691 7.21 13.01 55.71
CA PHE A 691 5.81 13.11 56.11
C PHE A 691 5.04 13.71 54.94
N TYR A 692 3.72 13.48 54.93
CA TYR A 692 2.87 13.94 53.84
C TYR A 692 2.53 15.40 54.01
N ARG A 693 1.80 15.71 55.08
CA ARG A 693 1.15 17.00 55.23
C ARG A 693 2.14 18.09 55.62
N VAL A 694 3.26 17.68 56.21
CA VAL A 694 4.44 18.51 56.28
C VAL A 694 4.76 19.10 54.92
N ARG A 695 4.72 18.28 53.88
CA ARG A 695 5.09 18.79 52.58
C ARG A 695 4.00 19.69 52.00
N MET A 696 2.76 19.49 52.39
CA MET A 696 1.67 20.34 51.93
C MET A 696 1.81 21.75 52.47
N SER A 697 2.03 21.87 53.78
CA SER A 697 2.30 23.19 54.32
C SER A 697 3.65 23.72 53.87
N ALA A 698 4.58 22.85 53.47
CA ALA A 698 5.83 23.33 52.89
C ALA A 698 5.60 23.96 51.53
N CYS A 699 4.67 23.40 50.77
CA CYS A 699 4.25 24.03 49.52
C CYS A 699 3.70 25.41 49.77
N PHE A 700 2.94 25.56 50.85
CA PHE A 700 2.40 26.88 51.13
C PHE A 700 3.47 27.83 51.68
N CYS A 701 4.52 27.28 52.29
CA CYS A 701 5.70 28.08 52.62
C CYS A 701 6.31 28.67 51.38
N LEU A 702 6.51 27.83 50.37
CA LEU A 702 7.07 28.30 49.11
C LEU A 702 6.15 29.33 48.47
N ALA A 703 4.84 29.16 48.63
CA ALA A 703 3.87 30.14 48.14
C ALA A 703 4.12 31.52 48.72
N LYS A 704 4.17 31.61 50.07
CA LYS A 704 4.40 32.90 50.71
C LYS A 704 5.76 33.48 50.35
N ILE A 705 6.80 32.65 50.39
CA ILE A 705 8.13 33.21 50.27
C ILE A 705 8.44 33.60 48.83
N ALA A 706 7.92 32.84 47.86
CA ALA A 706 8.08 33.28 46.50
C ALA A 706 7.16 34.43 46.16
N ASN A 707 6.08 34.62 46.92
CA ASN A 707 5.36 35.88 46.79
C ASN A 707 6.16 37.03 47.38
N SER A 708 7.08 36.75 48.29
CA SER A 708 8.01 37.76 48.76
C SER A 708 9.23 37.91 47.85
N MET A 709 9.26 37.22 46.71
CA MET A 709 10.36 37.28 45.76
C MET A 709 10.08 38.20 44.59
N VAL A 710 9.40 39.33 44.82
CA VAL A 710 9.05 40.21 43.72
C VAL A 710 10.29 40.93 43.19
N SER A 711 10.91 41.75 44.03
CA SER A 711 12.20 42.32 43.69
C SER A 711 13.33 41.33 43.89
N THR A 712 13.07 40.23 44.59
CA THR A 712 14.12 39.29 44.93
C THR A 712 13.77 37.98 44.24
N TRP A 713 13.42 38.07 42.97
CA TRP A 713 13.30 36.85 42.17
C TRP A 713 14.71 36.35 41.91
N THR A 714 15.21 35.57 42.84
CA THR A 714 16.55 35.01 42.73
C THR A 714 16.48 33.57 42.24
N GLY A 715 15.60 32.79 42.85
CA GLY A 715 15.33 31.46 42.37
C GLY A 715 14.49 31.49 41.11
N PRO A 716 14.17 30.31 40.61
CA PRO A 716 13.51 30.19 39.30
C PRO A 716 12.03 30.53 39.41
N PRO A 717 11.24 30.40 38.33
CA PRO A 717 9.82 30.15 38.56
C PRO A 717 9.72 28.83 39.29
N ALA A 718 9.32 28.91 40.56
CA ALA A 718 9.57 27.84 41.49
C ALA A 718 8.68 26.64 41.20
N MET A 719 9.12 25.49 41.71
CA MET A 719 8.36 24.26 41.89
C MET A 719 8.06 23.51 40.59
N LYS A 720 8.32 24.12 39.44
CA LYS A 720 8.31 23.38 38.19
C LYS A 720 9.42 22.34 38.19
N SER A 721 10.57 22.75 38.72
CA SER A 721 11.68 21.86 38.96
C SER A 721 11.31 20.75 39.92
N LEU A 722 10.35 20.97 40.80
CA LEU A 722 9.95 19.89 41.69
C LEU A 722 9.14 18.85 40.95
N PHE A 723 8.29 19.27 40.02
CA PHE A 723 7.66 18.27 39.17
C PHE A 723 8.63 17.65 38.20
N THR A 724 9.72 18.35 37.89
CA THR A 724 10.77 17.76 37.07
C THR A 724 11.48 16.66 37.83
N ARG A 725 12.15 17.02 38.91
CA ARG A 725 13.14 16.18 39.56
C ARG A 725 12.53 15.10 40.43
N MET A 726 11.21 15.08 40.61
CA MET A 726 10.59 14.09 41.46
C MET A 726 9.70 13.13 40.71
N PHE A 727 9.51 13.33 39.41
CA PHE A 727 8.43 12.63 38.71
C PHE A 727 8.92 12.16 37.35
N CYS A 728 9.21 10.86 37.24
CA CYS A 728 9.58 10.21 35.99
C CYS A 728 8.60 9.08 35.71
N CYS A 729 7.73 9.28 34.72
CA CYS A 729 6.88 8.19 34.25
C CYS A 729 7.68 7.23 33.38
N LYS A 730 8.17 7.73 32.25
CA LYS A 730 9.10 7.05 31.36
C LYS A 730 10.30 7.96 31.09
N SER A 731 10.88 8.44 32.20
CA SER A 731 11.87 9.51 32.39
C SER A 731 11.29 10.90 32.20
N CYS A 732 10.01 11.01 31.79
CA CYS A 732 9.22 12.22 31.62
C CYS A 732 9.92 13.28 30.79
N PRO A 733 9.95 13.14 29.48
CA PRO A 733 10.56 14.17 28.64
C PRO A 733 9.76 15.46 28.66
N ASN A 734 10.05 16.25 29.70
CA ASN A 734 9.67 17.62 30.01
C ASN A 734 8.23 17.76 30.54
N ILE A 735 7.42 16.71 30.53
CA ILE A 735 6.05 16.77 31.04
C ILE A 735 5.72 15.45 31.72
N VAL A 736 5.19 15.52 32.94
CA VAL A 736 4.83 14.33 33.70
C VAL A 736 3.35 14.06 33.48
N LYS A 737 3.00 12.84 33.08
CA LYS A 737 1.61 12.57 32.74
C LYS A 737 0.96 11.47 33.57
N THR A 738 1.50 10.25 33.55
CA THR A 738 0.63 9.08 33.56
C THR A 738 0.85 8.18 34.78
N ASN A 739 -0.26 7.72 35.38
CA ASN A 739 -0.33 6.49 36.18
C ASN A 739 0.51 6.60 37.44
N ASN A 740 0.43 7.74 38.09
CA ASN A 740 1.41 8.12 39.09
C ASN A 740 0.93 7.81 40.50
N PHE A 741 0.23 6.70 40.66
CA PHE A 741 -0.44 6.37 41.91
C PHE A 741 0.14 5.08 42.48
N MET A 742 -0.55 4.56 43.50
CA MET A 742 -0.25 3.43 44.40
C MET A 742 0.82 3.77 45.43
N SER A 743 1.43 4.94 45.34
CA SER A 743 2.40 5.41 46.32
C SER A 743 1.83 6.67 46.93
N PHE A 744 1.18 6.53 48.07
CA PHE A 744 0.26 7.56 48.52
C PHE A 744 0.94 8.77 49.10
N GLN A 745 2.27 8.72 49.27
CA GLN A 745 3.02 9.95 49.43
C GLN A 745 2.80 10.84 48.22
N SER A 746 3.09 10.29 47.05
CA SER A 746 2.98 11.02 45.80
C SER A 746 1.54 11.41 45.50
N TYR A 747 0.58 10.64 46.01
CA TYR A 747 -0.82 10.94 45.74
C TYR A 747 -1.22 12.27 46.34
N PHE A 748 -1.04 12.41 47.64
CA PHE A 748 -1.28 13.70 48.29
C PHE A 748 -0.39 14.78 47.73
N LEU A 749 0.85 14.43 47.36
CA LEU A 749 1.78 15.47 47.00
C LEU A 749 1.43 16.08 45.65
N GLN A 750 1.13 15.25 44.67
CA GLN A 750 0.62 15.75 43.42
C GLN A 750 -0.72 16.42 43.59
N LYS A 751 -1.54 15.93 44.52
CA LYS A 751 -2.83 16.56 44.77
C LYS A 751 -2.67 17.99 45.29
N THR A 752 -1.60 18.24 46.04
CA THR A 752 -1.45 19.53 46.70
C THR A 752 -0.69 20.54 45.88
N MET A 753 0.52 20.17 45.45
CA MET A 753 1.52 21.12 44.92
C MET A 753 1.06 22.16 43.91
N PRO A 754 0.26 21.84 42.87
CA PRO A 754 -0.07 22.89 41.89
C PRO A 754 -0.94 23.99 42.44
N VAL A 755 -1.59 23.79 43.58
CA VAL A 755 -2.30 24.89 44.22
C VAL A 755 -1.31 25.94 44.69
N ALA A 756 -0.28 25.51 45.40
CA ALA A 756 0.74 26.45 45.86
C ALA A 756 1.51 27.01 44.69
N MET A 757 1.60 26.25 43.59
CA MET A 757 2.17 26.83 42.38
C MET A 757 1.27 27.93 41.82
N ALA A 758 -0.05 27.75 41.90
CA ALA A 758 -0.97 28.78 41.44
C ALA A 758 -1.00 29.97 42.37
N LEU A 759 -0.43 29.85 43.56
CA LEU A 759 -0.24 31.00 44.41
C LEU A 759 0.94 31.87 44.03
N LEU A 760 1.89 31.35 43.24
CA LEU A 760 3.19 32.01 43.07
C LEU A 760 3.03 33.26 42.22
N ARG A 761 3.17 34.42 42.84
CA ARG A 761 2.85 35.69 42.19
C ARG A 761 3.87 36.76 42.54
N ASP A 762 4.34 37.48 41.52
CA ASP A 762 5.21 38.63 41.71
C ASP A 762 4.61 39.85 41.04
N VAL A 763 4.73 41.00 41.72
CA VAL A 763 3.87 42.15 41.45
C VAL A 763 4.34 42.86 40.18
N HIS A 764 3.81 42.42 39.05
CA HIS A 764 3.63 43.27 37.89
C HIS A 764 2.17 43.30 37.49
N ASN A 765 1.58 42.13 37.31
CA ASN A 765 0.13 41.91 37.34
C ASN A 765 -0.15 40.66 38.15
N LEU A 766 0.85 40.23 38.93
CA LEU A 766 0.99 39.02 39.74
C LEU A 766 1.25 37.78 38.89
N CYS A 767 1.08 37.91 37.57
CA CYS A 767 1.67 37.19 36.44
C CYS A 767 2.06 35.72 36.60
N PRO A 768 1.16 34.78 36.96
CA PRO A 768 1.54 33.36 36.99
C PRO A 768 1.29 32.65 35.67
N LYS A 769 1.71 33.28 34.57
CA LYS A 769 1.26 32.88 33.23
C LYS A 769 1.80 31.51 32.84
N GLU A 770 3.08 31.30 33.09
CA GLU A 770 3.69 29.98 32.90
C GLU A 770 2.97 28.95 33.73
N VAL A 771 2.66 29.30 34.98
CA VAL A 771 1.98 28.39 35.88
C VAL A 771 0.58 28.11 35.37
N LEU A 772 -0.09 29.16 34.85
CA LEU A 772 -1.42 29.02 34.27
C LEU A 772 -1.42 27.97 33.18
N THR A 773 -0.61 28.20 32.15
CA THR A 773 -0.57 27.32 31.00
C THR A 773 -0.10 25.93 31.39
N PHE A 774 0.81 25.86 32.35
CA PHE A 774 1.28 24.59 32.87
C PHE A 774 0.16 23.79 33.51
N ILE A 775 -0.68 24.46 34.30
CA ILE A 775 -1.75 23.76 34.98
C ILE A 775 -2.82 23.32 33.99
N LEU A 776 -3.07 24.14 32.97
CA LEU A 776 -3.98 23.74 31.90
C LEU A 776 -3.47 22.47 31.22
N ASP A 777 -2.15 22.40 31.04
CA ASP A 777 -1.53 21.20 30.49
C ASP A 777 -1.66 20.02 31.43
N LEU A 778 -1.60 20.27 32.74
CA LEU A 778 -1.84 19.20 33.70
C LEU A 778 -3.24 18.64 33.55
N ILE A 779 -4.20 19.52 33.30
CA ILE A 779 -5.57 19.11 33.14
C ILE A 779 -5.75 18.34 31.84
N LYS A 780 -4.92 18.63 30.83
CA LYS A 780 -4.94 17.83 29.61
C LYS A 780 -4.62 16.36 29.87
N TYR A 781 -3.56 16.10 30.63
CA TYR A 781 -2.88 14.82 30.55
C TYR A 781 -3.35 13.87 31.63
N ASN A 782 -4.65 13.61 31.64
CA ASN A 782 -5.22 12.75 32.67
C ASN A 782 -5.41 11.34 32.13
N ASP A 783 -5.52 10.39 33.06
CA ASP A 783 -5.28 8.99 32.77
C ASP A 783 -6.56 8.24 32.48
N ASN A 784 -6.39 7.14 31.75
CA ASN A 784 -7.44 6.17 31.50
C ASN A 784 -7.58 5.24 32.70
N ARG A 785 -8.25 4.10 32.50
CA ARG A 785 -8.41 3.13 33.57
C ARG A 785 -7.12 2.36 33.90
N LYS A 786 -5.96 2.78 33.40
CA LYS A 786 -4.71 2.22 33.90
C LYS A 786 -4.50 2.55 35.37
N ASN A 787 -4.76 3.80 35.78
CA ASN A 787 -4.93 4.11 37.19
C ASN A 787 -6.17 3.42 37.70
N LYS A 788 -6.04 2.58 38.71
CA LYS A 788 -7.17 1.86 39.28
C LYS A 788 -7.88 2.64 40.36
N PHE A 789 -7.75 3.97 40.37
CA PHE A 789 -7.98 4.71 41.60
C PHE A 789 -8.91 5.89 41.44
N SER A 790 -9.65 5.97 40.33
CA SER A 790 -10.72 6.94 40.12
C SER A 790 -10.19 8.38 40.21
N ASP A 791 -9.59 8.82 39.11
CA ASP A 791 -8.76 10.03 39.07
C ASP A 791 -9.63 11.26 39.35
N ASN A 792 -9.97 11.45 40.62
CA ASN A 792 -11.09 12.31 40.99
C ASN A 792 -10.66 13.56 41.73
N TYR A 793 -10.06 13.39 42.90
CA TYR A 793 -9.74 14.55 43.72
C TYR A 793 -8.61 15.32 43.13
N TYR A 794 -7.80 14.65 42.33
CA TYR A 794 -6.72 15.31 41.62
C TYR A 794 -7.27 16.37 40.69
N ARG A 795 -8.33 16.03 39.95
CA ARG A 795 -9.08 17.01 39.17
C ARG A 795 -9.60 18.12 40.05
N ALA A 796 -10.08 17.76 41.25
CA ALA A 796 -10.71 18.72 42.12
C ALA A 796 -9.72 19.77 42.60
N GLU A 797 -8.52 19.35 42.95
CA GLU A 797 -7.60 20.35 43.46
C GLU A 797 -6.85 21.07 42.36
N MET A 798 -6.76 20.49 41.17
CA MET A 798 -6.31 21.28 40.04
C MET A 798 -7.31 22.37 39.72
N ILE A 799 -8.59 22.05 39.85
CA ILE A 799 -9.62 23.07 39.75
C ILE A 799 -9.51 24.10 40.86
N ASP A 800 -9.18 23.70 42.07
CA ASP A 800 -9.02 24.70 43.13
C ASP A 800 -7.77 25.53 42.95
N ALA A 801 -6.75 24.98 42.31
CA ALA A 801 -5.62 25.78 41.90
C ALA A 801 -6.07 26.83 40.92
N LEU A 802 -6.97 26.47 40.02
CA LEU A 802 -7.54 27.48 39.14
C LEU A 802 -8.38 28.47 39.92
N ALA A 803 -9.04 28.02 40.96
CA ALA A 803 -9.74 28.94 41.84
C ALA A 803 -8.75 29.77 42.63
N ASN A 804 -7.55 29.25 42.82
CA ASN A 804 -6.52 30.04 43.44
C ASN A 804 -5.63 30.72 42.40
N SER A 805 -6.18 30.97 41.22
CA SER A 805 -5.63 31.86 40.21
C SER A 805 -6.34 33.19 40.27
N VAL A 806 -6.55 33.65 41.50
CA VAL A 806 -7.31 34.84 41.82
C VAL A 806 -6.71 36.05 41.11
N THR A 807 -7.51 36.66 40.24
CA THR A 807 -7.09 37.80 39.44
C THR A 807 -8.10 38.91 39.68
N PRO A 808 -7.90 39.74 40.72
CA PRO A 808 -8.92 40.72 41.08
C PRO A 808 -8.98 41.94 40.18
N ALA A 809 -7.91 42.24 39.45
CA ALA A 809 -7.71 43.58 38.90
C ALA A 809 -7.68 43.60 37.38
N VAL A 810 -8.64 42.94 36.73
CA VAL A 810 -8.75 43.07 35.28
C VAL A 810 -9.67 44.23 34.91
N SER A 811 -10.88 44.22 35.45
CA SER A 811 -11.88 45.24 35.15
C SER A 811 -11.46 46.54 35.81
N VAL A 812 -10.77 47.38 35.07
CA VAL A 812 -10.29 48.64 35.62
C VAL A 812 -11.45 49.62 35.79
N ASN A 813 -12.32 49.73 34.79
CA ASN A 813 -13.42 50.67 34.85
C ASN A 813 -14.77 49.99 34.93
N ASN A 814 -15.13 49.18 33.93
CA ASN A 814 -16.46 48.58 33.87
C ASN A 814 -16.50 47.17 33.33
N GLU A 815 -15.35 46.51 33.11
CA GLU A 815 -15.32 45.25 32.35
C GLU A 815 -15.88 44.08 33.14
N VAL A 816 -17.20 44.07 33.32
CA VAL A 816 -17.89 42.99 34.01
C VAL A 816 -18.86 42.26 33.09
N ARG A 817 -19.23 42.88 31.97
CA ARG A 817 -20.54 42.73 31.39
C ARG A 817 -20.49 42.25 29.95
N THR A 818 -19.80 41.12 29.72
CA THR A 818 -19.69 40.43 28.43
C THR A 818 -18.85 41.27 27.46
N LEU A 819 -18.08 42.21 28.02
CA LEU A 819 -17.49 43.28 27.24
C LEU A 819 -16.33 42.80 26.40
N ASP A 820 -15.31 42.25 27.04
CA ASP A 820 -14.28 41.61 26.26
C ASP A 820 -14.59 40.18 25.94
N ASN A 821 -15.74 39.67 26.40
CA ASN A 821 -15.88 38.25 26.73
C ASN A 821 -14.67 37.84 27.56
N LEU A 822 -14.69 38.38 28.78
CA LEU A 822 -13.56 38.95 29.51
C LEU A 822 -12.35 38.01 29.57
N ASN A 823 -11.19 38.63 29.65
CA ASN A 823 -10.00 38.20 28.93
C ASN A 823 -8.79 38.08 29.83
N PRO A 824 -7.74 37.37 29.37
CA PRO A 824 -7.78 36.33 28.34
C PRO A 824 -7.72 34.91 28.90
N ASP A 825 -7.02 34.78 30.02
CA ASP A 825 -6.75 33.48 30.60
C ASP A 825 -7.87 33.06 31.50
N VAL A 826 -8.54 34.06 32.06
CA VAL A 826 -9.80 33.89 32.77
C VAL A 826 -10.77 33.08 31.92
N ARG A 827 -10.85 33.41 30.64
CA ARG A 827 -11.74 32.69 29.72
C ARG A 827 -11.32 31.24 29.57
N LEU A 828 -10.01 30.96 29.59
CA LEU A 828 -9.54 29.59 29.51
C LEU A 828 -9.93 28.81 30.75
N ILE A 829 -9.80 29.45 31.91
CA ILE A 829 -10.22 28.85 33.15
C ILE A 829 -11.71 28.57 33.11
N LEU A 830 -12.46 29.50 32.51
CA LEU A 830 -13.90 29.31 32.34
C LEU A 830 -14.21 28.12 31.47
N GLU A 831 -13.40 27.94 30.42
CA GLU A 831 -13.59 26.80 29.54
C GLU A 831 -13.40 25.49 30.28
N GLU A 832 -12.35 25.42 31.10
CA GLU A 832 -12.08 24.20 31.83
C GLU A 832 -13.15 23.91 32.86
N ILE A 833 -13.58 24.94 33.60
CA ILE A 833 -14.56 24.67 34.64
C ILE A 833 -15.92 24.37 34.03
N THR A 834 -16.20 24.95 32.87
CA THR A 834 -17.44 24.65 32.17
C THR A 834 -17.43 23.20 31.74
N ARG A 835 -16.27 22.74 31.26
CA ARG A 835 -16.10 21.35 30.89
C ARG A 835 -16.34 20.45 32.06
N PHE A 836 -15.74 20.74 33.19
CA PHE A 836 -15.85 19.79 34.28
C PHE A 836 -17.24 19.79 34.87
N LEU A 837 -17.93 20.92 34.83
CA LEU A 837 -19.30 20.95 35.29
C LEU A 837 -20.19 20.12 34.40
N ASN A 838 -19.96 20.15 33.11
CA ASN A 838 -20.83 19.35 32.29
C ASN A 838 -20.41 17.88 32.26
N MET A 839 -19.13 17.59 32.48
CA MET A 839 -18.66 16.22 32.64
C MET A 839 -19.28 15.58 33.86
N GLU A 840 -19.23 16.27 35.00
CA GLU A 840 -19.85 15.73 36.19
C GLU A 840 -21.36 15.84 36.15
N LYS A 841 -21.91 16.61 35.23
CA LYS A 841 -23.31 16.40 34.97
C LYS A 841 -23.54 15.11 34.21
N LEU A 842 -22.56 14.68 33.42
CA LEU A 842 -22.71 13.47 32.63
C LEU A 842 -22.08 12.23 33.24
N LEU A 843 -20.85 12.31 33.69
CA LEU A 843 -20.15 11.20 34.31
C LEU A 843 -20.64 10.78 35.68
N PRO A 844 -21.36 11.64 36.43
CA PRO A 844 -20.85 12.12 37.73
C PRO A 844 -19.98 11.17 38.52
N SER A 845 -18.84 11.68 38.94
CA SER A 845 -17.89 10.90 39.70
C SER A 845 -17.95 11.38 41.13
N TYR A 846 -18.60 10.59 41.97
CA TYR A 846 -18.42 10.62 43.42
C TYR A 846 -18.73 11.93 44.09
N ARG A 847 -20.02 12.16 44.35
CA ARG A 847 -20.57 13.18 45.20
C ARG A 847 -20.62 14.51 44.52
N HIS A 848 -20.30 14.60 43.23
CA HIS A 848 -20.16 15.86 42.51
C HIS A 848 -19.13 16.73 43.22
N THR A 849 -18.09 16.07 43.72
CA THR A 849 -17.03 16.76 44.44
C THR A 849 -16.33 17.77 43.55
N ILE A 850 -16.14 17.37 42.30
CA ILE A 850 -15.64 18.27 41.27
C ILE A 850 -16.57 19.47 41.10
N THR A 851 -17.87 19.20 41.03
CA THR A 851 -18.87 20.26 40.93
C THR A 851 -18.80 21.20 42.13
N VAL A 852 -18.48 20.66 43.30
CA VAL A 852 -18.36 21.49 44.49
C VAL A 852 -17.18 22.44 44.36
N SER A 853 -16.02 21.90 44.00
CA SER A 853 -14.85 22.75 43.82
C SER A 853 -15.07 23.76 42.70
N CYS A 854 -15.84 23.36 41.69
CA CYS A 854 -16.19 24.28 40.63
C CYS A 854 -17.03 25.43 41.15
N LEU A 855 -17.98 25.14 42.03
CA LEU A 855 -18.86 26.19 42.51
C LEU A 855 -18.10 27.18 43.35
N ARG A 856 -17.15 26.69 44.15
CA ARG A 856 -16.27 27.59 44.88
C ARG A 856 -15.46 28.44 43.93
N ALA A 857 -15.03 27.85 42.81
CA ALA A 857 -14.24 28.59 41.83
C ALA A 857 -15.07 29.68 41.18
N ILE A 858 -16.33 29.38 40.89
CA ILE A 858 -17.17 30.36 40.21
C ILE A 858 -17.48 31.51 41.15
N ARG A 859 -17.63 31.22 42.44
CA ARG A 859 -17.84 32.33 43.35
C ARG A 859 -16.60 33.22 43.46
N VAL A 860 -15.42 32.60 43.57
CA VAL A 860 -14.19 33.39 43.62
C VAL A 860 -14.01 34.20 42.33
N LEU A 861 -14.52 33.70 41.22
CA LEU A 861 -14.59 34.53 40.02
C LEU A 861 -15.58 35.67 40.16
N GLN A 862 -16.67 35.49 40.90
CA GLN A 862 -17.52 36.65 41.16
C GLN A 862 -16.86 37.63 42.10
N LYS A 863 -16.01 37.15 43.00
CA LYS A 863 -15.30 38.02 43.93
C LYS A 863 -14.11 38.72 43.31
N ASN A 864 -13.94 38.59 42.00
CA ASN A 864 -13.01 39.44 41.28
C ASN A 864 -13.71 40.16 40.15
N GLY A 865 -15.03 40.07 40.08
CA GLY A 865 -15.81 40.81 39.11
C GLY A 865 -15.65 40.39 37.68
N HIS A 866 -15.46 39.10 37.40
CA HIS A 866 -15.28 38.71 36.02
C HIS A 866 -16.55 38.11 35.44
N VAL A 867 -17.06 37.05 36.05
CA VAL A 867 -18.46 36.71 35.85
C VAL A 867 -19.24 37.47 36.92
N PRO A 868 -20.26 38.23 36.54
CA PRO A 868 -20.86 39.21 37.44
C PRO A 868 -21.52 38.63 38.68
N SER A 869 -21.64 39.48 39.69
CA SER A 869 -22.09 39.08 41.00
C SER A 869 -23.57 38.75 40.99
N ASP A 870 -23.89 37.54 40.54
CA ASP A 870 -25.24 37.11 40.33
C ASP A 870 -25.38 35.75 40.97
N PRO A 871 -26.37 35.55 41.78
CA PRO A 871 -26.43 34.34 42.59
C PRO A 871 -27.17 33.20 41.94
N ALA A 872 -27.82 33.48 40.81
CA ALA A 872 -28.88 32.62 40.28
C ALA A 872 -28.38 31.24 39.88
N LEU A 873 -27.10 31.12 39.54
CA LEU A 873 -26.47 29.82 39.41
C LEU A 873 -26.47 29.09 40.74
N PHE A 874 -25.83 29.71 41.73
CA PHE A 874 -25.70 29.13 43.05
C PHE A 874 -27.06 28.90 43.67
N LYS A 875 -27.96 29.84 43.42
CA LYS A 875 -29.37 29.69 43.76
C LYS A 875 -29.96 28.45 43.14
N SER A 876 -29.61 28.18 41.88
CA SER A 876 -30.10 26.97 41.24
C SER A 876 -29.33 25.74 41.66
N TYR A 877 -28.33 25.87 42.51
CA TYR A 877 -27.67 24.73 43.13
C TYR A 877 -27.89 24.67 44.62
N ALA A 878 -28.67 25.59 45.17
CA ALA A 878 -29.15 25.44 46.53
C ALA A 878 -30.50 24.77 46.58
N GLU A 879 -30.94 24.20 45.47
CA GLU A 879 -32.29 23.69 45.32
C GLU A 879 -32.47 22.41 46.11
N TYR A 880 -33.65 21.79 46.01
CA TYR A 880 -33.90 20.65 46.87
C TYR A 880 -33.24 19.37 46.38
N GLY A 881 -33.61 18.91 45.20
CA GLY A 881 -33.22 17.59 44.76
C GLY A 881 -31.81 17.41 44.26
N HIS A 882 -30.83 17.99 44.95
CA HIS A 882 -29.44 17.69 44.62
C HIS A 882 -28.84 16.98 45.80
N PHE A 883 -27.52 16.82 45.76
CA PHE A 883 -26.85 16.22 46.87
C PHE A 883 -26.73 17.23 47.99
N VAL A 884 -26.37 16.76 49.17
CA VAL A 884 -26.10 17.65 50.28
C VAL A 884 -24.90 18.55 49.97
N ASP A 885 -23.80 17.94 49.53
CA ASP A 885 -22.53 18.64 49.45
C ASP A 885 -22.53 19.76 48.44
N ILE A 886 -23.16 19.50 47.29
CA ILE A 886 -23.47 20.55 46.32
C ILE A 886 -24.21 21.67 46.98
N ARG A 887 -25.31 21.31 47.61
CA ARG A 887 -26.21 22.27 48.22
C ARG A 887 -25.51 23.00 49.32
N ILE A 888 -24.63 22.31 50.02
CA ILE A 888 -23.99 22.92 51.17
C ILE A 888 -22.94 23.91 50.69
N ALA A 889 -22.30 23.65 49.55
CA ALA A 889 -21.31 24.59 49.07
C ALA A 889 -21.97 25.77 48.42
N ALA A 890 -23.11 25.55 47.79
CA ALA A 890 -23.87 26.66 47.25
C ALA A 890 -24.33 27.58 48.35
N LEU A 891 -24.67 27.03 49.51
CA LEU A 891 -25.13 27.87 50.59
C LEU A 891 -23.99 28.66 51.20
N GLU A 892 -22.81 28.04 51.31
CA GLU A 892 -21.61 28.79 51.71
C GLU A 892 -21.36 29.96 50.75
N ALA A 893 -21.52 29.69 49.46
CA ALA A 893 -21.28 30.70 48.45
C ALA A 893 -22.27 31.84 48.55
N VAL A 894 -23.56 31.52 48.64
CA VAL A 894 -24.55 32.58 48.64
C VAL A 894 -24.53 33.33 49.96
N VAL A 895 -24.01 32.70 51.02
CA VAL A 895 -23.78 33.42 52.26
C VAL A 895 -22.71 34.47 52.08
N ASP A 896 -21.58 34.13 51.43
CA ASP A 896 -20.61 35.19 51.17
C ASP A 896 -21.11 36.21 50.16
N TYR A 897 -22.01 35.81 49.26
CA TYR A 897 -22.65 36.74 48.35
C TYR A 897 -23.44 37.79 49.12
N THR A 898 -24.27 37.33 50.04
CA THR A 898 -25.04 38.25 50.86
C THR A 898 -24.16 38.96 51.87
N LYS A 899 -22.96 38.43 52.16
CA LYS A 899 -22.00 39.18 52.93
C LYS A 899 -21.54 40.42 52.17
N VAL A 900 -20.85 40.24 51.07
CA VAL A 900 -20.20 41.39 50.44
C VAL A 900 -21.20 42.17 49.60
N ASP A 901 -21.87 41.51 48.68
CA ASP A 901 -23.00 42.15 48.06
C ASP A 901 -24.12 42.25 49.07
N ARG A 902 -25.01 43.20 48.86
CA ARG A 902 -25.97 43.61 49.87
C ARG A 902 -27.38 43.18 49.48
N SER A 903 -27.49 41.94 48.98
CA SER A 903 -28.79 41.40 48.55
C SER A 903 -29.66 41.14 49.76
N TYR A 904 -30.63 42.02 49.98
CA TYR A 904 -31.60 41.79 51.05
C TYR A 904 -32.50 40.61 50.73
N GLU A 905 -32.87 40.48 49.47
CA GLU A 905 -33.96 39.59 49.09
C GLU A 905 -33.56 38.14 49.23
N GLU A 906 -32.33 37.82 48.85
CA GLU A 906 -31.87 36.45 48.96
C GLU A 906 -31.57 36.09 50.41
N LEU A 907 -31.25 37.09 51.25
CA LEU A 907 -31.18 36.84 52.68
C LEU A 907 -32.54 36.45 53.23
N GLN A 908 -33.57 37.17 52.81
CA GLN A 908 -34.94 36.81 53.19
C GLN A 908 -35.28 35.40 52.71
N TRP A 909 -34.87 35.07 51.48
CA TRP A 909 -35.07 33.74 50.95
C TRP A 909 -34.35 32.70 51.78
N LEU A 910 -33.12 33.03 52.18
CA LEU A 910 -32.30 32.13 52.98
C LEU A 910 -32.96 31.84 54.30
N LEU A 911 -33.48 32.87 54.96
CA LEU A 911 -34.12 32.66 56.24
C LEU A 911 -35.42 31.91 56.09
N ASN A 912 -36.13 32.13 54.99
CA ASN A 912 -37.34 31.37 54.73
C ASN A 912 -37.02 29.90 54.51
N MET A 913 -35.88 29.62 53.91
CA MET A 913 -35.54 28.22 53.72
C MET A 913 -34.92 27.62 54.98
N ILE A 914 -34.32 28.45 55.85
CA ILE A 914 -33.96 28.00 57.19
C ILE A 914 -35.19 27.53 57.91
N GLN A 915 -36.26 28.31 57.82
CA GLN A 915 -37.56 27.83 58.24
C GLN A 915 -37.97 26.60 57.46
N ASN A 916 -37.94 26.66 56.14
CA ASN A 916 -38.68 25.70 55.35
C ASN A 916 -37.76 24.93 54.43
N ASP A 917 -37.47 23.68 54.82
CA ASP A 917 -36.84 22.60 54.07
C ASP A 917 -36.86 21.37 54.96
N PRO A 918 -36.77 20.16 54.42
CA PRO A 918 -36.80 19.00 55.32
C PRO A 918 -35.46 18.62 55.88
N VAL A 919 -34.37 19.01 55.25
CA VAL A 919 -33.09 18.46 55.66
C VAL A 919 -32.58 19.23 56.87
N PRO A 920 -32.16 18.56 57.92
CA PRO A 920 -31.65 19.27 59.10
C PRO A 920 -30.29 19.84 58.86
N TYR A 921 -29.46 19.04 58.20
CA TYR A 921 -28.04 19.33 58.21
C TYR A 921 -27.74 20.55 57.36
N VAL A 922 -28.60 20.86 56.40
CA VAL A 922 -28.44 22.13 55.71
C VAL A 922 -28.78 23.27 56.64
N ARG A 923 -29.77 23.12 57.52
CA ARG A 923 -30.10 24.20 58.42
C ARG A 923 -28.97 24.44 59.40
N HIS A 924 -28.42 23.35 59.91
CA HIS A 924 -27.22 23.35 60.72
C HIS A 924 -26.08 24.12 60.06
N LYS A 925 -25.81 23.82 58.79
CA LYS A 925 -24.63 24.41 58.18
C LYS A 925 -24.87 25.80 57.61
N ILE A 926 -26.12 26.11 57.20
CA ILE A 926 -26.49 27.48 56.90
C ILE A 926 -26.21 28.36 58.09
N LEU A 927 -26.70 27.97 59.25
CA LEU A 927 -26.57 28.84 60.40
C LEU A 927 -25.15 28.87 60.92
N ASN A 928 -24.45 27.74 60.87
CA ASN A 928 -23.04 27.70 61.25
C ASN A 928 -22.23 28.65 60.40
N MET A 929 -22.14 28.40 59.10
CA MET A 929 -21.24 29.29 58.36
C MET A 929 -21.89 30.61 57.99
N LEU A 930 -23.17 30.79 58.26
CA LEU A 930 -23.71 32.12 58.26
C LEU A 930 -23.15 32.90 59.42
N THR A 931 -23.00 32.24 60.55
CA THR A 931 -22.46 32.94 61.68
C THR A 931 -20.95 33.08 61.57
N LYS A 932 -20.27 32.11 60.98
CA LYS A 932 -18.84 32.27 60.74
C LYS A 932 -18.57 33.37 59.74
N ASN A 933 -19.47 33.53 58.76
CA ASN A 933 -19.32 34.50 57.67
C ASN A 933 -20.56 35.37 57.60
N PRO A 934 -20.64 36.42 58.40
CA PRO A 934 -21.88 37.13 58.51
C PRO A 934 -21.97 38.29 57.55
N PRO A 935 -23.15 38.61 57.12
CA PRO A 935 -23.44 39.97 56.68
C PRO A 935 -23.87 40.77 57.88
N PHE A 936 -24.30 42.04 57.68
CA PHE A 936 -25.06 42.81 58.68
C PHE A 936 -24.30 42.98 59.99
N THR A 937 -22.98 43.09 59.86
CA THR A 937 -22.08 42.90 60.98
C THR A 937 -22.24 44.00 62.00
N LYS A 938 -22.20 43.62 63.27
CA LYS A 938 -22.66 44.42 64.40
C LYS A 938 -21.94 45.76 64.49
N ASN A 939 -22.74 46.82 64.65
CA ASN A 939 -22.30 48.22 64.73
C ASN A 939 -21.58 48.68 63.47
N MET A 940 -21.87 48.02 62.35
CA MET A 940 -21.41 48.40 61.02
C MET A 940 -22.60 48.46 60.09
N GLU A 941 -23.78 48.76 60.66
CA GLU A 941 -25.06 48.50 60.03
C GLU A 941 -25.34 49.56 58.98
N SER A 942 -24.78 49.35 57.80
CA SER A 942 -25.32 49.94 56.59
C SER A 942 -26.55 49.22 56.00
N PRO A 943 -26.67 47.89 55.95
CA PRO A 943 -27.87 47.34 55.28
C PRO A 943 -29.12 47.22 56.14
N LEU A 944 -29.13 47.86 57.32
CA LEU A 944 -30.34 48.24 58.05
C LEU A 944 -31.15 47.02 58.51
N CYS A 945 -30.55 46.28 59.44
CA CYS A 945 -31.27 45.16 60.07
C CYS A 945 -32.41 45.66 60.95
N ASN A 946 -32.29 46.88 61.48
CA ASN A 946 -33.25 47.45 62.43
C ASN A 946 -34.67 47.56 61.91
N GLU A 947 -34.88 47.51 60.60
CA GLU A 947 -36.17 47.75 59.99
C GLU A 947 -37.22 46.72 60.39
N ALA A 948 -37.06 45.52 59.90
CA ALA A 948 -37.93 44.44 60.32
C ALA A 948 -37.17 43.13 60.42
N LEU A 949 -35.87 43.16 60.18
CA LEU A 949 -35.12 41.93 60.12
C LEU A 949 -34.86 41.39 61.52
N VAL A 950 -34.64 42.30 62.47
CA VAL A 950 -34.56 41.94 63.88
C VAL A 950 -35.85 41.28 64.32
N ASP A 951 -36.97 41.77 63.79
CA ASP A 951 -38.29 41.26 64.15
C ASP A 951 -38.44 39.81 63.72
N GLN A 952 -38.19 39.54 62.43
CA GLN A 952 -38.31 38.18 61.93
C GLN A 952 -37.28 37.26 62.55
N LEU A 953 -36.10 37.78 62.85
CA LEU A 953 -35.10 36.97 63.51
C LEU A 953 -35.50 36.61 64.93
N TRP A 954 -36.06 37.58 65.65
CA TRP A 954 -36.59 37.31 66.98
C TRP A 954 -37.73 36.30 66.92
N LYS A 955 -38.54 36.38 65.87
CA LYS A 955 -39.59 35.40 65.66
C LYS A 955 -39.02 34.02 65.46
N LEU A 956 -38.04 33.89 64.57
CA LEU A 956 -37.43 32.59 64.32
C LEU A 956 -36.65 32.08 65.52
N MET A 957 -36.25 32.94 66.43
CA MET A 957 -35.76 32.40 67.69
C MET A 957 -36.92 31.84 68.49
N ASN A 958 -38.00 32.58 68.56
CA ASN A 958 -39.17 32.10 69.28
C ASN A 958 -39.91 31.03 68.49
N SER A 959 -40.45 31.40 67.33
CA SER A 959 -41.30 30.53 66.55
C SER A 959 -40.50 29.70 65.58
N GLY A 960 -41.16 28.69 65.01
CA GLY A 960 -40.70 27.92 63.88
C GLY A 960 -39.44 27.11 64.12
N THR A 961 -39.02 27.02 65.38
CA THR A 961 -37.69 26.51 65.67
C THR A 961 -37.77 25.55 66.85
N SER A 962 -38.97 25.15 67.23
CA SER A 962 -39.16 24.07 68.19
C SER A 962 -38.98 22.71 67.56
N HIS A 963 -38.60 22.66 66.29
CA HIS A 963 -38.21 21.40 65.66
C HIS A 963 -37.01 20.80 66.38
N ASP A 964 -35.91 21.52 66.41
CA ASP A 964 -34.68 21.03 67.00
C ASP A 964 -34.14 22.07 67.94
N TRP A 965 -33.28 21.62 68.83
CA TRP A 965 -32.63 22.56 69.73
C TRP A 965 -31.63 23.41 68.98
N ARG A 966 -30.83 22.78 68.14
CA ARG A 966 -29.63 23.43 67.65
C ARG A 966 -29.94 24.49 66.63
N LEU A 967 -31.12 24.47 66.05
CA LEU A 967 -31.49 25.51 65.11
C LEU A 967 -31.67 26.82 65.84
N ARG A 968 -32.39 26.80 66.96
CA ARG A 968 -32.46 28.01 67.75
C ARG A 968 -31.20 28.26 68.55
N CYS A 969 -30.37 27.25 68.76
CA CYS A 969 -29.03 27.54 69.26
C CYS A 969 -28.22 28.34 68.25
N GLY A 970 -28.36 28.00 66.97
CA GLY A 970 -27.73 28.80 65.94
C GLY A 970 -28.34 30.17 65.83
N ALA A 971 -29.64 30.30 66.11
CA ALA A 971 -30.24 31.61 66.10
C ALA A 971 -29.73 32.44 67.27
N VAL A 972 -29.44 31.78 68.39
CA VAL A 972 -28.74 32.43 69.50
C VAL A 972 -27.38 32.92 69.04
N ASP A 973 -26.71 32.13 68.22
CA ASP A 973 -25.42 32.56 67.69
C ASP A 973 -25.56 33.73 66.75
N LEU A 974 -26.67 33.77 66.02
CA LEU A 974 -26.98 34.89 65.15
C LEU A 974 -27.13 36.16 65.96
N TYR A 975 -27.93 36.11 67.02
CA TYR A 975 -28.03 37.31 67.82
C TYR A 975 -26.80 37.56 68.66
N PHE A 976 -25.91 36.58 68.82
CA PHE A 976 -24.63 36.90 69.42
C PHE A 976 -23.82 37.79 68.51
N THR A 977 -23.67 37.35 67.27
CA THR A 977 -22.87 38.09 66.32
C THR A 977 -23.56 39.38 65.94
N LEU A 978 -24.74 39.25 65.33
CA LEU A 978 -25.54 40.42 65.01
C LEU A 978 -26.11 40.95 66.30
N PHE A 979 -25.66 42.13 66.73
CA PHE A 979 -26.16 42.89 67.90
C PHE A 979 -26.31 42.05 69.16
N GLY A 980 -25.16 41.69 69.75
CA GLY A 980 -25.19 40.77 70.88
C GLY A 980 -25.81 41.34 72.15
N LEU A 981 -25.07 42.14 72.88
CA LEU A 981 -25.36 42.38 74.29
C LEU A 981 -26.12 43.66 74.48
N SER A 982 -27.17 43.88 73.68
CA SER A 982 -27.82 45.19 73.71
C SER A 982 -29.13 45.23 72.95
N ARG A 983 -29.81 46.37 73.09
CA ARG A 983 -30.80 46.78 72.12
C ARG A 983 -30.17 46.94 70.75
N PRO A 984 -30.87 46.63 69.69
CA PRO A 984 -30.26 46.66 68.36
C PRO A 984 -30.21 48.04 67.71
N SER A 985 -30.37 49.10 68.51
CA SER A 985 -30.54 50.48 68.05
C SER A 985 -31.77 50.60 67.15
N CYS A 986 -32.88 50.04 67.63
CA CYS A 986 -34.19 50.30 67.06
C CYS A 986 -34.95 51.35 67.86
N LEU A 987 -35.21 51.06 69.14
CA LEU A 987 -35.94 51.96 70.02
C LEU A 987 -35.42 51.84 71.45
N GLU B 870 36.45 -40.30 -88.93
CA GLU B 870 36.17 -41.60 -89.54
C GLU B 870 36.13 -42.71 -88.50
N THR B 871 34.91 -43.12 -88.13
CA THR B 871 34.62 -44.18 -87.16
C THR B 871 35.32 -43.91 -85.83
N PHE B 872 34.89 -42.82 -85.19
CA PHE B 872 35.45 -42.43 -83.90
C PHE B 872 35.09 -43.45 -82.84
N LEU B 873 33.80 -43.65 -82.61
CA LEU B 873 33.31 -44.66 -81.70
C LEU B 873 33.34 -46.02 -82.39
N LEU B 874 33.04 -47.07 -81.64
CA LEU B 874 32.82 -48.38 -82.24
C LEU B 874 31.41 -48.43 -82.78
N GLN B 875 31.29 -48.52 -84.11
CA GLN B 875 30.00 -48.36 -84.77
C GLN B 875 29.07 -49.54 -84.48
N ALA B 876 29.60 -50.76 -84.53
CA ALA B 876 28.73 -51.94 -84.43
C ALA B 876 28.15 -52.16 -83.04
N PRO B 877 28.92 -52.22 -81.93
CA PRO B 877 28.25 -52.51 -80.65
C PRO B 877 27.38 -51.37 -80.15
N LEU B 878 27.82 -50.13 -80.38
CA LEU B 878 27.01 -48.98 -80.02
C LEU B 878 25.74 -48.91 -80.85
N GLN B 879 25.86 -49.20 -82.15
CA GLN B 879 24.69 -49.23 -83.03
C GLN B 879 23.72 -50.33 -82.63
N ARG B 880 24.25 -51.46 -82.17
CA ARG B 880 23.39 -52.52 -81.63
C ARG B 880 22.68 -52.06 -80.38
N ARG B 881 23.36 -51.32 -79.52
CA ARG B 881 22.70 -50.82 -78.30
C ARG B 881 21.66 -49.75 -78.63
N ILE B 882 21.95 -48.95 -79.65
CA ILE B 882 21.01 -47.92 -80.11
C ILE B 882 19.74 -48.57 -80.64
N LEU B 883 19.88 -49.52 -81.57
CA LEU B 883 18.73 -50.23 -82.12
C LEU B 883 18.04 -51.06 -81.06
N GLU B 884 18.81 -51.59 -80.10
CA GLU B 884 18.28 -52.32 -78.96
C GLU B 884 17.27 -51.49 -78.19
N ILE B 885 17.72 -50.35 -77.66
CA ILE B 885 16.85 -49.52 -76.82
C ILE B 885 15.75 -48.87 -77.66
N GLY B 886 16.02 -48.60 -78.94
CA GLY B 886 14.99 -48.05 -79.81
C GLY B 886 13.85 -49.02 -80.09
N LYS B 887 14.18 -50.28 -80.35
CA LYS B 887 13.15 -51.30 -80.47
C LYS B 887 12.46 -51.56 -79.15
N LYS B 888 13.16 -51.35 -78.02
CA LYS B 888 12.47 -51.37 -76.74
C LYS B 888 11.50 -50.22 -76.57
N HIS B 889 11.68 -49.15 -77.33
CA HIS B 889 10.73 -48.04 -77.27
C HIS B 889 10.08 -47.76 -78.62
N GLY B 890 10.13 -48.71 -79.55
CA GLY B 890 9.33 -48.66 -80.76
C GLY B 890 10.06 -48.27 -82.02
N ILE B 891 11.38 -48.15 -82.00
CA ILE B 891 12.14 -47.65 -83.14
C ILE B 891 12.87 -48.82 -83.76
N THR B 892 12.43 -49.21 -84.95
CA THR B 892 12.99 -50.38 -85.60
C THR B 892 14.39 -50.11 -86.12
N GLU B 893 14.57 -49.03 -86.87
CA GLU B 893 15.78 -48.82 -87.64
C GLU B 893 16.44 -47.50 -87.26
N LEU B 894 17.52 -47.20 -87.97
CA LEU B 894 18.18 -45.91 -87.94
C LEU B 894 18.61 -45.59 -89.36
N HIS B 895 19.40 -44.53 -89.50
CA HIS B 895 20.05 -44.25 -90.76
C HIS B 895 21.55 -44.15 -90.46
N PRO B 896 22.41 -44.84 -91.22
CA PRO B 896 23.77 -45.13 -90.75
C PRO B 896 24.72 -43.94 -90.62
N ASP B 897 24.86 -43.13 -91.67
CA ASP B 897 25.78 -41.99 -91.58
C ASP B 897 25.25 -40.89 -90.68
N VAL B 898 23.94 -40.90 -90.38
CA VAL B 898 23.41 -40.06 -89.33
C VAL B 898 24.02 -40.46 -87.98
N VAL B 899 24.12 -41.76 -87.73
CA VAL B 899 24.72 -42.25 -86.49
C VAL B 899 26.23 -42.06 -86.52
N SER B 900 26.83 -42.07 -87.72
CA SER B 900 28.23 -41.70 -87.83
C SER B 900 28.46 -40.23 -87.49
N TYR B 901 27.52 -39.37 -87.88
CA TYR B 901 27.60 -37.98 -87.48
C TYR B 901 27.26 -37.81 -86.01
N VAL B 902 26.49 -38.73 -85.43
CA VAL B 902 26.31 -38.76 -83.98
C VAL B 902 27.64 -39.05 -83.30
N SER B 903 28.40 -40.01 -83.84
CA SER B 903 29.75 -40.27 -83.36
C SER B 903 30.65 -39.06 -83.55
N HIS B 904 30.47 -38.33 -84.64
CA HIS B 904 31.25 -37.13 -84.87
C HIS B 904 30.89 -36.02 -83.90
N ALA B 905 29.60 -35.87 -83.60
CA ALA B 905 29.18 -34.89 -82.61
C ALA B 905 29.59 -35.30 -81.22
N THR B 906 29.71 -36.59 -80.97
CA THR B 906 30.30 -37.08 -79.74
C THR B 906 31.78 -36.70 -79.67
N GLN B 907 32.47 -36.78 -80.80
CA GLN B 907 33.82 -36.26 -80.87
C GLN B 907 33.85 -34.75 -80.64
N GLN B 908 32.81 -34.04 -81.07
CA GLN B 908 32.74 -32.61 -80.79
C GLN B 908 32.53 -32.35 -79.30
N ARG B 909 31.74 -33.21 -78.67
CA ARG B 909 31.56 -33.15 -77.22
C ARG B 909 32.89 -33.38 -76.51
N LEU B 910 33.65 -34.36 -76.97
CA LEU B 910 34.98 -34.59 -76.46
C LEU B 910 35.90 -33.42 -76.75
N GLN B 911 35.69 -32.76 -77.89
CA GLN B 911 36.51 -31.62 -78.24
C GLN B 911 36.24 -30.45 -77.32
N ASN B 912 34.98 -30.26 -76.93
CA ASN B 912 34.64 -29.28 -75.90
C ASN B 912 35.26 -29.66 -74.56
N LEU B 913 35.28 -30.95 -74.25
CA LEU B 913 35.96 -31.42 -73.05
C LEU B 913 37.43 -31.08 -73.09
N VAL B 914 38.08 -31.27 -74.25
CA VAL B 914 39.50 -30.98 -74.40
C VAL B 914 39.74 -29.47 -74.35
N GLU B 915 38.77 -28.68 -74.77
CA GLU B 915 38.84 -27.23 -74.56
C GLU B 915 38.89 -26.91 -73.08
N LYS B 916 38.03 -27.57 -72.30
CA LYS B 916 38.08 -27.39 -70.85
C LYS B 916 39.38 -27.91 -70.26
N ILE B 917 39.92 -28.98 -70.85
CA ILE B 917 41.20 -29.53 -70.43
C ILE B 917 42.31 -28.53 -70.70
N SER B 918 42.26 -27.85 -71.83
CA SER B 918 43.24 -26.82 -72.15
C SER B 918 43.12 -25.64 -71.22
N GLU B 919 41.90 -25.30 -70.81
CA GLU B 919 41.70 -24.24 -69.83
C GLU B 919 42.33 -24.62 -68.50
N THR B 920 42.11 -25.87 -68.07
CA THR B 920 42.75 -26.33 -66.85
C THR B 920 44.25 -26.53 -67.02
N ALA B 921 44.72 -26.71 -68.25
CA ALA B 921 46.15 -26.77 -68.49
C ALA B 921 46.76 -25.38 -68.36
N GLN B 922 46.01 -24.36 -68.73
CA GLN B 922 46.45 -23.00 -68.45
C GLN B 922 46.35 -22.68 -66.98
N GLN B 923 45.43 -23.34 -66.27
CA GLN B 923 45.43 -23.28 -64.82
C GLN B 923 46.67 -23.93 -64.24
N LYS B 924 47.17 -24.98 -64.90
CA LYS B 924 48.48 -25.53 -64.54
C LYS B 924 49.60 -24.55 -64.87
N ASN B 925 49.36 -23.64 -65.83
CA ASN B 925 50.36 -22.70 -66.29
C ASN B 925 50.41 -21.43 -65.46
N PHE B 926 50.04 -21.52 -64.19
CA PHE B 926 50.14 -20.38 -63.29
C PHE B 926 51.60 -20.00 -63.08
N SER B 927 51.98 -18.83 -63.57
CA SER B 927 53.32 -18.29 -63.37
C SER B 927 53.28 -17.38 -62.15
N TYR B 928 53.48 -17.96 -60.97
CA TYR B 928 53.48 -17.21 -59.72
C TYR B 928 54.83 -16.60 -59.41
N LYS B 929 55.84 -16.87 -60.24
CA LYS B 929 57.13 -16.20 -60.15
C LYS B 929 57.27 -15.13 -61.22
N ASP B 930 56.15 -14.62 -61.72
CA ASP B 930 56.14 -13.61 -62.77
C ASP B 930 56.36 -12.22 -62.19
N ASP B 931 56.10 -11.20 -63.01
CA ASP B 931 56.27 -9.80 -62.61
C ASP B 931 55.09 -9.38 -61.76
N ASP B 932 55.06 -9.87 -60.52
CA ASP B 932 53.99 -9.59 -59.58
C ASP B 932 54.38 -8.34 -58.80
N ARG B 933 54.58 -7.25 -59.53
CA ARG B 933 54.73 -5.95 -58.89
C ARG B 933 53.40 -5.43 -58.36
N TYR B 934 52.29 -5.94 -58.88
CA TYR B 934 50.99 -5.61 -58.31
C TYR B 934 50.67 -6.52 -57.14
N GLU B 935 50.69 -7.83 -57.36
CA GLU B 935 50.16 -8.79 -56.41
C GLU B 935 51.25 -9.35 -55.51
N GLN B 936 50.86 -9.71 -54.29
CA GLN B 936 51.70 -10.48 -53.39
C GLN B 936 51.55 -11.97 -53.61
N ALA B 937 50.30 -12.45 -53.67
CA ALA B 937 49.94 -13.84 -53.98
C ALA B 937 50.58 -14.84 -53.02
N SER B 938 50.74 -14.42 -51.77
CA SER B 938 51.48 -15.18 -50.77
C SER B 938 50.68 -15.25 -49.47
N ASP B 939 51.36 -15.67 -48.41
CA ASP B 939 50.96 -15.49 -47.01
C ASP B 939 49.76 -16.36 -46.63
N VAL B 940 49.51 -17.45 -47.36
CA VAL B 940 48.46 -18.37 -46.93
C VAL B 940 49.02 -19.78 -46.83
N ARG B 941 49.46 -20.34 -47.96
CA ARG B 941 50.25 -21.55 -47.92
C ARG B 941 51.58 -21.28 -47.25
N ALA B 942 52.10 -20.06 -47.38
CA ALA B 942 53.16 -19.59 -46.52
C ALA B 942 52.70 -19.55 -45.06
N GLN B 943 51.51 -19.02 -44.81
CA GLN B 943 51.01 -19.00 -43.45
C GLN B 943 50.65 -20.39 -42.97
N LEU B 944 50.28 -21.28 -43.90
CA LEU B 944 50.10 -22.68 -43.54
C LEU B 944 51.42 -23.30 -43.15
N LYS B 945 52.51 -22.91 -43.84
CA LYS B 945 53.83 -23.38 -43.43
C LYS B 945 54.24 -22.76 -42.11
N PHE B 946 53.75 -21.56 -41.81
CA PHE B 946 54.03 -20.95 -40.51
C PHE B 946 53.31 -21.68 -39.39
N PHE B 947 52.06 -22.07 -39.64
CA PHE B 947 51.33 -22.90 -38.70
C PHE B 947 51.99 -24.27 -38.60
N GLU B 948 52.56 -24.76 -39.68
CA GLU B 948 53.34 -25.99 -39.65
C GLU B 948 54.60 -25.80 -38.83
N GLN B 949 55.18 -24.60 -38.84
CA GLN B 949 56.35 -24.32 -38.03
C GLN B 949 55.98 -24.26 -36.56
N LEU B 950 54.84 -23.63 -36.26
CA LEU B 950 54.34 -23.59 -34.89
C LEU B 950 54.00 -24.99 -34.40
N ASP B 951 53.39 -25.81 -35.26
CA ASP B 951 53.07 -27.18 -34.91
C ASP B 951 54.32 -28.03 -34.83
N GLN B 952 55.36 -27.70 -35.59
CA GLN B 952 56.61 -28.43 -35.49
C GLN B 952 57.30 -28.11 -34.18
N ILE B 953 57.20 -26.85 -33.74
CA ILE B 953 57.73 -26.45 -32.43
C ILE B 953 56.98 -27.18 -31.32
N GLU B 954 55.65 -27.24 -31.42
CA GLU B 954 54.87 -27.91 -30.39
C GLU B 954 55.06 -29.43 -30.44
N LYS B 955 55.28 -29.99 -31.62
CA LYS B 955 55.48 -31.43 -31.72
C LYS B 955 56.87 -31.81 -31.25
N GLN B 956 57.86 -30.95 -31.48
CA GLN B 956 59.17 -31.14 -30.89
C GLN B 956 59.10 -31.00 -29.38
N ARG B 957 58.25 -30.08 -28.90
CA ARG B 957 58.03 -29.97 -27.47
C ARG B 957 57.32 -31.19 -26.91
N LYS B 958 56.44 -31.80 -27.69
CA LYS B 958 55.74 -32.99 -27.23
C LYS B 958 56.66 -34.21 -27.22
N ASP B 959 57.52 -34.33 -28.24
CA ASP B 959 58.52 -35.39 -28.24
C ASP B 959 59.54 -35.17 -27.13
N GLU B 960 59.88 -33.92 -26.85
CA GLU B 960 60.73 -33.60 -25.72
C GLU B 960 60.03 -33.91 -24.40
N GLN B 961 58.71 -33.73 -24.34
CA GLN B 961 57.97 -34.10 -23.13
C GLN B 961 57.92 -35.60 -22.97
N GLU B 962 57.85 -36.33 -24.09
CA GLU B 962 57.94 -37.78 -24.06
C GLU B 962 59.30 -38.22 -23.54
N ARG B 963 60.37 -37.61 -24.06
CA ARG B 963 61.71 -37.87 -23.57
C ARG B 963 61.88 -37.43 -22.13
N GLU B 964 61.13 -36.41 -21.70
CA GLU B 964 61.22 -35.92 -20.34
C GLU B 964 60.57 -36.89 -19.36
N ILE B 965 59.42 -37.45 -19.74
CA ILE B 965 58.81 -38.49 -18.93
C ILE B 965 59.68 -39.74 -18.93
N LEU B 966 60.35 -40.01 -20.05
CA LEU B 966 61.26 -41.15 -20.11
C LEU B 966 62.48 -40.94 -19.23
N MET B 967 62.93 -39.69 -19.10
CA MET B 967 64.05 -39.40 -18.22
C MET B 967 63.61 -39.36 -16.77
N ARG B 968 62.36 -38.96 -16.51
CA ARG B 968 61.81 -39.06 -15.17
C ARG B 968 61.69 -40.52 -14.75
N ALA B 969 61.37 -41.39 -15.71
CA ALA B 969 61.51 -42.81 -15.48
C ALA B 969 62.97 -43.20 -15.28
N ALA B 970 63.87 -42.59 -16.05
CA ALA B 970 65.29 -42.86 -15.88
C ALA B 970 65.82 -42.20 -14.61
N LYS B 971 65.12 -41.20 -14.11
CA LYS B 971 65.43 -40.61 -12.81
C LYS B 971 65.08 -41.60 -11.71
N ASP C 210 -9.53 -53.09 -60.55
CA ASP C 210 -10.27 -51.83 -60.62
C ASP C 210 -10.00 -50.99 -59.39
N PRO C 211 -9.36 -49.84 -59.59
CA PRO C 211 -9.10 -48.96 -58.45
C PRO C 211 -10.34 -48.32 -57.90
N THR C 212 -11.40 -48.16 -58.69
CA THR C 212 -12.61 -47.55 -58.18
C THR C 212 -13.38 -48.49 -57.27
N MET C 213 -13.38 -49.79 -57.60
CA MET C 213 -13.86 -50.79 -56.66
C MET C 213 -13.10 -50.72 -55.36
N TYR C 214 -11.79 -50.53 -55.45
CA TYR C 214 -10.94 -50.33 -54.27
C TYR C 214 -11.29 -49.04 -53.54
N GLU C 215 -11.78 -48.02 -54.27
CA GLU C 215 -12.21 -46.78 -53.64
C GLU C 215 -13.42 -47.01 -52.75
N GLU C 216 -14.43 -47.71 -53.29
CA GLU C 216 -15.56 -48.00 -52.41
C GLU C 216 -15.23 -49.05 -51.36
N TYR C 217 -14.21 -49.87 -51.60
CA TYR C 217 -13.73 -50.77 -50.56
C TYR C 217 -13.12 -49.99 -49.41
N TYR C 218 -12.36 -48.94 -49.74
CA TYR C 218 -11.85 -48.02 -48.73
C TYR C 218 -13.00 -47.34 -48.00
N SER C 219 -14.04 -46.96 -48.73
CA SER C 219 -15.17 -46.28 -48.13
C SER C 219 -15.86 -47.17 -47.11
N GLY C 220 -16.15 -48.42 -47.51
CA GLY C 220 -16.82 -49.34 -46.62
C GLY C 220 -15.95 -49.76 -45.45
N LEU C 221 -14.64 -49.94 -45.68
CA LEU C 221 -13.74 -50.29 -44.59
C LEU C 221 -13.56 -49.13 -43.63
N LYS C 222 -13.57 -47.91 -44.16
CA LYS C 222 -13.53 -46.71 -43.34
C LYS C 222 -14.73 -46.65 -42.42
N HIS C 223 -15.92 -46.85 -42.97
CA HIS C 223 -17.12 -46.88 -42.13
C HIS C 223 -17.13 -48.06 -41.18
N PHE C 224 -16.52 -49.18 -41.59
CA PHE C 224 -16.46 -50.35 -40.73
C PHE C 224 -15.59 -50.10 -39.51
N ILE C 225 -14.47 -49.40 -39.70
CA ILE C 225 -13.66 -48.99 -38.55
C ILE C 225 -14.39 -47.91 -37.76
N GLU C 226 -15.17 -47.09 -38.44
CA GLU C 226 -16.06 -46.18 -37.73
C GLU C 226 -17.18 -46.92 -37.02
N CYS C 227 -17.47 -48.15 -37.43
CA CYS C 227 -18.38 -49.02 -36.70
C CYS C 227 -17.66 -49.88 -35.65
N SER C 228 -16.49 -49.47 -35.20
CA SER C 228 -15.78 -50.21 -34.17
C SER C 228 -15.97 -49.54 -32.82
N LEU C 229 -15.32 -50.10 -31.80
CA LEU C 229 -15.59 -49.72 -30.42
C LEU C 229 -14.66 -48.59 -29.99
N ASP C 230 -14.61 -48.35 -28.68
CA ASP C 230 -13.92 -47.19 -28.14
C ASP C 230 -12.40 -47.36 -28.22
N CYS C 231 -11.89 -48.39 -27.57
CA CYS C 231 -10.46 -48.67 -27.63
C CYS C 231 -10.01 -49.09 -29.01
N HIS C 232 -10.89 -49.76 -29.76
CA HIS C 232 -10.58 -50.20 -31.12
C HIS C 232 -10.35 -49.01 -32.04
N ARG C 233 -11.31 -48.10 -32.09
CA ARG C 233 -11.13 -46.88 -32.89
C ARG C 233 -10.03 -46.01 -32.30
N ALA C 234 -9.84 -46.04 -30.98
CA ALA C 234 -8.83 -45.21 -30.33
C ALA C 234 -7.42 -45.63 -30.71
N GLU C 235 -7.20 -46.92 -30.97
CA GLU C 235 -5.90 -47.35 -31.46
C GLU C 235 -5.87 -47.68 -32.94
N LEU C 236 -6.98 -47.52 -33.67
CA LEU C 236 -6.94 -47.72 -35.11
C LEU C 236 -7.33 -46.47 -35.88
N SER C 237 -7.43 -45.32 -35.22
CA SER C 237 -7.55 -44.06 -35.93
C SER C 237 -6.33 -43.78 -36.79
N GLN C 238 -5.18 -44.30 -36.36
CA GLN C 238 -3.93 -44.25 -37.09
C GLN C 238 -3.97 -45.01 -38.41
N LEU C 239 -4.93 -45.91 -38.61
CA LEU C 239 -4.95 -46.65 -39.86
C LEU C 239 -5.44 -45.81 -41.02
N PHE C 240 -6.23 -44.78 -40.73
CA PHE C 240 -6.99 -44.09 -41.77
C PHE C 240 -6.08 -43.33 -42.74
N TYR C 241 -5.06 -42.66 -42.21
CA TYR C 241 -4.22 -41.83 -43.06
C TYR C 241 -3.38 -42.63 -44.04
N PRO C 242 -2.46 -43.53 -43.62
CA PRO C 242 -1.50 -44.05 -44.60
C PRO C 242 -2.13 -45.03 -45.55
N LEU C 243 -3.26 -45.61 -45.15
CA LEU C 243 -4.06 -46.41 -46.05
C LEU C 243 -4.53 -45.57 -47.24
N PHE C 244 -5.11 -44.40 -46.95
CA PHE C 244 -5.54 -43.49 -47.99
C PHE C 244 -4.37 -43.00 -48.82
N VAL C 245 -3.23 -42.78 -48.16
CA VAL C 245 -2.05 -42.26 -48.86
C VAL C 245 -1.51 -43.29 -49.83
N HIS C 246 -1.38 -44.54 -49.38
CA HIS C 246 -0.85 -45.59 -50.23
C HIS C 246 -1.84 -45.92 -51.34
N MET C 247 -3.14 -45.81 -51.06
CA MET C 247 -4.12 -46.00 -52.12
C MET C 247 -4.04 -44.90 -53.15
N TYR C 248 -3.80 -43.66 -52.71
CA TYR C 248 -3.69 -42.57 -53.67
C TYR C 248 -2.39 -42.65 -54.45
N LEU C 249 -1.35 -43.23 -53.83
CA LEU C 249 -0.15 -43.58 -54.58
C LEU C 249 -0.47 -44.59 -55.67
N GLU C 250 -1.26 -45.60 -55.33
CA GLU C 250 -1.72 -46.55 -56.34
C GLU C 250 -2.52 -45.86 -57.43
N LEU C 251 -3.33 -44.87 -57.05
CA LEU C 251 -4.18 -44.15 -57.99
C LEU C 251 -3.36 -43.33 -58.97
N VAL C 252 -2.42 -42.54 -58.47
CA VAL C 252 -1.55 -41.76 -59.33
C VAL C 252 -0.63 -42.68 -60.12
N TYR C 253 -0.23 -43.78 -59.48
CA TYR C 253 0.58 -44.78 -60.16
C TYR C 253 -0.21 -45.49 -61.24
N ASN C 254 -1.51 -45.69 -61.04
CA ASN C 254 -2.37 -46.20 -62.10
C ASN C 254 -2.64 -45.16 -63.17
N GLN C 255 -2.34 -43.89 -62.89
CA GLN C 255 -2.45 -42.77 -63.82
C GLN C 255 -3.89 -42.59 -64.29
N HIS C 256 -4.79 -42.58 -63.32
CA HIS C 256 -6.21 -42.28 -63.55
C HIS C 256 -6.51 -40.98 -62.81
N GLU C 257 -6.62 -39.90 -63.58
CA GLU C 257 -6.50 -38.55 -63.05
C GLU C 257 -7.74 -38.13 -62.27
N ASN C 258 -8.89 -38.07 -62.95
CA ASN C 258 -10.08 -37.48 -62.34
C ASN C 258 -10.67 -38.40 -61.29
N GLU C 259 -10.43 -39.69 -61.41
CA GLU C 259 -10.88 -40.65 -60.41
C GLU C 259 -10.17 -40.42 -59.09
N ALA C 260 -8.85 -40.32 -59.13
CA ALA C 260 -8.06 -40.00 -57.96
C ALA C 260 -8.38 -38.60 -57.45
N LYS C 261 -8.67 -37.68 -58.36
CA LYS C 261 -9.05 -36.33 -58.01
C LYS C 261 -10.33 -36.32 -57.16
N SER C 262 -11.37 -36.98 -57.67
CA SER C 262 -12.63 -37.07 -56.96
C SER C 262 -12.50 -37.84 -55.65
N PHE C 263 -11.65 -38.86 -55.63
CA PHE C 263 -11.52 -39.66 -54.43
C PHE C 263 -10.76 -38.92 -53.34
N PHE C 264 -9.74 -38.17 -53.72
CA PHE C 264 -9.08 -37.27 -52.77
C PHE C 264 -10.05 -36.22 -52.27
N GLU C 265 -10.80 -35.61 -53.19
CA GLU C 265 -11.75 -34.57 -52.81
C GLU C 265 -12.88 -35.10 -51.94
N LYS C 266 -13.15 -36.40 -52.00
CA LYS C 266 -14.14 -36.94 -51.08
C LYS C 266 -13.53 -37.29 -49.74
N PHE C 267 -12.35 -37.92 -49.72
CA PHE C 267 -11.87 -38.53 -48.49
C PHE C 267 -10.62 -37.87 -47.92
N HIS C 268 -10.34 -36.64 -48.29
CA HIS C 268 -9.14 -36.03 -47.74
C HIS C 268 -9.39 -35.40 -46.37
N GLY C 269 -10.58 -34.83 -46.16
CA GLY C 269 -10.82 -34.04 -44.97
C GLY C 269 -11.29 -34.89 -43.82
N ASP C 270 -10.60 -36.00 -43.58
CA ASP C 270 -11.05 -36.98 -42.61
C ASP C 270 -10.07 -37.21 -41.48
N GLN C 271 -8.82 -36.80 -41.63
CA GLN C 271 -7.76 -37.27 -40.76
C GLN C 271 -7.59 -36.35 -39.56
N GLU C 272 -6.49 -36.52 -38.84
CA GLU C 272 -6.15 -35.65 -37.73
C GLU C 272 -5.56 -34.35 -38.27
N CYS C 273 -5.17 -33.47 -37.35
CA CYS C 273 -4.95 -32.06 -37.65
C CYS C 273 -3.49 -31.71 -37.87
N TYR C 274 -2.70 -32.60 -38.46
CA TYR C 274 -1.29 -32.27 -38.59
C TYR C 274 -0.63 -32.76 -39.87
N TYR C 275 -1.37 -33.14 -40.90
CA TYR C 275 -0.77 -33.82 -42.04
C TYR C 275 -0.44 -32.87 -43.18
N GLN C 276 -0.29 -31.59 -42.86
CA GLN C 276 -0.59 -30.49 -43.77
C GLN C 276 0.27 -30.51 -45.02
N ASP C 277 1.57 -30.81 -44.86
CA ASP C 277 2.49 -30.71 -45.99
C ASP C 277 2.31 -31.85 -46.98
N ASP C 278 2.15 -33.08 -46.48
CA ASP C 278 1.87 -34.19 -47.39
C ASP C 278 0.50 -34.06 -48.02
N LEU C 279 -0.44 -33.40 -47.34
CA LEU C 279 -1.71 -33.06 -47.98
C LEU C 279 -1.49 -32.12 -49.15
N ARG C 280 -0.66 -31.09 -48.94
CA ARG C 280 -0.40 -30.14 -50.00
C ARG C 280 0.33 -30.79 -51.17
N VAL C 281 1.27 -31.68 -50.86
CA VAL C 281 1.92 -32.47 -51.90
C VAL C 281 0.91 -33.36 -52.59
N LEU C 282 -0.01 -33.91 -51.81
CA LEU C 282 -0.90 -34.95 -52.31
C LEU C 282 -1.93 -34.37 -53.24
N SER C 283 -2.23 -33.09 -53.05
CA SER C 283 -2.99 -32.35 -54.04
C SER C 283 -2.26 -32.24 -55.36
N SER C 284 -0.94 -32.27 -55.34
CA SER C 284 -0.12 -31.81 -56.46
C SER C 284 0.44 -32.94 -57.31
N LEU C 285 -0.33 -34.01 -57.53
CA LEU C 285 0.19 -35.22 -58.14
C LEU C 285 -0.60 -35.58 -59.38
N THR C 286 0.09 -35.78 -60.50
CA THR C 286 -0.52 -36.35 -61.70
C THR C 286 0.17 -37.62 -62.17
N LYS C 287 1.47 -37.60 -62.42
CA LYS C 287 2.15 -38.73 -63.05
C LYS C 287 3.52 -38.94 -62.40
N LYS C 288 4.35 -39.74 -63.06
CA LYS C 288 5.60 -40.26 -62.51
C LYS C 288 6.72 -39.25 -62.48
N GLU C 289 6.56 -38.10 -63.13
CA GLU C 289 7.50 -36.99 -62.92
C GLU C 289 7.47 -36.54 -61.47
N HIS C 290 6.29 -36.55 -60.86
CA HIS C 290 6.16 -36.22 -59.45
C HIS C 290 6.83 -37.29 -58.59
N MET C 291 6.69 -38.55 -58.98
CA MET C 291 7.37 -39.65 -58.29
C MET C 291 8.88 -39.53 -58.42
N LYS C 292 9.36 -38.96 -59.52
CA LYS C 292 10.77 -38.61 -59.63
C LYS C 292 11.13 -37.49 -58.67
N GLY C 293 10.31 -36.44 -58.61
CA GLY C 293 10.57 -35.31 -57.75
C GLY C 293 10.52 -35.64 -56.27
N ASN C 294 9.35 -35.99 -55.78
CA ASN C 294 9.24 -36.50 -54.41
C ASN C 294 9.44 -38.00 -54.43
N GLU C 295 10.64 -38.42 -54.05
CA GLU C 295 10.90 -39.82 -53.75
C GLU C 295 10.28 -40.23 -52.43
N THR C 296 9.78 -39.25 -51.67
CA THR C 296 8.81 -39.47 -50.62
C THR C 296 7.66 -40.35 -51.07
N MET C 297 7.22 -40.15 -52.31
CA MET C 297 6.05 -40.83 -52.85
C MET C 297 6.24 -42.35 -52.98
N LEU C 298 7.47 -42.84 -52.98
CA LEU C 298 7.66 -44.28 -52.87
C LEU C 298 8.26 -44.68 -51.55
N ASP C 299 9.30 -43.98 -51.10
CA ASP C 299 10.05 -44.39 -49.93
C ASP C 299 9.34 -44.09 -48.62
N PHE C 300 8.38 -43.18 -48.63
CA PHE C 300 7.45 -43.05 -47.51
C PHE C 300 6.45 -44.19 -47.51
N ARG C 301 6.31 -44.89 -48.64
CA ARG C 301 5.21 -45.82 -48.89
C ARG C 301 5.73 -47.25 -49.00
N THR C 302 6.88 -47.52 -48.42
CA THR C 302 7.59 -48.77 -48.64
C THR C 302 7.75 -49.40 -47.28
N SER C 303 6.59 -49.58 -46.62
CA SER C 303 6.36 -50.19 -45.31
C SER C 303 6.74 -49.26 -44.16
N LYS C 304 6.64 -47.95 -44.36
CA LYS C 304 6.64 -47.04 -43.22
C LYS C 304 5.23 -47.07 -42.63
N PHE C 305 4.96 -48.11 -41.86
CA PHE C 305 3.72 -48.19 -41.14
C PHE C 305 4.04 -48.05 -39.66
N VAL C 306 3.91 -46.84 -39.15
CA VAL C 306 4.00 -46.61 -37.73
C VAL C 306 2.72 -47.17 -37.12
N LEU C 307 2.77 -48.39 -36.60
CA LEU C 307 1.58 -49.10 -36.14
C LEU C 307 1.64 -49.29 -34.64
N ARG C 308 0.81 -48.53 -33.94
CA ARG C 308 0.63 -48.67 -32.49
C ARG C 308 -0.60 -49.54 -32.21
N ILE C 309 -0.56 -50.77 -32.72
CA ILE C 309 -1.77 -51.57 -32.92
C ILE C 309 -1.79 -52.77 -31.99
N SER C 310 -2.98 -53.36 -31.82
CA SER C 310 -3.20 -54.42 -30.85
C SER C 310 -3.39 -55.76 -31.55
N ARG C 311 -3.73 -56.77 -30.75
CA ARG C 311 -3.96 -58.12 -31.25
C ARG C 311 -5.37 -58.27 -31.80
N ASP C 312 -6.37 -57.86 -31.02
CA ASP C 312 -7.76 -57.91 -31.43
C ASP C 312 -8.06 -57.00 -32.62
N SER C 313 -7.24 -55.97 -32.82
CA SER C 313 -7.36 -55.14 -34.02
C SER C 313 -7.11 -55.96 -35.28
N TYR C 314 -6.01 -56.70 -35.31
CA TYR C 314 -5.76 -57.58 -36.44
C TYR C 314 -6.74 -58.74 -36.47
N GLN C 315 -7.29 -59.14 -35.32
CA GLN C 315 -8.37 -60.13 -35.33
C GLN C 315 -9.58 -59.60 -36.09
N LEU C 316 -9.95 -58.35 -35.82
CA LEU C 316 -11.00 -57.68 -36.58
C LEU C 316 -10.62 -57.56 -38.05
N LEU C 317 -9.34 -57.30 -38.32
CA LEU C 317 -8.87 -57.13 -39.68
C LEU C 317 -8.97 -58.43 -40.47
N LYS C 318 -8.58 -59.54 -39.84
CA LYS C 318 -8.68 -60.85 -40.47
C LYS C 318 -10.14 -61.27 -40.64
N ARG C 319 -10.99 -60.95 -39.66
CA ARG C 319 -12.40 -61.27 -39.79
C ARG C 319 -13.10 -60.45 -40.87
N HIS C 320 -12.61 -59.25 -41.15
CA HIS C 320 -13.30 -58.44 -42.14
C HIS C 320 -12.76 -58.60 -43.55
N LEU C 321 -11.43 -58.73 -43.73
CA LEU C 321 -10.90 -58.77 -45.08
C LEU C 321 -11.13 -60.10 -45.77
N GLN C 322 -11.52 -61.15 -45.03
CA GLN C 322 -11.89 -62.41 -45.65
C GLN C 322 -13.20 -62.30 -46.41
N GLU C 323 -14.00 -61.27 -46.13
CA GLU C 323 -15.12 -60.93 -46.99
C GLU C 323 -14.64 -60.45 -48.36
N LYS C 324 -13.43 -59.90 -48.42
CA LYS C 324 -12.90 -59.27 -49.62
C LYS C 324 -11.99 -60.23 -50.37
N GLN C 325 -12.04 -60.18 -51.69
CA GLN C 325 -11.22 -61.02 -52.54
C GLN C 325 -10.54 -60.15 -53.60
N ASN C 326 -9.42 -60.66 -54.12
CA ASN C 326 -8.42 -59.88 -54.88
C ASN C 326 -8.06 -58.61 -54.12
N ASN C 327 -7.84 -58.77 -52.82
CA ASN C 327 -7.93 -57.67 -51.88
C ASN C 327 -6.62 -56.91 -51.89
N GLN C 328 -6.63 -55.72 -52.49
CA GLN C 328 -5.46 -54.87 -52.43
C GLN C 328 -5.24 -54.31 -51.04
N ILE C 329 -6.31 -54.21 -50.23
CA ILE C 329 -6.14 -53.85 -48.82
C ILE C 329 -5.34 -54.92 -48.11
N TRP C 330 -5.64 -56.20 -48.39
CA TRP C 330 -4.81 -57.27 -47.88
C TRP C 330 -3.42 -57.25 -48.49
N ASN C 331 -3.28 -56.73 -49.72
CA ASN C 331 -1.94 -56.59 -50.30
C ASN C 331 -1.15 -55.49 -49.61
N ILE C 332 -1.85 -54.54 -48.99
CA ILE C 332 -1.20 -53.58 -48.11
C ILE C 332 -0.87 -54.21 -46.77
N VAL C 333 -1.75 -55.08 -46.28
CA VAL C 333 -1.53 -55.82 -45.04
C VAL C 333 -0.30 -56.73 -45.16
N GLN C 334 -0.06 -57.29 -46.35
CA GLN C 334 1.04 -58.25 -46.51
C GLN C 334 2.42 -57.62 -46.34
N GLU C 335 2.79 -56.68 -47.20
CA GLU C 335 4.18 -56.24 -47.25
C GLU C 335 4.47 -54.94 -46.49
N HIS C 336 3.46 -54.25 -45.98
CA HIS C 336 3.73 -52.90 -45.51
C HIS C 336 3.65 -52.74 -43.99
N LEU C 337 3.09 -53.70 -43.25
CA LEU C 337 2.85 -53.52 -41.82
C LEU C 337 4.15 -53.59 -41.03
N TYR C 338 4.31 -52.63 -40.11
CA TYR C 338 5.40 -52.64 -39.13
C TYR C 338 4.70 -52.51 -37.78
N ILE C 339 4.42 -53.66 -37.16
CA ILE C 339 3.40 -53.81 -36.13
C ILE C 339 4.04 -53.64 -34.75
N ASP C 340 3.38 -52.87 -33.87
CA ASP C 340 3.79 -52.77 -32.47
C ASP C 340 2.56 -52.91 -31.59
N ILE C 341 2.43 -54.04 -30.91
CA ILE C 341 1.21 -54.39 -30.18
C ILE C 341 1.16 -53.56 -28.89
N PHE C 342 0.37 -52.50 -28.92
CA PHE C 342 -0.12 -51.84 -27.71
C PHE C 342 -1.34 -52.57 -27.17
N ASP C 343 -1.33 -52.80 -25.86
CA ASP C 343 -2.48 -53.40 -25.20
C ASP C 343 -2.86 -52.63 -23.95
N LEU C 458 18.24 -13.96 -8.49
CA LEU C 458 17.56 -12.94 -9.28
C LEU C 458 17.77 -13.14 -10.78
N PRO C 459 17.03 -14.06 -11.39
CA PRO C 459 17.21 -14.31 -12.83
C PRO C 459 16.76 -13.11 -13.64
N SER C 460 17.61 -12.69 -14.57
CA SER C 460 17.52 -11.35 -15.13
C SER C 460 18.13 -11.36 -16.51
N ILE C 461 17.49 -10.72 -17.48
CA ILE C 461 18.07 -10.57 -18.82
C ILE C 461 18.88 -9.28 -18.88
N CYS C 462 20.18 -9.39 -18.69
CA CYS C 462 21.09 -8.31 -19.04
C CYS C 462 21.21 -8.29 -20.56
N PHE C 463 21.62 -7.16 -21.12
CA PHE C 463 21.82 -7.10 -22.56
C PHE C 463 23.29 -6.92 -22.90
N TYR C 464 23.59 -7.15 -24.19
CA TYR C 464 24.77 -6.60 -24.86
C TYR C 464 24.30 -5.67 -25.98
N THR C 465 25.26 -5.21 -26.76
CA THR C 465 24.97 -4.31 -27.87
C THR C 465 26.09 -4.45 -28.90
N PHE C 466 25.74 -4.93 -30.09
CA PHE C 466 26.64 -5.07 -31.20
C PHE C 466 26.13 -4.27 -32.37
N LEU C 467 26.69 -4.54 -33.55
CA LEU C 467 26.42 -3.72 -34.70
C LEU C 467 25.02 -4.04 -35.25
N ASN C 468 24.45 -3.10 -35.98
CA ASN C 468 23.00 -2.90 -36.00
C ASN C 468 22.27 -3.60 -37.13
N ALA C 469 22.95 -4.28 -38.03
CA ALA C 469 22.33 -4.60 -39.31
C ALA C 469 21.37 -5.79 -39.21
N TYR C 470 20.99 -6.25 -40.39
CA TYR C 470 20.01 -7.30 -40.56
C TYR C 470 20.71 -8.32 -41.45
N GLN C 471 19.93 -9.28 -42.01
CA GLN C 471 20.29 -10.43 -42.87
C GLN C 471 20.88 -11.58 -42.06
N GLY C 472 20.72 -11.58 -40.73
CA GLY C 472 21.34 -12.61 -39.92
C GLY C 472 20.66 -13.95 -40.10
N LEU C 473 21.46 -15.00 -40.20
CA LEU C 473 20.95 -16.32 -40.56
C LEU C 473 21.15 -17.35 -39.45
N THR C 474 22.37 -17.58 -38.97
CA THR C 474 22.56 -18.42 -37.80
C THR C 474 23.86 -18.06 -37.09
N ALA C 475 23.90 -18.29 -35.79
CA ALA C 475 24.98 -17.72 -35.02
C ALA C 475 25.31 -18.64 -33.87
N VAL C 476 26.57 -19.04 -33.80
CA VAL C 476 26.99 -20.11 -32.90
C VAL C 476 28.26 -19.68 -32.18
N ASP C 477 28.35 -20.01 -30.90
CA ASP C 477 29.57 -19.83 -30.12
C ASP C 477 29.98 -21.16 -29.53
N VAL C 478 31.20 -21.23 -28.97
CA VAL C 478 31.52 -22.40 -28.13
C VAL C 478 32.06 -22.00 -26.77
N THR C 479 33.23 -21.38 -26.71
CA THR C 479 33.78 -21.18 -25.38
C THR C 479 33.93 -19.69 -25.18
N ASP C 480 32.84 -19.01 -25.46
CA ASP C 480 32.35 -17.85 -24.75
C ASP C 480 33.10 -16.59 -25.10
N ASP C 481 34.20 -16.66 -25.83
CA ASP C 481 34.99 -15.47 -26.03
C ASP C 481 34.60 -14.76 -27.30
N SER C 482 33.71 -15.35 -28.07
CA SER C 482 33.46 -14.96 -29.44
C SER C 482 32.23 -15.70 -29.91
N SER C 483 31.50 -15.05 -30.78
CA SER C 483 30.31 -15.64 -31.37
C SER C 483 30.39 -15.48 -32.88
N LEU C 484 29.62 -16.30 -33.57
CA LEU C 484 29.78 -16.49 -35.00
C LEU C 484 28.46 -16.16 -35.68
N ILE C 485 28.38 -14.95 -36.20
CA ILE C 485 27.16 -14.42 -36.79
C ILE C 485 27.24 -14.71 -38.28
N ALA C 486 26.65 -15.82 -38.65
CA ALA C 486 26.35 -16.14 -40.03
C ALA C 486 25.25 -15.21 -40.50
N GLY C 487 25.64 -14.12 -41.12
CA GLY C 487 24.69 -13.11 -41.48
C GLY C 487 24.53 -12.91 -42.96
N GLY C 488 25.18 -11.87 -43.47
CA GLY C 488 24.72 -11.14 -44.64
C GLY C 488 24.81 -11.79 -46.01
N PHE C 489 24.31 -13.00 -46.13
CA PHE C 489 23.91 -13.66 -47.37
C PHE C 489 25.08 -14.04 -48.28
N ALA C 490 26.26 -13.54 -47.96
CA ALA C 490 27.52 -14.23 -48.21
C ALA C 490 28.48 -13.56 -47.21
N ASP C 491 28.60 -14.15 -46.04
CA ASP C 491 29.29 -13.49 -44.94
C ASP C 491 29.47 -14.52 -43.86
N SER C 492 30.47 -14.32 -43.04
CA SER C 492 30.53 -15.06 -41.79
C SER C 492 31.26 -14.15 -40.81
N THR C 493 30.49 -13.38 -40.08
CA THR C 493 31.09 -12.36 -39.24
C THR C 493 31.41 -12.96 -37.88
N VAL C 494 32.49 -12.48 -37.27
CA VAL C 494 32.92 -12.97 -35.96
C VAL C 494 32.94 -11.79 -35.01
N ARG C 495 32.27 -11.93 -33.88
CA ARG C 495 32.32 -10.89 -32.85
C ARG C 495 33.00 -11.47 -31.62
N VAL C 496 33.56 -10.60 -30.79
CA VAL C 496 34.40 -11.01 -29.67
C VAL C 496 33.71 -10.61 -28.38
N UNK C 497 33.66 -11.52 -27.42
CA UNK C 497 33.26 -11.17 -26.07
C UNK C 497 34.51 -11.02 -25.20
N UNK C 498 34.54 -9.93 -24.42
CA UNK C 498 35.40 -9.75 -23.24
C UNK C 498 36.90 -9.64 -23.49
N UNK C 499 37.36 -9.83 -24.72
CA UNK C 499 38.74 -9.61 -25.07
C UNK C 499 38.80 -8.52 -26.13
N UNK C 500 39.97 -7.92 -26.30
CA UNK C 500 40.05 -6.82 -27.24
C UNK C 500 40.09 -7.30 -28.68
N UNK C 501 41.20 -7.94 -29.06
CA UNK C 501 41.51 -8.30 -30.43
C UNK C 501 42.82 -9.06 -30.44
N UNK C 502 43.10 -9.71 -31.56
CA UNK C 502 44.37 -10.40 -31.75
C UNK C 502 44.58 -10.59 -33.24
N UNK C 503 45.82 -10.43 -33.70
CA UNK C 503 46.22 -10.73 -35.06
C UNK C 503 47.46 -11.61 -34.96
N UNK C 504 47.25 -12.92 -34.88
CA UNK C 504 48.36 -13.84 -34.78
C UNK C 504 49.09 -14.02 -36.11
N UNK C 505 48.45 -13.71 -37.23
CA UNK C 505 48.99 -14.00 -38.55
C UNK C 505 50.01 -12.98 -39.03
N UNK C 506 50.25 -11.90 -38.27
CA UNK C 506 51.28 -10.97 -38.68
C UNK C 506 52.67 -11.57 -38.50
N UNK C 507 52.81 -12.51 -37.56
CA UNK C 507 54.04 -13.29 -37.48
C UNK C 507 54.20 -14.19 -38.69
N UNK C 508 53.09 -14.58 -39.32
CA UNK C 508 53.13 -15.34 -40.56
C UNK C 508 53.24 -14.45 -41.78
N UNK C 509 52.99 -13.14 -41.63
CA UNK C 509 53.01 -12.23 -42.75
C UNK C 509 54.42 -12.08 -43.33
N UNK C 510 55.44 -12.31 -42.52
CA UNK C 510 56.80 -12.46 -42.99
C UNK C 510 57.35 -13.77 -42.45
N UNK C 511 58.12 -14.45 -43.30
CA UNK C 511 58.84 -15.62 -42.83
C UNK C 511 59.91 -15.25 -41.83
N UNK C 512 60.46 -14.04 -41.94
CA UNK C 512 61.35 -13.54 -40.91
C UNK C 512 60.58 -13.18 -39.64
N UNK C 513 59.32 -12.79 -39.78
CA UNK C 513 58.50 -12.60 -38.57
C UNK C 513 58.21 -13.93 -37.92
N UNK C 514 58.01 -14.98 -38.72
CA UNK C 514 57.96 -16.33 -38.19
C UNK C 514 59.28 -16.74 -37.58
N UNK C 515 60.40 -16.25 -38.12
CA UNK C 515 61.70 -16.57 -37.55
C UNK C 515 61.91 -15.89 -36.21
N UNK C 516 61.44 -14.64 -36.08
CA UNK C 516 61.52 -13.94 -34.81
C UNK C 516 60.57 -14.56 -33.79
N UNK C 517 59.45 -15.11 -34.25
CA UNK C 517 58.58 -15.87 -33.36
C UNK C 517 59.26 -17.16 -32.90
N UNK C 518 59.95 -17.83 -33.82
CA UNK C 518 60.66 -19.06 -33.47
C UNK C 518 61.90 -18.78 -32.62
N UNK C 519 62.36 -17.54 -32.59
CA UNK C 519 63.38 -17.16 -31.61
C UNK C 519 62.81 -17.25 -30.20
N UNK C 520 61.56 -16.85 -30.02
CA UNK C 520 60.89 -16.95 -28.74
C UNK C 520 60.17 -18.27 -28.55
N UNK C 521 60.58 -19.31 -29.28
CA UNK C 521 59.91 -20.61 -29.21
C UNK C 521 60.44 -21.49 -28.10
N UNK C 522 61.05 -20.91 -27.08
CA UNK C 522 61.37 -21.70 -25.90
C UNK C 522 60.09 -21.96 -25.11
N UNK C 523 59.50 -20.90 -24.56
CA UNK C 523 58.14 -20.96 -24.01
C UNK C 523 57.53 -19.55 -24.09
N UNK C 524 56.89 -19.25 -25.22
CA UNK C 524 56.13 -18.00 -25.36
C UNK C 524 55.06 -18.21 -26.44
N UNK C 525 53.86 -18.54 -26.01
CA UNK C 525 52.74 -18.54 -26.94
C UNK C 525 52.13 -17.16 -27.07
N UNK C 526 52.38 -16.30 -26.09
CA UNK C 526 51.94 -14.91 -26.21
C UNK C 526 52.73 -14.19 -27.28
N UNK C 527 53.98 -14.56 -27.49
CA UNK C 527 54.79 -13.96 -28.53
C UNK C 527 54.38 -14.42 -29.93
N UNK C 528 53.50 -15.42 -30.02
CA UNK C 528 53.06 -15.89 -31.32
C UNK C 528 52.15 -14.90 -32.03
N UNK C 529 51.63 -13.90 -31.34
CA UNK C 529 50.57 -13.09 -31.94
C UNK C 529 51.14 -12.06 -32.90
N UNK C 530 51.86 -11.06 -32.36
CA UNK C 530 52.09 -9.77 -33.01
C UNK C 530 50.78 -9.20 -33.54
N UNK C 531 49.88 -8.90 -32.60
CA UNK C 531 48.53 -8.45 -32.90
C UNK C 531 48.52 -7.03 -33.46
N UNK C 532 48.48 -6.92 -34.79
CA UNK C 532 48.45 -5.62 -35.44
C UNK C 532 47.14 -5.37 -36.17
N UNK C 533 46.05 -6.01 -35.74
CA UNK C 533 44.76 -5.81 -36.39
C UNK C 533 43.68 -5.76 -35.31
N UNK C 534 42.43 -5.90 -35.73
CA UNK C 534 41.27 -5.41 -35.02
C UNK C 534 40.37 -6.56 -34.57
N UNK C 535 39.16 -6.19 -34.12
CA UNK C 535 38.12 -7.14 -33.81
C UNK C 535 36.91 -6.92 -34.71
N UNK C 536 35.87 -7.73 -34.51
CA UNK C 536 34.61 -7.70 -35.27
C UNK C 536 34.87 -7.83 -36.77
N LYS C 537 35.55 -8.91 -37.13
CA LYS C 537 35.99 -9.10 -38.49
C LYS C 537 34.96 -9.83 -39.33
N ILE C 538 34.99 -9.56 -40.63
CA ILE C 538 34.10 -10.17 -41.60
C ILE C 538 34.91 -11.13 -42.46
N LEU C 539 34.40 -12.35 -42.58
CA LEU C 539 35.09 -13.43 -43.27
C LEU C 539 34.13 -13.96 -44.32
N TYR C 540 34.56 -13.93 -45.57
CA TYR C 540 33.65 -14.32 -46.64
C TYR C 540 34.42 -14.68 -47.89
N GLY C 541 34.13 -15.86 -48.42
CA GLY C 541 34.49 -16.22 -49.76
C GLY C 541 33.28 -16.82 -50.44
N HIS C 542 32.24 -17.09 -49.65
CA HIS C 542 31.04 -17.74 -50.15
C HIS C 542 30.29 -16.81 -51.08
N SER C 543 29.41 -17.40 -51.87
CA SER C 543 28.37 -16.62 -52.52
C SER C 543 27.01 -17.16 -52.14
N GLY C 544 26.89 -17.66 -50.92
CA GLY C 544 25.66 -18.24 -50.49
C GLY C 544 25.18 -17.70 -49.17
N PRO C 545 23.89 -17.69 -48.99
CA PRO C 545 23.35 -17.39 -47.68
C PRO C 545 23.68 -18.51 -46.72
N VAL C 546 24.64 -18.21 -45.86
CA VAL C 546 25.25 -19.17 -44.97
C VAL C 546 24.21 -19.72 -44.00
N TYR C 547 24.26 -21.02 -43.76
CA TYR C 547 23.21 -21.70 -43.02
C TYR C 547 23.69 -22.44 -41.79
N GLY C 548 24.98 -22.50 -41.53
CA GLY C 548 25.44 -23.12 -40.31
C GLY C 548 26.87 -22.78 -40.03
N ALA C 549 27.23 -22.79 -38.76
CA ALA C 549 28.60 -22.49 -38.36
C ALA C 549 28.85 -23.09 -37.00
N SER C 550 30.12 -23.24 -36.65
CA SER C 550 30.53 -23.44 -35.27
C SER C 550 32.03 -23.25 -35.15
N PHE C 551 32.47 -23.08 -33.91
CA PHE C 551 33.88 -23.15 -33.60
C PHE C 551 34.33 -24.59 -33.50
N SER C 552 35.59 -24.82 -33.81
CA SER C 552 36.30 -25.95 -33.27
C SER C 552 36.31 -25.84 -31.75
N PRO C 553 36.19 -26.95 -31.03
CA PRO C 553 36.18 -26.88 -29.56
C PRO C 553 37.53 -26.52 -28.96
N ASP C 554 38.60 -26.54 -29.75
CA ASP C 554 39.89 -26.06 -29.31
C ASP C 554 40.23 -24.72 -29.97
N ARG C 555 39.22 -24.06 -30.55
CA ARG C 555 39.28 -22.67 -31.02
C ARG C 555 40.32 -22.49 -32.11
N ASN C 556 40.26 -23.36 -33.10
CA ASN C 556 41.32 -23.34 -34.09
C ASN C 556 40.72 -23.24 -35.47
N TYR C 557 39.49 -23.73 -35.61
CA TYR C 557 38.94 -24.06 -36.91
C TYR C 557 37.50 -23.59 -36.93
N LEU C 558 37.25 -22.46 -37.57
CA LEU C 558 35.88 -22.09 -37.88
C LEU C 558 35.27 -23.05 -38.87
N LEU C 559 33.96 -23.20 -38.80
CA LEU C 559 33.28 -24.03 -39.76
C LEU C 559 32.11 -23.24 -40.28
N SER C 560 32.12 -23.02 -41.60
CA SER C 560 31.07 -22.33 -42.33
C SER C 560 30.36 -23.31 -43.24
N SER C 561 29.06 -23.11 -43.37
CA SER C 561 28.18 -24.10 -43.94
C SER C 561 27.18 -23.37 -44.81
N SER C 562 27.47 -23.27 -46.10
CA SER C 562 26.81 -22.33 -46.99
C SER C 562 25.46 -22.83 -47.44
N GLU C 563 24.85 -22.09 -48.37
CA GLU C 563 23.95 -22.70 -49.32
C GLU C 563 24.71 -23.29 -50.48
N ASP C 564 25.82 -22.66 -50.89
CA ASP C 564 26.52 -22.87 -52.15
C ASP C 564 26.86 -24.33 -52.48
N GLY C 565 26.77 -25.23 -51.51
CA GLY C 565 27.42 -26.49 -51.60
C GLY C 565 28.74 -26.52 -50.91
N THR C 566 29.45 -25.40 -50.92
CA THR C 566 30.76 -25.34 -50.29
C THR C 566 30.62 -25.42 -48.78
N VAL C 567 31.75 -25.67 -48.15
CA VAL C 567 31.84 -25.86 -46.71
C VAL C 567 33.29 -25.60 -46.39
N ARG C 568 33.54 -24.81 -45.35
CA ARG C 568 34.87 -24.22 -45.23
C ARG C 568 35.31 -24.20 -43.79
N LEU C 569 36.46 -24.81 -43.54
CA LEU C 569 37.18 -24.58 -42.30
C LEU C 569 37.99 -23.32 -42.48
N TRP C 570 37.64 -22.31 -41.72
CA TRP C 570 38.32 -21.03 -41.74
C TRP C 570 39.33 -20.97 -40.62
N SER C 571 40.29 -20.06 -40.79
CA SER C 571 41.43 -19.98 -39.89
C SER C 571 41.01 -19.42 -38.55
N LEU C 572 41.81 -19.70 -37.54
CA LEU C 572 41.73 -18.91 -36.33
C LEU C 572 42.92 -17.99 -36.13
N GLN C 573 43.86 -17.94 -37.06
CA GLN C 573 44.86 -16.90 -37.00
C GLN C 573 44.93 -16.05 -38.25
N THR C 574 44.83 -16.65 -39.43
CA THR C 574 44.80 -15.87 -40.64
C THR C 574 43.45 -15.22 -40.83
N PHE C 575 42.43 -15.84 -40.23
CA PHE C 575 41.03 -15.59 -40.52
C PHE C 575 40.79 -15.60 -42.02
N THR C 576 41.28 -16.67 -42.65
CA THR C 576 40.92 -16.96 -44.02
C THR C 576 40.43 -18.39 -44.10
N CYS C 577 39.88 -18.71 -45.26
CA CYS C 577 39.48 -20.07 -45.56
C CYS C 577 40.71 -20.95 -45.65
N LEU C 578 40.97 -21.74 -44.61
CA LEU C 578 42.00 -22.77 -44.72
C LEU C 578 41.65 -23.78 -45.78
N VAL C 579 40.57 -24.53 -45.58
CA VAL C 579 40.13 -25.43 -46.62
C VAL C 579 38.69 -25.14 -46.94
N GLY C 580 38.36 -25.31 -48.21
CA GLY C 580 37.04 -25.03 -48.70
C GLY C 580 36.71 -26.01 -49.80
N TYR C 581 35.61 -26.71 -49.65
CA TYR C 581 35.36 -27.80 -50.56
C TYR C 581 33.88 -28.08 -50.60
N LYS C 582 33.52 -29.25 -51.12
CA LYS C 582 32.19 -29.53 -51.60
C LYS C 582 31.82 -30.94 -51.18
N GLY C 583 30.89 -31.52 -51.92
CA GLY C 583 30.35 -32.82 -51.65
C GLY C 583 28.92 -32.80 -52.12
N HIS C 584 28.45 -31.61 -52.49
CA HIS C 584 27.11 -31.47 -52.99
C HIS C 584 27.12 -30.44 -54.10
N ASN C 585 26.09 -30.53 -54.93
CA ASN C 585 25.59 -29.40 -55.71
C ASN C 585 24.32 -28.86 -55.08
N TYR C 586 24.28 -28.81 -53.75
CA TYR C 586 23.02 -28.72 -53.04
C TYR C 586 23.19 -27.85 -51.81
N PRO C 587 22.08 -27.33 -51.27
CA PRO C 587 22.15 -26.56 -50.04
C PRO C 587 22.58 -27.40 -48.86
N VAL C 588 23.59 -26.93 -48.16
CA VAL C 588 24.20 -27.74 -47.12
C VAL C 588 23.77 -27.17 -45.77
N TRP C 589 22.68 -27.69 -45.24
CA TRP C 589 22.01 -27.10 -44.10
C TRP C 589 22.77 -27.08 -42.80
N ASP C 590 23.12 -28.22 -42.27
CA ASP C 590 23.71 -28.24 -40.95
C ASP C 590 25.13 -28.77 -41.02
N THR C 591 25.98 -28.19 -40.19
CA THR C 591 27.25 -28.79 -39.87
C THR C 591 27.50 -28.68 -38.39
N GLN C 592 28.37 -29.56 -37.90
CA GLN C 592 28.60 -29.63 -36.47
C GLN C 592 29.94 -30.32 -36.26
N PHE C 593 30.86 -29.67 -35.56
CA PHE C 593 32.06 -30.35 -35.12
C PHE C 593 31.76 -31.48 -34.17
N SER C 594 32.70 -32.40 -34.09
CA SER C 594 32.76 -33.32 -32.98
C SER C 594 32.99 -32.54 -31.68
N PRO C 595 32.68 -33.13 -30.53
CA PRO C 595 33.11 -32.50 -29.28
C PRO C 595 34.59 -32.46 -29.12
N TYR C 596 35.32 -33.32 -29.84
CA TYR C 596 36.77 -33.26 -29.87
C TYR C 596 37.26 -32.57 -31.11
N GLY C 597 36.73 -32.93 -32.27
CA GLY C 597 36.82 -32.09 -33.44
C GLY C 597 37.71 -32.59 -34.53
N TYR C 598 38.21 -33.82 -34.46
CA TYR C 598 38.97 -34.33 -35.59
C TYR C 598 38.06 -34.58 -36.78
N TYR C 599 36.84 -34.99 -36.52
CA TYR C 599 35.85 -35.15 -37.55
C TYR C 599 34.82 -34.06 -37.38
N PHE C 600 33.94 -33.94 -38.38
CA PHE C 600 32.70 -33.23 -38.16
C PHE C 600 31.66 -33.80 -39.10
N VAL C 601 30.43 -33.38 -38.89
CA VAL C 601 29.34 -33.85 -39.74
C VAL C 601 28.80 -32.69 -40.53
N SER C 602 28.15 -33.05 -41.63
CA SER C 602 27.50 -32.10 -42.50
C SER C 602 26.30 -32.80 -43.10
N GLY C 603 25.12 -32.31 -42.82
CA GLY C 603 23.90 -32.82 -43.41
C GLY C 603 23.32 -31.76 -44.31
N GLY C 604 22.75 -32.18 -45.43
CA GLY C 604 22.36 -31.19 -46.40
C GLY C 604 20.99 -31.32 -47.00
N HIS C 605 20.93 -31.11 -48.31
CA HIS C 605 19.70 -31.13 -49.09
C HIS C 605 19.41 -32.46 -49.72
N ASP C 606 20.45 -33.20 -50.07
CA ASP C 606 20.30 -34.39 -50.87
C ASP C 606 20.13 -35.62 -50.04
N ARG C 607 19.47 -35.49 -48.90
CA ARG C 607 18.99 -36.57 -48.04
C ARG C 607 20.11 -37.53 -47.63
N VAL C 608 21.32 -36.98 -47.48
CA VAL C 608 22.45 -37.73 -46.97
C VAL C 608 22.93 -37.06 -45.70
N ALA C 609 23.96 -37.62 -45.09
CA ALA C 609 24.65 -36.98 -44.00
C ALA C 609 26.05 -37.53 -43.99
N ARG C 610 27.05 -36.67 -43.88
CA ARG C 610 28.40 -37.02 -44.27
C ARG C 610 29.37 -36.65 -43.16
N LEU C 611 30.24 -37.57 -42.80
CA LEU C 611 31.38 -37.25 -41.96
C LEU C 611 32.47 -36.61 -42.79
N TRP C 612 33.37 -35.93 -42.10
CA TRP C 612 34.56 -35.37 -42.73
C TRP C 612 35.67 -35.39 -41.71
N ALA C 613 36.89 -35.55 -42.17
CA ALA C 613 38.04 -35.47 -41.30
C ALA C 613 38.45 -34.02 -41.14
N THR C 614 39.60 -33.81 -40.53
CA THR C 614 40.30 -32.56 -40.78
C THR C 614 40.80 -32.52 -42.22
N ASP C 615 41.44 -33.59 -42.67
CA ASP C 615 42.30 -33.51 -43.84
C ASP C 615 41.73 -34.15 -45.09
N HIS C 616 40.85 -35.14 -44.95
CA HIS C 616 40.74 -36.20 -45.93
C HIS C 616 40.10 -35.78 -47.25
N TYR C 617 39.36 -34.67 -47.23
CA TYR C 617 38.66 -34.06 -48.38
C TYR C 617 37.82 -35.06 -49.17
N GLN C 618 37.32 -36.08 -48.50
CA GLN C 618 36.52 -37.04 -49.16
C GLN C 618 35.51 -37.40 -48.08
N PRO C 619 34.27 -37.64 -48.44
CA PRO C 619 33.30 -38.08 -47.44
C PRO C 619 33.65 -39.41 -46.81
N LEU C 620 33.96 -39.38 -45.52
CA LEU C 620 34.40 -40.59 -44.85
C LEU C 620 33.25 -41.54 -44.61
N ARG C 621 32.02 -41.06 -44.66
CA ARG C 621 30.86 -41.88 -44.38
C ARG C 621 29.65 -41.16 -44.93
N ILE C 622 28.62 -41.92 -45.29
CA ILE C 622 27.37 -41.36 -45.77
C ILE C 622 26.25 -41.95 -44.94
N PHE C 623 25.19 -41.17 -44.72
CA PHE C 623 24.07 -41.65 -43.92
C PHE C 623 22.76 -41.44 -44.65
N ALA C 624 22.69 -41.84 -45.91
CA ALA C 624 21.53 -41.55 -46.75
C ALA C 624 20.37 -42.47 -46.37
N GLY C 625 19.65 -42.07 -45.33
CA GLY C 625 18.56 -42.88 -44.80
C GLY C 625 17.20 -42.22 -44.80
N HIS C 626 17.18 -40.89 -44.74
CA HIS C 626 15.95 -40.13 -44.90
C HIS C 626 15.59 -40.07 -46.37
N LEU C 627 14.63 -39.21 -46.70
CA LEU C 627 14.26 -39.07 -48.11
C LEU C 627 13.97 -37.62 -48.51
N ALA C 628 14.48 -36.65 -47.75
CA ALA C 628 14.28 -35.23 -48.02
C ALA C 628 15.37 -34.46 -47.30
N ASP C 629 15.17 -33.15 -47.17
CA ASP C 629 16.20 -32.25 -46.68
C ASP C 629 16.53 -32.53 -45.22
N VAL C 630 17.80 -32.82 -44.97
CA VAL C 630 18.28 -32.92 -43.61
C VAL C 630 18.25 -31.54 -42.97
N ASN C 631 17.67 -31.44 -41.78
CA ASN C 631 17.65 -30.16 -41.10
C ASN C 631 18.80 -30.02 -40.12
N CYS C 632 18.83 -30.84 -39.11
CA CYS C 632 19.86 -30.75 -38.10
C CYS C 632 20.64 -32.04 -38.08
N THR C 633 21.89 -31.95 -37.62
CA THR C 633 22.71 -33.14 -37.41
C THR C 633 23.79 -32.83 -36.40
N ARG C 634 23.79 -33.56 -35.29
CA ARG C 634 24.72 -33.23 -34.22
C ARG C 634 25.30 -34.49 -33.60
N PHE C 635 26.53 -34.37 -33.13
CA PHE C 635 27.29 -35.46 -32.56
C PHE C 635 26.72 -35.94 -31.24
N HIS C 636 27.16 -37.12 -30.85
CA HIS C 636 27.01 -37.41 -29.43
C HIS C 636 28.16 -36.78 -28.69
N PRO C 637 28.02 -36.59 -27.38
CA PRO C 637 29.20 -36.38 -26.51
C PRO C 637 30.40 -37.24 -26.81
N ASN C 638 30.28 -38.55 -26.92
CA ASN C 638 31.38 -39.29 -27.51
C ASN C 638 31.23 -39.20 -29.02
N SER C 639 32.34 -39.13 -29.71
CA SER C 639 32.26 -38.72 -31.10
C SER C 639 31.77 -39.83 -32.05
N ASN C 640 31.34 -40.98 -31.54
CA ASN C 640 30.99 -42.06 -32.45
C ASN C 640 29.61 -41.87 -33.03
N TYR C 641 28.68 -41.37 -32.25
CA TYR C 641 27.28 -41.43 -32.63
C TYR C 641 26.78 -40.05 -32.99
N VAL C 642 25.96 -39.99 -34.03
CA VAL C 642 25.37 -38.72 -34.39
C VAL C 642 23.88 -38.92 -34.55
N ALA C 643 23.17 -37.81 -34.48
CA ALA C 643 21.75 -37.78 -34.76
C ALA C 643 21.55 -36.95 -36.00
N THR C 644 20.50 -37.26 -36.73
CA THR C 644 20.15 -36.48 -37.89
C THR C 644 18.64 -36.39 -38.03
N GLY C 645 18.13 -35.17 -37.99
CA GLY C 645 16.71 -34.90 -38.08
C GLY C 645 16.46 -34.06 -39.32
N SER C 646 15.30 -34.25 -39.92
CA SER C 646 15.19 -33.86 -41.31
C SER C 646 13.82 -33.31 -41.60
N ALA C 647 13.53 -33.21 -42.89
CA ALA C 647 12.27 -32.67 -43.38
C ALA C 647 11.17 -33.71 -43.35
N ASP C 648 11.52 -34.98 -43.51
CA ASP C 648 10.55 -36.06 -43.48
C ASP C 648 10.24 -36.51 -42.05
N ARG C 649 10.40 -35.60 -41.09
CA ARG C 649 9.83 -35.60 -39.77
C ARG C 649 10.47 -36.60 -38.84
N THR C 650 11.36 -37.45 -39.32
CA THR C 650 11.91 -38.50 -38.51
C THR C 650 13.36 -38.24 -38.17
N VAL C 651 13.76 -38.77 -37.05
CA VAL C 651 15.14 -38.74 -36.59
C VAL C 651 15.76 -40.06 -36.97
N ARG C 652 17.04 -40.04 -37.31
CA ARG C 652 17.78 -41.27 -37.46
C ARG C 652 19.11 -41.11 -36.73
N LEU C 653 19.43 -42.07 -35.90
CA LEU C 653 20.73 -42.13 -35.26
C LEU C 653 21.72 -42.87 -36.13
N TRP C 654 23.00 -42.60 -35.91
CA TRP C 654 23.99 -43.18 -36.80
C TRP C 654 25.27 -43.49 -36.04
N ASP C 655 26.00 -44.44 -36.60
CA ASP C 655 27.19 -45.07 -36.06
C ASP C 655 28.44 -44.28 -36.48
N VAL C 656 29.60 -44.89 -36.27
CA VAL C 656 30.83 -44.41 -36.85
C VAL C 656 31.57 -45.51 -37.62
N LEU C 657 31.26 -46.77 -37.35
CA LEU C 657 32.13 -47.83 -37.84
C LEU C 657 31.56 -48.48 -39.09
N ASN C 658 30.25 -48.70 -39.15
CA ASN C 658 29.61 -49.12 -40.38
C ASN C 658 28.68 -48.06 -40.94
N GLY C 659 28.05 -47.27 -40.07
CA GLY C 659 27.24 -46.15 -40.50
C GLY C 659 25.79 -46.47 -40.79
N ASN C 660 25.35 -47.69 -40.53
CA ASN C 660 23.95 -47.99 -40.75
C ASN C 660 23.09 -47.32 -39.69
N CYS C 661 21.82 -47.15 -40.02
CA CYS C 661 20.90 -46.41 -39.17
C CYS C 661 20.62 -47.22 -37.91
N VAL C 662 21.22 -46.80 -36.81
CA VAL C 662 21.18 -47.65 -35.63
C VAL C 662 19.83 -47.55 -34.93
N ARG C 663 19.29 -46.34 -34.75
CA ARG C 663 17.96 -46.22 -34.17
C ARG C 663 17.18 -45.13 -34.88
N ILE C 664 15.86 -45.25 -34.80
CA ILE C 664 14.92 -44.32 -35.42
C ILE C 664 13.95 -43.86 -34.33
N PHE C 665 13.74 -42.55 -34.26
CA PHE C 665 12.76 -41.98 -33.34
C PHE C 665 11.60 -41.44 -34.13
N THR C 666 10.39 -41.77 -33.68
CA THR C 666 9.21 -41.73 -34.52
C THR C 666 8.80 -40.32 -34.87
N GLY C 667 8.41 -40.12 -36.14
CA GLY C 667 8.13 -38.85 -36.74
C GLY C 667 7.13 -37.96 -36.02
N HIS C 668 7.62 -36.87 -35.48
CA HIS C 668 6.78 -35.95 -34.72
C HIS C 668 6.27 -34.81 -35.60
N LYS C 669 5.35 -35.20 -36.49
CA LYS C 669 4.18 -34.42 -36.86
C LYS C 669 4.52 -33.01 -37.31
N GLY C 670 5.59 -32.86 -38.07
CA GLY C 670 6.07 -31.58 -38.50
C GLY C 670 7.57 -31.70 -38.72
N PRO C 671 8.13 -30.86 -39.58
CA PRO C 671 9.57 -30.98 -39.86
C PRO C 671 10.40 -30.53 -38.68
N ILE C 672 11.45 -31.28 -38.41
CA ILE C 672 12.30 -31.00 -37.27
C ILE C 672 13.11 -29.75 -37.54
N HIS C 673 13.24 -28.90 -36.54
CA HIS C 673 14.17 -27.80 -36.64
C HIS C 673 15.25 -27.85 -35.60
N SER C 674 15.17 -28.76 -34.63
CA SER C 674 16.05 -28.69 -33.49
C SER C 674 16.16 -30.04 -32.80
N LEU C 675 17.32 -30.27 -32.19
CA LEU C 675 17.64 -31.51 -31.50
C LEU C 675 18.82 -31.23 -30.59
N THR C 676 18.83 -31.87 -29.43
CA THR C 676 20.01 -31.84 -28.57
C THR C 676 20.22 -33.18 -27.92
N PHE C 677 21.41 -33.33 -27.34
CA PHE C 677 21.76 -34.41 -26.44
C PHE C 677 22.05 -33.83 -25.06
N SER C 678 22.48 -34.67 -24.19
CA SER C 678 22.66 -34.29 -22.81
C SER C 678 24.14 -34.24 -22.46
N PRO C 679 24.52 -33.50 -21.40
CA PRO C 679 25.94 -33.50 -21.01
C PRO C 679 26.43 -34.83 -20.49
N ASN C 680 25.56 -35.60 -19.84
CA ASN C 680 25.93 -36.98 -19.54
C ASN C 680 25.84 -37.87 -20.77
N GLY C 681 25.21 -37.38 -21.83
CA GLY C 681 25.15 -38.12 -23.07
C GLY C 681 24.14 -39.23 -22.96
N ARG C 682 22.95 -38.91 -22.49
CA ARG C 682 22.00 -39.98 -22.26
C ARG C 682 20.66 -39.66 -22.87
N PHE C 683 20.29 -38.40 -22.91
CA PHE C 683 18.91 -38.00 -23.17
C PHE C 683 18.83 -37.11 -24.40
N LEU C 684 17.61 -36.88 -24.87
CA LEU C 684 17.38 -36.05 -26.03
C LEU C 684 16.22 -35.10 -25.82
N ALA C 685 16.37 -33.88 -26.35
CA ALA C 685 15.24 -33.04 -26.66
C ALA C 685 15.20 -32.92 -28.18
N THR C 686 14.02 -33.12 -28.75
CA THR C 686 13.79 -32.87 -30.17
C THR C 686 12.60 -31.95 -30.27
N GLY C 687 12.83 -30.72 -30.69
CA GLY C 687 11.77 -29.74 -30.82
C GLY C 687 11.31 -29.70 -32.26
N ALA C 688 9.99 -29.60 -32.43
CA ALA C 688 9.41 -29.65 -33.75
C ALA C 688 8.40 -28.53 -33.92
N THR C 689 7.99 -28.37 -35.18
CA THR C 689 7.12 -27.31 -35.70
C THR C 689 5.73 -27.32 -35.07
N ASP C 690 5.39 -28.32 -34.27
CA ASP C 690 4.23 -28.33 -33.40
C ASP C 690 4.38 -27.40 -32.20
N GLY C 691 5.49 -26.68 -32.09
CA GLY C 691 5.86 -26.03 -30.86
C GLY C 691 6.17 -27.02 -29.79
N ARG C 692 6.67 -28.19 -30.15
CA ARG C 692 6.57 -29.28 -29.20
C ARG C 692 7.88 -30.01 -29.08
N VAL C 693 8.30 -30.21 -27.84
CA VAL C 693 9.55 -30.85 -27.50
C VAL C 693 9.24 -32.27 -27.11
N LEU C 694 10.05 -33.20 -27.58
CA LEU C 694 10.02 -34.57 -27.11
C LEU C 694 11.32 -34.85 -26.38
N LEU C 695 11.21 -35.18 -25.11
CA LEU C 695 12.29 -35.84 -24.41
C LEU C 695 12.34 -37.29 -24.86
N TRP C 696 13.44 -37.67 -25.50
CA TRP C 696 13.73 -39.03 -25.91
C TRP C 696 14.82 -39.64 -25.06
N ASP C 697 14.86 -40.96 -25.02
CA ASP C 697 16.02 -41.69 -24.51
C ASP C 697 16.56 -42.56 -25.63
N ILE C 698 17.83 -42.95 -25.49
CA ILE C 698 18.48 -43.64 -26.60
C ILE C 698 18.25 -45.14 -26.53
N GLY C 699 18.76 -45.81 -25.48
CA GLY C 699 18.82 -47.27 -25.49
C GLY C 699 17.47 -47.92 -25.36
N HIS C 700 16.53 -47.21 -24.77
CA HIS C 700 15.16 -47.69 -24.70
C HIS C 700 14.34 -47.16 -25.87
N GLY C 701 14.82 -46.09 -26.51
CA GLY C 701 14.22 -45.52 -27.69
C GLY C 701 12.83 -44.99 -27.44
N LEU C 702 12.67 -44.17 -26.42
CA LEU C 702 11.35 -43.84 -25.92
C LEU C 702 11.08 -42.35 -26.00
N MET C 703 9.92 -41.99 -26.57
CA MET C 703 9.39 -40.64 -26.50
C MET C 703 8.88 -40.38 -25.08
N VAL C 704 9.81 -39.97 -24.21
CA VAL C 704 9.50 -39.91 -22.79
C VAL C 704 8.61 -38.71 -22.49
N GLY C 705 9.08 -37.52 -22.79
CA GLY C 705 8.47 -36.29 -22.29
C GLY C 705 7.91 -35.42 -23.39
N GLU C 706 6.86 -34.69 -23.06
CA GLU C 706 6.22 -33.77 -24.00
C GLU C 706 6.18 -32.37 -23.42
N LEU C 707 6.57 -31.39 -24.23
CA LEU C 707 6.54 -29.99 -23.83
C LEU C 707 5.90 -29.20 -24.95
N LYS C 708 5.04 -28.23 -24.61
CA LYS C 708 4.42 -27.47 -25.68
C LYS C 708 4.06 -26.07 -25.21
N GLY C 709 3.68 -25.25 -26.17
CA GLY C 709 3.26 -23.87 -25.93
C GLY C 709 4.16 -22.83 -26.55
N HIS C 710 5.30 -23.20 -27.12
CA HIS C 710 6.22 -22.27 -27.76
C HIS C 710 5.67 -21.63 -29.02
N THR C 711 4.55 -22.13 -29.53
CA THR C 711 3.88 -21.66 -30.75
C THR C 711 4.82 -21.77 -31.96
N ASP C 712 5.13 -23.03 -32.24
CA ASP C 712 5.35 -23.64 -33.54
C ASP C 712 6.70 -23.55 -34.23
N THR C 713 7.75 -22.94 -33.66
CA THR C 713 9.03 -23.18 -34.33
C THR C 713 10.11 -23.26 -33.26
N VAL C 714 10.37 -24.46 -32.78
CA VAL C 714 11.37 -24.63 -31.73
C VAL C 714 12.74 -24.53 -32.39
N CYS C 715 13.39 -23.39 -32.23
CA CYS C 715 14.67 -23.19 -32.88
C CYS C 715 15.85 -23.48 -31.97
N SER C 716 15.75 -23.24 -30.68
CA SER C 716 16.93 -23.30 -29.83
C SER C 716 16.66 -24.16 -28.62
N LEU C 717 17.25 -25.35 -28.60
CA LEU C 717 17.20 -26.24 -27.46
C LEU C 717 18.57 -26.31 -26.83
N ARG C 718 18.60 -26.48 -25.50
CA ARG C 718 19.86 -26.75 -24.84
C ARG C 718 19.60 -27.40 -23.49
N PHE C 719 19.99 -28.65 -23.34
CA PHE C 719 20.21 -29.16 -22.00
C PHE C 719 21.38 -28.41 -21.44
N SER C 720 21.16 -27.71 -20.34
CA SER C 720 22.16 -26.80 -19.78
C SER C 720 23.24 -27.56 -19.04
N ARG C 721 23.91 -26.86 -18.11
CA ARG C 721 24.71 -27.48 -17.07
C ARG C 721 23.99 -28.70 -16.48
N ASP C 722 24.77 -29.74 -16.24
CA ASP C 722 24.47 -31.16 -16.37
C ASP C 722 23.05 -31.61 -16.02
N GLY C 723 22.45 -31.02 -14.99
CA GLY C 723 21.13 -31.43 -14.58
C GLY C 723 20.04 -31.09 -15.59
N GLU C 724 18.89 -31.74 -15.44
CA GLU C 724 17.76 -31.56 -16.35
C GLU C 724 17.14 -30.19 -16.11
N ILE C 725 17.81 -29.18 -16.63
CA ILE C 725 17.33 -27.81 -16.63
C ILE C 725 17.42 -27.37 -18.08
N LEU C 726 16.31 -27.46 -18.79
CA LEU C 726 16.31 -27.04 -20.18
C LEU C 726 16.32 -25.54 -20.31
N ALA C 727 17.04 -25.08 -21.33
CA ALA C 727 16.78 -23.81 -21.98
C ALA C 727 16.12 -24.11 -23.32
N SER C 728 15.15 -23.29 -23.68
CA SER C 728 14.46 -23.49 -24.93
C SER C 728 13.94 -22.18 -25.44
N GLY C 729 13.88 -22.05 -26.76
CA GLY C 729 13.38 -20.83 -27.35
C GLY C 729 12.87 -20.97 -28.76
N SER C 730 11.88 -20.13 -29.09
CA SER C 730 11.14 -20.24 -30.33
C SER C 730 10.92 -18.88 -30.96
N MET C 731 10.64 -18.96 -32.28
CA MET C 731 10.43 -17.92 -33.29
C MET C 731 9.67 -16.71 -32.81
N ASP C 732 8.67 -16.91 -31.96
CA ASP C 732 7.81 -15.83 -31.49
C ASP C 732 8.41 -15.13 -30.28
N ASN C 733 9.74 -15.14 -30.21
CA ASN C 733 10.54 -14.38 -29.26
C ASN C 733 10.30 -14.89 -27.85
N THR C 734 10.19 -16.21 -27.71
CA THR C 734 9.85 -16.80 -26.43
C THR C 734 10.98 -17.68 -25.96
N VAL C 735 11.32 -17.57 -24.69
CA VAL C 735 12.27 -18.45 -24.05
C VAL C 735 11.61 -19.07 -22.85
N ARG C 736 11.57 -20.39 -22.80
CA ARG C 736 11.14 -21.09 -21.62
C ARG C 736 12.35 -21.80 -21.03
N LEU C 737 12.52 -21.66 -19.74
CA LEU C 737 13.25 -22.69 -19.06
C LEU C 737 12.33 -23.90 -18.88
N TRP C 738 12.93 -25.02 -18.53
CA TRP C 738 12.14 -26.18 -18.12
C TRP C 738 12.85 -26.82 -16.94
N ASP C 739 12.29 -26.64 -15.76
CA ASP C 739 12.71 -27.37 -14.57
C ASP C 739 11.83 -28.61 -14.54
N ALA C 740 12.36 -29.71 -15.05
CA ALA C 740 11.62 -30.96 -15.09
C ALA C 740 12.63 -32.10 -14.90
N ILE C 741 12.72 -32.60 -13.68
CA ILE C 741 13.53 -33.77 -13.46
C ILE C 741 12.69 -34.99 -13.80
N LYS C 742 12.87 -35.52 -15.01
CA LYS C 742 12.14 -36.70 -15.47
C LYS C 742 13.12 -37.84 -15.61
N ALA C 743 12.86 -38.94 -14.90
CA ALA C 743 13.76 -40.08 -14.89
C ALA C 743 13.00 -41.32 -14.47
N PHE C 744 13.08 -42.39 -15.27
CA PHE C 744 12.45 -43.66 -14.95
C PHE C 744 13.09 -44.76 -15.79
N GLU C 745 12.58 -45.98 -15.64
CA GLU C 745 12.95 -47.11 -16.48
C GLU C 745 11.83 -48.15 -16.41
N ASP C 746 11.10 -48.33 -17.50
CA ASP C 746 9.90 -49.18 -17.51
C ASP C 746 9.60 -49.60 -18.95
N LEU C 747 8.37 -50.09 -19.19
CA LEU C 747 7.94 -50.52 -20.51
C LEU C 747 7.19 -49.45 -21.29
N GLU C 748 6.33 -48.65 -20.66
CA GLU C 748 5.66 -47.51 -21.29
C GLU C 748 5.53 -46.39 -20.27
N THR C 749 5.23 -45.18 -20.75
CA THR C 749 5.26 -44.02 -19.86
C THR C 749 4.38 -42.91 -20.41
N ASP C 750 4.05 -41.97 -19.52
CA ASP C 750 3.32 -40.76 -19.85
C ASP C 750 3.65 -39.72 -18.77
N ASP C 751 3.37 -38.45 -19.08
CA ASP C 751 3.73 -37.38 -18.16
C ASP C 751 2.69 -36.27 -18.26
N PHE C 752 3.04 -35.08 -17.75
CA PHE C 752 2.11 -33.97 -17.71
C PHE C 752 2.87 -32.65 -17.71
N THR C 753 2.11 -31.58 -17.83
CA THR C 753 2.63 -30.23 -18.10
C THR C 753 3.00 -29.54 -16.79
N THR C 754 3.13 -28.22 -16.85
CA THR C 754 3.38 -27.32 -15.72
C THR C 754 4.72 -27.63 -15.03
N ALA C 755 5.79 -27.36 -15.76
CA ALA C 755 7.14 -27.43 -15.21
C ALA C 755 7.71 -26.04 -14.86
N THR C 756 7.82 -25.13 -15.82
CA THR C 756 8.41 -23.82 -15.55
C THR C 756 7.70 -22.80 -16.42
N GLY C 757 7.96 -21.51 -16.15
CA GLY C 757 7.40 -20.46 -16.96
C GLY C 757 8.45 -19.72 -17.77
N HIS C 758 7.98 -18.89 -18.70
CA HIS C 758 8.79 -18.39 -19.80
C HIS C 758 9.38 -17.04 -19.45
N ILE C 759 10.21 -16.53 -20.35
CA ILE C 759 10.56 -15.12 -20.42
C ILE C 759 10.49 -14.73 -21.90
N ASN C 760 10.00 -13.52 -22.21
CA ASN C 760 9.82 -13.08 -23.60
C ASN C 760 10.85 -12.06 -24.05
N LEU C 761 10.62 -11.48 -25.22
CA LEU C 761 11.46 -10.54 -25.95
C LEU C 761 10.60 -9.61 -26.81
N PRO C 762 11.18 -8.52 -27.38
CA PRO C 762 10.54 -7.85 -28.51
C PRO C 762 10.84 -8.60 -29.80
N GLU C 763 10.63 -8.00 -30.98
CA GLU C 763 11.00 -8.68 -32.21
C GLU C 763 12.50 -8.89 -32.29
N ASN C 764 12.93 -10.06 -31.79
CA ASN C 764 14.21 -10.68 -32.16
C ASN C 764 14.10 -12.17 -31.86
N SER C 765 13.81 -12.95 -32.88
CA SER C 765 13.75 -14.39 -32.73
C SER C 765 15.15 -14.95 -32.51
N GLN C 766 15.22 -16.23 -32.16
CA GLN C 766 16.43 -16.78 -31.57
C GLN C 766 17.07 -17.86 -32.42
N GLU C 767 18.24 -17.53 -32.95
CA GLU C 767 18.95 -18.46 -33.84
C GLU C 767 19.52 -19.60 -33.03
N LEU C 768 20.48 -19.31 -32.16
CA LEU C 768 21.00 -20.33 -31.27
C LEU C 768 21.21 -19.80 -29.88
N LEU C 769 21.94 -20.59 -29.12
CA LEU C 769 21.80 -20.64 -27.68
C LEU C 769 22.95 -21.44 -27.13
N LEU C 770 23.34 -21.15 -25.90
CA LEU C 770 24.41 -21.85 -25.22
C LEU C 770 24.14 -21.87 -23.73
N GLY C 771 23.83 -23.04 -23.20
CA GLY C 771 23.93 -23.20 -21.76
C GLY C 771 25.39 -23.04 -21.46
N THR C 772 25.74 -22.12 -20.55
CA THR C 772 27.12 -21.69 -20.39
C THR C 772 28.03 -22.80 -19.93
N TYR C 773 28.92 -23.21 -20.83
CA TYR C 773 30.11 -23.94 -20.44
C TYR C 773 30.88 -23.14 -19.42
N MET C 774 31.15 -23.77 -18.26
CA MET C 774 31.86 -23.37 -17.05
C MET C 774 31.02 -22.55 -16.05
N THR C 775 29.77 -22.19 -16.33
CA THR C 775 29.04 -21.41 -15.34
C THR C 775 27.53 -21.71 -15.46
N LYS C 776 26.79 -21.56 -14.37
CA LYS C 776 25.34 -21.49 -14.46
C LYS C 776 24.88 -20.17 -15.09
N SER C 777 24.88 -20.08 -16.42
CA SER C 777 24.41 -18.87 -17.10
C SER C 777 23.86 -19.27 -18.45
N THR C 778 23.29 -18.31 -19.18
CA THR C 778 22.60 -18.61 -20.43
C THR C 778 22.64 -17.42 -21.37
N PRO C 779 23.50 -17.44 -22.37
CA PRO C 779 23.42 -16.43 -23.43
C PRO C 779 22.68 -16.91 -24.66
N VAL C 780 21.97 -15.99 -25.33
CA VAL C 780 21.22 -16.32 -26.53
C VAL C 780 21.56 -15.25 -27.57
N VAL C 781 21.19 -15.52 -28.81
CA VAL C 781 21.47 -14.64 -29.94
C VAL C 781 20.15 -14.18 -30.53
N HIS C 782 20.09 -12.90 -30.85
CA HIS C 782 18.84 -12.19 -31.02
C HIS C 782 18.95 -11.40 -32.30
N LEU C 783 18.18 -11.77 -33.32
CA LEU C 783 18.30 -11.10 -34.62
C LEU C 783 16.95 -10.85 -35.28
N HIS C 784 16.39 -9.68 -35.00
CA HIS C 784 15.48 -9.00 -35.91
C HIS C 784 15.77 -7.53 -35.93
N PHE C 785 16.51 -7.03 -34.95
CA PHE C 785 16.85 -5.63 -34.81
C PHE C 785 18.35 -5.39 -35.00
N THR C 786 19.19 -6.08 -34.26
CA THR C 786 20.60 -5.78 -34.09
C THR C 786 21.22 -7.01 -33.43
N ARG C 787 22.51 -7.22 -33.66
CA ARG C 787 23.23 -8.46 -33.36
C ARG C 787 23.53 -8.61 -31.87
N ARG C 788 22.49 -8.56 -31.05
CA ARG C 788 22.64 -8.38 -29.62
C ARG C 788 22.47 -9.70 -28.88
N ASN C 789 23.59 -10.32 -28.55
CA ASN C 789 23.70 -11.41 -27.60
C ASN C 789 23.10 -11.02 -26.26
N LEU C 790 22.01 -11.63 -25.81
CA LEU C 790 21.45 -11.23 -24.53
C LEU C 790 21.58 -12.36 -23.53
N VAL C 791 21.94 -12.01 -22.31
CA VAL C 791 22.43 -12.95 -21.33
C VAL C 791 21.45 -12.98 -20.16
N LEU C 792 21.19 -14.17 -19.62
CA LEU C 792 20.20 -14.33 -18.58
C LEU C 792 20.53 -15.55 -17.73
N ALA C 793 19.88 -15.62 -16.58
CA ALA C 793 20.23 -16.59 -15.54
C ALA C 793 19.01 -17.42 -15.14
N ALA C 794 19.17 -18.16 -14.05
CA ALA C 794 18.24 -19.20 -13.64
C ALA C 794 18.45 -19.44 -12.14
N GLY C 795 18.02 -20.60 -11.65
CA GLY C 795 18.40 -20.99 -10.31
C GLY C 795 17.31 -21.49 -9.36
N ALA C 796 16.18 -21.93 -9.91
CA ALA C 796 15.08 -22.44 -9.10
C ALA C 796 15.33 -23.82 -8.51
N SER D 217 -12.16 4.46 26.26
CA SER D 217 -12.61 4.96 27.55
C SER D 217 -14.12 4.99 27.64
N VAL D 218 -14.67 6.08 28.16
CA VAL D 218 -16.09 6.20 28.44
C VAL D 218 -16.74 7.23 27.54
N GLU D 219 -16.15 8.42 27.48
CA GLU D 219 -16.73 9.54 26.75
C GLU D 219 -16.83 9.28 25.26
N GLN D 220 -15.99 8.38 24.74
CA GLN D 220 -16.15 7.90 23.38
C GLN D 220 -17.58 7.41 23.15
N GLN D 221 -18.00 6.41 23.91
CA GLN D 221 -19.31 5.87 23.66
C GLN D 221 -20.40 6.73 24.25
N LEU D 222 -20.08 7.64 25.17
CA LEU D 222 -21.07 8.61 25.61
C LEU D 222 -21.48 9.53 24.48
N TYR D 223 -20.47 10.15 23.86
CA TYR D 223 -20.69 11.02 22.73
C TYR D 223 -21.39 10.28 21.63
N TYR D 224 -20.95 9.05 21.41
CA TYR D 224 -21.54 8.19 20.40
C TYR D 224 -22.99 7.90 20.71
N LYS D 225 -23.30 7.65 21.99
CA LYS D 225 -24.66 7.34 22.41
C LYS D 225 -25.59 8.48 22.15
N GLU D 226 -25.26 9.66 22.65
CA GLU D 226 -26.24 10.72 22.51
C GLU D 226 -26.28 11.26 21.10
N ILE D 227 -25.19 11.16 20.33
CA ILE D 227 -25.33 11.72 19.00
C ILE D 227 -26.03 10.75 18.07
N THR D 228 -25.93 9.45 18.32
CA THR D 228 -26.75 8.53 17.57
C THR D 228 -28.21 8.63 17.98
N GLU D 229 -28.48 8.83 19.26
CA GLU D 229 -29.86 8.93 19.71
C GLU D 229 -30.51 10.19 19.21
N ALA D 230 -29.76 11.27 19.12
CA ALA D 230 -30.29 12.47 18.47
C ALA D 230 -30.37 12.28 16.97
N CYS D 231 -29.52 11.41 16.42
CA CYS D 231 -29.60 11.14 15.00
C CYS D 231 -30.85 10.35 14.66
N VAL D 232 -31.38 9.60 15.61
CA VAL D 232 -32.57 8.81 15.33
C VAL D 232 -33.83 9.53 15.78
N GLY D 233 -33.83 10.10 16.98
CA GLY D 233 -35.00 10.80 17.47
C GLY D 233 -35.23 12.10 16.73
N SER D 234 -36.50 12.50 16.62
CA SER D 234 -36.89 13.62 15.77
C SER D 234 -36.98 14.94 16.53
N CYS D 235 -36.21 15.11 17.59
CA CYS D 235 -36.13 16.41 18.27
C CYS D 235 -35.40 17.35 17.34
N GLU D 236 -36.18 18.23 16.69
CA GLU D 236 -35.73 18.85 15.45
C GLU D 236 -34.64 19.88 15.70
N ALA D 237 -34.73 20.61 16.81
CA ALA D 237 -33.64 21.50 17.16
C ALA D 237 -32.41 20.71 17.56
N LYS D 238 -32.60 19.62 18.28
CA LYS D 238 -31.48 18.79 18.67
C LYS D 238 -30.91 18.06 17.47
N ARG D 239 -31.77 17.68 16.54
CA ARG D 239 -31.38 17.22 15.21
C ARG D 239 -30.39 18.17 14.56
N ALA D 240 -30.83 19.41 14.31
CA ALA D 240 -30.00 20.38 13.59
C ALA D 240 -28.78 20.78 14.41
N GLU D 241 -28.89 20.74 15.73
CA GLU D 241 -27.76 21.11 16.57
C GLU D 241 -26.71 20.02 16.56
N ALA D 242 -27.14 18.76 16.47
CA ALA D 242 -26.19 17.67 16.30
C ALA D 242 -25.51 17.78 14.94
N LEU D 243 -26.25 18.23 13.93
CA LEU D 243 -25.65 18.37 12.62
C LEU D 243 -24.61 19.48 12.59
N GLN D 244 -24.93 20.61 13.20
CA GLN D 244 -23.93 21.68 13.29
C GLN D 244 -22.78 21.30 14.22
N SER D 245 -23.06 20.43 15.19
CA SER D 245 -21.99 19.91 16.03
C SER D 245 -20.99 19.14 15.22
N ILE D 246 -21.46 18.14 14.48
CA ILE D 246 -20.60 17.32 13.64
C ILE D 246 -19.89 18.17 12.61
N ALA D 247 -20.59 19.17 12.06
CA ALA D 247 -19.97 20.10 11.14
C ALA D 247 -18.92 20.98 11.81
N THR D 248 -18.97 21.14 13.12
CA THR D 248 -18.07 22.09 13.76
C THR D 248 -17.25 21.34 14.81
N ASP D 249 -16.65 20.25 14.40
CA ASP D 249 -15.87 19.47 15.35
C ASP D 249 -14.39 19.58 15.09
N PRO D 250 -13.65 20.23 15.95
CA PRO D 250 -12.19 20.10 15.88
C PRO D 250 -11.76 18.74 16.41
N GLY D 251 -11.33 17.86 15.53
CA GLY D 251 -10.71 16.64 15.99
C GLY D 251 -11.66 15.56 16.45
N LEU D 252 -12.93 15.63 16.05
CA LEU D 252 -13.74 14.43 16.11
C LEU D 252 -13.26 13.49 15.00
N TYR D 253 -12.38 12.60 15.38
CA TYR D 253 -12.29 11.33 14.70
C TYR D 253 -11.86 10.32 15.74
N GLN D 254 -11.65 9.09 15.26
CA GLN D 254 -11.56 7.81 15.95
C GLN D 254 -12.94 7.36 16.41
N MET D 255 -13.91 8.24 16.38
CA MET D 255 -15.29 7.83 16.44
C MET D 255 -15.79 7.55 15.05
N LEU D 256 -15.15 8.18 14.07
CA LEU D 256 -15.48 8.00 12.67
C LEU D 256 -15.60 6.56 12.17
N PRO D 257 -14.78 5.58 12.59
CA PRO D 257 -15.00 4.23 12.06
C PRO D 257 -16.29 3.62 12.55
N ARG D 258 -16.57 3.77 13.83
CA ARG D 258 -17.82 3.25 14.37
C ARG D 258 -18.99 4.02 13.81
N PHE D 259 -18.75 5.30 13.51
CA PHE D 259 -19.75 6.22 13.01
C PHE D 259 -20.25 5.76 11.67
N SER D 260 -19.30 5.62 10.74
CA SER D 260 -19.61 5.20 9.39
C SER D 260 -20.18 3.80 9.35
N THR D 261 -19.69 2.93 10.24
CA THR D 261 -20.20 1.57 10.29
C THR D 261 -21.67 1.57 10.67
N PHE D 262 -22.00 2.40 11.66
CA PHE D 262 -23.40 2.62 12.01
C PHE D 262 -24.19 3.12 10.82
N ILE D 263 -23.59 4.03 10.05
CA ILE D 263 -24.29 4.60 8.92
C ILE D 263 -24.60 3.54 7.90
N SER D 264 -23.63 2.67 7.63
CA SER D 264 -23.81 1.62 6.65
C SER D 264 -24.89 0.64 7.08
N GLU D 265 -24.83 0.19 8.33
CA GLU D 265 -25.75 -0.87 8.66
C GLU D 265 -27.14 -0.32 8.94
N GLY D 266 -27.23 0.90 9.47
CA GLY D 266 -28.52 1.55 9.57
C GLY D 266 -29.14 1.84 8.23
N VAL D 267 -28.30 2.10 7.22
CA VAL D 267 -28.80 2.22 5.86
C VAL D 267 -29.41 0.91 5.41
N ARG D 268 -28.73 -0.21 5.67
CA ARG D 268 -29.27 -1.50 5.27
C ARG D 268 -30.58 -1.80 5.97
N VAL D 269 -30.66 -1.47 7.26
CA VAL D 269 -31.88 -1.62 8.03
C VAL D 269 -33.00 -0.82 7.42
N ASN D 270 -32.76 0.44 7.18
CA ASN D 270 -33.84 1.28 6.73
C ASN D 270 -34.11 1.10 5.26
N VAL D 271 -33.23 0.43 4.54
CA VAL D 271 -33.61 -0.15 3.26
C VAL D 271 -34.67 -1.21 3.47
N VAL D 272 -34.42 -2.11 4.42
CA VAL D 272 -35.42 -3.12 4.70
C VAL D 272 -36.67 -2.50 5.31
N GLN D 273 -36.51 -1.40 6.04
CA GLN D 273 -37.65 -0.84 6.75
C GLN D 273 -38.35 0.29 6.03
N ASN D 274 -37.68 0.95 5.08
CA ASN D 274 -38.26 1.96 4.20
C ASN D 274 -38.79 3.17 5.00
N ASN D 275 -37.94 3.67 5.88
CA ASN D 275 -38.27 4.85 6.68
C ASN D 275 -37.47 6.02 6.15
N LEU D 276 -38.12 6.79 5.28
CA LEU D 276 -37.51 7.91 4.58
C LEU D 276 -36.97 8.98 5.53
N ALA D 277 -37.59 9.12 6.70
CA ALA D 277 -37.14 10.11 7.66
C ALA D 277 -35.76 9.76 8.17
N LEU D 278 -35.55 8.49 8.48
CA LEU D 278 -34.22 8.05 8.87
C LEU D 278 -33.24 8.17 7.74
N LEU D 279 -33.73 8.06 6.51
CA LEU D 279 -32.86 8.16 5.36
C LEU D 279 -32.34 9.58 5.19
N ILE D 280 -33.23 10.57 5.29
CA ILE D 280 -32.75 11.94 5.18
C ILE D 280 -31.93 12.31 6.42
N TYR D 281 -32.20 11.65 7.55
CA TYR D 281 -31.35 11.84 8.73
C TYR D 281 -29.93 11.38 8.47
N LEU D 282 -29.79 10.18 7.94
CA LEU D 282 -28.48 9.66 7.62
C LEU D 282 -27.80 10.46 6.53
N MET D 283 -28.57 11.00 5.61
CA MET D 283 -27.95 11.78 4.54
C MET D 283 -27.45 13.10 5.07
N ARG D 284 -28.18 13.71 6.00
CA ARG D 284 -27.67 14.91 6.63
C ARG D 284 -26.46 14.58 7.48
N MET D 285 -26.43 13.38 8.05
CA MET D 285 -25.27 12.95 8.82
C MET D 285 -24.04 12.86 7.94
N VAL D 286 -24.22 12.31 6.74
CA VAL D 286 -23.11 12.21 5.80
C VAL D 286 -22.69 13.59 5.33
N LYS D 287 -23.67 14.47 5.12
CA LYS D 287 -23.40 15.85 4.74
C LYS D 287 -22.56 16.54 5.80
N ALA D 288 -22.83 16.24 7.05
CA ALA D 288 -22.07 16.85 8.14
C ALA D 288 -20.67 16.28 8.21
N LEU D 289 -20.54 14.97 8.01
CA LEU D 289 -19.22 14.34 7.92
C LEU D 289 -18.39 14.96 6.82
N MET D 290 -19.05 15.30 5.72
CA MET D 290 -18.38 15.91 4.61
C MET D 290 -17.86 17.29 4.96
N ASP D 291 -18.59 18.01 5.80
CA ASP D 291 -18.24 19.38 6.07
C ASP D 291 -17.33 19.53 7.28
N ASN D 292 -16.52 18.54 7.55
CA ASN D 292 -15.43 18.94 8.40
C ASN D 292 -14.23 19.28 7.55
N PRO D 293 -13.66 20.47 7.73
CA PRO D 293 -12.32 20.74 7.22
C PRO D 293 -11.20 20.11 8.02
N THR D 294 -11.48 19.20 8.93
CA THR D 294 -10.46 18.39 9.56
C THR D 294 -10.56 16.93 9.15
N LEU D 295 -11.75 16.44 8.86
CA LEU D 295 -11.94 15.01 8.62
C LEU D 295 -11.34 14.57 7.30
N TYR D 296 -10.18 13.95 7.41
CA TYR D 296 -9.60 13.20 6.30
C TYR D 296 -10.47 11.97 6.16
N LEU D 297 -11.47 12.07 5.31
CA LEU D 297 -12.49 11.05 5.22
C LEU D 297 -12.03 9.83 4.43
N GLU D 298 -10.87 9.94 3.78
CA GLU D 298 -10.36 9.08 2.71
C GLU D 298 -10.54 7.60 2.92
N LYS D 299 -9.87 7.06 3.94
CA LYS D 299 -9.75 5.62 4.12
C LYS D 299 -11.08 4.95 4.40
N TYR D 300 -12.09 5.72 4.78
CA TYR D 300 -13.35 5.14 5.17
C TYR D 300 -14.40 5.34 4.11
N VAL D 301 -14.05 6.04 3.03
CA VAL D 301 -15.01 6.47 2.01
C VAL D 301 -15.71 5.28 1.38
N HIS D 302 -15.02 4.15 1.33
CA HIS D 302 -15.56 2.91 0.77
C HIS D 302 -16.72 2.34 1.55
N GLU D 303 -17.01 2.85 2.73
CA GLU D 303 -18.25 2.47 3.37
C GLU D 303 -19.37 3.43 3.06
N LEU D 304 -19.04 4.69 2.85
CA LEU D 304 -20.04 5.70 2.60
C LEU D 304 -20.65 5.50 1.23
N ILE D 305 -19.81 5.19 0.25
CA ILE D 305 -20.25 5.14 -1.14
C ILE D 305 -21.32 4.08 -1.38
N PRO D 306 -21.23 2.85 -0.85
CA PRO D 306 -22.43 2.01 -0.87
C PRO D 306 -23.58 2.63 -0.14
N ALA D 307 -23.32 3.13 1.07
CA ALA D 307 -24.37 3.72 1.89
C ALA D 307 -24.97 4.94 1.23
N VAL D 308 -24.20 5.64 0.42
CA VAL D 308 -24.78 6.63 -0.45
C VAL D 308 -25.64 5.96 -1.51
N MET D 309 -25.02 5.15 -2.36
CA MET D 309 -25.66 4.85 -3.63
C MET D 309 -26.76 3.84 -3.49
N THR D 310 -26.74 3.04 -2.42
CA THR D 310 -27.86 2.15 -2.16
C THR D 310 -29.11 2.95 -1.84
N CYS D 311 -28.93 4.12 -1.23
CA CYS D 311 -30.03 5.06 -1.07
C CYS D 311 -30.55 5.58 -2.38
N ILE D 312 -29.76 5.46 -3.44
CA ILE D 312 -30.21 5.82 -4.78
C ILE D 312 -30.73 4.58 -5.51
N VAL D 313 -31.16 3.56 -4.78
CA VAL D 313 -31.58 2.31 -5.42
C VAL D 313 -33.06 2.03 -5.23
N SER D 314 -33.50 1.93 -3.97
CA SER D 314 -34.34 0.85 -3.45
C SER D 314 -35.60 0.61 -4.27
N ARG D 315 -36.13 -0.59 -4.15
CA ARG D 315 -36.91 -1.27 -5.18
C ARG D 315 -38.34 -0.78 -5.25
N GLN D 316 -38.56 0.51 -4.94
CA GLN D 316 -39.83 1.23 -4.86
C GLN D 316 -40.66 0.76 -3.68
N LEU D 317 -40.00 0.33 -2.61
CA LEU D 317 -40.67 -0.43 -1.57
C LEU D 317 -41.16 0.42 -0.40
N CYS D 318 -41.37 1.71 -0.64
CA CYS D 318 -42.09 2.54 0.31
C CYS D 318 -43.55 2.58 -0.12
N LEU D 319 -44.32 3.44 0.53
CA LEU D 319 -45.59 3.86 -0.05
C LEU D 319 -45.30 4.76 -1.25
N ARG D 320 -46.27 4.89 -2.14
CA ARG D 320 -45.93 5.62 -3.35
C ARG D 320 -45.76 7.13 -3.19
N PRO D 321 -46.84 7.91 -2.95
CA PRO D 321 -47.04 9.15 -3.72
C PRO D 321 -45.96 10.20 -3.52
N ASP D 322 -45.94 10.72 -2.29
CA ASP D 322 -45.05 11.81 -1.94
C ASP D 322 -43.61 11.36 -1.93
N VAL D 323 -43.39 10.05 -1.78
CA VAL D 323 -42.07 9.48 -1.74
C VAL D 323 -41.31 9.72 -3.03
N ASP D 324 -42.05 9.84 -4.15
CA ASP D 324 -41.48 10.25 -5.44
C ASP D 324 -40.67 11.52 -5.31
N ASN D 325 -41.27 12.54 -4.71
CA ASN D 325 -40.55 13.78 -4.45
C ASN D 325 -39.50 13.56 -3.40
N HIS D 326 -39.78 12.69 -2.43
CA HIS D 326 -38.74 12.28 -1.51
C HIS D 326 -37.65 11.52 -2.23
N TRP D 327 -38.00 10.78 -3.30
CA TRP D 327 -36.98 10.25 -4.19
C TRP D 327 -36.16 11.38 -4.78
N ALA D 328 -36.84 12.45 -5.19
CA ALA D 328 -36.19 13.70 -5.54
C ALA D 328 -35.34 14.24 -4.42
N LEU D 329 -35.81 14.11 -3.18
CA LEU D 329 -35.01 14.57 -2.05
C LEU D 329 -33.80 13.68 -1.84
N ARG D 330 -33.93 12.41 -2.21
CA ARG D 330 -32.76 11.54 -2.23
C ARG D 330 -31.77 11.98 -3.29
N ASP D 331 -32.24 12.72 -4.28
CA ASP D 331 -31.35 13.34 -5.26
C ASP D 331 -30.51 14.43 -4.62
N PHE D 332 -31.05 15.05 -3.57
CA PHE D 332 -30.23 15.83 -2.65
C PHE D 332 -29.00 15.05 -2.22
N ALA D 333 -29.23 13.79 -1.81
CA ALA D 333 -28.16 12.87 -1.51
C ALA D 333 -27.22 12.69 -2.68
N ALA D 334 -27.78 12.68 -3.89
CA ALA D 334 -26.95 12.57 -5.09
C ALA D 334 -26.03 13.75 -5.24
N ARG D 335 -26.46 14.92 -4.74
CA ARG D 335 -25.60 16.08 -4.67
C ARG D 335 -24.33 15.77 -3.90
N LEU D 336 -24.50 15.06 -2.77
CA LEU D 336 -23.41 14.56 -1.97
C LEU D 336 -22.39 13.79 -2.78
N VAL D 337 -22.87 13.05 -3.77
CA VAL D 337 -22.01 12.23 -4.64
C VAL D 337 -20.96 13.08 -5.31
N ALA D 338 -21.41 14.19 -5.91
CA ALA D 338 -20.45 15.10 -6.52
C ALA D 338 -19.58 15.73 -5.44
N GLN D 339 -20.20 16.03 -4.31
CA GLN D 339 -19.50 16.53 -3.14
C GLN D 339 -18.64 15.47 -2.49
N ILE D 340 -18.76 14.23 -2.92
CA ILE D 340 -17.70 13.28 -2.65
C ILE D 340 -16.59 13.42 -3.66
N CYS D 341 -16.95 13.34 -4.93
CA CYS D 341 -15.96 13.01 -5.93
C CYS D 341 -15.00 14.14 -6.20
N LYS D 342 -15.48 15.38 -6.05
CA LYS D 342 -14.60 16.55 -6.15
C LYS D 342 -13.47 16.48 -5.15
N HIS D 343 -13.72 15.94 -3.98
CA HIS D 343 -12.67 15.81 -3.02
C HIS D 343 -11.98 14.46 -3.07
N PHE D 344 -12.50 13.51 -3.88
CA PHE D 344 -12.00 12.16 -3.70
C PHE D 344 -11.81 11.36 -4.98
N SER D 345 -11.72 11.99 -6.15
CA SER D 345 -11.25 11.27 -7.32
C SER D 345 -9.76 11.27 -7.42
N THR D 346 -9.08 11.58 -6.32
CA THR D 346 -7.64 11.78 -6.18
C THR D 346 -6.87 10.46 -6.24
N THR D 347 -7.57 9.38 -6.55
CA THR D 347 -7.14 8.00 -6.38
C THR D 347 -5.99 7.69 -7.35
N THR D 348 -5.43 6.50 -7.23
CA THR D 348 -5.02 5.86 -8.46
C THR D 348 -6.36 5.70 -9.16
N ASN D 349 -6.58 6.54 -10.17
CA ASN D 349 -7.85 7.24 -10.36
C ASN D 349 -9.00 6.27 -10.62
N ASN D 350 -9.81 6.09 -9.60
CA ASN D 350 -10.75 5.00 -9.52
C ASN D 350 -12.19 5.44 -9.42
N ILE D 351 -12.46 6.49 -8.64
CA ILE D 351 -13.78 6.69 -8.06
C ILE D 351 -14.80 7.09 -9.10
N GLN D 352 -14.48 8.12 -9.89
CA GLN D 352 -15.42 8.60 -10.88
C GLN D 352 -15.70 7.54 -11.93
N SER D 353 -14.66 6.80 -12.33
CA SER D 353 -14.83 5.71 -13.27
C SER D 353 -15.79 4.66 -12.72
N ARG D 354 -15.64 4.34 -11.45
CA ARG D 354 -16.49 3.36 -10.79
C ARG D 354 -17.95 3.80 -10.82
N ILE D 355 -18.19 5.01 -10.35
CA ILE D 355 -19.57 5.45 -10.17
C ILE D 355 -20.23 5.67 -11.52
N THR D 356 -19.46 6.11 -12.48
CA THR D 356 -20.04 6.38 -13.78
C THR D 356 -20.32 5.10 -14.55
N LYS D 357 -19.47 4.07 -14.40
CA LYS D 357 -19.83 2.77 -14.96
C LYS D 357 -21.08 2.22 -14.32
N THR D 358 -21.22 2.47 -13.01
CA THR D 358 -22.39 2.00 -12.28
C THR D 358 -23.66 2.65 -12.81
N PHE D 359 -23.61 3.97 -12.93
CA PHE D 359 -24.72 4.71 -13.50
C PHE D 359 -24.96 4.35 -14.95
N THR D 360 -23.91 3.95 -15.66
CA THR D 360 -24.07 3.58 -17.06
C THR D 360 -24.87 2.31 -17.20
N LYS D 361 -24.45 1.28 -16.47
CA LYS D 361 -25.18 0.02 -16.47
C LYS D 361 -26.58 0.19 -15.90
N SER D 362 -26.75 1.16 -15.03
CA SER D 362 -28.07 1.53 -14.59
C SER D 362 -28.88 2.12 -15.73
N TRP D 363 -28.30 3.08 -16.45
CA TRP D 363 -29.06 3.96 -17.33
C TRP D 363 -29.44 3.25 -18.61
N VAL D 364 -28.59 2.35 -19.08
CA VAL D 364 -28.76 1.81 -20.42
C VAL D 364 -29.93 0.85 -20.48
N ASP D 365 -29.97 -0.11 -19.58
CA ASP D 365 -30.74 -1.31 -19.84
C ASP D 365 -32.23 -1.12 -19.60
N GLU D 366 -32.99 -2.10 -20.05
CA GLU D 366 -34.37 -2.30 -19.66
C GLU D 366 -34.32 -3.21 -18.44
N LYS D 367 -35.48 -3.69 -17.96
CA LYS D 367 -35.66 -4.31 -16.65
C LYS D 367 -35.17 -3.38 -15.55
N THR D 368 -35.37 -2.09 -15.75
CA THR D 368 -34.83 -1.04 -14.90
C THR D 368 -35.95 -0.20 -14.35
N PRO D 369 -36.25 -0.29 -13.06
CA PRO D 369 -37.37 0.45 -12.49
C PRO D 369 -37.10 1.94 -12.45
N TRP D 370 -38.16 2.66 -12.11
CA TRP D 370 -38.11 4.11 -12.18
C TRP D 370 -37.33 4.70 -11.03
N THR D 371 -37.29 3.99 -9.89
CA THR D 371 -36.36 4.33 -8.83
C THR D 371 -34.92 4.32 -9.34
N THR D 372 -34.59 3.30 -10.11
CA THR D 372 -33.22 3.08 -10.53
C THR D 372 -32.83 4.09 -11.58
N ARG D 373 -33.67 4.19 -12.62
CA ARG D 373 -33.40 5.09 -13.72
C ARG D 373 -33.43 6.53 -13.25
N TYR D 374 -34.41 6.86 -12.42
CA TYR D 374 -34.56 8.20 -11.89
C TYR D 374 -33.33 8.61 -11.09
N GLY D 375 -32.90 7.77 -10.15
CA GLY D 375 -31.78 8.12 -9.32
C GLY D 375 -30.46 8.10 -10.05
N SER D 376 -30.32 7.23 -11.04
CA SER D 376 -29.11 7.21 -11.84
C SER D 376 -28.99 8.48 -12.65
N ILE D 377 -30.10 8.90 -13.26
CA ILE D 377 -30.15 10.17 -13.97
C ILE D 377 -29.83 11.31 -13.04
N ALA D 378 -30.30 11.21 -11.80
CA ALA D 378 -30.01 12.23 -10.81
C ALA D 378 -28.53 12.29 -10.47
N GLY D 379 -27.89 11.13 -10.32
CA GLY D 379 -26.48 11.14 -9.95
C GLY D 379 -25.60 11.64 -11.07
N LEU D 380 -25.93 11.26 -12.30
CA LEU D 380 -25.25 11.83 -13.45
C LEU D 380 -25.51 13.32 -13.56
N ALA D 381 -26.71 13.76 -13.19
CA ALA D 381 -27.05 15.17 -13.22
C ALA D 381 -26.19 15.95 -12.26
N GLU D 382 -25.98 15.39 -11.07
CA GLU D 382 -25.12 16.05 -10.11
C GLU D 382 -23.66 15.97 -10.51
N LEU D 383 -23.29 14.99 -11.33
CA LEU D 383 -21.92 14.97 -11.83
C LEU D 383 -21.62 16.13 -12.76
N GLY D 384 -22.62 16.67 -13.42
CA GLY D 384 -22.40 17.93 -14.07
C GLY D 384 -22.22 17.88 -15.57
N HIS D 385 -21.40 18.81 -16.06
CA HIS D 385 -21.61 19.41 -17.38
C HIS D 385 -21.40 18.43 -18.52
N ASP D 386 -20.18 17.96 -18.68
CA ASP D 386 -19.92 17.12 -19.83
C ASP D 386 -20.39 15.70 -19.63
N VAL D 387 -20.70 15.30 -18.40
CA VAL D 387 -21.43 14.06 -18.16
C VAL D 387 -22.74 14.08 -18.91
N ILE D 388 -23.48 15.18 -18.79
CA ILE D 388 -24.74 15.29 -19.49
C ILE D 388 -24.48 15.46 -20.97
N LYS D 389 -23.47 16.25 -21.32
CA LYS D 389 -23.18 16.56 -22.71
C LYS D 389 -22.82 15.31 -23.51
N THR D 390 -22.12 14.40 -22.89
CA THR D 390 -21.63 13.21 -23.57
C THR D 390 -22.49 12.00 -23.35
N LEU D 391 -23.07 11.88 -22.17
CA LEU D 391 -23.62 10.62 -21.72
C LEU D 391 -25.12 10.58 -21.76
N ILE D 392 -25.76 11.72 -21.59
CA ILE D 392 -27.21 11.70 -21.52
C ILE D 392 -27.81 12.04 -22.87
N LEU D 393 -27.15 12.92 -23.61
CA LEU D 393 -27.45 13.20 -25.01
C LEU D 393 -27.73 11.99 -25.90
N PRO D 394 -26.94 10.85 -25.89
CA PRO D 394 -27.22 9.79 -26.87
C PRO D 394 -28.56 9.07 -26.76
N ARG D 395 -28.85 8.41 -25.65
CA ARG D 395 -30.09 7.66 -25.54
C ARG D 395 -31.15 8.47 -24.81
N LEU D 396 -30.94 9.78 -24.75
CA LEU D 396 -31.99 10.76 -24.52
C LEU D 396 -33.26 10.42 -25.28
N GLN D 397 -33.16 10.30 -26.60
CA GLN D 397 -34.33 10.13 -27.43
C GLN D 397 -34.94 8.76 -27.25
N GLN D 398 -34.12 7.74 -27.01
CA GLN D 398 -34.64 6.39 -26.83
C GLN D 398 -35.38 6.26 -25.51
N GLU D 399 -34.85 6.85 -24.45
CA GLU D 399 -35.57 6.79 -23.19
C GLU D 399 -36.76 7.73 -23.18
N GLY D 400 -36.71 8.78 -23.99
CA GLY D 400 -37.89 9.57 -24.24
C GLY D 400 -38.98 8.76 -24.90
N GLU D 401 -38.60 7.87 -25.82
CA GLU D 401 -39.56 6.95 -26.39
C GLU D 401 -40.02 5.92 -25.38
N ARG D 402 -39.16 5.54 -24.44
CA ARG D 402 -39.60 4.68 -23.34
C ARG D 402 -40.71 5.36 -22.54
N ILE D 403 -40.55 6.64 -22.29
CA ILE D 403 -41.57 7.38 -21.57
C ILE D 403 -42.79 7.63 -22.45
N ARG D 404 -42.57 7.79 -23.75
CA ARG D 404 -43.68 7.90 -24.69
C ARG D 404 -44.49 6.63 -24.76
N SER D 405 -43.85 5.49 -24.51
CA SER D 405 -44.57 4.24 -24.35
C SER D 405 -45.26 4.21 -22.99
N VAL D 406 -44.62 4.77 -21.98
CA VAL D 406 -45.29 4.98 -20.71
C VAL D 406 -46.43 5.97 -20.88
N LEU D 407 -46.20 6.99 -21.70
CA LEU D 407 -47.30 7.81 -22.15
C LEU D 407 -48.24 7.03 -23.06
N ASP D 408 -49.44 7.57 -23.22
CA ASP D 408 -50.31 7.36 -24.38
C ASP D 408 -50.88 5.94 -24.47
N GLY D 409 -50.57 5.05 -23.54
CA GLY D 409 -51.04 3.68 -23.62
C GLY D 409 -51.92 3.32 -22.44
N PRO D 410 -51.40 2.49 -21.54
CA PRO D 410 -52.14 2.17 -20.32
C PRO D 410 -52.15 3.35 -19.36
N VAL D 411 -52.93 3.19 -18.30
CA VAL D 411 -53.20 4.26 -17.36
C VAL D 411 -52.69 3.94 -15.96
N LEU D 412 -53.07 2.77 -15.43
CA LEU D 412 -52.99 2.54 -13.99
C LEU D 412 -51.70 1.84 -13.62
N SER D 413 -50.59 2.47 -13.98
CA SER D 413 -49.33 2.32 -13.25
C SER D 413 -48.93 3.75 -12.99
N ASN D 414 -49.55 4.34 -11.98
CA ASN D 414 -49.39 5.76 -11.77
C ASN D 414 -48.17 6.06 -10.93
N ILE D 415 -47.69 5.07 -10.19
CA ILE D 415 -46.31 5.06 -9.73
C ILE D 415 -45.38 5.31 -10.89
N ASP D 416 -45.49 4.46 -11.91
CA ASP D 416 -44.61 4.56 -13.07
C ASP D 416 -44.91 5.80 -13.90
N ARG D 417 -46.18 6.21 -13.93
CA ARG D 417 -46.57 7.39 -14.70
C ARG D 417 -45.96 8.65 -14.11
N ILE D 418 -46.21 8.91 -12.83
CA ILE D 418 -45.68 10.12 -12.22
C ILE D 418 -44.18 9.99 -12.01
N GLY D 419 -43.68 8.75 -11.93
CA GLY D 419 -42.25 8.52 -11.93
C GLY D 419 -41.59 9.04 -13.20
N ALA D 420 -42.08 8.59 -14.34
CA ALA D 420 -41.57 9.07 -15.62
C ALA D 420 -41.86 10.55 -15.83
N ASP D 421 -42.91 11.06 -15.20
CA ASP D 421 -43.20 12.48 -15.29
C ASP D 421 -42.11 13.31 -14.63
N HIS D 422 -41.75 12.98 -13.40
CA HIS D 422 -40.69 13.80 -12.85
C HIS D 422 -39.30 13.32 -13.28
N VAL D 423 -39.22 12.18 -13.98
CA VAL D 423 -38.06 11.92 -14.82
C VAL D 423 -37.93 12.97 -15.91
N GLN D 424 -39.03 13.23 -16.63
CA GLN D 424 -39.07 14.28 -17.64
C GLN D 424 -38.68 15.62 -17.05
N SER D 425 -39.13 15.86 -15.82
CA SER D 425 -38.74 17.07 -15.11
C SER D 425 -37.24 17.12 -14.89
N LEU D 426 -36.63 16.00 -14.47
CA LEU D 426 -35.18 15.94 -14.31
C LEU D 426 -34.47 16.22 -15.62
N LEU D 427 -34.95 15.58 -16.69
CA LEU D 427 -34.30 15.66 -17.99
C LEU D 427 -34.35 17.08 -18.51
N LEU D 428 -35.53 17.69 -18.53
CA LEU D 428 -35.69 19.03 -19.03
C LEU D 428 -34.95 20.03 -18.16
N LYS D 429 -35.33 20.10 -16.88
CA LYS D 429 -34.80 21.10 -15.97
C LYS D 429 -33.54 20.65 -15.28
N HIS D 430 -32.78 19.77 -15.93
CA HIS D 430 -31.35 19.71 -15.71
C HIS D 430 -30.54 19.70 -17.00
N CYS D 431 -31.14 19.36 -18.13
CA CYS D 431 -30.43 19.09 -19.38
C CYS D 431 -30.58 20.22 -20.38
N ALA D 432 -31.44 21.19 -20.10
CA ALA D 432 -31.48 22.43 -20.87
C ALA D 432 -30.13 23.13 -21.06
N PRO D 433 -29.33 23.45 -20.01
CA PRO D 433 -28.27 24.46 -20.22
C PRO D 433 -27.12 23.97 -21.08
N VAL D 434 -26.88 22.66 -21.13
CA VAL D 434 -25.79 22.19 -21.96
C VAL D 434 -26.14 22.32 -23.42
N LEU D 435 -27.40 22.08 -23.77
CA LEU D 435 -27.81 22.36 -25.13
C LEU D 435 -27.92 23.84 -25.39
N ALA D 436 -28.21 24.63 -24.35
CA ALA D 436 -28.24 26.07 -24.49
C ALA D 436 -26.85 26.59 -24.84
N LYS D 437 -25.81 25.98 -24.28
CA LYS D 437 -24.47 26.30 -24.73
C LYS D 437 -24.22 25.76 -26.13
N LEU D 438 -24.56 24.50 -26.37
CA LEU D 438 -24.19 23.87 -27.64
C LEU D 438 -25.10 24.31 -28.77
N ARG D 439 -26.35 23.95 -28.68
CA ARG D 439 -27.27 24.20 -29.78
C ARG D 439 -27.65 25.68 -29.78
N PRO D 440 -27.45 26.40 -30.88
CA PRO D 440 -27.74 27.83 -30.88
C PRO D 440 -29.24 28.06 -30.86
N PRO D 441 -29.70 29.14 -30.22
CA PRO D 441 -31.13 29.25 -29.90
C PRO D 441 -31.98 29.92 -30.97
N PRO D 442 -31.85 29.57 -32.27
CA PRO D 442 -33.08 29.45 -33.07
C PRO D 442 -33.63 28.04 -33.12
N ASP D 443 -34.71 27.87 -33.90
CA ASP D 443 -35.23 26.58 -34.39
C ASP D 443 -35.68 25.67 -33.24
N ASN D 444 -36.74 26.10 -32.57
CA ASN D 444 -37.31 25.32 -31.47
C ASN D 444 -37.94 24.03 -31.97
N GLN D 445 -38.77 24.11 -33.00
CA GLN D 445 -39.45 22.92 -33.52
C GLN D 445 -38.46 21.99 -34.20
N ASP D 446 -37.42 22.54 -34.81
CA ASP D 446 -36.37 21.71 -35.37
C ASP D 446 -35.51 21.08 -34.28
N ALA D 447 -35.32 21.77 -33.16
CA ALA D 447 -34.63 21.16 -32.03
C ALA D 447 -35.45 20.03 -31.44
N TYR D 448 -36.78 20.18 -31.45
CA TYR D 448 -37.67 19.07 -31.13
C TYR D 448 -37.47 17.93 -32.12
N ARG D 449 -37.35 18.27 -33.41
CA ARG D 449 -36.97 17.26 -34.39
C ARG D 449 -35.56 16.75 -34.16
N ALA D 450 -34.66 17.62 -33.69
CA ALA D 450 -33.31 17.18 -33.41
C ALA D 450 -33.18 16.44 -32.09
N GLU D 451 -34.18 16.54 -31.21
CA GLU D 451 -34.12 15.89 -29.91
C GLU D 451 -35.46 15.27 -29.55
N PHE D 452 -36.09 14.63 -30.55
CA PHE D 452 -37.25 13.74 -30.37
C PHE D 452 -38.44 14.44 -29.74
N GLY D 453 -38.79 15.62 -30.26
CA GLY D 453 -40.10 16.18 -30.05
C GLY D 453 -40.43 16.73 -28.68
N SER D 454 -40.52 15.83 -27.68
CA SER D 454 -41.24 16.11 -26.45
C SER D 454 -40.54 17.13 -25.56
N LEU D 455 -39.21 17.11 -25.51
CA LEU D 455 -38.48 18.10 -24.72
C LEU D 455 -38.65 19.49 -25.31
N GLY D 456 -38.67 19.57 -26.63
CA GLY D 456 -39.01 20.81 -27.29
C GLY D 456 -40.49 21.08 -27.14
N PRO D 457 -40.88 22.36 -27.22
CA PRO D 457 -39.99 23.53 -27.28
C PRO D 457 -39.70 24.03 -25.88
N LEU D 458 -40.15 23.24 -24.89
CA LEU D 458 -39.82 23.51 -23.50
C LEU D 458 -38.33 23.37 -23.25
N LEU D 459 -37.64 22.57 -24.05
CA LEU D 459 -36.19 22.66 -24.12
C LEU D 459 -35.76 24.06 -24.53
N CYS D 460 -36.32 24.57 -25.62
CA CYS D 460 -35.96 25.89 -26.08
C CYS D 460 -36.55 26.98 -25.19
N SER D 461 -37.72 26.72 -24.59
CA SER D 461 -38.30 27.70 -23.69
C SER D 461 -37.49 27.83 -22.42
N GLN D 462 -37.09 26.70 -21.84
CA GLN D 462 -36.18 26.72 -20.72
C GLN D 462 -34.81 27.23 -21.12
N VAL D 463 -34.43 27.08 -22.39
CA VAL D 463 -33.19 27.63 -22.88
C VAL D 463 -33.26 29.15 -22.92
N VAL D 464 -34.43 29.69 -23.31
CA VAL D 464 -34.65 31.12 -23.26
C VAL D 464 -34.62 31.60 -21.82
N LYS D 465 -35.19 30.81 -20.91
CA LYS D 465 -35.14 31.12 -19.49
C LYS D 465 -33.71 31.10 -18.96
N ALA D 466 -32.90 30.17 -19.46
CA ALA D 466 -31.53 30.07 -18.99
C ALA D 466 -30.66 31.17 -19.57
N ARG D 467 -30.93 31.56 -20.81
CA ARG D 467 -30.25 32.72 -21.38
C ARG D 467 -30.62 33.98 -20.64
N ALA D 468 -31.87 34.07 -20.18
CA ALA D 468 -32.28 35.19 -19.35
C ALA D 468 -31.60 35.16 -18.00
N GLN D 469 -31.44 33.97 -17.42
CA GLN D 469 -30.76 33.85 -16.14
C GLN D 469 -29.28 34.17 -16.27
N ALA D 470 -28.68 33.87 -17.43
CA ALA D 470 -27.31 34.25 -17.67
C ALA D 470 -27.18 35.76 -17.85
N ALA D 471 -28.10 36.37 -18.61
CA ALA D 471 -28.06 37.80 -18.85
C ALA D 471 -28.55 38.61 -17.65
N LEU D 472 -29.06 37.95 -16.61
CA LEU D 472 -29.54 38.66 -15.42
C LEU D 472 -28.41 39.31 -14.63
N GLN D 473 -27.18 38.84 -14.79
CA GLN D 473 -26.04 39.43 -14.11
C GLN D 473 -25.69 40.79 -14.71
N LYS E 6 -10.71 -30.72 -42.51
CA LYS E 6 -10.78 -29.34 -42.03
C LYS E 6 -10.19 -28.37 -43.05
N LEU E 7 -9.59 -28.92 -44.10
CA LEU E 7 -9.01 -28.09 -45.16
C LEU E 7 -9.14 -28.82 -46.49
N LYS E 8 -9.29 -28.05 -47.56
CA LYS E 8 -9.34 -28.56 -48.92
C LYS E 8 -8.49 -27.67 -49.81
N LEU E 9 -7.53 -28.27 -50.49
CA LEU E 9 -6.59 -27.53 -51.33
C LEU E 9 -6.88 -27.87 -52.79
N SER E 10 -7.84 -27.14 -53.38
CA SER E 10 -8.11 -27.29 -54.80
C SER E 10 -6.99 -26.67 -55.62
N ASN E 11 -6.92 -27.06 -56.88
CA ASN E 11 -5.85 -26.60 -57.75
C ASN E 11 -6.14 -25.20 -58.25
N THR E 12 -5.21 -24.29 -57.97
CA THR E 12 -5.25 -22.94 -58.53
C THR E 12 -4.90 -23.07 -60.01
N VAL E 13 -5.93 -23.03 -60.85
CA VAL E 13 -5.78 -23.27 -62.28
C VAL E 13 -6.15 -21.99 -63.00
N LEU E 14 -5.21 -21.48 -63.80
CA LEU E 14 -5.45 -20.30 -64.61
C LEU E 14 -6.53 -20.57 -65.64
N PRO E 15 -7.36 -19.58 -65.95
CA PRO E 15 -8.35 -19.75 -67.02
C PRO E 15 -7.67 -19.93 -68.36
N SER E 16 -7.94 -21.08 -68.99
CA SER E 16 -7.21 -21.50 -70.17
C SER E 16 -7.46 -20.63 -71.38
N GLU E 17 -8.56 -19.87 -71.40
CA GLU E 17 -8.78 -18.91 -72.48
C GLU E 17 -7.79 -17.77 -72.40
N SER E 18 -7.50 -17.29 -71.18
CA SER E 18 -6.43 -16.31 -70.99
C SER E 18 -5.08 -16.90 -71.37
N MET E 19 -4.88 -18.18 -71.10
CA MET E 19 -3.64 -18.84 -71.48
C MET E 19 -3.52 -18.96 -72.98
N LYS E 20 -4.63 -19.16 -73.69
CA LYS E 20 -4.61 -19.14 -75.14
C LYS E 20 -4.40 -17.74 -75.68
N VAL E 21 -4.87 -16.72 -74.96
CA VAL E 21 -4.59 -15.33 -75.35
C VAL E 21 -3.09 -15.06 -75.24
N VAL E 22 -2.48 -15.49 -74.15
CA VAL E 22 -1.03 -15.36 -73.99
C VAL E 22 -0.29 -16.21 -75.03
N ALA E 23 -0.86 -17.35 -75.37
CA ALA E 23 -0.23 -18.25 -76.33
C ALA E 23 -0.26 -17.68 -77.73
N GLU E 24 -1.45 -17.38 -78.22
CA GLU E 24 -1.68 -16.80 -79.53
C GLU E 24 -1.30 -15.33 -79.61
N SER E 25 -0.84 -14.73 -78.51
CA SER E 25 -0.07 -13.50 -78.62
C SER E 25 1.22 -13.74 -79.37
N MET E 26 1.81 -14.92 -79.23
CA MET E 26 2.88 -15.35 -80.12
C MET E 26 2.34 -15.88 -81.44
N GLY E 27 1.04 -16.05 -81.56
CA GLY E 27 0.40 -16.51 -82.80
C GLY E 27 0.70 -17.96 -83.09
N ILE E 28 0.20 -18.86 -82.26
CA ILE E 28 0.61 -20.25 -82.37
C ILE E 28 -0.29 -21.02 -83.34
N ALA E 29 -1.55 -21.21 -82.94
CA ALA E 29 -2.51 -22.06 -83.64
C ALA E 29 -3.86 -21.87 -83.00
N GLN E 30 -4.85 -22.63 -83.46
CA GLN E 30 -6.14 -22.73 -82.78
C GLN E 30 -6.03 -23.82 -81.73
N ILE E 31 -6.24 -23.45 -80.49
CA ILE E 31 -5.87 -24.30 -79.35
C ILE E 31 -7.12 -24.87 -78.73
N GLN E 32 -7.06 -26.14 -78.35
CA GLN E 32 -8.12 -26.75 -77.57
C GLN E 32 -7.88 -26.55 -76.08
N GLU E 33 -8.94 -26.73 -75.31
CA GLU E 33 -8.97 -26.27 -73.93
C GLU E 33 -8.09 -27.14 -73.03
N GLU E 34 -8.27 -28.47 -73.12
CA GLU E 34 -7.68 -29.41 -72.17
C GLU E 34 -6.16 -29.38 -72.20
N THR E 35 -5.59 -29.05 -73.36
CA THR E 35 -4.15 -28.83 -73.48
C THR E 35 -3.68 -27.75 -72.52
N CYS E 36 -4.25 -26.55 -72.62
CA CYS E 36 -3.88 -25.45 -71.74
C CYS E 36 -4.28 -25.72 -70.29
N GLN E 37 -5.36 -26.47 -70.09
CA GLN E 37 -5.75 -26.87 -68.74
C GLN E 37 -4.67 -27.68 -68.06
N LEU E 38 -4.21 -28.74 -68.73
CA LEU E 38 -3.15 -29.55 -68.18
C LEU E 38 -1.82 -28.80 -68.13
N LEU E 39 -1.62 -27.84 -69.03
CA LEU E 39 -0.44 -26.99 -68.95
C LEU E 39 -0.42 -26.15 -67.68
N THR E 40 -1.56 -25.52 -67.37
CA THR E 40 -1.68 -24.77 -66.12
C THR E 40 -1.53 -25.68 -64.93
N ASP E 41 -2.02 -26.93 -65.05
CA ASP E 41 -1.83 -27.92 -64.01
C ASP E 41 -0.35 -28.19 -63.75
N GLU E 42 0.39 -28.47 -64.82
CA GLU E 42 1.82 -28.83 -64.72
C GLU E 42 2.65 -27.68 -64.18
N VAL E 43 2.42 -26.48 -64.70
CA VAL E 43 3.14 -25.32 -64.24
C VAL E 43 2.76 -25.01 -62.81
N SER E 44 1.49 -25.22 -62.43
CA SER E 44 1.09 -25.03 -61.05
C SER E 44 1.75 -26.04 -60.13
N TYR E 45 1.97 -27.28 -60.62
CA TYR E 45 2.69 -28.26 -59.83
C TYR E 45 4.10 -27.80 -59.56
N ARG E 46 4.79 -27.37 -60.63
CA ARG E 46 6.18 -26.95 -60.47
C ARG E 46 6.30 -25.69 -59.61
N ILE E 47 5.35 -24.77 -59.77
CA ILE E 47 5.33 -23.55 -58.97
C ILE E 47 5.11 -23.87 -57.50
N LYS E 48 4.14 -24.71 -57.21
CA LYS E 48 3.82 -24.97 -55.81
C LYS E 48 4.86 -25.86 -55.16
N GLU E 49 5.50 -26.73 -55.94
CA GLU E 49 6.68 -27.45 -55.46
C GLU E 49 7.78 -26.47 -55.06
N ILE E 50 8.14 -25.57 -55.96
CA ILE E 50 9.14 -24.55 -55.70
C ILE E 50 8.71 -23.63 -54.57
N ALA E 51 7.40 -23.46 -54.41
CA ALA E 51 6.90 -22.69 -53.29
C ALA E 51 7.17 -23.40 -51.97
N GLN E 52 6.92 -24.72 -51.91
CA GLN E 52 7.34 -25.49 -50.75
C GLN E 52 8.84 -25.41 -50.53
N ASP E 53 9.60 -25.36 -51.63
CA ASP E 53 11.04 -25.37 -51.53
C ASP E 53 11.58 -24.05 -50.96
N ALA E 54 11.04 -22.94 -51.43
CA ALA E 54 11.44 -21.65 -50.88
C ALA E 54 10.92 -21.49 -49.46
N LEU E 55 9.85 -22.18 -49.12
CA LEU E 55 9.46 -22.22 -47.71
C LEU E 55 10.50 -22.98 -46.90
N LYS E 56 11.08 -24.03 -47.46
CA LYS E 56 12.10 -24.75 -46.72
C LYS E 56 13.36 -23.91 -46.57
N PHE E 57 13.64 -23.09 -47.59
CA PHE E 57 14.65 -22.04 -47.49
C PHE E 57 14.40 -21.13 -46.31
N MET E 58 13.29 -20.40 -46.34
CA MET E 58 13.13 -19.35 -45.34
C MET E 58 12.71 -19.89 -43.98
N HIS E 59 12.39 -21.16 -43.88
CA HIS E 59 12.24 -21.74 -42.57
C HIS E 59 13.50 -22.44 -42.12
N MET E 60 14.57 -22.35 -42.88
CA MET E 60 15.86 -22.43 -42.21
C MET E 60 16.64 -21.13 -42.16
N GLY E 61 16.39 -20.20 -43.05
CA GLY E 61 16.89 -18.86 -42.84
C GLY E 61 16.13 -18.10 -41.79
N LYS E 62 15.00 -18.66 -41.36
CA LYS E 62 14.29 -18.28 -40.15
C LYS E 62 13.76 -16.86 -40.24
N ARG E 63 13.04 -16.60 -41.32
CA ARG E 63 12.18 -15.43 -41.42
C ARG E 63 10.89 -15.86 -42.09
N GLN E 64 9.78 -15.33 -41.60
CA GLN E 64 8.48 -15.72 -42.11
C GLN E 64 8.05 -14.89 -43.33
N LYS E 65 8.95 -14.10 -43.89
CA LYS E 65 8.68 -13.33 -45.09
C LYS E 65 9.56 -13.83 -46.23
N LEU E 66 9.00 -13.86 -47.42
CA LEU E 66 9.64 -14.50 -48.56
C LEU E 66 10.04 -13.44 -49.57
N THR E 67 11.33 -13.32 -49.82
CA THR E 67 11.82 -12.30 -50.72
C THR E 67 11.98 -12.88 -52.11
N THR E 68 12.29 -11.99 -53.05
CA THR E 68 12.71 -12.42 -54.37
C THR E 68 13.99 -13.24 -54.29
N SER E 69 14.90 -12.83 -53.40
CA SER E 69 16.21 -13.46 -53.29
C SER E 69 16.07 -14.90 -52.83
N ASP E 70 15.07 -15.18 -52.01
CA ASP E 70 14.85 -16.54 -51.50
C ASP E 70 14.52 -17.48 -52.64
N ILE E 71 13.64 -17.03 -53.52
CA ILE E 71 13.23 -17.84 -54.65
C ILE E 71 14.34 -17.89 -55.67
N ASP E 72 15.16 -16.84 -55.73
CA ASP E 72 16.36 -16.88 -56.54
C ASP E 72 17.29 -17.99 -56.10
N TYR E 73 17.41 -18.18 -54.80
CA TYR E 73 18.18 -19.31 -54.35
C TYR E 73 17.42 -20.61 -54.52
N ALA E 74 16.09 -20.54 -54.60
CA ALA E 74 15.34 -21.74 -54.96
C ALA E 74 15.52 -22.12 -56.41
N LEU E 75 16.02 -21.22 -57.26
CA LEU E 75 16.25 -21.53 -58.66
C LEU E 75 17.60 -22.13 -58.92
N LYS E 76 18.13 -22.90 -57.99
CA LYS E 76 19.33 -23.68 -58.27
C LYS E 76 18.99 -25.06 -58.77
N LEU E 77 17.89 -25.21 -59.51
CA LEU E 77 17.54 -26.48 -60.14
C LEU E 77 17.55 -26.37 -61.67
N UNK E 207 -9.94 -6.94 15.22
CA UNK E 207 -9.82 -6.93 13.76
C UNK E 207 -9.24 -5.61 13.28
N UNK E 208 -7.93 -5.49 13.33
CA UNK E 208 -7.19 -4.41 12.69
C UNK E 208 -6.45 -5.00 11.50
N UNK E 209 -6.67 -4.44 10.32
CA UNK E 209 -6.12 -5.01 9.10
C UNK E 209 -4.61 -4.83 9.05
N UNK E 210 -3.97 -5.57 8.16
CA UNK E 210 -2.55 -5.42 7.95
C UNK E 210 -2.26 -4.07 7.32
N UNK E 211 -1.13 -3.49 7.70
CA UNK E 211 -0.73 -2.19 7.19
C UNK E 211 -0.47 -2.26 5.70
N UNK E 212 -0.64 -1.14 5.03
CA UNK E 212 -0.65 -1.14 3.57
C UNK E 212 0.76 -1.23 3.02
N UNK E 213 0.85 -1.33 1.69
CA UNK E 213 2.10 -1.21 0.98
C UNK E 213 1.81 -0.42 -0.29
N UNK E 214 2.68 0.53 -0.62
CA UNK E 214 2.41 1.43 -1.73
C UNK E 214 2.54 0.71 -3.06
N UNK E 215 2.29 1.45 -4.15
CA UNK E 215 2.55 0.88 -5.46
C UNK E 215 4.04 0.78 -5.73
N UNK E 216 4.82 1.63 -5.08
CA UNK E 216 6.25 1.69 -5.33
C UNK E 216 6.97 0.51 -4.71
N SER E 217 8.21 0.32 -5.12
CA SER E 217 9.21 -0.23 -4.23
C SER E 217 9.96 0.92 -3.59
N VAL E 218 10.71 0.59 -2.54
CA VAL E 218 11.64 1.57 -1.98
C VAL E 218 12.71 1.91 -3.01
N GLU E 219 13.13 0.90 -3.78
CA GLU E 219 14.12 1.10 -4.83
C GLU E 219 13.60 2.07 -5.88
N GLN E 220 12.41 1.82 -6.41
CA GLN E 220 11.99 2.67 -7.49
C GLN E 220 11.44 3.98 -7.00
N GLN E 221 11.04 4.08 -5.74
CA GLN E 221 10.72 5.41 -5.29
C GLN E 221 11.98 6.22 -5.06
N LEU E 222 13.10 5.57 -4.74
CA LEU E 222 14.33 6.35 -4.68
C LEU E 222 14.80 6.69 -6.07
N TYR E 223 14.51 5.82 -7.03
CA TYR E 223 14.73 6.13 -8.44
C TYR E 223 13.88 7.34 -8.84
N TYR E 224 12.65 7.38 -8.36
CA TYR E 224 11.78 8.52 -8.57
C TYR E 224 12.35 9.78 -7.94
N LYS E 225 12.95 9.65 -6.76
CA LYS E 225 13.55 10.82 -6.13
C LYS E 225 14.74 11.32 -6.93
N GLU E 226 15.49 10.40 -7.53
CA GLU E 226 16.53 10.81 -8.46
C GLU E 226 15.95 11.55 -9.65
N ILE E 227 14.80 11.08 -10.15
CA ILE E 227 14.13 11.74 -11.26
C ILE E 227 13.75 13.16 -10.90
N THR E 228 13.21 13.33 -9.70
CA THR E 228 12.74 14.64 -9.27
C THR E 228 13.90 15.59 -9.04
N GLU E 229 14.93 15.15 -8.33
CA GLU E 229 16.02 16.07 -8.08
C GLU E 229 16.89 16.28 -9.30
N ALA E 230 16.79 15.43 -10.31
CA ALA E 230 17.40 15.76 -11.59
C ALA E 230 16.52 16.72 -12.38
N CYS E 231 15.21 16.69 -12.15
CA CYS E 231 14.37 17.75 -12.67
C CYS E 231 14.70 19.08 -12.00
N VAL E 232 15.13 19.05 -10.75
CA VAL E 232 15.70 20.25 -10.15
C VAL E 232 17.03 20.57 -10.80
N GLY E 233 17.77 19.53 -11.23
CA GLY E 233 19.19 19.52 -11.54
C GLY E 233 19.82 20.67 -12.30
N SER E 234 20.83 21.29 -11.67
CA SER E 234 21.54 22.39 -12.30
C SER E 234 22.46 21.90 -13.41
N CYS E 235 23.12 20.76 -13.19
CA CYS E 235 23.99 20.21 -14.22
C CYS E 235 23.14 19.70 -15.37
N GLU E 236 23.38 20.27 -16.55
CA GLU E 236 22.59 19.95 -17.72
C GLU E 236 22.84 18.53 -18.22
N ALA E 237 23.98 17.94 -17.85
CA ALA E 237 24.18 16.52 -18.07
C ALA E 237 23.17 15.71 -17.27
N LYS E 238 22.95 16.07 -16.01
CA LYS E 238 21.95 15.42 -15.19
C LYS E 238 20.56 15.69 -15.72
N ARG E 239 20.36 16.90 -16.26
CA ARG E 239 19.11 17.26 -16.92
C ARG E 239 18.80 16.35 -18.09
N ALA E 240 19.75 16.23 -19.03
CA ALA E 240 19.53 15.42 -20.21
C ALA E 240 19.44 13.95 -19.87
N GLU E 241 20.18 13.52 -18.85
CA GLU E 241 20.06 12.16 -18.34
C GLU E 241 18.64 11.90 -17.86
N ALA E 242 18.08 12.86 -17.13
CA ALA E 242 16.69 12.73 -16.70
C ALA E 242 15.75 12.70 -17.88
N LEU E 243 16.01 13.53 -18.88
CA LEU E 243 15.12 13.64 -20.03
C LEU E 243 15.09 12.34 -20.82
N GLN E 244 16.26 11.75 -21.02
CA GLN E 244 16.33 10.46 -21.69
C GLN E 244 15.73 9.37 -20.83
N SER E 245 15.92 9.44 -19.51
CA SER E 245 15.37 8.45 -18.62
C SER E 245 13.85 8.49 -18.61
N ILE E 246 13.27 9.67 -18.76
CA ILE E 246 11.82 9.77 -18.93
C ILE E 246 11.42 9.16 -20.24
N ALA E 247 12.00 9.67 -21.33
CA ALA E 247 11.49 9.36 -22.66
C ALA E 247 11.73 7.92 -23.05
N THR E 248 12.62 7.22 -22.36
CA THR E 248 12.93 5.84 -22.71
C THR E 248 13.00 4.99 -21.45
N ASP E 249 11.97 5.06 -20.61
CA ASP E 249 11.69 3.98 -19.67
C ASP E 249 10.28 3.48 -19.94
N PRO E 250 10.10 2.67 -20.97
CA PRO E 250 8.81 2.02 -21.16
C PRO E 250 8.65 0.90 -20.15
N GLY E 251 7.40 0.57 -19.89
CA GLY E 251 7.12 -0.33 -18.80
C GLY E 251 7.28 0.28 -17.43
N LEU E 252 7.46 1.60 -17.35
CA LEU E 252 7.59 2.20 -16.03
C LEU E 252 6.21 2.29 -15.39
N TYR E 253 5.34 3.15 -15.92
CA TYR E 253 3.88 2.99 -15.89
C TYR E 253 3.23 3.01 -14.50
N GLN E 254 4.05 2.97 -13.48
CA GLN E 254 3.66 2.70 -12.13
C GLN E 254 4.33 3.67 -11.20
N MET E 255 5.42 4.29 -11.65
CA MET E 255 5.78 5.65 -11.28
C MET E 255 5.15 6.66 -12.21
N LEU E 256 3.99 6.34 -12.70
CA LEU E 256 3.00 7.21 -13.31
C LEU E 256 2.05 7.60 -12.17
N PRO E 257 0.82 8.01 -12.44
CA PRO E 257 0.37 9.37 -12.11
C PRO E 257 0.95 10.10 -10.92
N ARG E 258 1.26 9.44 -9.77
CA ARG E 258 1.70 10.10 -8.54
C ARG E 258 2.80 11.12 -8.81
N PHE E 259 3.77 10.66 -9.58
CA PHE E 259 4.72 11.45 -10.33
C PHE E 259 4.10 12.66 -10.99
N SER E 260 3.23 12.42 -11.96
CA SER E 260 2.71 13.50 -12.78
C SER E 260 1.73 14.35 -11.99
N THR E 261 1.10 13.75 -11.00
CA THR E 261 0.09 14.45 -10.23
C THR E 261 0.70 15.56 -9.40
N PHE E 262 1.65 15.25 -8.51
CA PHE E 262 2.15 16.46 -7.88
C PHE E 262 3.35 17.06 -8.62
N ILE E 263 3.65 16.58 -9.83
CA ILE E 263 4.25 17.47 -10.82
C ILE E 263 3.30 18.62 -11.17
N SER E 264 2.04 18.30 -11.46
CA SER E 264 1.07 19.35 -11.78
C SER E 264 0.79 20.23 -10.57
N GLU E 265 0.86 19.65 -9.39
CA GLU E 265 0.68 20.46 -8.18
C GLU E 265 1.85 21.41 -8.00
N GLY E 266 3.07 20.93 -8.27
CA GLY E 266 4.22 21.81 -8.29
C GLY E 266 4.12 22.89 -9.35
N VAL E 267 3.46 22.58 -10.47
CA VAL E 267 3.20 23.58 -11.51
C VAL E 267 2.36 24.70 -10.94
N ARG E 268 1.25 24.35 -10.27
CA ARG E 268 0.39 25.37 -9.67
C ARG E 268 1.13 26.21 -8.64
N VAL E 269 1.87 25.54 -7.75
CA VAL E 269 2.57 26.24 -6.68
C VAL E 269 3.65 27.16 -7.24
N ASN E 270 4.27 26.76 -8.33
CA ASN E 270 5.29 27.63 -8.89
C ASN E 270 4.75 28.63 -9.88
N VAL E 271 3.52 28.43 -10.37
CA VAL E 271 2.79 29.51 -11.00
C VAL E 271 2.58 30.64 -10.00
N VAL E 272 2.21 30.27 -8.77
CA VAL E 272 2.18 31.25 -7.68
C VAL E 272 3.57 31.83 -7.44
N GLN E 273 4.58 30.96 -7.42
CA GLN E 273 5.93 31.45 -7.18
C GLN E 273 6.52 32.17 -8.37
N ASN E 274 5.99 31.93 -9.57
CA ASN E 274 6.29 32.69 -10.79
C ASN E 274 7.78 32.62 -11.12
N ASN E 275 8.23 31.40 -11.42
CA ASN E 275 9.65 31.08 -11.57
C ASN E 275 9.85 30.31 -12.86
N LEU E 276 10.55 30.93 -13.83
CA LEU E 276 10.66 30.38 -15.17
C LEU E 276 11.50 29.11 -15.23
N ALA E 277 12.45 28.95 -14.31
CA ALA E 277 13.34 27.80 -14.39
C ALA E 277 12.59 26.52 -14.09
N LEU E 278 11.75 26.54 -13.05
CA LEU E 278 10.88 25.41 -12.76
C LEU E 278 9.90 25.18 -13.90
N LEU E 279 9.50 26.25 -14.57
CA LEU E 279 8.60 26.14 -15.71
C LEU E 279 9.24 25.40 -16.87
N ILE E 280 10.44 25.82 -17.27
CA ILE E 280 11.09 25.19 -18.42
C ILE E 280 11.48 23.76 -18.08
N TYR E 281 11.82 23.49 -16.82
CA TYR E 281 12.15 22.14 -16.42
C TYR E 281 10.93 21.24 -16.51
N LEU E 282 9.78 21.72 -16.03
CA LEU E 282 8.58 20.92 -16.11
C LEU E 282 8.06 20.78 -17.52
N MET E 283 8.28 21.78 -18.36
CA MET E 283 7.69 21.66 -19.68
C MET E 283 8.50 20.75 -20.58
N ARG E 284 9.83 20.80 -20.48
CA ARG E 284 10.63 19.79 -21.14
C ARG E 284 10.40 18.42 -20.52
N MET E 285 10.06 18.39 -19.23
CA MET E 285 9.71 17.13 -18.61
C MET E 285 8.45 16.54 -19.21
N VAL E 286 7.47 17.40 -19.48
CA VAL E 286 6.24 16.94 -20.09
C VAL E 286 6.48 16.51 -21.53
N LYS E 287 7.42 17.17 -22.22
CA LYS E 287 7.80 16.76 -23.56
C LYS E 287 8.36 15.34 -23.56
N ALA E 288 9.31 15.10 -22.65
CA ALA E 288 9.88 13.77 -22.51
C ALA E 288 8.86 12.77 -22.03
N LEU E 289 7.86 13.22 -21.28
CA LEU E 289 6.73 12.36 -20.96
C LEU E 289 5.90 12.05 -22.19
N MET E 290 5.84 12.97 -23.12
CA MET E 290 4.97 12.77 -24.25
C MET E 290 5.59 11.79 -25.24
N ASP E 291 6.91 11.70 -25.28
CA ASP E 291 7.53 10.80 -26.24
C ASP E 291 7.93 9.43 -25.68
N ASN E 292 7.53 9.08 -24.46
CA ASN E 292 7.86 7.74 -24.03
C ASN E 292 6.70 6.83 -24.43
N PRO E 293 6.85 6.06 -25.51
CA PRO E 293 5.68 5.69 -26.32
C PRO E 293 4.76 4.70 -25.66
N THR E 294 5.23 3.94 -24.69
CA THR E 294 4.39 2.91 -24.13
C THR E 294 3.38 3.48 -23.14
N LEU E 295 3.79 4.50 -22.41
CA LEU E 295 3.05 5.01 -21.26
C LEU E 295 1.88 5.84 -21.77
N TYR E 296 0.72 5.19 -21.95
CA TYR E 296 -0.36 5.83 -22.65
C TYR E 296 -1.02 6.89 -21.79
N LEU E 297 -1.39 7.97 -22.43
CA LEU E 297 -1.66 9.18 -21.70
C LEU E 297 -3.09 9.26 -21.21
N GLU E 298 -3.97 8.47 -21.84
CA GLU E 298 -5.41 8.71 -21.93
C GLU E 298 -6.05 8.93 -20.56
N LYS E 299 -5.96 7.90 -19.72
CA LYS E 299 -6.59 7.91 -18.41
C LYS E 299 -5.99 8.96 -17.51
N TYR E 300 -4.77 9.36 -17.76
CA TYR E 300 -4.09 10.24 -16.84
C TYR E 300 -3.93 11.61 -17.43
N VAL E 301 -4.52 11.85 -18.60
CA VAL E 301 -4.52 13.15 -19.27
C VAL E 301 -5.00 14.26 -18.35
N HIS E 302 -6.09 14.02 -17.67
CA HIS E 302 -6.96 15.09 -17.25
C HIS E 302 -6.55 15.72 -15.94
N GLU E 303 -5.29 15.58 -15.54
CA GLU E 303 -4.71 16.51 -14.57
C GLU E 303 -3.39 17.06 -15.07
N LEU E 304 -3.17 17.05 -16.37
CA LEU E 304 -1.89 17.47 -16.92
C LEU E 304 -2.04 18.66 -17.86
N ILE E 305 -2.90 18.53 -18.86
CA ILE E 305 -3.23 19.54 -19.85
C ILE E 305 -3.59 20.90 -19.26
N PRO E 306 -4.38 21.00 -18.18
CA PRO E 306 -4.58 22.35 -17.60
C PRO E 306 -3.34 22.97 -17.03
N ALA E 307 -2.36 22.18 -16.57
CA ALA E 307 -1.10 22.78 -16.15
C ALA E 307 -0.36 23.36 -17.33
N VAL E 308 -0.46 22.71 -18.48
CA VAL E 308 0.12 23.23 -19.71
C VAL E 308 -0.54 24.54 -20.09
N MET E 309 -1.87 24.59 -19.98
CA MET E 309 -2.53 25.80 -20.40
C MET E 309 -2.34 26.93 -19.40
N THR E 310 -2.17 26.59 -18.12
CA THR E 310 -1.82 27.60 -17.15
C THR E 310 -0.42 28.13 -17.41
N CYS E 311 0.46 27.28 -17.92
CA CYS E 311 1.72 27.78 -18.44
C CYS E 311 1.53 28.62 -19.68
N ILE E 312 0.45 28.41 -20.42
CA ILE E 312 0.23 29.22 -21.62
C ILE E 312 -0.24 30.63 -21.26
N VAL E 313 -1.16 30.76 -20.31
CA VAL E 313 -2.03 31.95 -20.29
C VAL E 313 -1.32 33.25 -19.90
N SER E 314 -0.83 33.40 -18.67
CA SER E 314 -0.55 34.76 -18.26
C SER E 314 0.47 34.82 -17.13
N ARG E 315 1.00 36.03 -16.95
CA ARG E 315 1.56 36.52 -15.70
C ARG E 315 2.80 35.73 -15.28
N GLN E 316 3.47 35.13 -16.25
CA GLN E 316 4.78 34.53 -16.03
C GLN E 316 5.78 35.67 -15.95
N LEU E 317 5.83 36.27 -14.78
CA LEU E 317 6.52 37.54 -14.59
C LEU E 317 7.52 37.33 -13.47
N CYS E 318 8.69 36.81 -13.83
CA CYS E 318 9.81 36.86 -12.90
C CYS E 318 10.28 38.30 -12.74
N LEU E 319 10.69 38.90 -13.85
CA LEU E 319 11.00 40.33 -13.91
C LEU E 319 10.45 40.91 -15.19
N ARG E 320 10.07 42.17 -15.12
CA ARG E 320 9.56 42.93 -16.25
C ARG E 320 10.56 43.16 -17.39
N PRO E 321 11.87 43.34 -17.16
CA PRO E 321 12.78 43.26 -18.32
C PRO E 321 13.09 41.83 -18.73
N ASP E 322 12.63 40.84 -17.98
CA ASP E 322 12.95 39.45 -18.24
C ASP E 322 11.71 38.65 -18.60
N VAL E 323 10.76 39.31 -19.27
CA VAL E 323 9.61 38.60 -19.83
C VAL E 323 10.00 37.88 -21.12
N ASP E 324 11.23 38.10 -21.60
CA ASP E 324 11.72 37.65 -22.90
C ASP E 324 11.69 36.14 -23.03
N ASN E 325 12.17 35.44 -22.00
CA ASN E 325 12.23 33.99 -22.05
C ASN E 325 10.84 33.38 -21.96
N HIS E 326 9.89 34.12 -21.38
CA HIS E 326 8.56 33.59 -21.19
C HIS E 326 7.82 33.46 -22.52
N TRP E 327 8.17 34.29 -23.51
CA TRP E 327 7.55 34.13 -24.80
C TRP E 327 7.98 32.84 -25.44
N ALA E 328 9.26 32.51 -25.34
CA ALA E 328 9.75 31.23 -25.82
C ALA E 328 9.16 30.07 -25.04
N LEU E 329 8.92 30.28 -23.74
CA LEU E 329 8.21 29.29 -22.95
C LEU E 329 6.81 29.04 -23.50
N ARG E 330 6.12 30.11 -23.88
CA ARG E 330 4.79 29.95 -24.45
C ARG E 330 4.84 29.28 -25.81
N ASP E 331 5.88 29.58 -26.59
CA ASP E 331 6.09 28.94 -27.88
C ASP E 331 6.24 27.44 -27.71
N PHE E 332 7.14 27.06 -26.81
CA PHE E 332 7.40 25.67 -26.50
C PHE E 332 6.15 24.99 -25.97
N ALA E 333 5.37 25.72 -25.18
CA ALA E 333 4.16 25.16 -24.59
C ALA E 333 3.11 24.89 -25.64
N ALA E 334 2.88 25.86 -26.52
CA ALA E 334 1.89 25.67 -27.57
C ALA E 334 2.34 24.60 -28.55
N ARG E 335 3.65 24.48 -28.74
CA ARG E 335 4.20 23.38 -29.51
C ARG E 335 3.89 22.04 -28.85
N LEU E 336 3.96 22.00 -27.53
CA LEU E 336 3.59 20.78 -26.82
C LEU E 336 2.12 20.46 -26.97
N VAL E 337 1.29 21.50 -26.95
CA VAL E 337 -0.14 21.31 -27.15
C VAL E 337 -0.41 20.78 -28.54
N ALA E 338 0.32 21.28 -29.53
CA ALA E 338 0.24 20.75 -30.88
C ALA E 338 0.62 19.28 -30.92
N GLN E 339 1.62 18.90 -30.14
CA GLN E 339 1.96 17.49 -30.06
C GLN E 339 0.87 16.70 -29.36
N ILE E 340 0.12 17.33 -28.46
CA ILE E 340 -0.96 16.64 -27.79
C ILE E 340 -2.10 16.37 -28.75
N CYS E 341 -2.52 17.41 -29.47
CA CYS E 341 -3.80 17.44 -30.16
C CYS E 341 -3.94 16.42 -31.28
N LYS E 342 -2.85 15.81 -31.72
CA LYS E 342 -2.91 14.85 -32.80
C LYS E 342 -3.18 13.44 -32.34
N HIS E 343 -3.66 13.25 -31.11
CA HIS E 343 -3.83 11.90 -30.60
C HIS E 343 -5.15 11.63 -29.90
N PHE E 344 -5.87 12.65 -29.44
CA PHE E 344 -6.88 12.40 -28.45
C PHE E 344 -8.26 12.93 -28.78
N SER E 345 -8.39 13.76 -29.79
CA SER E 345 -9.68 14.37 -30.08
C SER E 345 -10.57 13.50 -30.95
N THR E 346 -10.17 12.25 -31.24
CA THR E 346 -11.06 11.31 -31.91
C THR E 346 -12.29 11.05 -31.06
N THR E 347 -12.10 11.03 -29.75
CA THR E 347 -13.06 10.71 -28.73
C THR E 347 -13.94 11.93 -28.50
N THR E 348 -14.51 12.01 -27.31
CA THR E 348 -14.87 13.25 -26.68
C THR E 348 -13.88 14.35 -27.00
N ASN E 349 -14.42 15.48 -27.41
CA ASN E 349 -13.66 16.51 -28.09
C ASN E 349 -13.21 17.58 -27.12
N ASN E 350 -12.78 17.19 -25.93
CA ASN E 350 -12.18 18.13 -24.98
C ASN E 350 -11.02 18.89 -25.65
N ILE E 351 -10.22 18.16 -26.41
CA ILE E 351 -8.97 18.64 -26.98
C ILE E 351 -9.25 19.76 -27.96
N GLN E 352 -9.81 19.40 -29.11
CA GLN E 352 -9.99 20.38 -30.15
C GLN E 352 -11.04 21.40 -29.76
N SER E 353 -12.25 20.94 -29.45
CA SER E 353 -13.36 21.87 -29.25
C SER E 353 -13.14 22.74 -28.02
N ARG E 354 -12.67 22.16 -26.92
CA ARG E 354 -12.54 22.96 -25.71
C ARG E 354 -11.34 23.88 -25.78
N ILE E 355 -10.22 23.43 -26.34
CA ILE E 355 -9.06 24.32 -26.37
C ILE E 355 -9.25 25.41 -27.42
N THR E 356 -9.92 25.08 -28.53
CA THR E 356 -10.23 26.10 -29.53
C THR E 356 -11.20 27.12 -29.01
N LYS E 357 -12.29 26.70 -28.36
CA LYS E 357 -13.23 27.68 -27.84
C LYS E 357 -12.64 28.44 -26.66
N THR E 358 -11.74 27.79 -25.92
CA THR E 358 -10.97 28.45 -24.89
C THR E 358 -10.20 29.61 -25.45
N PHE E 359 -9.40 29.34 -26.48
CA PHE E 359 -8.58 30.39 -27.05
C PHE E 359 -9.40 31.37 -27.84
N THR E 360 -10.57 30.93 -28.31
CA THR E 360 -11.50 31.82 -29.00
C THR E 360 -11.99 32.90 -28.08
N LYS E 361 -12.68 32.51 -27.01
CA LYS E 361 -13.19 33.48 -26.05
C LYS E 361 -12.07 34.14 -25.27
N SER E 362 -10.89 33.54 -25.24
CA SER E 362 -9.73 34.20 -24.67
C SER E 362 -9.24 35.33 -25.56
N TRP E 363 -9.29 35.13 -26.88
CA TRP E 363 -8.98 36.20 -27.81
C TRP E 363 -10.03 37.29 -27.77
N VAL E 364 -11.28 36.90 -27.49
CA VAL E 364 -12.36 37.88 -27.35
C VAL E 364 -12.16 38.74 -26.10
N ASP E 365 -11.45 38.21 -25.09
CA ASP E 365 -11.31 38.87 -23.79
C ASP E 365 -10.55 40.18 -23.92
N GLU E 366 -11.29 41.27 -23.88
CA GLU E 366 -10.72 42.61 -23.94
C GLU E 366 -10.26 42.98 -22.54
N LYS E 367 -9.28 43.89 -22.49
CA LYS E 367 -8.68 44.40 -21.27
C LYS E 367 -8.04 43.27 -20.45
N THR E 368 -7.23 42.49 -21.13
CA THR E 368 -6.38 41.45 -20.55
C THR E 368 -4.94 41.73 -20.95
N PRO E 369 -3.97 41.25 -20.18
CA PRO E 369 -2.58 41.44 -20.58
C PRO E 369 -2.26 40.66 -21.84
N TRP E 370 -1.30 41.19 -22.60
CA TRP E 370 -1.03 40.65 -23.93
C TRP E 370 -0.33 39.32 -23.88
N THR E 371 0.17 38.90 -22.72
CA THR E 371 0.62 37.52 -22.55
C THR E 371 -0.51 36.54 -22.83
N THR E 372 -1.72 36.87 -22.41
CA THR E 372 -2.88 36.05 -22.72
C THR E 372 -3.12 36.00 -24.21
N ARG E 373 -3.00 37.15 -24.87
CA ARG E 373 -3.25 37.25 -26.30
C ARG E 373 -2.21 36.45 -27.07
N TYR E 374 -0.95 36.54 -26.64
CA TYR E 374 0.13 35.84 -27.28
C TYR E 374 -0.01 34.34 -27.12
N GLY E 375 -0.31 33.90 -25.89
CA GLY E 375 -0.46 32.47 -25.65
C GLY E 375 -1.64 31.89 -26.41
N SER E 376 -2.74 32.63 -26.48
CA SER E 376 -3.92 32.21 -27.21
C SER E 376 -3.62 32.05 -28.70
N ILE E 377 -3.08 33.11 -29.30
CA ILE E 377 -2.89 33.10 -30.73
C ILE E 377 -1.77 32.14 -31.11
N ALA E 378 -0.79 31.96 -30.24
CA ALA E 378 0.26 30.98 -30.50
C ALA E 378 -0.28 29.57 -30.42
N GLY E 379 -1.17 29.31 -29.46
CA GLY E 379 -1.78 27.99 -29.38
C GLY E 379 -2.65 27.70 -30.58
N LEU E 380 -3.35 28.71 -31.08
CA LEU E 380 -4.14 28.53 -32.29
C LEU E 380 -3.24 28.35 -33.49
N ALA E 381 -2.06 28.98 -33.47
CA ALA E 381 -1.10 28.84 -34.55
C ALA E 381 -0.56 27.42 -34.60
N GLU E 382 -0.33 26.83 -33.44
CA GLU E 382 0.20 25.48 -33.39
C GLU E 382 -0.82 24.43 -33.79
N LEU E 383 -2.10 24.78 -33.83
CA LEU E 383 -3.10 23.80 -34.20
C LEU E 383 -3.08 23.48 -35.69
N GLY E 384 -2.56 24.37 -36.53
CA GLY E 384 -2.40 24.00 -37.91
C GLY E 384 -2.70 25.06 -38.94
N HIS E 385 -2.48 24.69 -40.20
CA HIS E 385 -2.66 25.59 -41.32
C HIS E 385 -4.12 26.00 -41.47
N ASP E 386 -5.01 25.02 -41.56
CA ASP E 386 -6.41 25.31 -41.81
C ASP E 386 -7.09 25.91 -40.59
N VAL E 387 -6.54 25.65 -39.40
CA VAL E 387 -7.02 26.30 -38.18
C VAL E 387 -6.86 27.81 -38.30
N ILE E 388 -5.66 28.25 -38.65
CA ILE E 388 -5.40 29.67 -38.80
C ILE E 388 -6.13 30.23 -40.01
N LYS E 389 -6.29 29.40 -41.04
CA LYS E 389 -7.06 29.78 -42.22
C LYS E 389 -8.50 30.11 -41.86
N THR E 390 -9.08 29.36 -40.92
CA THR E 390 -10.38 29.74 -40.38
C THR E 390 -10.25 30.99 -39.53
N LEU E 391 -9.30 30.98 -38.60
CA LEU E 391 -9.36 31.93 -37.49
C LEU E 391 -8.84 33.30 -37.88
N ILE E 392 -7.74 33.37 -38.61
CA ILE E 392 -7.10 34.67 -38.75
C ILE E 392 -7.49 35.18 -40.13
N LEU E 393 -8.55 34.62 -40.68
CA LEU E 393 -9.16 35.26 -41.84
C LEU E 393 -9.86 36.55 -41.45
N PRO E 394 -10.75 36.62 -40.41
CA PRO E 394 -11.17 37.96 -39.99
C PRO E 394 -10.16 38.60 -39.04
N ARG E 395 -9.44 37.75 -38.31
CA ARG E 395 -8.51 38.24 -37.31
C ARG E 395 -7.27 38.84 -37.93
N LEU E 396 -7.06 38.70 -39.23
CA LEU E 396 -6.06 39.45 -39.96
C LEU E 396 -6.22 40.95 -39.74
N GLN E 397 -7.31 41.52 -40.24
CA GLN E 397 -7.49 42.93 -40.05
C GLN E 397 -8.02 43.30 -38.69
N GLN E 398 -8.68 42.38 -37.97
CA GLN E 398 -9.11 42.72 -36.61
C GLN E 398 -7.93 42.81 -35.66
N GLU E 399 -6.98 41.91 -35.78
CA GLU E 399 -5.77 42.03 -35.00
C GLU E 399 -4.86 43.11 -35.56
N GLY E 400 -5.01 43.48 -36.84
CA GLY E 400 -4.35 44.69 -37.30
C GLY E 400 -4.91 45.95 -36.66
N GLU E 401 -6.22 45.95 -36.40
CA GLU E 401 -6.83 46.99 -35.59
C GLU E 401 -6.28 46.97 -34.18
N ARG E 402 -6.01 45.78 -33.65
CA ARG E 402 -5.36 45.69 -32.34
C ARG E 402 -3.93 46.21 -32.40
N ILE E 403 -3.24 45.98 -33.53
CA ILE E 403 -1.87 46.48 -33.73
C ILE E 403 -1.85 48.00 -33.68
N ARG E 404 -2.68 48.62 -34.51
CA ARG E 404 -2.66 50.07 -34.55
C ARG E 404 -3.52 50.70 -33.47
N SER E 405 -4.13 49.89 -32.61
CA SER E 405 -4.51 50.38 -31.29
C SER E 405 -3.29 50.43 -30.39
N VAL E 406 -2.43 49.42 -30.50
CA VAL E 406 -1.18 49.43 -29.75
C VAL E 406 -0.20 50.40 -30.39
N LEU E 407 0.17 50.14 -31.64
CA LEU E 407 1.10 51.03 -32.34
C LEU E 407 0.39 52.31 -32.72
N ASP E 408 1.11 53.42 -32.55
CA ASP E 408 0.55 54.78 -32.57
C ASP E 408 -0.62 54.88 -31.60
N GLY E 409 -0.43 54.32 -30.41
CA GLY E 409 -1.49 54.17 -29.45
C GLY E 409 -1.34 55.04 -28.23
N PRO E 410 -0.83 54.46 -27.14
CA PRO E 410 -0.89 55.13 -25.84
C PRO E 410 0.08 56.29 -25.69
N VAL E 411 0.09 56.90 -24.51
CA VAL E 411 1.07 57.93 -24.23
C VAL E 411 2.40 57.24 -23.95
N LEU E 412 2.45 56.47 -22.86
CA LEU E 412 3.66 55.75 -22.47
C LEU E 412 3.28 54.57 -21.59
N SER E 413 3.45 53.35 -22.10
CA SER E 413 3.64 52.17 -21.25
C SER E 413 4.54 51.23 -22.04
N ASN E 414 5.85 51.41 -21.87
CA ASN E 414 6.79 50.79 -22.78
C ASN E 414 7.01 49.32 -22.49
N ILE E 415 6.73 48.88 -21.27
CA ILE E 415 6.68 47.44 -21.00
C ILE E 415 5.64 46.78 -21.89
N ASP E 416 4.41 47.30 -21.82
CA ASP E 416 3.32 46.77 -22.60
C ASP E 416 3.51 47.07 -24.08
N ARG E 417 4.09 48.22 -24.40
CA ARG E 417 4.38 48.57 -25.79
C ARG E 417 5.34 47.58 -26.43
N ILE E 418 6.50 47.37 -25.80
CA ILE E 418 7.51 46.49 -26.35
C ILE E 418 7.05 45.04 -26.36
N GLY E 419 6.37 44.63 -25.28
CA GLY E 419 5.75 43.32 -25.20
C GLY E 419 4.77 43.05 -26.33
N ALA E 420 3.69 43.82 -26.38
CA ALA E 420 2.67 43.64 -27.41
C ALA E 420 3.24 43.86 -28.82
N ASP E 421 4.25 44.72 -28.95
CA ASP E 421 4.81 45.01 -30.27
C ASP E 421 5.55 43.80 -30.82
N HIS E 422 6.44 43.21 -30.01
CA HIS E 422 7.15 42.05 -30.53
C HIS E 422 6.22 40.85 -30.62
N VAL E 423 5.18 40.82 -29.78
CA VAL E 423 4.17 39.78 -29.88
C VAL E 423 3.45 39.84 -31.21
N GLN E 424 3.02 41.05 -31.59
CA GLN E 424 2.32 41.24 -32.84
C GLN E 424 3.23 40.96 -34.02
N SER E 425 4.52 41.29 -33.89
CA SER E 425 5.47 41.01 -34.95
C SER E 425 5.66 39.50 -35.12
N LEU E 426 5.85 38.80 -33.99
CA LEU E 426 6.02 37.35 -33.99
C LEU E 426 4.82 36.66 -34.59
N LEU E 427 3.63 37.03 -34.14
CA LEU E 427 2.44 36.35 -34.61
C LEU E 427 2.11 36.76 -36.03
N LEU E 428 2.55 37.95 -36.44
CA LEU E 428 2.44 38.38 -37.83
C LEU E 428 3.23 37.46 -38.75
N LYS E 429 4.54 37.42 -38.58
CA LYS E 429 5.32 36.61 -39.49
C LYS E 429 5.23 35.11 -39.20
N HIS E 430 4.60 34.72 -38.11
CA HIS E 430 4.30 33.32 -37.93
C HIS E 430 2.97 32.94 -38.54
N CYS E 431 2.05 33.89 -38.64
CA CYS E 431 0.79 33.67 -39.33
C CYS E 431 0.97 33.77 -40.83
N ALA E 432 2.03 34.47 -41.26
CA ALA E 432 2.31 34.69 -42.68
C ALA E 432 2.32 33.46 -43.61
N PRO E 433 2.84 32.27 -43.24
CA PRO E 433 2.82 31.16 -44.22
C PRO E 433 1.44 30.63 -44.58
N VAL E 434 0.40 30.96 -43.80
CA VAL E 434 -0.94 30.52 -44.16
C VAL E 434 -1.42 31.26 -45.40
N LEU E 435 -1.45 32.59 -45.33
CA LEU E 435 -1.84 33.40 -46.48
C LEU E 435 -0.80 33.33 -47.59
N ALA E 436 0.44 33.00 -47.26
CA ALA E 436 1.42 32.73 -48.31
C ALA E 436 1.06 31.47 -49.07
N LYS E 437 0.68 30.42 -48.36
CA LYS E 437 0.15 29.24 -49.03
C LYS E 437 -1.22 29.52 -49.62
N LEU E 438 -1.98 30.44 -49.04
CA LEU E 438 -3.28 30.77 -49.59
C LEU E 438 -3.15 31.72 -50.77
N ARG E 439 -2.63 32.90 -50.54
CA ARG E 439 -2.65 33.84 -51.65
C ARG E 439 -1.34 33.82 -52.40
N PRO E 440 -1.37 34.14 -53.70
CA PRO E 440 -0.14 34.38 -54.42
C PRO E 440 0.51 35.67 -53.95
N PRO E 441 1.83 35.80 -54.10
CA PRO E 441 2.51 36.96 -53.53
C PRO E 441 2.50 38.15 -54.49
N PRO E 442 1.38 38.45 -55.12
CA PRO E 442 1.31 39.68 -55.91
C PRO E 442 0.66 40.83 -55.15
N ASP E 443 0.95 42.06 -55.58
CA ASP E 443 0.26 43.29 -55.18
C ASP E 443 0.34 43.51 -53.66
N ASN E 444 1.57 43.73 -53.20
CA ASN E 444 1.82 43.89 -51.77
C ASN E 444 1.18 45.18 -51.24
N GLN E 445 1.09 46.21 -52.08
CA GLN E 445 0.37 47.42 -51.68
C GLN E 445 -1.11 47.15 -51.54
N ASP E 446 -1.67 46.30 -52.39
CA ASP E 446 -3.06 45.92 -52.25
C ASP E 446 -3.24 44.89 -51.14
N ALA E 447 -2.26 44.02 -50.95
CA ALA E 447 -2.34 43.02 -49.89
C ALA E 447 -2.26 43.66 -48.52
N TYR E 448 -1.53 44.78 -48.39
CA TYR E 448 -1.55 45.53 -47.14
C TYR E 448 -2.91 46.17 -46.91
N ARG E 449 -3.54 46.66 -47.99
CA ARG E 449 -4.93 47.08 -47.90
C ARG E 449 -5.83 45.88 -47.61
N ALA E 450 -5.45 44.71 -48.12
CA ALA E 450 -6.16 43.48 -47.77
C ALA E 450 -5.80 42.96 -46.39
N GLU E 451 -4.85 43.58 -45.70
CA GLU E 451 -4.45 43.15 -44.37
C GLU E 451 -4.25 44.33 -43.42
N PHE E 452 -5.01 45.40 -43.63
CA PHE E 452 -5.05 46.59 -42.77
C PHE E 452 -3.69 47.27 -42.63
N GLY E 453 -2.87 47.23 -43.66
CA GLY E 453 -1.68 48.11 -43.68
C GLY E 453 -0.49 47.80 -42.81
N SER E 454 -0.72 47.53 -41.52
CA SER E 454 0.38 47.30 -40.58
C SER E 454 1.14 46.02 -40.88
N LEU E 455 0.48 45.03 -41.48
CA LEU E 455 1.17 43.85 -41.96
C LEU E 455 2.12 44.21 -43.10
N GLY E 456 1.70 45.13 -43.95
CA GLY E 456 2.57 45.63 -45.00
C GLY E 456 3.67 46.48 -44.42
N PRO E 457 4.90 46.27 -44.89
CA PRO E 457 5.31 45.20 -45.82
C PRO E 457 6.06 44.10 -45.12
N LEU E 458 5.87 44.02 -43.80
CA LEU E 458 6.40 42.89 -43.05
C LEU E 458 5.72 41.60 -43.48
N LEU E 459 4.43 41.68 -43.81
CA LEU E 459 3.79 40.58 -44.51
C LEU E 459 4.42 40.37 -45.87
N CYS E 460 4.74 41.46 -46.58
CA CYS E 460 5.38 41.33 -47.88
C CYS E 460 6.82 40.84 -47.76
N SER E 461 7.52 41.25 -46.70
CA SER E 461 8.86 40.75 -46.47
C SER E 461 8.83 39.27 -46.12
N GLN E 462 7.83 38.85 -45.34
CA GLN E 462 7.66 37.44 -45.06
C GLN E 462 7.23 36.66 -46.29
N VAL E 463 6.51 37.32 -47.20
CA VAL E 463 6.13 36.68 -48.46
C VAL E 463 7.35 36.51 -49.35
N VAL E 464 8.27 37.48 -49.29
CA VAL E 464 9.54 37.34 -49.99
C VAL E 464 10.35 36.22 -49.38
N LYS E 465 10.32 36.09 -48.06
CA LYS E 465 10.99 34.99 -47.39
C LYS E 465 10.36 33.65 -47.74
N ALA E 466 9.04 33.63 -47.92
CA ALA E 466 8.36 32.40 -48.29
C ALA E 466 8.65 32.03 -49.74
N ARG E 467 8.74 33.02 -50.61
CA ARG E 467 9.18 32.77 -51.98
C ARG E 467 10.61 32.28 -52.03
N ALA E 468 11.45 32.77 -51.11
CA ALA E 468 12.82 32.27 -51.02
C ALA E 468 12.84 30.83 -50.50
N GLN E 469 11.97 30.52 -49.55
CA GLN E 469 11.87 29.15 -49.05
C GLN E 469 11.33 28.20 -50.11
N ALA E 470 10.46 28.71 -50.98
CA ALA E 470 9.98 27.91 -52.11
C ALA E 470 11.08 27.72 -53.14
N ALA E 471 11.90 28.76 -53.35
CA ALA E 471 13.04 28.66 -54.25
C ALA E 471 14.11 27.74 -53.69
N LEU E 472 14.14 27.54 -52.37
CA LEU E 472 15.03 26.55 -51.79
C LEU E 472 14.64 25.13 -52.18
N GLN E 473 13.37 24.90 -52.46
CA GLN E 473 12.92 23.60 -52.92
C GLN E 473 13.32 23.39 -54.38
N ASN F 28 14.11 -3.51 -47.05
CA ASN F 28 13.89 -2.19 -47.62
C ASN F 28 15.19 -1.44 -47.85
N TYR F 29 16.11 -1.55 -46.90
CA TYR F 29 17.28 -0.67 -46.89
C TYR F 29 18.35 -1.14 -47.87
N HIS F 30 18.20 -2.36 -48.38
CA HIS F 30 19.08 -2.84 -49.44
C HIS F 30 18.89 -2.07 -50.73
N LEU F 31 17.67 -1.56 -50.96
CA LEU F 31 17.20 -1.17 -52.28
C LEU F 31 18.00 -0.04 -52.92
N ALA F 32 18.60 0.81 -52.09
CA ALA F 32 19.23 2.03 -52.60
C ALA F 32 20.46 1.73 -53.44
N ARG F 33 21.15 0.63 -53.16
CA ARG F 33 22.26 0.24 -54.03
C ARG F 33 21.75 -0.20 -55.40
N ARG F 34 20.58 -0.83 -55.43
CA ARG F 34 20.00 -1.22 -56.70
C ARG F 34 19.58 0.00 -57.50
N ARG F 35 19.00 1.00 -56.82
CA ARG F 35 18.67 2.21 -57.54
C ARG F 35 19.91 3.03 -57.88
N THR F 36 21.01 2.83 -57.15
CA THR F 36 22.29 3.40 -57.54
C THR F 36 22.79 2.79 -58.83
N LEU F 37 22.59 1.47 -58.98
CA LEU F 37 22.90 0.84 -60.25
C LEU F 37 22.00 1.37 -61.35
N GLN F 38 20.75 1.68 -61.03
CA GLN F 38 19.87 2.32 -62.00
C GLN F 38 20.39 3.69 -62.41
N VAL F 39 21.02 4.41 -61.47
CA VAL F 39 21.65 5.68 -61.80
C VAL F 39 22.81 5.48 -62.76
N VAL F 40 23.58 4.42 -62.55
CA VAL F 40 24.69 4.11 -63.46
C VAL F 40 24.15 3.75 -64.84
N VAL F 41 23.00 3.05 -64.87
CA VAL F 41 22.32 2.74 -66.12
C VAL F 41 21.93 4.00 -66.86
N SER F 42 21.33 4.96 -66.13
CA SER F 42 20.93 6.22 -66.74
C SER F 42 22.13 7.03 -67.22
N SER F 43 23.25 6.93 -66.50
CA SER F 43 24.47 7.60 -66.92
C SER F 43 24.98 7.02 -68.24
N LEU F 44 24.91 5.70 -68.37
CA LEU F 44 25.39 5.08 -69.60
C LEU F 44 24.43 5.31 -70.75
N LEU F 45 23.14 5.45 -70.46
CA LEU F 45 22.20 5.84 -71.51
C LEU F 45 22.41 7.28 -71.95
N THR F 46 22.79 8.14 -71.01
CA THR F 46 23.10 9.52 -71.35
C THR F 46 24.35 9.59 -72.20
N GLU F 47 25.34 8.77 -71.89
CA GLU F 47 26.52 8.66 -72.75
C GLU F 47 26.15 8.08 -74.10
N ALA F 48 25.18 7.16 -74.13
CA ALA F 48 24.62 6.71 -75.40
C ALA F 48 23.84 7.84 -76.06
N GLY F 49 22.79 8.32 -75.39
CA GLY F 49 22.04 9.43 -75.92
C GLY F 49 20.57 9.14 -76.15
N PHE F 50 20.02 8.17 -75.43
CA PHE F 50 18.59 7.91 -75.52
C PHE F 50 17.81 8.98 -74.79
N GLU F 51 16.88 9.61 -75.49
CA GLU F 51 16.04 10.59 -74.83
C GLU F 51 15.01 9.92 -73.94
N SER F 52 14.37 8.86 -74.43
CA SER F 52 13.36 8.15 -73.68
C SER F 52 13.78 6.70 -73.49
N ALA F 53 12.94 5.94 -72.79
CA ALA F 53 13.21 4.56 -72.43
C ALA F 53 11.93 3.90 -71.96
N GLU F 54 11.99 2.58 -71.81
CA GLU F 54 10.94 1.79 -71.17
C GLU F 54 11.42 1.38 -69.78
N LYS F 55 10.71 1.82 -68.75
CA LYS F 55 11.20 1.81 -67.38
C LYS F 55 11.43 0.41 -66.85
N ALA F 56 10.45 -0.49 -67.06
CA ALA F 56 10.59 -1.86 -66.59
C ALA F 56 11.70 -2.60 -67.32
N SER F 57 11.88 -2.30 -68.61
CA SER F 57 12.98 -2.87 -69.35
C SER F 57 14.32 -2.36 -68.82
N VAL F 58 14.37 -1.08 -68.45
CA VAL F 58 15.58 -0.49 -67.87
C VAL F 58 15.94 -1.20 -66.57
N GLU F 59 14.96 -1.37 -65.70
CA GLU F 59 15.24 -2.03 -64.42
C GLU F 59 15.56 -3.50 -64.60
N THR F 60 14.98 -4.13 -65.63
CA THR F 60 15.32 -5.51 -65.93
C THR F 60 16.74 -5.62 -66.43
N LEU F 61 17.19 -4.66 -67.25
CA LEU F 61 18.57 -4.61 -67.68
C LEU F 61 19.50 -4.35 -66.51
N THR F 62 19.04 -3.58 -65.53
CA THR F 62 19.82 -3.35 -64.33
C THR F 62 20.00 -4.64 -63.54
N GLU F 63 18.93 -5.43 -63.45
CA GLU F 63 19.01 -6.76 -62.85
C GLU F 63 19.97 -7.64 -63.62
N MET F 64 19.94 -7.54 -64.95
CA MET F 64 20.87 -8.28 -65.78
C MET F 64 22.29 -7.86 -65.52
N LEU F 65 22.50 -6.58 -65.25
CA LEU F 65 23.84 -6.08 -64.98
C LEU F 65 24.35 -6.61 -63.65
N GLN F 66 23.51 -6.59 -62.62
CA GLN F 66 23.99 -7.06 -61.33
C GLN F 66 24.18 -8.57 -61.34
N SER F 67 23.38 -9.27 -62.13
CA SER F 67 23.62 -10.69 -62.31
C SER F 67 24.90 -10.93 -63.09
N TYR F 68 25.26 -10.00 -63.99
CA TYR F 68 26.52 -10.15 -64.70
C TYR F 68 27.71 -9.93 -63.77
N ILE F 69 27.57 -8.97 -62.87
CA ILE F 69 28.55 -8.76 -61.80
C ILE F 69 28.71 -10.02 -60.98
N SER F 70 27.59 -10.59 -60.55
CA SER F 70 27.64 -11.80 -59.73
C SER F 70 28.13 -12.99 -60.54
N GLU F 71 27.95 -12.97 -61.85
CA GLU F 71 28.42 -14.05 -62.70
C GLU F 71 29.94 -14.01 -62.80
N ILE F 72 30.48 -12.80 -62.94
CA ILE F 72 31.92 -12.56 -62.81
C ILE F 72 32.42 -13.08 -61.47
N GLY F 73 31.68 -12.77 -60.41
CA GLY F 73 32.13 -13.14 -59.08
C GLY F 73 32.10 -14.63 -58.82
N ARG F 74 31.08 -15.32 -59.33
CA ARG F 74 31.04 -16.78 -59.25
C ARG F 74 32.17 -17.40 -60.03
N SER F 75 32.42 -16.89 -61.24
CA SER F 75 33.46 -17.42 -62.10
C SER F 75 34.83 -17.28 -61.43
N ALA F 76 35.14 -16.07 -60.97
CA ALA F 76 36.42 -15.82 -60.31
C ALA F 76 36.50 -16.54 -58.97
N LYS F 77 35.37 -16.66 -58.28
CA LYS F 77 35.27 -17.40 -57.03
C LYS F 77 35.73 -18.83 -57.23
N SER F 78 35.03 -19.59 -58.06
CA SER F 78 35.40 -20.98 -58.24
C SER F 78 36.64 -21.14 -59.11
N TYR F 79 37.12 -20.08 -59.73
CA TYR F 79 38.26 -20.17 -60.60
C TYR F 79 39.58 -19.97 -59.87
N CYS F 80 39.62 -19.09 -58.87
CA CYS F 80 40.83 -18.87 -58.11
C CYS F 80 40.87 -19.71 -56.85
N GLU F 81 39.90 -20.59 -56.68
CA GLU F 81 40.07 -21.70 -55.77
C GLU F 81 40.83 -22.84 -56.43
N HIS F 82 41.16 -22.71 -57.71
CA HIS F 82 42.08 -23.65 -58.33
C HIS F 82 43.52 -23.43 -57.89
N THR F 83 43.80 -22.30 -57.26
CA THR F 83 44.95 -22.21 -56.38
C THR F 83 44.50 -22.57 -54.97
N ALA F 84 45.43 -23.15 -54.20
CA ALA F 84 45.14 -23.43 -52.79
C ALA F 84 44.96 -22.15 -52.00
N ARG F 85 45.61 -21.10 -52.45
CA ARG F 85 45.38 -19.76 -51.96
C ARG F 85 44.23 -19.11 -52.73
N THR F 86 43.76 -17.98 -52.23
CA THR F 86 42.47 -17.42 -52.64
C THR F 86 42.61 -16.32 -53.67
N GLN F 87 43.39 -15.27 -53.35
CA GLN F 87 43.38 -13.93 -53.93
C GLN F 87 43.38 -13.87 -55.44
N PRO F 88 42.25 -13.45 -56.03
CA PRO F 88 42.15 -13.38 -57.49
C PRO F 88 42.86 -12.15 -58.02
N THR F 89 43.86 -12.37 -58.85
CA THR F 89 44.69 -11.28 -59.35
C THR F 89 44.16 -10.81 -60.69
N LEU F 90 44.97 -9.99 -61.36
CA LEU F 90 44.52 -9.29 -62.57
C LEU F 90 44.34 -10.26 -63.73
N SER F 91 45.36 -11.06 -64.03
CA SER F 91 45.32 -11.99 -65.15
C SER F 91 44.27 -13.06 -64.94
N ASP F 92 43.95 -13.36 -63.69
CA ASP F 92 42.83 -14.22 -63.36
C ASP F 92 41.55 -13.67 -63.93
N ILE F 93 41.31 -12.39 -63.72
CA ILE F 93 40.08 -11.78 -64.18
C ILE F 93 40.14 -11.55 -65.68
N VAL F 94 41.35 -11.42 -66.22
CA VAL F 94 41.55 -11.36 -67.67
C VAL F 94 41.06 -12.64 -68.32
N VAL F 95 41.54 -13.78 -67.81
CA VAL F 95 41.11 -15.08 -68.32
C VAL F 95 39.64 -15.32 -68.02
N THR F 96 39.14 -14.70 -66.95
CA THR F 96 37.71 -14.80 -66.64
C THR F 96 36.86 -14.08 -67.68
N LEU F 97 37.25 -12.86 -68.04
CA LEU F 97 36.46 -12.09 -68.97
C LEU F 97 36.59 -12.60 -70.40
N VAL F 98 37.77 -13.10 -70.76
CA VAL F 98 37.91 -13.77 -72.04
C VAL F 98 37.10 -15.06 -72.03
N GLU F 99 37.09 -15.75 -70.89
CA GLU F 99 36.20 -16.88 -70.69
C GLU F 99 34.74 -16.44 -70.73
N MET F 100 34.43 -15.27 -70.15
CA MET F 100 33.09 -14.73 -70.22
C MET F 100 32.87 -13.87 -71.44
N GLY F 101 33.71 -14.01 -72.46
CA GLY F 101 33.46 -13.40 -73.75
C GLY F 101 33.62 -11.90 -73.83
N PHE F 102 34.86 -11.40 -73.71
CA PHE F 102 35.09 -9.99 -73.95
C PHE F 102 36.50 -9.73 -74.48
N ASN F 103 36.56 -8.89 -75.51
CA ASN F 103 37.82 -8.38 -76.07
C ASN F 103 38.33 -7.25 -75.18
N VAL F 104 39.32 -7.54 -74.35
CA VAL F 104 39.83 -6.57 -73.37
C VAL F 104 40.63 -5.45 -73.98
N ASP F 105 40.98 -5.55 -75.27
CA ASP F 105 41.81 -4.54 -75.91
C ASP F 105 41.13 -3.19 -75.99
N THR F 106 39.80 -3.19 -75.98
CA THR F 106 39.03 -1.96 -76.00
C THR F 106 38.94 -1.30 -74.63
N LEU F 107 39.41 -1.96 -73.57
CA LEU F 107 39.36 -1.38 -72.24
C LEU F 107 40.14 -0.08 -72.04
N PRO F 108 41.34 0.12 -72.61
CA PRO F 108 41.88 1.50 -72.56
C PRO F 108 41.07 2.48 -73.37
N ALA F 109 40.63 2.09 -74.57
CA ALA F 109 39.88 2.98 -75.44
C ALA F 109 38.52 3.32 -74.84
N TYR F 110 37.88 2.34 -74.20
CA TYR F 110 36.64 2.62 -73.49
C TYR F 110 36.87 3.53 -72.30
N ALA F 111 38.10 3.58 -71.76
CA ALA F 111 38.48 4.58 -70.77
C ALA F 111 38.22 6.00 -71.29
N LYS F 112 38.48 6.21 -72.60
CA LYS F 112 38.17 7.49 -73.24
C LYS F 112 36.69 7.82 -73.19
N ARG F 113 35.84 6.80 -73.19
CA ARG F 113 34.43 7.02 -72.94
C ARG F 113 34.09 7.08 -71.46
N SER F 114 34.77 6.29 -70.63
CA SER F 114 34.19 5.94 -69.34
C SER F 114 34.47 6.98 -68.27
N GLN F 115 35.73 7.18 -67.94
CA GLN F 115 36.12 8.12 -66.91
C GLN F 115 36.42 9.49 -67.48
N ARG F 116 36.17 9.69 -68.78
CA ARG F 116 36.51 10.90 -69.47
C ARG F 116 35.32 11.57 -70.15
N MET F 117 34.18 10.89 -70.25
CA MET F 117 32.99 11.49 -70.83
C MET F 117 31.75 11.37 -69.93
N VAL F 118 31.82 10.61 -68.85
CA VAL F 118 30.73 10.48 -67.88
C VAL F 118 31.26 10.89 -66.52
N ILE F 119 30.51 11.73 -65.81
CA ILE F 119 30.90 12.17 -64.48
C ILE F 119 30.52 11.10 -63.46
N THR F 120 31.46 10.78 -62.57
CA THR F 120 31.23 9.81 -61.52
C THR F 120 30.20 10.33 -60.51
N UNK F 121 29.21 9.49 -60.19
CA UNK F 121 28.29 9.78 -59.11
C UNK F 121 28.85 9.31 -57.78
N UNK F 122 28.49 10.00 -56.71
CA UNK F 122 28.97 9.67 -55.39
C UNK F 122 27.96 8.82 -54.63
N UNK F 123 28.46 8.06 -53.65
CA UNK F 123 27.61 7.18 -52.86
C UNK F 123 26.93 7.97 -51.75
N UNK F 124 26.13 7.28 -50.94
CA UNK F 124 25.41 7.92 -49.84
C UNK F 124 25.17 6.90 -48.74
N UNK F 125 25.59 7.23 -47.52
CA UNK F 125 25.36 6.36 -46.37
C UNK F 125 25.44 7.24 -45.14
N UNK F 126 24.31 7.41 -44.45
CA UNK F 126 24.21 8.34 -43.33
C UNK F 126 23.95 7.55 -42.05
N UNK F 127 25.02 7.09 -41.42
CA UNK F 127 24.93 6.30 -40.20
C UNK F 127 25.35 7.12 -39.00
N UNK F 128 24.66 6.91 -37.88
CA UNK F 128 24.92 7.67 -36.67
C UNK F 128 24.77 6.77 -35.45
N UNK F 129 25.38 7.20 -34.36
CA UNK F 129 25.29 6.53 -33.07
C UNK F 129 24.85 7.56 -32.05
N UNK F 130 23.57 7.51 -31.68
CA UNK F 130 22.99 8.53 -30.81
C UNK F 130 23.50 8.38 -29.38
N UNK F 131 23.23 9.40 -28.57
CA UNK F 131 23.69 9.46 -27.19
C UNK F 131 22.51 9.36 -26.23
N UNK F 132 22.79 8.85 -25.04
CA UNK F 132 21.79 8.65 -24.02
C UNK F 132 22.47 8.56 -22.66
N UNK F 133 21.67 8.72 -21.61
CA UNK F 133 22.16 8.61 -20.25
C UNK F 133 20.97 8.30 -19.35
N UNK F 134 21.08 7.23 -18.55
CA UNK F 134 19.98 6.79 -17.71
C UNK F 134 20.51 6.44 -16.31
N UNK F 135 21.30 7.35 -15.75
CA UNK F 135 22.10 7.05 -14.58
C UNK F 135 21.27 6.94 -13.29
N UNK F 136 20.89 5.72 -12.93
CA UNK F 136 20.56 5.41 -11.55
C UNK F 136 21.85 5.01 -10.84
N UNK F 137 21.77 4.70 -9.54
CA UNK F 137 22.96 4.27 -8.80
C UNK F 137 22.65 2.98 -8.06
N UNK F 138 22.74 1.86 -8.78
CA UNK F 138 22.50 0.53 -8.22
C UNK F 138 23.07 -0.50 -9.18
N UNK F 139 24.08 -1.23 -8.75
CA UNK F 139 24.49 -2.44 -9.45
C UNK F 139 24.41 -3.65 -8.54
N UNK F 140 25.10 -3.61 -7.40
CA UNK F 140 24.92 -4.47 -6.22
C UNK F 140 25.30 -5.93 -6.42
N UNK F 141 25.62 -6.33 -7.64
CA UNK F 141 26.11 -7.68 -7.92
C UNK F 141 26.87 -7.59 -9.23
N UNK F 142 28.19 -7.47 -9.13
CA UNK F 142 29.00 -7.30 -10.33
C UNK F 142 29.08 -8.60 -11.12
N UNK F 143 29.68 -9.62 -10.52
CA UNK F 143 29.74 -10.96 -11.06
C UNK F 143 29.40 -11.95 -9.97
N UNK F 144 28.30 -11.69 -9.27
CA UNK F 144 27.83 -12.56 -8.21
C UNK F 144 27.52 -13.94 -8.75
N UNK F 145 27.31 -14.88 -7.83
CA UNK F 145 27.82 -16.25 -7.86
C UNK F 145 28.06 -16.87 -9.22
N UNK F 146 27.12 -16.71 -10.14
CA UNK F 146 27.38 -17.06 -11.54
C UNK F 146 28.33 -15.99 -12.10
N UNK F 147 29.61 -16.18 -11.84
CA UNK F 147 30.60 -15.14 -12.08
C UNK F 147 30.98 -15.15 -13.56
N UNK F 148 30.67 -14.06 -14.24
CA UNK F 148 31.09 -13.90 -15.62
C UNK F 148 31.33 -12.42 -15.84
N UNK F 149 32.58 -12.03 -16.06
CA UNK F 149 32.91 -10.62 -16.25
C UNK F 149 32.76 -10.20 -17.71
N UNK F 150 31.62 -10.54 -18.29
CA UNK F 150 31.22 -10.04 -19.60
C UNK F 150 29.70 -9.99 -19.57
N UNK F 151 29.17 -8.85 -19.13
CA UNK F 151 27.75 -8.58 -18.99
C UNK F 151 27.61 -7.09 -18.71
N UNK F 152 26.41 -6.68 -18.32
CA UNK F 152 26.20 -5.39 -17.68
C UNK F 152 24.92 -5.54 -16.86
N UNK F 153 25.06 -5.57 -15.54
CA UNK F 153 23.88 -5.66 -14.67
C UNK F 153 23.07 -4.38 -14.83
N UNK F 154 21.76 -4.53 -15.03
CA UNK F 154 20.90 -3.43 -15.45
C UNK F 154 20.81 -2.32 -14.42
N UNK F 155 20.14 -2.58 -13.31
CA UNK F 155 19.98 -1.67 -12.17
C UNK F 155 19.32 -2.46 -11.06
N UNK F 156 18.92 -1.75 -10.00
CA UNK F 156 17.81 -2.24 -9.21
C UNK F 156 16.51 -1.53 -9.57
N UNK F 157 16.61 -0.39 -10.27
CA UNK F 157 15.46 0.45 -10.57
C UNK F 157 14.50 -0.18 -11.56
N UNK F 158 14.90 -1.23 -12.23
CA UNK F 158 13.96 -1.96 -13.05
C UNK F 158 13.74 -3.38 -12.57
N UNK F 159 14.80 -4.10 -12.24
CA UNK F 159 14.67 -5.54 -12.01
C UNK F 159 14.15 -5.84 -10.62
N UNK F 160 14.89 -5.46 -9.59
CA UNK F 160 14.51 -5.84 -8.24
C UNK F 160 13.40 -4.94 -7.72
N UNK F 161 12.81 -5.37 -6.61
CA UNK F 161 11.72 -4.66 -5.95
C UNK F 161 12.00 -4.62 -4.45
N UNK F 162 11.05 -4.09 -3.68
CA UNK F 162 11.22 -3.91 -2.25
C UNK F 162 9.85 -4.03 -1.59
N UNK F 163 9.76 -3.58 -0.34
CA UNK F 163 8.53 -3.64 0.44
C UNK F 163 8.33 -2.32 1.16
N UNK F 164 7.08 -1.89 1.27
CA UNK F 164 6.73 -0.60 1.86
C UNK F 164 5.87 -0.82 3.08
N UNK F 165 6.36 -0.42 4.25
CA UNK F 165 5.54 -0.36 5.44
C UNK F 165 5.00 1.04 5.71
N UNK F 166 5.86 2.05 5.56
CA UNK F 166 5.53 3.46 5.31
C UNK F 166 4.89 4.22 6.47
N UNK F 167 4.69 3.61 7.64
CA UNK F 167 4.03 4.34 8.72
C UNK F 167 4.65 3.93 10.04
N UNK F 168 5.67 4.68 10.47
CA UNK F 168 6.27 4.47 11.77
C UNK F 168 5.54 5.25 12.85
N UNK F 169 5.55 6.58 12.74
CA UNK F 169 4.79 7.53 13.55
C UNK F 169 5.04 7.42 15.04
N UNK F 170 6.17 6.84 15.45
CA UNK F 170 6.42 6.54 16.85
C UNK F 170 7.21 7.69 17.46
N UNK F 171 6.49 8.76 17.79
CA UNK F 171 7.04 9.92 18.50
C UNK F 171 6.26 10.06 19.79
N TYR F 172 6.91 9.64 20.88
CA TYR F 172 6.24 9.28 22.13
C TYR F 172 5.42 10.41 22.70
N GLN F 173 6.09 11.51 23.03
CA GLN F 173 5.42 12.65 23.62
C GLN F 173 4.42 13.23 22.64
N VAL F 174 4.76 13.21 21.35
CA VAL F 174 3.84 13.66 20.32
C VAL F 174 2.62 12.76 20.25
N LEU F 175 2.82 11.45 20.43
CA LEU F 175 1.70 10.50 20.46
C LEU F 175 0.73 10.83 21.57
N ARG F 176 1.25 10.98 22.78
CA ARG F 176 0.32 11.20 23.87
C ARG F 176 -0.24 12.61 23.86
N GLU F 177 0.45 13.55 23.20
CA GLU F 177 -0.15 14.84 22.89
C GLU F 177 -1.35 14.69 21.97
N LYS F 178 -1.23 13.85 20.94
CA LYS F 178 -2.34 13.58 20.03
C LYS F 178 -3.53 13.00 20.79
N ALA F 179 -3.27 12.00 21.63
CA ALA F 179 -4.35 11.33 22.33
C ALA F 179 -5.03 12.25 23.33
N ALA F 180 -4.25 13.01 24.09
CA ALA F 180 -4.85 13.86 25.11
C ALA F 180 -5.56 15.05 24.50
N SER F 181 -5.01 15.60 23.42
CA SER F 181 -5.68 16.65 22.69
C SER F 181 -7.00 16.16 22.13
N GLN F 182 -7.03 14.91 21.65
CA GLN F 182 -8.28 14.37 21.15
C GLN F 182 -9.29 14.16 22.25
N ARG F 183 -8.82 13.76 23.43
CA ARG F 183 -9.71 13.60 24.57
C ARG F 183 -10.32 14.94 24.96
N ARG F 184 -9.51 15.99 24.94
CA ARG F 184 -9.99 17.35 25.20
C ARG F 184 -11.02 17.77 24.16
N ASP F 185 -10.81 17.35 22.92
CA ASP F 185 -11.76 17.64 21.85
C ASP F 185 -13.10 17.00 22.14
N VAL F 186 -13.10 15.72 22.52
CA VAL F 186 -14.37 15.03 22.72
C VAL F 186 -15.08 15.58 23.95
N GLU F 187 -14.31 15.98 24.97
CA GLU F 187 -14.83 16.73 26.11
C GLU F 187 -15.63 17.93 25.67
N ARG F 188 -14.97 18.81 24.93
CA ARG F 188 -15.60 20.07 24.59
C ARG F 188 -16.71 19.88 23.58
N ALA F 189 -16.64 18.80 22.80
CA ALA F 189 -17.69 18.51 21.83
C ALA F 189 -18.97 18.11 22.53
N LEU F 190 -18.90 17.14 23.44
CA LEU F 190 -20.10 16.70 24.13
C LEU F 190 -20.62 17.80 25.03
N THR F 191 -19.71 18.62 25.55
CA THR F 191 -20.12 19.80 26.30
C THR F 191 -20.93 20.76 25.46
N ARG F 192 -20.46 21.08 24.25
CA ARG F 192 -21.22 21.94 23.37
C ARG F 192 -22.55 21.31 22.97
N PHE F 193 -22.57 19.99 22.83
CA PHE F 193 -23.80 19.33 22.43
C PHE F 193 -24.86 19.42 23.51
N MET F 194 -24.55 18.93 24.70
CA MET F 194 -25.59 19.01 25.71
C MET F 194 -25.73 20.40 26.26
N ALA F 195 -24.79 21.26 25.95
CA ALA F 195 -24.93 22.68 26.22
C ALA F 195 -26.10 23.26 25.47
N LYS F 196 -26.08 23.16 24.14
CA LYS F 196 -27.21 23.69 23.41
C LYS F 196 -28.42 22.76 23.43
N THR F 197 -28.28 21.56 23.98
CA THR F 197 -29.39 20.62 23.96
C THR F 197 -30.38 20.89 25.08
N GLY F 198 -29.94 20.78 26.32
CA GLY F 198 -30.82 20.69 27.46
C GLY F 198 -31.12 22.03 28.10
N GLU F 199 -31.52 21.97 29.36
CA GLU F 199 -31.78 23.18 30.13
C GLU F 199 -30.48 23.90 30.39
N THR F 200 -30.42 25.17 29.99
CA THR F 200 -29.18 25.90 29.95
C THR F 200 -29.29 27.12 30.83
N GLN F 201 -28.34 27.28 31.75
CA GLN F 201 -28.17 28.56 32.42
C GLN F 201 -26.73 29.00 32.32
N SER F 202 -26.53 30.29 32.31
CA SER F 202 -25.35 30.89 31.73
C SER F 202 -24.42 31.38 32.82
N LEU F 203 -23.39 32.09 32.38
CA LEU F 203 -22.52 32.84 33.28
C LEU F 203 -22.75 34.33 33.11
N PHE F 204 -22.63 34.81 31.89
CA PHE F 204 -23.09 36.14 31.55
C PHE F 204 -24.57 36.07 31.21
N LYS F 205 -25.07 37.08 30.51
CA LYS F 205 -26.41 36.98 29.96
C LYS F 205 -26.34 36.58 28.50
N ASP F 206 -27.05 35.49 28.17
CA ASP F 206 -27.18 34.95 26.82
C ASP F 206 -25.83 34.58 26.20
N ASP F 207 -25.18 33.58 26.78
CA ASP F 207 -24.02 32.95 26.14
C ASP F 207 -24.43 31.56 25.71
N VAL F 208 -25.13 31.48 24.58
CA VAL F 208 -25.31 30.22 23.88
C VAL F 208 -24.03 29.90 23.11
N SER F 209 -23.23 30.92 22.79
CA SER F 209 -21.99 30.70 22.06
C SER F 209 -20.86 30.26 22.97
N THR F 210 -20.43 31.12 23.88
CA THR F 210 -19.17 30.91 24.59
C THR F 210 -19.33 29.88 25.68
N PHE F 211 -20.20 30.14 26.65
CA PHE F 211 -20.39 29.22 27.75
C PHE F 211 -21.88 29.01 28.01
N PRO F 212 -22.47 28.05 27.38
CA PRO F 212 -23.82 27.60 27.77
C PRO F 212 -23.87 26.41 28.72
N LEU F 213 -23.61 26.66 30.01
CA LEU F 213 -23.68 25.59 31.01
C LEU F 213 -25.05 24.94 31.11
N ILE F 214 -25.03 23.62 31.26
CA ILE F 214 -26.26 22.88 31.52
C ILE F 214 -26.81 23.33 32.86
N ALA F 215 -28.10 23.62 32.90
CA ALA F 215 -28.69 23.97 34.17
C ALA F 215 -28.85 22.73 35.05
N ALA F 216 -29.44 22.93 36.21
CA ALA F 216 -29.58 21.85 37.17
C ALA F 216 -30.71 20.91 36.78
N ARG F 217 -30.52 19.63 37.02
CA ARG F 217 -31.58 18.66 36.80
C ARG F 217 -32.65 18.67 37.91
N PRO F 218 -32.33 19.09 39.13
CA PRO F 218 -32.41 18.20 40.31
C PRO F 218 -33.48 17.13 40.29
N PHE F 219 -33.02 15.92 40.56
CA PHE F 219 -33.79 14.71 40.43
C PHE F 219 -34.10 14.15 41.81
N THR F 220 -34.76 13.00 41.83
CA THR F 220 -35.41 12.51 43.05
C THR F 220 -34.40 11.93 44.02
N ILE F 221 -33.56 11.02 43.55
CA ILE F 221 -32.69 10.24 44.41
C ILE F 221 -31.25 10.64 44.11
N PRO F 222 -30.62 11.43 44.93
CA PRO F 222 -29.25 11.86 44.62
C PRO F 222 -28.20 10.83 44.98
N TYR F 223 -28.40 10.09 46.06
CA TYR F 223 -27.32 9.30 46.61
C TYR F 223 -27.01 8.09 45.75
N LEU F 224 -28.05 7.46 45.18
CA LEU F 224 -27.83 6.31 44.30
C LEU F 224 -27.10 6.71 43.04
N THR F 225 -27.16 7.98 42.69
CA THR F 225 -26.44 8.47 41.53
C THR F 225 -25.02 8.88 41.89
N ALA F 226 -24.88 9.70 42.91
CA ALA F 226 -23.56 10.26 43.23
C ALA F 226 -22.69 9.31 43.99
N LEU F 227 -23.17 8.13 44.31
CA LEU F 227 -22.35 7.20 45.07
C LEU F 227 -22.26 5.87 44.32
N LEU F 228 -22.21 5.95 43.01
CA LEU F 228 -22.32 4.80 42.14
C LEU F 228 -21.10 4.70 41.26
N PRO F 229 -20.21 3.74 41.48
CA PRO F 229 -19.04 3.57 40.59
C PRO F 229 -19.43 3.10 39.19
N PRO G 13 -4.17 -7.73 -60.63
CA PRO G 13 -5.49 -8.08 -61.18
C PRO G 13 -5.94 -9.46 -60.73
N LYS G 14 -6.45 -10.26 -61.68
CA LYS G 14 -6.85 -11.63 -61.37
C LYS G 14 -5.66 -12.51 -61.01
N ASP G 15 -4.48 -12.20 -61.53
CA ASP G 15 -3.32 -13.04 -61.28
C ASP G 15 -2.88 -12.94 -59.83
N ALA G 16 -3.06 -11.75 -59.23
CA ALA G 16 -2.84 -11.60 -57.80
C ALA G 16 -3.83 -12.41 -56.99
N GLN G 17 -5.07 -12.54 -57.48
CA GLN G 17 -6.05 -13.39 -56.83
C GLN G 17 -5.62 -14.85 -56.91
N MET G 18 -5.06 -15.26 -58.05
CA MET G 18 -4.58 -16.62 -58.21
C MET G 18 -3.44 -16.92 -57.25
N MET G 19 -2.51 -15.97 -57.12
CA MET G 19 -1.42 -16.14 -56.18
C MET G 19 -1.89 -16.12 -54.74
N ALA G 20 -2.94 -15.35 -54.44
CA ALA G 20 -3.50 -15.35 -53.09
C ALA G 20 -4.10 -16.70 -52.77
N GLN G 21 -4.80 -17.29 -53.73
CA GLN G 21 -5.28 -18.66 -53.60
C GLN G 21 -4.14 -19.65 -53.43
N ILE G 22 -3.03 -19.40 -54.13
CA ILE G 22 -1.84 -20.25 -54.01
C ILE G 22 -1.29 -20.20 -52.60
N LEU G 23 -1.07 -19.00 -52.09
CA LEU G 23 -0.43 -18.84 -50.81
C LEU G 23 -1.35 -19.23 -49.65
N LYS G 24 -2.66 -19.15 -49.87
CA LYS G 24 -3.59 -19.81 -48.96
C LYS G 24 -3.45 -21.33 -49.03
N ASP G 25 -3.31 -21.86 -50.26
CA ASP G 25 -3.04 -23.29 -50.40
C ASP G 25 -1.64 -23.61 -49.91
N MET G 26 -0.73 -22.65 -49.93
CA MET G 26 0.54 -22.86 -49.25
C MET G 26 0.41 -22.72 -47.75
N GLY G 27 -0.67 -22.12 -47.26
CA GLY G 27 -0.97 -22.09 -45.84
C GLY G 27 -0.15 -21.14 -45.01
N ILE G 28 0.94 -20.59 -45.55
CA ILE G 28 1.85 -19.73 -44.81
C ILE G 28 1.65 -18.31 -45.32
N THR G 29 2.04 -17.33 -44.50
CA THR G 29 1.28 -16.10 -44.32
C THR G 29 1.88 -14.86 -44.99
N GLU G 30 3.15 -14.58 -44.78
CA GLU G 30 3.68 -13.22 -44.92
C GLU G 30 4.70 -13.12 -46.04
N TYR G 31 4.58 -12.08 -46.87
CA TYR G 31 5.28 -12.00 -48.15
C TYR G 31 5.61 -10.54 -48.45
N GLU G 32 6.05 -10.31 -49.67
CA GLU G 32 5.88 -9.06 -50.38
C GLU G 32 5.15 -9.34 -51.68
N PRO G 33 4.28 -8.43 -52.12
CA PRO G 33 3.58 -8.66 -53.39
C PRO G 33 4.45 -8.49 -54.61
N ARG G 34 5.58 -7.78 -54.51
CA ARG G 34 6.49 -7.69 -55.65
C ARG G 34 7.16 -9.03 -55.91
N VAL G 35 7.47 -9.75 -54.82
CA VAL G 35 7.97 -11.12 -54.90
C VAL G 35 6.97 -12.00 -55.63
N ILE G 36 5.71 -11.87 -55.25
CA ILE G 36 4.60 -12.59 -55.84
C ILE G 36 4.47 -12.28 -57.32
N ASN G 37 4.60 -11.01 -57.69
CA ASN G 37 4.40 -10.62 -59.08
C ASN G 37 5.56 -11.07 -59.94
N GLN G 38 6.77 -11.07 -59.39
CA GLN G 38 7.90 -11.50 -60.20
C GLN G 38 7.93 -13.02 -60.34
N MET G 39 7.42 -13.73 -59.33
CA MET G 39 7.04 -15.14 -59.48
C MET G 39 6.11 -15.34 -60.67
N LEU G 40 5.03 -14.54 -60.72
CA LEU G 40 4.06 -14.62 -61.80
C LEU G 40 4.69 -14.44 -63.17
N GLU G 41 5.45 -13.37 -63.35
CA GLU G 41 5.90 -13.04 -64.70
C GLU G 41 6.99 -13.99 -65.17
N PHE G 42 7.89 -14.43 -64.28
CA PHE G 42 8.83 -15.46 -64.71
C PHE G 42 8.14 -16.79 -64.98
N ALA G 43 7.09 -17.12 -64.21
CA ALA G 43 6.35 -18.36 -64.44
C ALA G 43 5.62 -18.34 -65.77
N PHE G 44 4.95 -17.22 -66.09
CA PHE G 44 4.33 -17.07 -67.41
C PHE G 44 5.35 -17.14 -68.53
N ARG G 45 6.55 -16.60 -68.32
CA ARG G 45 7.52 -16.71 -69.39
C ARG G 45 8.04 -18.13 -69.53
N TYR G 46 8.05 -18.91 -68.44
CA TYR G 46 8.33 -20.33 -68.57
C TYR G 46 7.24 -21.02 -69.36
N VAL G 47 5.99 -20.60 -69.15
CA VAL G 47 4.87 -21.12 -69.93
C VAL G 47 5.04 -20.80 -71.40
N THR G 48 5.51 -19.58 -71.71
CA THR G 48 5.72 -19.21 -73.10
C THR G 48 6.87 -20.00 -73.72
N THR G 49 7.86 -20.36 -72.92
CA THR G 49 8.92 -21.22 -73.46
C THR G 49 8.41 -22.62 -73.72
N ILE G 50 7.48 -23.10 -72.87
CA ILE G 50 6.77 -24.34 -73.17
C ILE G 50 6.03 -24.22 -74.50
N LEU G 51 5.43 -23.06 -74.74
CA LEU G 51 4.75 -22.81 -76.00
C LEU G 51 5.73 -22.77 -77.18
N ASP G 52 6.94 -22.29 -76.93
CA ASP G 52 7.98 -22.31 -77.96
C ASP G 52 8.34 -23.73 -78.30
N ASP G 53 8.45 -24.58 -77.27
CA ASP G 53 8.70 -26.00 -77.47
C ASP G 53 7.55 -26.65 -78.24
N ALA G 54 6.33 -26.21 -77.95
CA ALA G 54 5.17 -26.70 -78.67
C ALA G 54 5.22 -26.32 -80.14
N LYS G 55 5.69 -25.10 -80.44
CA LYS G 55 5.91 -24.69 -81.82
C LYS G 55 6.96 -25.57 -82.49
N ILE G 56 8.02 -25.89 -81.76
CA ILE G 56 9.12 -26.68 -82.31
C ILE G 56 8.66 -28.09 -82.65
N TYR G 57 8.03 -28.76 -81.69
CA TYR G 57 7.64 -30.14 -81.95
C TYR G 57 6.35 -30.25 -82.75
N SER G 58 5.62 -29.15 -82.95
CA SER G 58 4.62 -29.13 -84.01
C SER G 58 5.29 -29.02 -85.36
N SER G 59 6.40 -28.27 -85.44
CA SER G 59 7.09 -28.08 -86.70
C SER G 59 7.79 -29.36 -87.15
N HIS G 60 8.38 -30.10 -86.22
CA HIS G 60 9.12 -31.29 -86.61
C HIS G 60 8.27 -32.53 -86.69
N ALA G 61 7.05 -32.49 -86.13
CA ALA G 61 6.04 -33.45 -86.52
C ALA G 61 5.31 -33.01 -87.78
N LYS G 62 5.60 -31.80 -88.26
CA LYS G 62 5.07 -31.22 -89.50
C LYS G 62 3.54 -31.13 -89.45
N LYS G 63 3.04 -30.65 -88.32
CA LYS G 63 1.61 -30.46 -88.09
C LYS G 63 1.38 -29.08 -87.53
N ALA G 64 0.25 -28.48 -87.90
CA ALA G 64 -0.09 -27.15 -87.40
C ALA G 64 -0.60 -27.16 -85.97
N THR G 65 -0.94 -28.34 -85.43
CA THR G 65 -1.52 -28.44 -84.10
C THR G 65 -0.47 -28.84 -83.08
N VAL G 66 -0.82 -28.64 -81.82
CA VAL G 66 0.00 -29.08 -80.69
C VAL G 66 -0.74 -30.20 -79.99
N ASP G 67 -0.16 -31.39 -80.04
CA ASP G 67 -0.81 -32.55 -79.45
C ASP G 67 -0.63 -32.55 -77.93
N ALA G 68 -1.34 -33.47 -77.28
CA ALA G 68 -1.00 -33.79 -75.90
C ALA G 68 0.39 -34.41 -75.82
N ASP G 69 0.77 -35.18 -76.84
CA ASP G 69 2.11 -35.76 -76.93
C ASP G 69 3.19 -34.69 -76.99
N ASP G 70 2.89 -33.57 -77.63
CA ASP G 70 3.80 -32.43 -77.67
C ASP G 70 4.03 -31.89 -76.26
N VAL G 71 2.94 -31.73 -75.50
CA VAL G 71 3.03 -31.34 -74.10
C VAL G 71 3.83 -32.36 -73.30
N ARG G 72 3.65 -33.65 -73.63
CA ARG G 72 4.33 -34.72 -72.91
C ARG G 72 5.83 -34.67 -73.09
N LEU G 73 6.30 -34.57 -74.33
CA LEU G 73 7.75 -34.60 -74.47
C LEU G 73 8.38 -33.27 -74.08
N ALA G 74 7.62 -32.18 -74.17
CA ALA G 74 8.10 -30.90 -73.65
C ALA G 74 8.30 -30.97 -72.14
N ILE G 75 7.34 -31.53 -71.41
CA ILE G 75 7.50 -31.58 -69.97
C ILE G 75 8.50 -32.66 -69.57
N GLN G 76 8.68 -33.70 -70.39
CA GLN G 76 9.74 -34.67 -70.11
C GLN G 76 11.11 -34.03 -70.24
N CYS G 77 11.32 -33.24 -71.31
CA CYS G 77 12.58 -32.56 -71.52
C CYS G 77 12.85 -31.55 -70.42
N ARG G 78 11.86 -30.73 -70.08
CA ARG G 78 12.13 -29.71 -69.09
C ARG G 78 12.13 -30.25 -67.66
N ALA G 79 11.53 -31.42 -67.44
CA ALA G 79 11.68 -32.11 -66.17
C ALA G 79 13.05 -32.75 -66.06
N ASP G 80 13.64 -33.11 -67.20
CA ASP G 80 15.06 -33.44 -67.18
C ASP G 80 15.91 -32.19 -66.99
N GLN G 81 15.39 -31.02 -67.37
CA GLN G 81 16.20 -29.83 -67.32
C GLN G 81 16.28 -29.21 -65.92
N SER G 82 15.16 -28.75 -65.37
CA SER G 82 15.22 -27.96 -64.15
C SER G 82 14.45 -28.58 -63.00
N PHE G 83 14.50 -29.91 -62.91
CA PHE G 83 13.70 -30.61 -61.91
C PHE G 83 14.54 -31.73 -61.28
N THR G 84 15.74 -31.40 -60.82
CA THR G 84 16.66 -32.42 -60.36
C THR G 84 16.27 -32.94 -58.96
N SER G 85 16.89 -34.08 -58.59
CA SER G 85 16.80 -34.78 -57.31
C SER G 85 17.87 -35.88 -57.28
N PRO G 86 18.29 -36.34 -56.11
CA PRO G 86 19.23 -37.47 -56.06
C PRO G 86 18.51 -38.80 -55.91
N PRO G 87 18.91 -39.82 -56.67
CA PRO G 87 18.14 -41.07 -56.70
C PRO G 87 18.38 -41.92 -55.47
N PRO G 88 17.33 -42.52 -54.91
CA PRO G 88 17.50 -43.34 -53.70
C PRO G 88 18.22 -44.64 -53.98
N ARG G 89 18.13 -45.10 -55.24
CA ARG G 89 18.97 -46.21 -55.66
C ARG G 89 20.43 -45.79 -55.67
N ASP G 90 20.73 -44.59 -56.17
CA ASP G 90 22.08 -44.06 -56.11
C ASP G 90 22.49 -43.81 -54.67
N PHE G 91 21.53 -43.46 -53.83
CA PHE G 91 21.80 -43.29 -52.40
C PHE G 91 22.20 -44.61 -51.77
N LEU G 92 21.46 -45.68 -52.07
CA LEU G 92 21.81 -46.99 -51.53
C LEU G 92 23.12 -47.50 -52.11
N LEU G 93 23.41 -47.17 -53.38
CA LEU G 93 24.67 -47.58 -53.99
C LEU G 93 25.85 -46.89 -53.33
N ASP G 94 25.72 -45.57 -53.11
CA ASP G 94 26.75 -44.83 -52.41
C ASP G 94 26.88 -45.28 -50.97
N ILE G 95 25.76 -45.70 -50.38
CA ILE G 95 25.76 -46.23 -49.03
C ILE G 95 26.60 -47.50 -48.98
N ALA G 96 26.36 -48.41 -49.92
CA ALA G 96 27.12 -49.65 -50.00
C ALA G 96 28.60 -49.38 -50.22
N ARG G 97 28.91 -48.40 -51.07
CA ARG G 97 30.29 -48.05 -51.37
C ARG G 97 31.01 -47.51 -50.14
N GLN G 98 30.55 -46.37 -49.61
CA GLN G 98 31.31 -45.72 -48.56
C GLN G 98 31.12 -46.38 -47.21
N ARG G 99 29.89 -46.77 -46.86
CA ARG G 99 29.65 -47.51 -45.66
C ARG G 99 30.26 -48.91 -45.69
N ASN G 100 30.56 -49.44 -46.88
CA ASN G 100 31.40 -50.62 -46.94
C ASN G 100 32.80 -50.32 -46.43
N GLN G 101 33.30 -49.12 -46.73
CA GLN G 101 34.64 -48.74 -46.29
C GLN G 101 34.62 -48.35 -44.82
N THR G 102 35.41 -49.06 -44.03
CA THR G 102 35.46 -48.75 -42.61
C THR G 102 36.89 -48.44 -42.21
N PRO G 103 37.61 -47.66 -43.01
CA PRO G 103 38.93 -47.21 -42.59
C PRO G 103 38.84 -45.85 -41.93
N LEU G 104 39.67 -45.66 -40.91
CA LEU G 104 39.62 -44.45 -40.09
C LEU G 104 41.00 -44.27 -39.46
N PRO G 105 42.01 -43.98 -40.27
CA PRO G 105 43.37 -43.94 -39.74
C PRO G 105 43.61 -42.71 -38.88
N LEU G 106 44.30 -42.92 -37.77
CA LEU G 106 44.53 -41.89 -36.77
C LEU G 106 46.03 -41.63 -36.68
N ILE G 107 46.41 -40.37 -36.66
CA ILE G 107 47.82 -40.00 -36.64
C ILE G 107 48.10 -39.21 -35.37
N LYS G 108 49.40 -39.06 -35.07
CA LYS G 108 49.80 -38.26 -33.91
C LYS G 108 49.67 -36.77 -34.21
N PRO G 109 50.33 -36.22 -35.22
CA PRO G 109 50.15 -34.79 -35.52
C PRO G 109 48.92 -34.57 -36.39
N UNK G 110 48.12 -33.56 -36.03
CA UNK G 110 46.83 -33.37 -36.67
C UNK G 110 46.47 -31.91 -36.97
N UNK G 111 47.39 -30.97 -36.80
CA UNK G 111 47.09 -29.59 -37.13
C UNK G 111 46.95 -29.39 -38.64
N UNK G 112 47.76 -30.11 -39.42
CA UNK G 112 47.61 -30.10 -40.86
C UNK G 112 46.28 -30.71 -41.25
N UNK G 113 45.62 -30.12 -42.23
CA UNK G 113 44.32 -30.62 -42.62
C UNK G 113 44.12 -30.56 -44.12
N UNK G 114 45.18 -30.69 -44.91
CA UNK G 114 45.05 -30.42 -46.33
C UNK G 114 46.15 -31.08 -47.14
N UNK G 115 45.79 -31.49 -48.36
CA UNK G 115 46.72 -31.65 -49.46
C UNK G 115 45.92 -31.36 -50.73
N UNK G 116 45.95 -30.10 -51.15
CA UNK G 116 45.04 -29.64 -52.19
C UNK G 116 45.55 -30.05 -53.56
N SER H 113 54.34 -2.32 -77.85
CA SER H 113 54.83 -1.92 -76.53
C SER H 113 54.06 -2.65 -75.43
N THR H 114 53.26 -3.65 -75.85
CA THR H 114 52.31 -4.42 -75.04
C THR H 114 51.40 -3.50 -74.24
N PRO H 115 50.46 -2.82 -74.89
CA PRO H 115 49.64 -1.82 -74.18
C PRO H 115 48.60 -2.41 -73.26
N LEU H 116 48.32 -3.72 -73.35
CA LEU H 116 47.34 -4.33 -72.47
C LEU H 116 47.88 -4.43 -71.05
N VAL H 117 49.09 -4.95 -70.90
CA VAL H 117 49.70 -5.00 -69.57
C VAL H 117 50.09 -3.61 -69.10
N ASP H 118 50.31 -2.66 -70.03
CA ASP H 118 50.49 -1.27 -69.64
C ASP H 118 49.20 -0.69 -69.07
N PHE H 119 48.07 -1.08 -69.66
CA PHE H 119 46.77 -0.74 -69.12
C PHE H 119 46.58 -1.35 -67.73
N LEU H 120 47.04 -2.58 -67.56
CA LEU H 120 47.00 -3.24 -66.26
C LEU H 120 47.84 -2.50 -65.23
N MET H 121 48.99 -1.98 -65.65
CA MET H 121 49.84 -1.20 -64.75
C MET H 121 49.18 0.12 -64.38
N GLN H 122 48.64 0.83 -65.37
CA GLN H 122 48.03 2.12 -65.12
C GLN H 122 46.62 2.01 -64.54
N LEU H 123 46.14 0.80 -64.26
CA LEU H 123 44.94 0.63 -63.44
C LEU H 123 45.04 1.32 -62.08
N GLU H 124 46.26 1.54 -61.56
CA GLU H 124 46.47 2.34 -60.38
C GLU H 124 46.11 3.81 -60.56
N ASP H 125 45.95 4.29 -61.79
CA ASP H 125 45.69 5.70 -62.04
C ASP H 125 44.20 6.02 -62.19
N TYR H 126 43.39 5.05 -62.59
CA TYR H 126 42.02 5.33 -62.98
C TYR H 126 41.14 5.65 -61.77
N THR H 127 40.05 6.36 -62.04
CA THR H 127 39.05 6.69 -61.02
C THR H 127 37.69 6.47 -61.66
N PRO H 128 36.94 5.45 -61.24
CA PRO H 128 35.81 4.97 -62.04
C PRO H 128 34.59 5.89 -62.03
N THR H 129 33.53 5.40 -62.66
CA THR H 129 32.23 6.04 -62.56
C THR H 129 31.30 5.33 -61.61
N ILE H 130 31.38 4.00 -61.55
CA ILE H 130 30.53 3.24 -60.64
C ILE H 130 31.03 3.41 -59.21
N PRO H 131 30.15 3.59 -58.22
CA PRO H 131 30.56 3.53 -56.81
C PRO H 131 31.21 2.20 -56.48
N ASP H 132 32.48 2.29 -56.09
CA ASP H 132 33.29 1.12 -55.86
C ASP H 132 32.94 0.42 -54.55
N ALA H 133 32.27 1.10 -53.63
CA ALA H 133 31.75 0.43 -52.45
C ALA H 133 30.57 -0.45 -52.81
N VAL H 134 29.71 0.03 -53.71
CA VAL H 134 28.58 -0.78 -54.18
C VAL H 134 29.08 -1.94 -55.02
N THR H 135 30.06 -1.67 -55.87
CA THR H 135 30.70 -2.70 -56.66
C THR H 135 31.32 -3.75 -55.76
N GLY H 136 32.03 -3.29 -54.73
CA GLY H 136 32.65 -4.20 -53.79
C GLY H 136 31.63 -5.02 -53.02
N TYR H 137 30.51 -4.38 -52.64
CA TYR H 137 29.40 -5.08 -51.98
C TYR H 137 28.87 -6.22 -52.81
N TYR H 138 28.52 -5.93 -54.07
CA TYR H 138 28.02 -7.00 -54.94
C TYR H 138 29.07 -8.05 -55.20
N LEU H 139 30.35 -7.71 -55.15
CA LEU H 139 31.34 -8.76 -55.20
C LEU H 139 31.49 -9.49 -53.88
N ASN H 140 31.07 -8.88 -52.77
CA ASN H 140 31.10 -9.61 -51.52
C ASN H 140 29.98 -10.63 -51.45
N ARG H 141 28.82 -10.29 -52.02
CA ARG H 141 27.81 -11.32 -52.27
C ARG H 141 28.30 -12.32 -53.29
N ALA H 142 29.18 -11.91 -54.19
CA ALA H 142 29.71 -12.81 -55.20
C ALA H 142 31.04 -13.40 -54.79
N GLY H 143 31.34 -13.40 -53.50
CA GLY H 143 32.50 -14.11 -53.01
C GLY H 143 33.83 -13.49 -53.30
N PHE H 144 33.88 -12.19 -53.49
CA PHE H 144 35.10 -11.54 -53.93
C PHE H 144 35.39 -10.35 -53.04
N GLU H 145 36.58 -10.34 -52.45
CA GLU H 145 37.02 -9.29 -51.54
C GLU H 145 38.37 -8.80 -52.01
N ALA H 146 38.39 -7.65 -52.68
CA ALA H 146 39.63 -7.08 -53.17
C ALA H 146 39.98 -5.85 -52.34
N SER H 147 41.08 -5.95 -51.59
CA SER H 147 41.64 -4.76 -50.98
C SER H 147 42.35 -3.90 -52.01
N ASP H 148 42.73 -4.47 -53.15
CA ASP H 148 43.18 -3.68 -54.28
C ASP H 148 41.95 -3.22 -55.06
N PRO H 149 41.68 -1.92 -55.12
CA PRO H 149 40.53 -1.44 -55.89
C PRO H 149 40.73 -1.45 -57.40
N ARG H 150 41.91 -1.83 -57.89
CA ARG H 150 42.15 -1.83 -59.33
C ARG H 150 41.31 -2.89 -60.02
N ILE H 151 41.12 -4.03 -59.36
CA ILE H 151 40.27 -5.07 -59.91
C ILE H 151 38.83 -4.62 -59.90
N ILE H 152 38.46 -3.87 -58.87
CA ILE H 152 37.12 -3.31 -58.76
C ILE H 152 36.87 -2.34 -59.90
N ARG H 153 37.88 -1.51 -60.19
CA ARG H 153 37.86 -0.62 -61.35
C ARG H 153 37.66 -1.39 -62.64
N LEU H 154 38.40 -2.50 -62.78
CA LEU H 154 38.38 -3.26 -64.01
C LEU H 154 37.02 -3.87 -64.26
N ILE H 155 36.45 -4.48 -63.23
CA ILE H 155 35.13 -5.09 -63.34
C ILE H 155 34.07 -4.02 -63.54
N SER H 156 34.26 -2.86 -62.91
CA SER H 156 33.34 -1.76 -63.05
C SER H 156 33.27 -1.28 -64.48
N LEU H 157 34.43 -0.98 -65.07
CA LEU H 157 34.46 -0.48 -66.44
C LEU H 157 34.08 -1.56 -67.43
N ALA H 158 34.32 -2.83 -67.09
CA ALA H 158 33.85 -3.92 -67.93
C ALA H 158 32.34 -3.98 -67.96
N ALA H 159 31.70 -3.80 -66.80
CA ALA H 159 30.25 -3.73 -66.73
C ALA H 159 29.73 -2.51 -67.49
N GLN H 160 30.49 -1.41 -67.42
CA GLN H 160 30.09 -0.20 -68.13
C GLN H 160 30.09 -0.42 -69.64
N LYS H 161 31.13 -1.05 -70.17
CA LYS H 161 31.16 -1.28 -71.61
C LYS H 161 30.19 -2.38 -72.02
N PHE H 162 29.91 -3.31 -71.10
CA PHE H 162 28.83 -4.26 -71.29
C PHE H 162 27.51 -3.54 -71.55
N ILE H 163 27.16 -2.62 -70.67
CA ILE H 163 25.95 -1.83 -70.84
C ILE H 163 26.08 -0.90 -72.05
N SER H 164 27.29 -0.45 -72.38
CA SER H 164 27.48 0.45 -73.51
C SER H 164 27.23 -0.26 -74.83
N ASP H 165 27.66 -1.51 -74.92
CA ASP H 165 27.43 -2.26 -76.14
C ASP H 165 25.99 -2.71 -76.22
N ILE H 166 25.34 -2.93 -75.07
CA ILE H 166 23.89 -3.09 -75.04
C ILE H 166 23.21 -1.85 -75.60
N ALA H 167 23.68 -0.66 -75.22
CA ALA H 167 23.10 0.58 -75.69
C ALA H 167 23.37 0.80 -77.17
N ASN H 168 24.53 0.33 -77.65
CA ASN H 168 24.83 0.42 -79.08
C ASN H 168 23.91 -0.50 -79.88
N ASP H 169 23.68 -1.71 -79.36
CA ASP H 169 22.74 -2.65 -79.96
C ASP H 169 21.33 -2.06 -80.01
N ALA H 170 20.94 -1.34 -78.96
CA ALA H 170 19.65 -0.70 -78.95
C ALA H 170 19.60 0.46 -79.95
N LEU H 171 20.65 1.29 -79.97
CA LEU H 171 20.66 2.53 -80.73
C LEU H 171 20.72 2.31 -82.23
N GLN H 172 21.51 1.32 -82.67
CA GLN H 172 21.53 0.97 -84.08
C GLN H 172 20.19 0.42 -84.54
N HIS H 173 19.47 -0.24 -83.63
CA HIS H 173 18.11 -0.67 -83.89
C HIS H 173 17.08 0.38 -83.50
N CYS H 174 17.47 1.40 -82.73
CA CYS H 174 16.55 2.50 -82.46
C CYS H 174 16.38 3.40 -83.67
N LYS H 175 17.30 3.33 -84.63
CA LYS H 175 17.12 3.98 -85.91
C LYS H 175 16.00 3.32 -86.73
N MET H 176 15.69 2.07 -86.45
CA MET H 176 14.59 1.36 -87.10
C MET H 176 13.34 1.47 -86.23
N LYS H 177 12.22 1.85 -86.85
CA LYS H 177 10.97 2.01 -86.12
C LYS H 177 10.35 0.66 -85.75
N LYS H 192 13.93 11.56 -78.90
CA LYS H 192 14.68 11.40 -80.14
C LYS H 192 15.12 9.95 -80.27
N TYR H 193 15.57 9.37 -79.17
CA TYR H 193 15.94 7.96 -79.15
C TYR H 193 15.45 7.32 -77.87
N THR H 194 14.92 6.11 -78.00
CA THR H 194 14.11 5.48 -76.98
C THR H 194 14.43 4.00 -76.89
N LEU H 195 14.65 3.51 -75.68
CA LEU H 195 14.75 2.07 -75.46
C LEU H 195 13.38 1.43 -75.66
N THR H 196 13.34 0.36 -76.46
CA THR H 196 12.11 -0.36 -76.75
C THR H 196 12.29 -1.84 -76.47
N MET H 197 11.16 -2.56 -76.46
CA MET H 197 11.20 -4.01 -76.55
C MET H 197 11.81 -4.45 -77.87
N GLU H 198 11.54 -3.70 -78.94
CA GLU H 198 12.18 -3.93 -80.23
C GLU H 198 13.68 -3.78 -80.14
N ASP H 199 14.15 -2.82 -79.36
CA ASP H 199 15.58 -2.72 -79.10
C ASP H 199 16.04 -3.79 -78.13
N LEU H 200 15.14 -4.25 -77.25
CA LEU H 200 15.50 -5.23 -76.24
C LEU H 200 15.72 -6.60 -76.86
N THR H 201 15.06 -6.88 -77.98
CA THR H 201 15.12 -8.21 -78.58
C THR H 201 16.50 -8.60 -79.10
N PRO H 202 17.27 -7.77 -79.82
CA PRO H 202 18.65 -8.17 -80.14
C PRO H 202 19.56 -8.14 -78.94
N ALA H 203 19.20 -7.42 -77.89
CA ALA H 203 19.97 -7.47 -76.64
C ALA H 203 19.79 -8.79 -75.91
N LEU H 204 18.82 -9.61 -76.30
CA LEU H 204 18.63 -10.95 -75.78
C LEU H 204 19.57 -11.97 -76.41
N SER H 205 20.53 -11.53 -77.24
CA SER H 205 21.42 -12.43 -77.93
C SER H 205 22.39 -13.14 -77.00
N GLU H 206 22.66 -12.58 -75.82
CA GLU H 206 23.65 -13.20 -74.94
C GLU H 206 23.04 -14.36 -74.16
N TYR H 207 22.12 -14.07 -73.25
CA TYR H 207 21.40 -15.10 -72.50
C TYR H 207 19.94 -14.72 -72.31
N GLY H 208 19.29 -14.25 -73.36
CA GLY H 208 17.90 -13.82 -73.27
C GLY H 208 16.90 -14.93 -72.98
N ASN I 55 31.11 -54.70 -75.74
CA ASN I 55 31.39 -54.11 -74.43
C ASN I 55 31.52 -52.60 -74.55
N GLN I 56 32.75 -52.11 -74.48
CA GLN I 56 33.01 -50.70 -74.69
C GLN I 56 32.79 -50.34 -76.15
N VAL I 57 32.50 -49.07 -76.41
CA VAL I 57 32.20 -48.59 -77.74
C VAL I 57 33.13 -47.48 -78.18
N LEU I 58 34.21 -47.23 -77.43
CA LEU I 58 35.19 -46.22 -77.81
C LEU I 58 36.56 -46.64 -77.32
N THR I 59 37.55 -46.48 -78.19
CA THR I 59 38.93 -46.76 -77.82
C THR I 59 39.47 -45.70 -76.87
N LYS I 60 40.51 -46.09 -76.14
CA LYS I 60 41.39 -45.12 -75.52
C LYS I 60 42.26 -44.43 -76.57
N LYS I 61 42.42 -45.10 -77.72
CA LYS I 61 43.30 -44.66 -78.80
C LYS I 61 42.86 -43.32 -79.37
N LYS I 62 41.61 -43.25 -79.86
CA LYS I 62 41.10 -42.04 -80.48
C LYS I 62 41.02 -40.88 -79.49
N LEU I 63 40.68 -41.21 -78.24
CA LEU I 63 40.74 -40.28 -77.12
C LEU I 63 42.11 -39.62 -77.02
N GLN I 64 43.15 -40.43 -76.82
CA GLN I 64 44.49 -39.89 -76.62
C GLN I 64 45.03 -39.25 -77.89
N ASP I 65 44.54 -39.69 -79.05
CA ASP I 65 44.85 -39.02 -80.32
C ASP I 65 44.39 -37.57 -80.29
N LEU I 66 43.12 -37.33 -79.95
CA LEU I 66 42.63 -35.96 -79.92
C LEU I 66 43.26 -35.17 -78.78
N VAL I 67 43.55 -35.83 -77.65
CA VAL I 67 44.11 -35.16 -76.49
C VAL I 67 45.52 -34.66 -76.78
N ARG I 68 46.43 -35.57 -77.11
CA ARG I 68 47.80 -35.17 -77.41
C ARG I 68 47.93 -34.51 -78.76
N GLU I 69 46.89 -34.59 -79.58
CA GLU I 69 46.79 -33.75 -80.77
C GLU I 69 46.63 -32.29 -80.37
N VAL I 70 45.71 -32.00 -79.45
CA VAL I 70 45.54 -30.63 -78.99
C VAL I 70 46.66 -30.25 -78.03
N ASP I 71 46.79 -31.00 -76.92
CA ASP I 71 47.79 -30.72 -75.90
C ASP I 71 48.70 -31.93 -75.75
N PRO I 72 49.81 -31.99 -76.48
CA PRO I 72 50.79 -33.05 -76.25
C PRO I 72 51.59 -32.87 -74.96
N ASN I 73 52.09 -31.68 -74.69
CA ASN I 73 53.10 -31.47 -73.65
C ASN I 73 52.43 -31.11 -72.32
N GLU I 74 51.61 -32.04 -71.85
CA GLU I 74 50.94 -31.88 -70.57
C GLU I 74 51.28 -33.07 -69.68
N GLN I 75 51.62 -32.78 -68.43
CA GLN I 75 51.60 -33.83 -67.41
C GLN I 75 50.13 -34.14 -67.13
N LEU I 76 49.58 -35.11 -67.85
CA LEU I 76 48.17 -35.44 -67.78
C LEU I 76 48.03 -36.91 -67.46
N ASP I 77 47.10 -37.23 -66.57
CA ASP I 77 47.03 -38.54 -65.98
C ASP I 77 45.96 -39.39 -66.68
N GLU I 78 45.85 -40.65 -66.27
CA GLU I 78 45.11 -41.67 -67.00
C GLU I 78 43.70 -41.91 -66.46
N ASP I 79 43.58 -42.19 -65.16
CA ASP I 79 42.29 -42.49 -64.53
C ASP I 79 41.32 -41.33 -64.68
N VAL I 80 41.87 -40.11 -64.69
CA VAL I 80 41.17 -38.93 -65.20
C VAL I 80 40.48 -39.25 -66.52
N GLU I 81 41.25 -39.74 -67.49
CA GLU I 81 40.73 -39.92 -68.84
C GLU I 81 39.76 -41.08 -68.92
N GLU I 82 39.92 -42.11 -68.08
CA GLU I 82 38.92 -43.19 -68.13
C GLU I 82 37.62 -42.77 -67.47
N MET I 83 37.67 -41.95 -66.43
CA MET I 83 36.42 -41.40 -65.90
C MET I 83 35.76 -40.49 -66.92
N LEU I 84 36.58 -39.75 -67.68
CA LEU I 84 36.07 -38.93 -68.78
C LEU I 84 35.36 -39.77 -69.81
N LEU I 85 35.97 -40.89 -70.22
CA LEU I 85 35.36 -41.76 -71.21
C LEU I 85 34.07 -42.37 -70.69
N GLN I 86 34.05 -42.72 -69.41
CA GLN I 86 32.85 -43.31 -68.84
C GLN I 86 31.69 -42.33 -68.84
N ILE I 87 31.95 -41.10 -68.38
CA ILE I 87 30.85 -40.13 -68.33
C ILE I 87 30.51 -39.64 -69.74
N ALA I 88 31.46 -39.70 -70.66
CA ALA I 88 31.16 -39.37 -72.05
C ALA I 88 30.25 -40.42 -72.67
N ASP I 89 30.48 -41.68 -72.34
CA ASP I 89 29.58 -42.74 -72.78
C ASP I 89 28.21 -42.61 -72.13
N ASP I 90 28.17 -42.09 -70.91
CA ASP I 90 26.90 -41.81 -70.27
C ASP I 90 26.16 -40.70 -71.01
N PHE I 91 26.90 -39.71 -71.50
CA PHE I 91 26.30 -38.69 -72.34
C PHE I 91 25.80 -39.27 -73.64
N ILE I 92 26.52 -40.25 -74.18
CA ILE I 92 26.08 -40.95 -75.38
C ILE I 92 24.75 -41.65 -75.12
N GLU I 93 24.62 -42.25 -73.94
CA GLU I 93 23.34 -42.86 -73.57
C GLU I 93 22.24 -41.83 -73.43
N SER I 94 22.57 -40.64 -72.93
CA SER I 94 21.59 -39.56 -72.88
C SER I 94 21.18 -39.12 -74.28
N VAL I 95 22.14 -39.11 -75.20
CA VAL I 95 21.86 -38.82 -76.60
C VAL I 95 20.94 -39.87 -77.19
N VAL I 96 21.15 -41.13 -76.80
CA VAL I 96 20.28 -42.23 -77.20
C VAL I 96 18.87 -42.00 -76.69
N THR I 97 18.75 -41.55 -75.45
CA THR I 97 17.45 -41.32 -74.84
C THR I 97 16.69 -40.20 -75.57
N ALA I 98 17.39 -39.09 -75.82
CA ALA I 98 16.77 -37.98 -76.54
C ALA I 98 16.44 -38.34 -77.97
N ALA I 99 17.29 -39.15 -78.61
CA ALA I 99 17.01 -39.56 -79.98
C ALA I 99 15.83 -40.51 -80.03
N CYS I 100 15.66 -41.35 -79.01
CA CYS I 100 14.49 -42.22 -78.93
C CYS I 100 13.21 -41.43 -78.78
N GLN I 101 13.24 -40.42 -77.90
CA GLN I 101 12.05 -39.57 -77.74
C GLN I 101 11.76 -38.79 -79.00
N LEU I 102 12.78 -38.23 -79.64
CA LEU I 102 12.60 -37.45 -80.84
C LEU I 102 12.33 -38.29 -82.08
N ALA I 103 12.57 -39.59 -82.02
CA ALA I 103 12.15 -40.46 -83.11
C ALA I 103 10.74 -40.97 -82.91
N ARG I 104 10.33 -41.15 -81.64
CA ARG I 104 8.95 -41.47 -81.34
C ARG I 104 8.05 -40.24 -81.48
N HIS I 105 8.65 -39.05 -81.57
CA HIS I 105 7.97 -37.82 -81.96
C HIS I 105 7.15 -37.99 -83.24
N ARG I 106 7.81 -38.35 -84.33
CA ARG I 106 7.15 -38.47 -85.62
C ARG I 106 6.43 -39.80 -85.79
N LYS I 107 6.46 -40.66 -84.75
CA LYS I 107 5.82 -41.98 -84.74
C LYS I 107 6.31 -42.85 -85.90
N SER I 108 7.61 -42.75 -86.16
CA SER I 108 8.29 -43.54 -87.17
C SER I 108 9.11 -44.60 -86.46
N SER I 109 9.92 -45.33 -87.23
CA SER I 109 10.74 -46.40 -86.66
C SER I 109 12.14 -46.38 -87.25
N THR I 110 12.62 -45.21 -87.66
CA THR I 110 13.93 -45.06 -88.27
C THR I 110 14.49 -43.69 -87.92
N LEU I 111 15.68 -43.68 -87.34
CA LEU I 111 16.29 -42.44 -86.88
C LEU I 111 16.83 -41.64 -88.06
N GLU I 112 16.69 -40.32 -87.98
CA GLU I 112 17.06 -39.44 -89.08
C GLU I 112 17.88 -38.25 -88.63
N VAL I 113 18.13 -37.32 -89.54
CA VAL I 113 19.02 -36.19 -89.27
C VAL I 113 18.36 -35.18 -88.34
N LYS I 114 17.02 -35.05 -88.44
CA LYS I 114 16.30 -33.96 -87.79
C LYS I 114 16.33 -34.07 -86.28
N ASP I 115 16.23 -35.30 -85.76
CA ASP I 115 16.27 -35.52 -84.32
C ASP I 115 17.64 -35.17 -83.75
N VAL I 116 18.68 -35.60 -84.47
CA VAL I 116 20.06 -35.29 -84.12
C VAL I 116 20.27 -33.78 -84.11
N GLN I 117 19.84 -33.11 -85.17
CA GLN I 117 20.07 -31.68 -85.32
C GLN I 117 19.26 -30.87 -84.34
N LEU I 118 18.09 -31.37 -83.92
CA LEU I 118 17.32 -30.66 -82.91
C LEU I 118 17.95 -30.80 -81.54
N HIS I 119 18.51 -31.97 -81.24
CA HIS I 119 19.27 -32.02 -80.00
C HIS I 119 20.59 -31.25 -80.11
N LEU I 120 21.11 -31.07 -81.32
CA LEU I 120 22.23 -30.17 -81.49
C LEU I 120 21.83 -28.74 -81.19
N GLU I 121 20.63 -28.35 -81.56
CA GLU I 121 20.12 -27.05 -81.18
C GLU I 121 19.91 -26.97 -79.67
N ARG I 122 19.62 -28.10 -79.03
CA ARG I 122 19.64 -28.14 -77.58
C ARG I 122 21.07 -28.06 -77.02
N GLN I 123 22.07 -28.42 -77.82
CA GLN I 123 23.44 -28.48 -77.31
C GLN I 123 24.37 -27.49 -77.99
N TRP I 124 24.49 -27.53 -79.31
CA TRP I 124 25.59 -26.91 -80.04
C TRP I 124 25.17 -25.77 -80.94
N ASN I 125 24.06 -25.93 -81.65
CA ASN I 125 23.77 -25.26 -82.92
C ASN I 125 24.94 -25.46 -83.88
N MET I 126 25.12 -26.72 -84.28
CA MET I 126 26.19 -27.13 -85.18
C MET I 126 26.04 -26.51 -86.57
N TRP I 127 27.11 -26.64 -87.36
CA TRP I 127 27.20 -26.07 -88.70
C TRP I 127 27.90 -27.07 -89.61
N ILE I 128 27.11 -27.87 -90.32
CA ILE I 128 27.66 -28.75 -91.36
C ILE I 128 26.91 -28.52 -92.67
N UNK J 1 29.71 -25.27 -9.51
CA UNK J 1 28.50 -25.24 -10.32
C UNK J 1 28.39 -23.88 -11.00
N UNK J 2 29.09 -22.90 -10.45
CA UNK J 2 29.19 -21.64 -11.14
C UNK J 2 30.64 -21.18 -11.16
N UNK J 3 31.41 -21.60 -10.17
CA UNK J 3 32.77 -21.10 -10.08
C UNK J 3 33.82 -22.18 -9.91
N UNK J 4 33.53 -23.25 -9.16
CA UNK J 4 34.53 -24.28 -8.97
C UNK J 4 34.67 -25.14 -10.21
N UNK J 5 33.53 -25.49 -10.82
CA UNK J 5 33.56 -26.18 -12.10
C UNK J 5 34.17 -25.31 -13.19
N UNK J 6 34.09 -23.98 -13.03
CA UNK J 6 34.76 -23.08 -13.96
C UNK J 6 36.25 -23.28 -13.95
N UNK J 7 36.87 -23.30 -12.77
CA UNK J 7 38.31 -23.49 -12.69
C UNK J 7 38.69 -24.90 -13.12
N UNK J 8 37.83 -25.88 -12.82
CA UNK J 8 38.11 -27.25 -13.22
C UNK J 8 38.13 -27.39 -14.73
N UNK J 9 37.09 -26.90 -15.39
CA UNK J 9 37.05 -26.97 -16.85
C UNK J 9 38.06 -26.03 -17.49
N UNK J 10 38.49 -25.00 -16.77
CA UNK J 10 39.54 -24.13 -17.29
C UNK J 10 40.89 -24.84 -17.31
N UNK J 11 41.21 -25.56 -16.23
CA UNK J 11 42.43 -26.34 -16.22
C UNK J 11 42.37 -27.48 -17.22
N UNK J 12 41.20 -28.10 -17.35
CA UNK J 12 40.99 -29.11 -18.37
C UNK J 12 41.10 -28.53 -19.77
N UNK J 13 40.70 -27.27 -19.95
CA UNK J 13 40.87 -26.61 -21.23
C UNK J 13 42.32 -26.29 -21.51
N UNK J 14 43.10 -25.98 -20.48
CA UNK J 14 44.54 -25.73 -20.66
C UNK J 14 45.26 -27.00 -21.08
N UNK J 15 44.99 -28.11 -20.39
CA UNK J 15 45.57 -29.38 -20.78
C UNK J 15 45.03 -29.86 -22.12
N UNK J 16 43.81 -29.44 -22.48
CA UNK J 16 43.29 -29.72 -23.81
C UNK J 16 44.01 -28.90 -24.85
N UNK J 17 44.39 -27.68 -24.50
CA UNK J 17 45.18 -26.84 -25.37
C UNK J 17 46.59 -27.38 -25.54
N UNK J 18 47.05 -28.19 -24.60
CA UNK J 18 48.30 -28.90 -24.84
C UNK J 18 48.21 -29.87 -26.02
N UNK J 19 47.44 -30.95 -25.89
CA UNK J 19 47.55 -32.06 -26.84
C UNK J 19 46.34 -32.99 -26.76
N UNK J 20 46.52 -34.22 -27.25
CA UNK J 20 45.70 -35.42 -27.04
C UNK J 20 44.29 -35.44 -27.65
N UNK J 21 44.20 -35.42 -28.98
CA UNK J 21 42.94 -35.65 -29.67
C UNK J 21 42.62 -37.14 -29.74
N UNK J 22 41.55 -37.48 -30.46
CA UNK J 22 41.12 -38.86 -30.61
C UNK J 22 40.35 -39.03 -31.91
N UNK J 23 40.41 -40.24 -32.50
CA UNK J 23 39.68 -40.53 -33.72
C UNK J 23 38.64 -41.63 -33.56
N UNK J 24 39.05 -42.86 -33.22
CA UNK J 24 38.13 -44.00 -33.12
C UNK J 24 38.81 -45.10 -32.33
N UNK J 25 38.25 -45.47 -31.17
CA UNK J 25 38.88 -46.45 -30.31
C UNK J 25 37.81 -47.15 -29.49
N UNK J 26 38.24 -47.85 -28.45
CA UNK J 26 37.33 -48.59 -27.60
C UNK J 26 36.55 -47.63 -26.73
N UNK J 27 35.23 -47.70 -26.81
CA UNK J 27 34.34 -46.71 -26.22
C UNK J 27 32.93 -47.28 -26.16
N UNK J 28 31.96 -46.38 -25.91
CA UNK J 28 30.53 -46.61 -26.13
C UNK J 28 29.98 -47.72 -25.23
N UNK J 29 30.10 -47.49 -23.92
CA UNK J 29 29.70 -48.47 -22.93
C UNK J 29 28.84 -47.80 -21.87
N UNK J 30 28.50 -48.58 -20.85
CA UNK J 30 27.89 -48.07 -19.62
C UNK J 30 28.54 -48.84 -18.47
N UNK J 31 29.65 -48.32 -17.96
CA UNK J 31 30.40 -48.99 -16.90
C UNK J 31 31.13 -47.91 -16.10
N UNK J 32 30.52 -47.51 -14.99
CA UNK J 32 31.03 -46.40 -14.20
C UNK J 32 32.22 -46.84 -13.36
N UNK J 33 33.11 -45.89 -13.08
CA UNK J 33 34.29 -46.12 -12.26
C UNK J 33 34.47 -44.96 -11.28
N UNK J 34 35.60 -44.95 -10.60
CA UNK J 34 35.92 -43.94 -9.60
C UNK J 34 36.48 -42.69 -10.28
N UNK J 35 37.06 -41.79 -9.50
CA UNK J 35 37.62 -40.55 -10.01
C UNK J 35 39.12 -40.70 -10.29
N UNK J 36 39.60 -39.91 -11.23
CA UNK J 36 41.00 -39.95 -11.67
C UNK J 36 41.38 -38.56 -12.18
N UNK J 37 42.46 -38.50 -12.97
CA UNK J 37 42.94 -37.23 -13.50
C UNK J 37 42.16 -36.79 -14.73
N UNK J 38 42.18 -37.61 -15.78
CA UNK J 38 41.53 -37.25 -17.02
C UNK J 38 40.96 -38.51 -17.66
N UNK J 39 39.68 -38.48 -18.01
CA UNK J 39 38.99 -39.65 -18.53
C UNK J 39 38.19 -39.26 -19.76
N UNK J 40 37.51 -40.24 -20.33
CA UNK J 40 36.64 -40.02 -21.47
C UNK J 40 35.18 -39.95 -21.02
N UNK J 41 34.30 -39.65 -21.95
CA UNK J 41 32.86 -39.57 -21.71
C UNK J 41 32.12 -40.53 -22.62
N UNK J 42 32.64 -41.75 -22.74
CA UNK J 42 32.08 -42.77 -23.61
C UNK J 42 30.82 -43.37 -22.98
N UNK J 43 29.74 -42.58 -22.99
CA UNK J 43 28.50 -42.92 -22.31
C UNK J 43 27.38 -43.17 -23.30
N UNK J 44 27.69 -43.88 -24.39
CA UNK J 44 26.75 -44.00 -25.49
C UNK J 44 25.60 -44.94 -25.20
N UNK J 45 25.87 -46.02 -24.48
CA UNK J 45 25.04 -47.23 -24.48
C UNK J 45 24.75 -47.68 -25.91
N UNK J 46 25.83 -48.10 -26.56
CA UNK J 46 25.78 -48.67 -27.90
C UNK J 46 25.05 -50.00 -27.93
N UNK J 47 23.85 -50.04 -28.50
CA UNK J 47 23.08 -51.27 -28.59
C UNK J 47 22.16 -51.18 -29.81
N UNK J 48 21.15 -52.06 -29.86
CA UNK J 48 20.24 -52.11 -31.00
C UNK J 48 18.80 -51.91 -30.52
N UNK J 49 18.00 -51.21 -31.33
CA UNK J 49 16.60 -51.00 -31.03
C UNK J 49 15.83 -50.88 -32.34
N UNK J 50 15.30 -52.01 -32.83
CA UNK J 50 14.56 -52.05 -34.09
C UNK J 50 13.30 -52.89 -33.88
N UNK J 51 12.23 -52.23 -33.46
CA UNK J 51 10.97 -52.92 -33.20
C UNK J 51 9.80 -51.97 -33.35
N UNK J 52 10.55 6.12 67.52
CA UNK J 52 11.73 5.29 67.33
C UNK J 52 12.05 5.14 65.86
N UNK J 53 11.67 3.99 65.30
CA UNK J 53 11.84 3.78 63.86
C UNK J 53 10.92 4.68 63.06
N UNK J 54 9.73 4.97 63.61
CA UNK J 54 8.78 5.86 62.97
C UNK J 54 9.21 7.31 63.01
N UNK J 55 10.29 7.64 63.73
CA UNK J 55 10.96 8.90 63.45
C UNK J 55 11.52 8.89 62.04
N UNK J 56 12.05 7.75 61.59
CA UNK J 56 12.55 7.61 60.23
C UNK J 56 11.57 6.93 59.30
N UNK J 57 10.79 5.97 59.81
CA UNK J 57 9.73 5.39 59.02
C UNK J 57 8.61 6.40 58.83
N UNK J 58 7.79 6.18 57.81
CA UNK J 58 6.74 7.13 57.46
C UNK J 58 5.56 6.95 58.41
N UNK J 59 4.43 7.58 58.12
CA UNK J 59 3.33 7.54 59.06
C UNK J 59 2.11 6.79 58.53
N UNK J 60 1.46 7.29 57.49
CA UNK J 60 0.18 6.73 57.06
C UNK J 60 0.34 5.80 55.88
N UNK J 61 1.55 5.26 55.73
CA UNK J 61 1.70 4.07 54.91
C UNK J 61 0.98 2.87 55.49
N UNK J 62 0.65 2.90 56.78
CA UNK J 62 -0.28 1.93 57.33
C UNK J 62 -1.68 2.16 56.79
N UNK J 63 -2.10 3.42 56.68
CA UNK J 63 -3.39 3.73 56.06
C UNK J 63 -3.41 3.34 54.59
N UNK J 64 -2.25 3.44 53.94
CA UNK J 64 -2.08 2.81 52.65
C UNK J 64 -2.20 1.30 52.75
N UNK J 65 -1.58 0.72 53.76
CA UNK J 65 -1.53 -0.72 53.88
C UNK J 65 -2.84 -1.30 54.36
N UNK J 66 -3.51 -0.63 55.28
CA UNK J 66 -4.74 -1.18 55.84
C UNK J 66 -5.68 -0.07 56.27
N UNK J 67 44.91 -33.17 -58.60
CA UNK J 67 44.80 -34.08 -59.74
C UNK J 67 43.98 -33.46 -60.87
N UNK J 68 44.18 -33.95 -62.09
CA UNK J 68 43.41 -33.47 -63.23
C UNK J 68 41.96 -33.92 -63.17
N UNK J 69 41.64 -34.92 -62.36
CA UNK J 69 40.26 -35.38 -62.25
C UNK J 69 39.41 -34.36 -61.52
N UNK J 70 39.99 -33.70 -60.51
CA UNK J 70 39.30 -32.59 -59.87
C UNK J 70 39.07 -31.45 -60.84
N UNK J 71 40.00 -31.27 -61.78
CA UNK J 71 39.80 -30.29 -62.83
C UNK J 71 38.67 -30.71 -63.76
N UNK J 72 38.55 -32.02 -64.03
CA UNK J 72 37.46 -32.51 -64.85
C UNK J 72 36.12 -32.31 -64.16
N UNK J 73 36.08 -32.57 -62.85
CA UNK J 73 34.88 -32.34 -62.07
C UNK J 73 34.52 -30.87 -62.03
N UNK J 74 35.54 -30.01 -61.95
CA UNK J 74 35.30 -28.57 -61.98
C UNK J 74 34.83 -28.13 -63.35
N UNK J 75 35.24 -28.85 -64.39
CA UNK J 75 34.71 -28.57 -65.72
C UNK J 75 33.28 -29.06 -65.85
N UNK J 76 32.90 -30.06 -65.06
CA UNK J 76 31.54 -30.61 -65.17
C UNK J 76 30.49 -29.64 -64.65
N UNK J 77 30.88 -28.71 -63.78
CA UNK J 77 29.99 -27.71 -63.23
C UNK J 77 30.17 -26.37 -63.92
N UNK J 78 30.45 -26.36 -65.22
CA UNK J 78 30.79 -25.11 -65.88
C UNK J 78 29.54 -24.30 -66.20
N UNK J 79 28.71 -24.79 -67.11
CA UNK J 79 27.43 -24.15 -67.39
C UNK J 79 26.26 -25.10 -67.23
N UNK J 80 26.27 -26.23 -67.94
CA UNK J 80 25.18 -27.20 -67.85
C UNK J 80 25.47 -28.10 -66.66
N UNK J 81 25.16 -27.57 -65.49
CA UNK J 81 25.37 -28.31 -64.24
C UNK J 81 24.37 -29.45 -64.22
N UNK J 82 24.81 -30.60 -64.69
CA UNK J 82 23.94 -31.73 -64.93
C UNK J 82 24.63 -32.95 -64.33
N UNK J 83 24.16 -34.14 -64.70
CA UNK J 83 24.78 -35.43 -64.36
C UNK J 83 24.86 -35.62 -62.85
N UNK J 84 23.67 -35.86 -62.28
CA UNK J 84 23.57 -36.26 -60.89
C UNK J 84 24.41 -37.50 -60.57
N UNK J 85 24.61 -38.38 -61.56
CA UNK J 85 25.59 -39.45 -61.42
C UNK J 85 26.99 -38.88 -61.18
N UNK J 86 27.36 -37.84 -61.92
CA UNK J 86 28.65 -37.21 -61.66
C UNK J 86 28.63 -36.43 -60.37
N UNK J 87 27.46 -35.92 -59.98
CA UNK J 87 27.34 -35.20 -58.71
C UNK J 87 27.59 -36.13 -57.54
N UNK J 88 27.13 -37.37 -57.64
CA UNK J 88 27.53 -38.35 -56.65
C UNK J 88 28.97 -38.79 -56.87
N UNK J 89 29.42 -38.80 -58.12
CA UNK J 89 30.75 -39.28 -58.46
C UNK J 89 31.83 -38.28 -58.15
N UNK J 90 31.46 -37.13 -57.60
CA UNK J 90 32.43 -36.32 -56.89
C UNK J 90 33.05 -37.10 -55.74
N UNK J 91 32.25 -37.92 -55.06
CA UNK J 91 32.74 -38.72 -53.95
C UNK J 91 33.62 -39.86 -54.45
N UNK J 92 -10.05 29.45 -4.55
CA UNK J 92 -8.89 29.76 -3.73
C UNK J 92 -7.65 29.92 -4.60
N UNK J 93 -6.69 30.70 -4.08
CA UNK J 93 -5.41 30.99 -4.75
C UNK J 93 -5.61 31.58 -6.14
N UNK J 94 -6.61 32.45 -6.26
CA UNK J 94 -7.04 32.97 -7.55
C UNK J 94 -6.49 34.37 -7.82
N UNK J 95 -5.38 34.74 -7.20
CA UNK J 95 -4.73 36.01 -7.48
C UNK J 95 -3.72 35.86 -8.61
N UNK J 96 -4.20 35.27 -9.71
CA UNK J 96 -3.38 34.90 -10.84
C UNK J 96 -4.31 34.61 -12.00
N UNK J 97 -4.08 35.27 -13.14
CA UNK J 97 -4.98 35.13 -14.28
C UNK J 97 -4.69 33.79 -14.94
N UNK J 98 -5.27 32.74 -14.37
CA UNK J 98 -5.09 31.38 -14.85
C UNK J 98 -6.40 30.85 -15.40
N UNK J 99 -6.32 29.64 -15.94
CA UNK J 99 -7.49 28.91 -16.40
C UNK J 99 -7.35 27.44 -16.05
N UNK J 100 -6.94 27.16 -14.81
CA UNK J 100 -6.72 25.79 -14.40
C UNK J 100 -8.01 24.99 -14.35
N UNK J 101 -9.14 25.66 -14.16
CA UNK J 101 -10.40 24.94 -14.12
C UNK J 101 -11.06 24.87 -15.48
N UNK J 102 -10.36 25.29 -16.53
CA UNK J 102 -10.99 25.37 -17.84
C UNK J 102 -11.19 23.99 -18.45
N UNK J 103 -10.09 23.28 -18.70
CA UNK J 103 -10.22 21.88 -19.10
C UNK J 103 -10.66 21.03 -17.91
N UNK J 104 -10.62 21.60 -16.71
CA UNK J 104 -11.26 20.98 -15.57
C UNK J 104 -12.72 21.39 -15.44
N UNK J 105 -13.19 22.35 -16.24
CA UNK J 105 -14.63 22.43 -16.43
C UNK J 105 -15.07 21.37 -17.41
N UNK J 106 -14.10 20.75 -18.08
CA UNK J 106 -14.24 19.44 -18.69
C UNK J 106 -13.63 18.34 -17.83
N UNK J 107 -13.76 18.39 -16.50
CA UNK J 107 -13.28 17.30 -15.67
C UNK J 107 -14.08 16.03 -15.86
N UNK J 108 -15.30 16.14 -16.40
CA UNK J 108 -16.02 14.97 -16.85
C UNK J 108 -15.37 14.34 -18.08
N UNK J 109 -14.47 15.06 -18.73
CA UNK J 109 -13.63 14.45 -19.74
C UNK J 109 -12.60 13.51 -19.11
N UNK J 110 -12.28 13.71 -17.83
CA UNK J 110 -11.69 12.63 -17.04
C UNK J 110 -12.64 11.46 -16.97
N UNK J 111 -13.93 11.76 -16.82
CA UNK J 111 -14.98 10.76 -17.02
C UNK J 111 -15.09 10.32 -18.48
N UNK J 112 -14.51 11.05 -19.42
CA UNK J 112 -14.32 10.47 -20.75
C UNK J 112 -13.32 9.35 -20.70
N UNK J 113 -12.36 9.42 -19.77
CA UNK J 113 -11.61 8.23 -19.39
C UNK J 113 -12.56 7.13 -18.94
N UNK J 114 -13.60 7.49 -18.20
CA UNK J 114 -14.66 6.56 -17.87
C UNK J 114 -15.63 6.32 -19.03
N UNK J 115 -15.59 7.15 -20.06
CA UNK J 115 -16.46 6.96 -21.21
C UNK J 115 -15.69 6.53 -22.45
N UNK J 116 -14.40 6.24 -22.31
CA UNK J 116 -13.63 5.77 -23.45
C UNK J 116 -13.95 4.34 -23.82
N UNK J 117 -14.70 3.61 -23.01
CA UNK J 117 -14.86 2.18 -23.22
C UNK J 117 -16.27 1.80 -23.66
N UNK J 118 -17.28 2.10 -22.86
CA UNK J 118 -18.61 1.56 -23.09
C UNK J 118 -19.64 2.67 -23.23
N UNK J 119 -19.26 3.75 -23.89
CA UNK J 119 -20.18 4.86 -24.11
C UNK J 119 -21.30 4.46 -25.05
N UNK J 120 -21.03 3.55 -25.97
CA UNK J 120 -22.07 3.00 -26.83
C UNK J 120 -22.35 1.57 -26.40
N UNK J 121 11.19 6.25 -69.18
CA UNK J 121 11.65 7.41 -69.90
C UNK J 121 13.06 7.80 -69.46
N UNK J 122 14.00 7.75 -70.40
CA UNK J 122 15.39 8.10 -70.12
C UNK J 122 15.57 9.58 -69.83
N UNK J 123 14.66 10.43 -70.30
CA UNK J 123 14.64 11.80 -69.81
C UNK J 123 14.24 11.84 -68.35
N UNK J 124 13.19 11.10 -67.98
CA UNK J 124 12.81 11.00 -66.58
C UNK J 124 13.86 10.25 -65.78
N UNK J 125 14.55 9.29 -66.41
CA UNK J 125 15.63 8.61 -65.73
C UNK J 125 16.81 9.54 -65.50
N UNK J 126 17.10 10.42 -66.46
CA UNK J 126 18.16 11.40 -66.26
C UNK J 126 17.76 12.44 -65.23
N UNK J 127 16.48 12.75 -65.15
CA UNK J 127 15.98 13.64 -64.10
C UNK J 127 16.14 12.99 -62.74
N UNK J 128 15.81 11.70 -62.63
CA UNK J 128 16.02 10.97 -61.38
C UNK J 128 17.49 10.82 -61.06
N UNK J 129 18.34 10.78 -62.08
CA UNK J 129 19.78 10.80 -61.86
C UNK J 129 20.21 12.15 -61.30
N UNK J 130 19.61 13.22 -61.79
CA UNK J 130 19.83 14.53 -61.20
C UNK J 130 19.17 14.62 -59.82
N UNK J 131 18.07 13.90 -59.62
CA UNK J 131 17.36 13.88 -58.34
C UNK J 131 17.75 12.67 -57.52
N UNK J 132 19.02 12.30 -57.60
CA UNK J 132 19.51 11.09 -56.95
C UNK J 132 19.45 11.23 -55.43
N UNK J 133 18.57 10.47 -54.80
CA UNK J 133 18.47 10.41 -53.35
C UNK J 133 18.73 8.97 -52.93
N UNK J 134 20.00 8.62 -52.80
CA UNK J 134 20.37 7.31 -52.27
C UNK J 134 20.31 7.35 -50.76
N UNK J 135 19.75 6.30 -50.18
CA UNK J 135 19.41 6.31 -48.76
C UNK J 135 20.65 6.07 -47.91
N UNK J 136 20.43 5.81 -46.62
CA UNK J 136 21.55 5.64 -45.70
C UNK J 136 22.02 4.19 -45.65
N UNK J 137 21.07 3.26 -45.51
CA UNK J 137 21.31 1.86 -45.11
C UNK J 137 22.20 1.82 -43.87
N UNK J 138 21.76 2.56 -42.86
CA UNK J 138 22.62 3.07 -41.80
C UNK J 138 22.93 2.03 -40.73
N UNK J 139 23.40 0.86 -41.11
CA UNK J 139 23.68 -0.18 -40.14
C UNK J 139 24.71 -1.11 -40.78
N UNK J 140 25.95 -1.04 -40.30
CA UNK J 140 27.02 -1.79 -40.94
C UNK J 140 26.98 -3.25 -40.51
N UNK J 141 13.23 -14.40 -12.29
CA UNK J 141 12.91 -14.21 -13.69
C UNK J 141 12.50 -12.78 -13.90
N UNK J 142 13.36 -11.86 -13.45
CA UNK J 142 13.08 -10.44 -13.63
C UNK J 142 13.18 -10.09 -15.10
N UNK J 143 12.06 -9.65 -15.68
CA UNK J 143 12.02 -9.35 -17.09
C UNK J 143 12.83 -8.11 -17.42
N UNK J 144 13.09 -7.26 -16.41
CA UNK J 144 14.08 -6.18 -16.47
C UNK J 144 13.76 -5.18 -17.58
N UNK J 145 12.64 -4.47 -17.39
CA UNK J 145 11.99 -3.72 -18.45
C UNK J 145 12.82 -2.57 -19.02
N UNK J 146 13.93 -2.22 -18.39
CA UNK J 146 14.73 -1.12 -18.90
C UNK J 146 15.44 -1.50 -20.18
N UNK J 147 15.58 -0.52 -21.07
CA UNK J 147 16.24 -0.63 -22.36
C UNK J 147 15.61 -1.77 -23.17
N UNK J 148 14.37 -1.51 -23.57
CA UNK J 148 13.24 -2.44 -23.53
C UNK J 148 13.60 -3.90 -23.77
N UNK J 149 13.22 -4.74 -22.83
CA UNK J 149 13.55 -6.15 -22.88
C UNK J 149 12.35 -7.03 -23.16
N UNK J 150 11.18 -6.68 -22.68
CA UNK J 150 9.94 -7.18 -23.22
C UNK J 150 8.87 -6.12 -23.23
N UNK J 151 9.19 -4.92 -22.72
CA UNK J 151 8.37 -3.75 -22.37
C UNK J 151 7.50 -4.00 -21.14
N UNK J 152 7.40 -5.26 -20.69
CA UNK J 152 6.84 -5.72 -19.42
C UNK J 152 5.39 -5.35 -19.15
N UNK J 153 4.73 -4.64 -20.06
CA UNK J 153 3.36 -4.20 -19.86
C UNK J 153 2.81 -3.87 -21.22
N UNK J 154 1.89 -4.67 -21.73
CA UNK J 154 1.27 -4.37 -23.00
C UNK J 154 0.40 -3.14 -22.86
N UNK J 155 0.53 -2.22 -23.82
CA UNK J 155 -0.20 -0.97 -23.76
C UNK J 155 -1.70 -1.17 -23.88
N UNK J 156 -2.14 -2.26 -24.49
CA UNK J 156 -3.55 -2.60 -24.43
C UNK J 156 -3.91 -3.17 -23.06
N UNK J 157 -3.05 -4.04 -22.52
CA UNK J 157 -3.25 -4.51 -21.15
C UNK J 157 -3.05 -3.38 -20.16
N UNK J 158 -2.28 -2.37 -20.53
CA UNK J 158 -2.30 -1.12 -19.79
C UNK J 158 -3.64 -0.42 -19.96
N UNK J 159 -4.21 -0.47 -21.16
CA UNK J 159 -5.40 0.32 -21.47
C UNK J 159 -6.64 -0.22 -20.80
N UNK J 160 -6.66 -1.51 -20.47
CA UNK J 160 -7.80 -2.09 -19.78
C UNK J 160 -7.68 -2.04 -18.27
N UNK J 161 -6.83 -1.16 -17.73
CA UNK J 161 -6.62 -1.08 -16.30
C UNK J 161 -7.53 -0.06 -15.63
N UNK J 162 -8.58 0.40 -16.29
CA UNK J 162 -9.56 1.24 -15.62
C UNK J 162 -10.56 0.44 -14.82
N UNK J 163 -10.53 -0.89 -14.91
CA UNK J 163 -11.47 -1.73 -14.18
C UNK J 163 -11.06 -1.89 -12.73
N UNK J 164 -9.76 -2.11 -12.49
CA UNK J 164 -9.25 -2.31 -11.16
C UNK J 164 -7.77 -2.03 -11.17
N UNK J 165 -7.13 -2.34 -10.05
CA UNK J 165 -5.70 -2.61 -10.09
C UNK J 165 -5.44 -4.10 -9.93
N UNK J 166 -6.38 -4.80 -9.30
CA UNK J 166 -6.37 -6.26 -9.11
C UNK J 166 -5.15 -6.76 -8.33
N UNK J 167 -4.61 -5.91 -7.46
CA UNK J 167 -3.62 -6.27 -6.44
C UNK J 167 -2.36 -6.88 -7.03
N UNK J 168 -1.64 -6.07 -7.79
CA UNK J 168 -0.39 -6.50 -8.40
C UNK J 168 0.71 -5.59 -7.87
N UNK J 169 1.28 -5.94 -6.72
CA UNK J 169 2.38 -5.17 -6.14
C UNK J 169 3.28 -6.07 -5.32
N UNK J 170 -30.63 -3.12 -7.03
CA UNK J 170 -29.18 -3.06 -7.10
C UNK J 170 -28.63 -2.55 -5.80
N UNK J 171 -29.37 -2.81 -4.72
CA UNK J 171 -29.04 -2.25 -3.42
C UNK J 171 -27.74 -2.83 -2.89
N UNK J 172 -27.70 -4.14 -2.70
CA UNK J 172 -26.46 -4.79 -2.37
C UNK J 172 -25.49 -4.80 -3.54
N UNK J 173 -25.98 -4.65 -4.78
CA UNK J 173 -25.07 -4.46 -5.90
C UNK J 173 -24.33 -3.15 -5.77
N UNK J 174 -25.02 -2.12 -5.27
CA UNK J 174 -24.30 -0.93 -4.84
C UNK J 174 -23.37 -1.24 -3.69
N UNK J 175 -23.80 -2.10 -2.76
CA UNK J 175 -22.95 -2.42 -1.61
C UNK J 175 -21.70 -3.19 -1.98
N UNK J 176 -21.69 -3.82 -3.14
CA UNK J 176 -20.50 -4.45 -3.66
C UNK J 176 -19.86 -3.66 -4.78
N UNK J 177 -20.45 -2.53 -5.19
CA UNK J 177 -20.07 -1.88 -6.43
C UNK J 177 -18.72 -1.20 -6.36
N UNK J 178 -18.59 -0.15 -5.55
CA UNK J 178 -17.28 0.44 -5.33
C UNK J 178 -16.48 -0.33 -4.30
N UNK J 179 -17.10 -1.33 -3.69
CA UNK J 179 -16.46 -2.24 -2.77
C UNK J 179 -15.94 -3.48 -3.47
N UNK J 180 -15.78 -3.43 -4.78
CA UNK J 180 -15.26 -4.56 -5.52
C UNK J 180 -13.76 -4.47 -5.76
N UNK J 181 -13.10 -3.44 -5.26
CA UNK J 181 -11.78 -3.10 -5.75
C UNK J 181 -10.68 -3.62 -4.84
N UNK J 182 -9.48 -3.68 -5.41
CA UNK J 182 -8.24 -3.70 -4.65
C UNK J 182 -7.62 -2.32 -4.61
N UNK J 183 -8.38 -1.32 -4.93
CA UNK J 183 -7.92 0.05 -4.88
C UNK J 183 -8.79 0.94 -4.02
N UNK J 184 -10.11 0.81 -4.10
CA UNK J 184 -10.99 1.64 -3.27
C UNK J 184 -10.90 1.26 -1.81
N UNK J 185 -10.50 0.03 -1.52
CA UNK J 185 -10.22 -0.35 -0.14
C UNK J 185 -9.05 0.45 0.42
N UNK J 186 -7.85 0.24 -0.11
CA UNK J 186 -6.65 0.73 0.52
C UNK J 186 -6.00 1.81 -0.32
N UNK J 187 -5.48 2.84 0.35
CA UNK J 187 -4.65 3.83 -0.32
C UNK J 187 -3.75 4.46 0.74
N UNK J 188 -2.50 4.01 0.81
CA UNK J 188 -1.56 4.62 1.75
C UNK J 188 -1.21 6.03 1.32
N UNK J 189 -0.98 6.23 0.02
CA UNK J 189 -0.87 7.54 -0.64
C UNK J 189 0.24 8.41 -0.03
N UNK J 190 1.29 7.76 0.45
CA UNK J 190 2.46 8.46 0.95
C UNK J 190 3.51 8.44 -0.13
N UNK J 191 4.02 9.63 -0.46
CA UNK J 191 5.01 9.77 -1.53
C UNK J 191 6.27 8.99 -1.20
N UNK J 192 6.70 9.07 0.04
CA UNK J 192 7.81 8.27 0.53
C UNK J 192 7.27 7.21 1.47
N UNK J 193 7.85 6.03 1.39
CA UNK J 193 7.59 5.00 2.36
C UNK J 193 8.67 5.07 3.43
N UNK J 194 8.68 4.09 4.33
CA UNK J 194 9.69 4.05 5.38
C UNK J 194 10.94 3.39 4.79
N UNK J 195 11.70 4.17 4.04
CA UNK J 195 13.01 3.74 3.62
C UNK J 195 13.93 3.74 4.83
N UNK J 196 14.06 2.60 5.48
CA UNK J 196 14.71 2.52 6.78
C UNK J 196 16.21 2.74 6.66
N UNK J 197 16.77 3.43 7.66
CA UNK J 197 18.18 3.78 7.79
C UNK J 197 18.75 4.51 6.57
N UNK J 198 -1.66 2.40 20.53
CA UNK J 198 -2.90 1.75 20.14
C UNK J 198 -4.00 2.77 19.87
N UNK J 199 -3.70 3.74 19.00
CA UNK J 199 -4.66 4.77 18.64
C UNK J 199 -4.90 4.72 17.13
N UNK J 200 -5.84 5.55 16.70
CA UNK J 200 -6.15 5.74 15.28
C UNK J 200 -6.00 7.21 14.89
N UNK J 201 -4.93 7.84 15.36
CA UNK J 201 -4.66 9.21 14.97
C UNK J 201 -4.31 9.30 13.50
N UNK J 202 -3.27 8.59 13.09
CA UNK J 202 -3.07 8.33 11.67
C UNK J 202 -4.02 7.23 11.24
N UNK J 203 -4.47 7.30 9.99
CA UNK J 203 -5.48 6.39 9.49
C UNK J 203 -4.88 5.23 8.72
N UNK J 204 -3.68 4.78 9.09
CA UNK J 204 -3.07 3.70 8.34
C UNK J 204 -3.60 2.35 8.79
N UNK J 205 -3.31 1.97 10.03
CA UNK J 205 -3.72 0.65 10.50
C UNK J 205 -5.18 0.73 10.88
N UNK J 206 -6.05 0.51 9.89
CA UNK J 206 -7.49 0.60 10.11
C UNK J 206 -7.96 -0.58 10.95
N UNK J 207 -8.57 -0.29 12.09
CA UNK J 207 -9.21 -1.30 12.93
C UNK J 207 -10.63 -1.46 12.47
N UNK J 208 -10.99 -2.66 12.02
CA UNK J 208 -12.22 -2.79 11.25
C UNK J 208 -13.45 -2.80 12.14
N UNK J 209 -13.60 -3.84 12.96
CA UNK J 209 -14.81 -4.15 13.69
C UNK J 209 -16.05 -4.08 12.79
N UNK J 210 -16.07 -4.94 11.78
CA UNK J 210 -17.09 -4.88 10.75
C UNK J 210 -18.08 -6.02 10.87
N UNK J 211 -19.30 -5.75 10.43
CA UNK J 211 -20.37 -6.74 10.35
C UNK J 211 -20.81 -6.86 8.90
N UNK J 212 -21.73 -7.79 8.65
CA UNK J 212 -22.07 -8.12 7.28
C UNK J 212 -23.41 -8.83 7.21
N UNK J 213 -23.94 -8.91 5.99
CA UNK J 213 -25.09 -9.75 5.63
C UNK J 213 -24.90 -10.09 4.15
N UNK J 214 -24.27 -11.24 3.89
CA UNK J 214 -23.82 -11.58 2.55
C UNK J 214 -24.89 -12.38 1.81
N UNK J 215 -25.25 -11.91 0.62
CA UNK J 215 -26.16 -12.61 -0.29
C UNK J 215 -25.98 -12.01 -1.67
N UNK J 216 -26.92 -12.34 -2.57
CA UNK J 216 -27.04 -11.63 -3.85
C UNK J 216 -28.51 -11.69 -4.27
N UNK J 217 -29.26 -10.65 -3.89
CA UNK J 217 -30.61 -10.34 -4.39
C UNK J 217 -31.59 -11.49 -4.14
N UNK J 218 -31.82 -11.77 -2.86
CA UNK J 218 -32.78 -12.80 -2.49
C UNK J 218 -33.56 -12.41 -1.25
N UNK J 219 -33.65 -9.78 2.07
CA UNK J 219 -33.65 -9.28 3.44
C UNK J 219 -32.23 -9.10 3.96
N UNK J 220 -32.08 -9.05 5.27
CA UNK J 220 -30.77 -8.89 5.88
C UNK J 220 -30.80 -9.41 7.32
N UNK J 221 -29.69 -9.98 7.74
CA UNK J 221 -29.49 -10.43 9.11
C UNK J 221 -28.11 -9.97 9.58
N UNK J 222 -28.06 -9.34 10.75
CA UNK J 222 -26.86 -8.65 11.21
C UNK J 222 -25.79 -9.65 11.67
N UNK J 223 -24.58 -9.11 11.87
CA UNK J 223 -23.44 -9.94 12.24
C UNK J 223 -22.70 -9.45 13.47
N UNK J 224 -22.78 -8.18 13.82
CA UNK J 224 -22.07 -7.68 14.98
C UNK J 224 -22.81 -8.08 16.25
N UNK J 225 -22.06 -8.10 17.34
CA UNK J 225 -22.64 -8.38 18.66
C UNK J 225 -23.30 -7.13 19.23
N UNK J 226 -23.54 -7.13 20.54
CA UNK J 226 -23.96 -5.91 21.20
C UNK J 226 -22.77 -4.96 21.19
N UNK J 227 -22.72 -4.11 20.17
CA UNK J 227 -21.53 -3.36 19.80
C UNK J 227 -21.99 -2.05 19.18
N UNK J 228 -21.11 -1.41 18.41
CA UNK J 228 -21.42 -0.08 17.89
C UNK J 228 -22.34 -0.11 16.68
N UNK J 229 -23.42 -0.88 16.77
CA UNK J 229 -24.50 -0.84 15.80
C UNK J 229 -25.85 -1.03 16.46
N UNK J 230 -25.90 -1.13 17.79
CA UNK J 230 -27.06 -1.68 18.49
C UNK J 230 -28.29 -0.83 18.36
N UNK J 231 -28.13 0.47 18.12
CA UNK J 231 -29.27 1.33 17.89
C UNK J 231 -29.96 0.96 16.59
N UNK J 232 -29.20 0.87 15.51
CA UNK J 232 -29.77 0.37 14.27
C UNK J 232 -30.08 -1.11 14.39
N UNK J 233 -29.32 -1.85 15.19
CA UNK J 233 -29.58 -3.27 15.37
C UNK J 233 -30.68 -3.55 16.35
N UNK J 234 -31.49 -2.55 16.72
CA UNK J 234 -32.67 -2.76 17.54
C UNK J 234 -33.82 -3.29 16.68
N UNK J 235 -33.61 -4.48 16.14
CA UNK J 235 -34.66 -5.20 15.46
C UNK J 235 -34.65 -6.65 15.92
N UNK J 236 -33.49 -7.13 16.34
CA UNK J 236 -33.32 -8.52 16.74
C UNK J 236 -32.07 -8.66 17.59
N UNK J 237 -31.88 -9.87 18.12
CA UNK J 237 -30.68 -10.23 18.86
C UNK J 237 -30.57 -11.75 18.90
N UNK J 238 -29.35 -12.25 18.72
CA UNK J 238 -29.10 -13.68 18.75
C UNK J 238 -27.65 -13.95 19.10
#